data_9GDR
#
_entry.id   9GDR
#
_cell.length_a   1.00
_cell.length_b   1.00
_cell.length_c   1.00
_cell.angle_alpha   90.00
_cell.angle_beta   90.00
_cell.angle_gamma   90.00
#
_symmetry.space_group_name_H-M   'P 1'
#
loop_
_entity.id
_entity.type
_entity.pdbx_description
1 polymer 'Toxin co-regulated pilus biosynthesis protein P'
2 polymer 'toxT promoter non-template DNA strand'
3 polymer 'toxT promoter template DNA strand'
4 polymer 'DNA-directed RNA polymerase subunit alpha'
5 polymer 'DNA-directed RNA polymerase subunit beta'
6 polymer "DNA-directed RNA polymerase subunit beta'"
7 polymer 'DNA-directed RNA polymerase subunit omega'
8 polymer 'RNA polymerase sigma factor RpoD'
9 non-polymer 'ZINC ION'
10 non-polymer 'MAGNESIUM ION'
#
loop_
_entity_poly.entity_id
_entity_poly.type
_entity_poly.pdbx_seq_one_letter_code
_entity_poly.pdbx_strand_id
1 'polypeptide(L)'
;MGYVRVIYQFPDNLWWNEASNQVYYAQDPMKPERLIGTPSIMQAKLLKILCEYHPSPCPNDQIIKALWPHGFISSESLTQ
AIKRTRDFLNDEHKTLIENVKLQGYRINIIQVIVS
;
H,K
2 'polydeoxyribonucleotide'
;(DC)(DT)(DT)(DA)(DT)(DG)(DT)(DA)(DA)(DT)(DA)(DC)(DG)(DT)(DC)(DT)(DG)(DT)(DA)(DA)
(DC)(DT)(DT)(DG)(DT)(DT)(DC)(DT)(DT)(DA)(DT)(DG)(DT)(DC)(DT)(DG)(DT)(DT)(DA)(DT)
(DG)(DT)(DA)(DG)(DT)(DT)(DA)(DA)(DT)(DA)(DT)(DA)(DA)(DT)(DT)(DG)(DA)(DA)(DG)(DG)
(DA)(DT)(DT)(DT)(DT)(DA)(DA)(DG)(DA)(DT)(DA)
;
N
3 'polydeoxyribonucleotide'
;(DT)(DA)(DT)(DC)(DT)(DT)(DA)(DA)(DA)(DA)(DT)(DC)(DG)(DA)(DA)(DG)(DT)(DT)(DA)(DA)
(DT)(DA)(DT)(DA)(DA)(DA)(DA)(DC)(DT)(DA)(DC)(DA)(DT)(DA)(DA)(DC)(DA)(DG)(DA)(DC)
(DA)(DT)(DA)(DA)(DG)(DA)(DA)(DC)(DA)(DA)(DG)(DT)(DT)(DA)(DC)(DA)(DG)(DA)(DC)(DG)
(DT)(DA)(DT)(DT)(DA)(DC)(DA)(DT)(DA)(DA)(DG)
;
T
4 'polypeptide(L)'
;MQGSVTEFLKPRLVDIEQISTTHAKVTLEPLERGFGHTLGNALRRILLSSMPGCAVTEVEIEGVLHEYSTKEGVQEDILE
ILLNLKGLAVRVAEGKDEVFITLNKSGSGPVVAGDITHDGDVEIVNPEHVICHLTSDNAAIAMRIKVERGRGYVPASARI
HTEEDERPIGRLLVDATFSPVDKIAYSVEAARVEQRTDLDKLVIDMETNGTLEPEEAIRRAATILAEQLDAFVDLRDVRV
PEEKEEKPEFDPILLRPVDDLELTVRSANCLKAEAIHYIGDLVQRTEVELLKTPNLGKKSLTEIKDVLASRGLSLGMRLE
NWPPASIAED
;
G,A,B
5 'polypeptide(L)'
;MVYSYTEKKRIRKDFGTRPQVLDIPYLLSIQLDSFEKFIEQDPEGQYGLEAAFRSVFPIQSYNGNSELQYVSYRLGEPVF
DVKECQIRGVTYSKPLRVKLRLVIFDKDAPAGTVKDIKEQEVYMGEIPLMTENGTFVINGTERVIVSQLHRSPGVFFDSD
KGKTHSSGKVLYNARIIPYRGSWLDFEFDPKDNLYVRIDRRRKLPASIILRVLGKTSAEILDIFFEKVNFEVKDQTLMME
LVPERLRGETATFDIEADGKVYVEKGRRVTARHIRQLEKDGVNFIEVPVEYIVGKVSAKDYVNEATGELIITANQEISLE
ALANLSQAGYKKLEVLFTNDLDHGPFMSETLRVDSTTDRISALVEIYRMMRPGEPPTKEAAESLFESLFFSAERYDLSTV
GRMKFNSSIGREDAEEQGTLDEVDIIEVMKKLISIRNGKGEVDDIDHLGNRRIRSVGEMAENQFRVGLVRVERAVKERLS
LGDLDNVMPQDLINAKPISAAVKEFFGSSQLSQFMDQNNPLSEVTHKRRISALGPGGLTRERAGFEVRDVHVTHYGRLCP
IETPEGPNIGLINSLSAFARCNEYGFLETPYRRVVNGVVTDEVDYLSAIEEGQFVIAQANAKLTEEGGFADELVTARQKG
ESGLHPREHVDYMDVATNQVVSIAASLIPFLEHDDANRALMGANMQRQAVPTLRSEKPLVGTGIERNVAVDSGVTAVAKR
GGVIQSVDASRIVVKVNEEELIPGEAGIDIYNLTKYTRSNQNTCINQRPCVMPGEPVARGDVLADGPSTDLGELALGQNM
RIAFMPWNGYNFEDSILVSERVVQDDRFTTIHIQELSCVARDTKLGAEEITADIPNVGEAALSKLDESGIVYIGAEVKGG
DILVGKVTPKGETQLTPEEKLLRAIFGEKASDVKDTSLRVPNSVAGTVIDVQVFTRDGVEKDKRALEIEQMQLKEAKKDL
TEEFQILEGGLLARVRSVLLAGGYTEAKLSSIERKKWLEQTLENEELQNQLEQLAEQYDELKADFDKKFEAKRRKITQGD
DLAPGVLKIVKVYLAVKRRIQPGDKMAGRHGNKGVISKINPVEDMPYDENGQPVDIVLNPLGVPSRMNIGQILEVHLGLA
AKGIGDKINQMIKEQQELAKLREFLQKVYDLGDTRQRVDISELSDEDVRTLAHNLRAGLPVATPVFDGAPESSIKAMLEL
ADLPASGQLTLFDGRTGDAFERPVTVGYMYMLKLNHLVDDKMHARSTGSYSLVTQQPLGGKAQFGGQRFGEMEVWALEAY
GAAYTLQEMLTVKSDDVNGRTKMYKNIVDGNHAMEPGMPESFNVLLKEIRSLGINIELEDE
;
C
6 'polypeptide(L)'
;MKDLLNFLKAQHKTEEFDAIKIGLASPDMIRSWSFGEVKKPETINYRTFKPERDGLFCARIFGPVKDYECLCGKYKRLKH
RGVICEKCGVEVTQTKVRRDRMGHIELASPVAHIWFLKSLPSRIGLLMDMPLRDIERVLYFEMYVVTEPGMTDLERGQML
TEEEYLDRLEEWGDEFTAKMGAEAIKDLLASMDLPAEAEQMREELDTTNSETKRKKLTKRLKLVEAFVASGNKPEWMILT
VLPVLPPDLRPLVPLDGGRFATSDLNDLYRRVINRNNRLKRLLELAAPDIIVRNEKRMLQESVDALLDNGRRGRAITGSN
KRPLKSLADMIKGKQGRFRQNLLGKRVDYSGRSVITVGPYLRLHQCGLPKKMALELFKPFIYSKLETRGLATTIKAAKKM
VEREEAVVWDILDEVIREHPVLLNRAPTLHRLGIQAFEPVLIEGKAIQLHPLVCAAYNADFDGDQMAVHVPLTLEAQLEA
RTLMMSTNNILSPASGDPIIVPSQDVVLGLYYMTREKINAKGEGMYLTGPAEAEKAYRTKTAELHARVKVRITETIKHEN
GKLTTETKMIDTTVGRAMLWQIVPKGLPYSLVNQKLGKKQISNLLNEAYRKLGLKDTVIFADQIMYTGFAYAALSGVSVG
IDDMVVPAAKYTEIAEAEEEVREIQEQFQSGLVTAGERYNKVIDIWASTNDRVAKAMMENLSSEQVINRQGEQEKQESFN
SIYMMADSGARGSAAQIRQLAGMRGLMARPDGSIIETPITANFKEGLNVLQYFISTHGARKGLADTALKTANSGYLTRRL
VDVAQDVVVTEHDCGTLEGVVMTPHIEGGDVKVALTELALGRVVSEDILKPGTDEVLIPRNTLLDEKWCKVINDNSVDQI
KVRSVVTCDSDFGCCAQCYGRDLARGHLVNQGEAVGVIAAQSIGEPGTQLTMRTFHIGGAASTAAAENSIQAKNNGSVKL
HNAKFVTNKDGKLVITSRASELTIIDEFGRTKEKHKLPYGSMLSKADGDAVAAGETVANWEAHTMPIITEVAGRVQFVDM
IDGVTVSRQTDDLTGLSSSEVTEAAARPAAGKDMRPAIKLVDANGKDVLIPGTDMPAQYFLPGKAIVNLDDGAEVNVGDT
LARIPQKSGGNKDITGGLPRVADLFEARKPKEPAILAEHSGTVSFGKETKGKRRLIITRDSGDTYEEMIPKHRQLNVFEG
ERIERGDVIADGPESPHDILRLRGIHAVTTYIANEVQEVYRLQGVKINDKHIETIVRQMLRKCTITFAGDSEFLPGETVE
YSQVKIANRKLVEEGKEPARFERELLGITKASLATESFISAASFQETTRVLTEAAVSGKRDDLRGLKENVIVGRLIPAGT
GFAYHQDRQAKRAQEQQGPSAEQATDNLAALLNAGFSSDDE
;
D
7 'polypeptide(L)'
;MARVTVQDAVEKIGNRFDLVLVAARRARQMQSGGKDALVPEENDKPTVIALREIEEGLITKDVLDARERQEQQEQEAAEL
AAVSSIMHNR
;
E
8 'polypeptide(L)'
;MDQNPQSQLKQLVLRGKEQGYLTYAEVNDHLPAEIVDSEQVEDIIQMINDMGIKVVETAPDADDLALSDDTTITDEDAAE
AAAAALSSVESEIGRTTDPVRMYMREMGTVELLTREGEIDIAKRIEDGINQVQSAIAEYPGTIPYILEQFDRVQAEELRL
TDLISGFVDPNDMETEAPTATHIGSELSEADLADEDDAVVEDEDEDGDGESSDSEEEVGIDPELAREKFNELRGKFQNLQ
LAVNEFGRDSHQASEASDLVLDIFREFRLTPKQFDHLVETLRTSMDRVRTQERLVMKAVVEVAKMPKKSFIALFTGNESN
EEWLDKVLASDKPYVAKVREQEEEIRRSIQKLQMIEQETSLSVERIKDISHRMSIGEAKARRAKKEMVEANLRLVISIAK
KYTNRGLQFLDLIQEGNIGLMKAVDKFEYRRGYKFSTYATWWIRQAITRSIADQARTIRIPVHMIETINKLNRISRQMLQ
EMGREPLPEELAERMQMPEDKIRKVLKIAKEPISMETPIGDDEDSHLGDFIEDTTLELPLDSATATSLKAATRDVLAGLT
PREAKVLRMRFGIDMNTDHTLEEVGKQFDVTRERIRQIEAKALRKLRHPSRSEVLRSFLDE
;
F
#
# COMPACT_ATOMS: atom_id res chain seq x y z
N VAL A 6 75.76 -61.46 29.32
CA VAL A 6 74.49 -61.62 30.01
C VAL A 6 73.68 -62.73 29.33
N ILE A 7 73.16 -63.65 30.14
CA ILE A 7 72.49 -64.84 29.64
C ILE A 7 71.05 -64.82 30.15
N TYR A 8 70.09 -65.02 29.24
CA TYR A 8 68.68 -64.97 29.60
C TYR A 8 68.01 -66.32 29.38
N GLN A 9 67.29 -66.79 30.39
CA GLN A 9 66.46 -67.98 30.29
C GLN A 9 65.00 -67.61 30.19
N PHE A 10 64.30 -68.27 29.27
CA PHE A 10 62.87 -68.06 29.07
C PHE A 10 62.16 -69.37 29.38
N PRO A 11 60.83 -69.40 29.39
CA PRO A 11 60.13 -70.69 29.55
C PRO A 11 60.51 -71.67 28.46
N ASP A 12 60.46 -72.95 28.81
CA ASP A 12 60.75 -74.06 27.89
C ASP A 12 62.23 -74.14 27.52
N ASN A 13 63.10 -73.83 28.49
CA ASN A 13 64.55 -74.03 28.36
C ASN A 13 65.12 -73.30 27.15
N LEU A 14 64.63 -72.08 26.90
CA LEU A 14 65.12 -71.26 25.80
C LEU A 14 66.17 -70.29 26.32
N TRP A 15 67.35 -70.33 25.72
CA TRP A 15 68.49 -69.57 26.17
C TRP A 15 68.87 -68.55 25.10
N TRP A 16 69.03 -67.29 25.52
CA TRP A 16 69.46 -66.21 24.66
C TRP A 16 70.73 -65.60 25.20
N ASN A 17 71.76 -65.53 24.35
CA ASN A 17 73.06 -64.97 24.68
C ASN A 17 73.19 -63.66 23.93
N GLU A 18 73.27 -62.55 24.67
CA GLU A 18 73.36 -61.23 24.07
C GLU A 18 74.77 -60.95 23.53
N ALA A 19 75.79 -61.46 24.22
CA ALA A 19 77.16 -61.22 23.76
C ALA A 19 77.40 -61.84 22.39
N SER A 20 77.00 -63.10 22.22
CA SER A 20 77.03 -63.73 20.91
C SER A 20 75.73 -63.56 20.15
N ASN A 21 74.65 -63.21 20.85
CA ASN A 21 73.33 -62.97 20.28
C ASN A 21 72.91 -64.23 19.51
N GLN A 22 72.62 -65.26 20.29
CA GLN A 22 72.07 -66.49 19.75
C GLN A 22 71.00 -67.03 20.70
N VAL A 23 69.96 -67.61 20.12
CA VAL A 23 68.89 -68.22 20.90
C VAL A 23 68.78 -69.68 20.50
N TYR A 24 68.57 -70.54 21.50
CA TYR A 24 68.61 -71.98 21.29
C TYR A 24 67.97 -72.70 22.46
N TYR A 25 67.68 -73.99 22.27
CA TYR A 25 67.16 -74.83 23.34
C TYR A 25 68.30 -75.59 23.98
N ALA A 26 68.36 -75.55 25.31
CA ALA A 26 69.43 -76.21 26.05
C ALA A 26 69.03 -76.37 27.50
N GLN A 27 69.35 -77.53 28.07
CA GLN A 27 69.21 -77.71 29.52
C GLN A 27 70.35 -77.05 30.28
N ASP A 28 71.55 -77.03 29.69
CA ASP A 28 72.73 -76.42 30.27
C ASP A 28 73.05 -75.16 29.49
N PRO A 29 73.15 -73.99 30.13
CA PRO A 29 73.42 -72.76 29.37
C PRO A 29 74.70 -72.79 28.56
N MET A 30 75.74 -73.46 29.07
CA MET A 30 77.03 -73.49 28.38
C MET A 30 77.05 -74.48 27.22
N LYS A 31 76.01 -75.31 27.06
CA LYS A 31 75.99 -76.37 26.05
C LYS A 31 74.72 -76.28 25.23
N PRO A 32 74.73 -75.55 24.13
CA PRO A 32 73.58 -75.54 23.22
C PRO A 32 73.23 -76.94 22.72
N GLU A 33 71.93 -77.23 22.69
CA GLU A 33 71.42 -78.51 22.22
C GLU A 33 70.74 -78.39 20.85
N ARG A 34 69.76 -77.49 20.74
CA ARG A 34 69.07 -77.23 19.48
C ARG A 34 69.14 -75.73 19.21
N LEU A 35 69.85 -75.35 18.15
CA LEU A 35 70.06 -73.95 17.83
C LEU A 35 68.90 -73.40 17.02
N ILE A 36 68.33 -72.28 17.48
CA ILE A 36 67.38 -71.53 16.67
C ILE A 36 68.09 -70.51 15.81
N GLY A 37 68.97 -69.71 16.40
CA GLY A 37 69.81 -68.82 15.61
C GLY A 37 69.89 -67.39 16.07
N THR A 38 70.11 -66.49 15.12
CA THR A 38 70.36 -65.08 15.40
C THR A 38 69.15 -64.25 14.99
N PRO A 39 68.50 -63.56 15.92
CA PRO A 39 67.41 -62.64 15.53
C PRO A 39 67.96 -61.40 14.85
N SER A 40 67.06 -60.69 14.17
CA SER A 40 67.42 -59.48 13.46
C SER A 40 67.74 -58.35 14.44
N ILE A 41 68.04 -57.18 13.89
CA ILE A 41 68.49 -56.06 14.73
C ILE A 41 67.36 -55.56 15.62
N MET A 42 66.25 -55.14 15.00
CA MET A 42 65.12 -54.64 15.79
C MET A 42 64.56 -55.73 16.69
N GLN A 43 64.69 -56.99 16.30
CA GLN A 43 64.34 -58.07 17.21
C GLN A 43 65.21 -58.01 18.46
N ALA A 44 66.50 -57.75 18.29
CA ALA A 44 67.39 -57.61 19.44
C ALA A 44 67.01 -56.40 20.29
N LYS A 45 66.69 -55.29 19.64
CA LYS A 45 66.24 -54.11 20.39
C LYS A 45 64.99 -54.41 21.22
N LEU A 46 64.00 -55.07 20.60
CA LEU A 46 62.78 -55.39 21.33
C LEU A 46 63.04 -56.33 22.49
N LEU A 47 63.88 -57.35 22.28
CA LEU A 47 64.20 -58.26 23.37
C LEU A 47 64.90 -57.53 24.50
N LYS A 48 65.83 -56.63 24.18
CA LYS A 48 66.55 -55.92 25.22
C LYS A 48 65.62 -54.98 25.98
N ILE A 49 64.66 -54.35 25.28
CA ILE A 49 63.66 -53.52 25.96
C ILE A 49 62.82 -54.38 26.90
N LEU A 50 62.35 -55.53 26.41
CA LEU A 50 61.50 -56.39 27.24
C LEU A 50 62.25 -56.90 28.46
N CYS A 51 63.55 -57.14 28.33
CA CYS A 51 64.34 -57.59 29.46
C CYS A 51 64.84 -56.45 30.33
N GLU A 52 64.72 -55.20 29.89
CA GLU A 52 65.33 -54.08 30.61
C GLU A 52 64.34 -53.27 31.44
N TYR A 53 63.04 -53.31 31.14
CA TYR A 53 62.05 -52.81 32.08
C TYR A 53 61.56 -53.85 33.08
N HIS A 54 61.88 -55.12 32.89
CA HIS A 54 61.36 -56.14 33.78
C HIS A 54 61.87 -55.91 35.20
N PRO A 55 61.03 -56.09 36.23
CA PRO A 55 59.69 -56.69 36.24
C PRO A 55 58.57 -55.88 35.62
N SER A 56 58.65 -54.55 35.62
CA SER A 56 57.56 -53.76 35.06
C SER A 56 57.53 -53.86 33.53
N PRO A 57 56.36 -53.73 32.93
CA PRO A 57 56.29 -53.73 31.47
C PRO A 57 56.63 -52.36 30.88
N CYS A 58 56.95 -52.37 29.58
CA CYS A 58 57.35 -51.15 28.87
C CYS A 58 56.13 -50.50 28.21
N PRO A 59 55.92 -49.20 28.42
CA PRO A 59 54.82 -48.52 27.72
C PRO A 59 55.04 -48.49 26.22
N ASN A 60 53.92 -48.41 25.47
CA ASN A 60 53.99 -48.49 24.02
C ASN A 60 54.77 -47.34 23.41
N ASP A 61 54.70 -46.15 24.01
CA ASP A 61 55.40 -45.01 23.43
C ASP A 61 56.90 -45.23 23.42
N GLN A 62 57.44 -45.83 24.48
CA GLN A 62 58.89 -46.01 24.57
C GLN A 62 59.38 -47.08 23.61
N ILE A 63 58.67 -48.20 23.50
CA ILE A 63 59.07 -49.22 22.54
C ILE A 63 58.92 -48.70 21.12
N ILE A 64 57.88 -47.91 20.86
CA ILE A 64 57.74 -47.29 19.55
C ILE A 64 58.92 -46.38 19.25
N LYS A 65 59.32 -45.56 20.23
CA LYS A 65 60.44 -44.64 20.04
C LYS A 65 61.78 -45.34 20.01
N ALA A 66 61.84 -46.60 20.45
CA ALA A 66 63.11 -47.31 20.42
C ALA A 66 63.27 -48.16 19.16
N LEU A 67 62.22 -48.84 18.71
CA LEU A 67 62.33 -49.69 17.53
C LEU A 67 62.62 -48.87 16.28
N TRP A 68 61.88 -47.77 16.09
CA TRP A 68 62.12 -46.83 14.99
C TRP A 68 62.12 -45.41 15.53
N PRO A 69 63.25 -44.95 16.07
CA PRO A 69 63.28 -43.59 16.63
C PRO A 69 63.23 -42.50 15.58
N HIS A 70 64.02 -42.64 14.50
CA HIS A 70 64.26 -41.51 13.60
C HIS A 70 62.98 -41.04 12.93
N GLY A 71 62.20 -41.97 12.39
CA GLY A 71 60.98 -41.59 11.72
C GLY A 71 59.76 -42.22 12.35
N PHE A 72 58.72 -41.41 12.57
CA PHE A 72 57.46 -41.94 13.04
C PHE A 72 56.90 -42.92 12.02
N ILE A 73 56.54 -44.11 12.47
CA ILE A 73 56.23 -45.22 11.59
C ILE A 73 54.76 -45.55 11.74
N SER A 74 54.20 -46.22 10.72
CA SER A 74 52.82 -46.67 10.81
C SER A 74 52.64 -47.58 12.01
N SER A 75 51.51 -47.44 12.69
CA SER A 75 51.31 -48.10 13.97
C SER A 75 51.36 -49.61 13.87
N GLU A 76 50.81 -50.17 12.79
CA GLU A 76 50.75 -51.63 12.66
C GLU A 76 52.12 -52.26 12.82
N SER A 77 53.17 -51.58 12.35
CA SER A 77 54.51 -52.14 12.41
C SER A 77 54.84 -52.61 13.81
N LEU A 78 54.49 -51.80 14.83
CA LEU A 78 54.73 -52.20 16.21
C LEU A 78 54.22 -53.61 16.44
N THR A 79 52.90 -53.80 16.30
CA THR A 79 52.34 -55.13 16.53
C THR A 79 53.02 -56.15 15.63
N GLN A 80 53.28 -55.76 14.38
CA GLN A 80 53.86 -56.72 13.45
C GLN A 80 55.26 -57.12 13.90
N ALA A 81 56.06 -56.16 14.35
CA ALA A 81 57.37 -56.52 14.86
C ALA A 81 57.24 -57.51 16.00
N ILE A 82 56.30 -57.26 16.91
CA ILE A 82 56.11 -58.17 18.04
C ILE A 82 55.81 -59.56 17.52
N LYS A 83 54.97 -59.66 16.48
CA LYS A 83 54.65 -60.97 15.96
C LYS A 83 55.90 -61.74 15.63
N ARG A 84 56.82 -61.11 14.89
CA ARG A 84 58.02 -61.82 14.49
C ARG A 84 58.88 -62.16 15.69
N THR A 85 58.98 -61.24 16.66
CA THR A 85 59.74 -61.55 17.86
C THR A 85 59.05 -62.65 18.66
N ARG A 86 57.72 -62.76 18.56
CA ARG A 86 57.04 -63.91 19.12
C ARG A 86 57.30 -65.17 18.30
N ASP A 87 57.35 -65.02 16.97
CA ASP A 87 57.40 -66.21 16.11
C ASP A 87 58.79 -66.82 16.13
N PHE A 88 59.83 -65.98 16.09
CA PHE A 88 61.20 -66.48 16.09
C PHE A 88 61.53 -67.21 17.39
N LEU A 89 61.03 -66.71 18.51
CA LEU A 89 61.15 -67.43 19.78
C LEU A 89 60.06 -68.49 19.95
N ASN A 90 59.38 -68.86 18.87
CA ASN A 90 58.40 -69.94 18.86
C ASN A 90 57.37 -69.80 19.97
N ASP A 91 57.03 -68.56 20.30
CA ASP A 91 56.07 -68.28 21.37
C ASP A 91 54.65 -68.27 20.78
N GLU A 92 54.18 -69.46 20.43
CA GLU A 92 52.86 -69.60 19.83
C GLU A 92 51.76 -69.29 20.85
N HIS A 93 51.97 -69.66 22.11
CA HIS A 93 50.97 -69.47 23.16
C HIS A 93 51.06 -68.09 23.79
N LYS A 94 51.89 -67.20 23.26
CA LYS A 94 52.04 -65.83 23.76
C LYS A 94 52.46 -65.82 25.22
N THR A 95 53.18 -66.85 25.65
CA THR A 95 53.64 -66.96 27.03
C THR A 95 54.99 -66.30 27.26
N LEU A 96 55.74 -66.02 26.20
CA LEU A 96 57.02 -65.35 26.37
C LEU A 96 56.86 -63.84 26.31
N ILE A 97 56.06 -63.34 25.37
CA ILE A 97 55.62 -61.96 25.33
C ILE A 97 54.15 -61.93 25.68
N GLU A 98 53.83 -61.42 26.87
CA GLU A 98 52.44 -61.17 27.24
C GLU A 98 52.13 -59.69 27.06
N ASN A 99 50.88 -59.40 26.74
CA ASN A 99 50.42 -58.04 26.51
C ASN A 99 49.42 -57.68 27.60
N VAL A 100 49.73 -56.64 28.37
CA VAL A 100 48.82 -56.14 29.39
C VAL A 100 48.14 -54.90 28.84
N LYS A 101 46.81 -54.95 28.76
CA LYS A 101 46.05 -53.89 28.12
C LYS A 101 46.27 -52.56 28.83
N LEU A 102 46.54 -51.52 28.06
CA LEU A 102 46.80 -50.17 28.56
C LEU A 102 47.97 -50.12 29.54
N GLN A 103 48.82 -51.15 29.53
CA GLN A 103 50.03 -51.18 30.35
C GLN A 103 51.29 -51.48 29.55
N GLY A 104 51.20 -52.28 28.49
CA GLY A 104 52.36 -52.50 27.64
C GLY A 104 52.65 -53.96 27.35
N TYR A 105 53.92 -54.25 27.10
CA TYR A 105 54.38 -55.59 26.74
C TYR A 105 55.37 -56.06 27.79
N ARG A 106 55.20 -57.29 28.26
CA ARG A 106 56.06 -57.87 29.28
C ARG A 106 56.65 -59.17 28.75
N ILE A 107 57.88 -59.47 29.17
CA ILE A 107 58.56 -60.70 28.82
C ILE A 107 58.71 -61.55 30.07
N ASN A 108 58.77 -62.87 29.87
CA ASN A 108 58.90 -63.81 30.97
C ASN A 108 60.34 -64.32 31.01
N ILE A 109 61.02 -64.08 32.13
CA ILE A 109 62.41 -64.47 32.31
C ILE A 109 62.47 -65.43 33.49
N ILE A 110 63.00 -66.64 33.26
CA ILE A 110 63.16 -67.59 34.35
C ILE A 110 64.36 -67.23 35.21
N GLN A 111 65.50 -66.96 34.57
CA GLN A 111 66.66 -66.50 35.32
C GLN A 111 67.60 -65.76 34.38
N VAL A 112 68.52 -65.03 34.99
CA VAL A 112 69.59 -64.33 34.28
C VAL A 112 70.91 -64.76 34.87
N ILE A 113 71.87 -65.07 34.01
CA ILE A 113 73.21 -65.45 34.41
C ILE A 113 74.15 -64.30 34.05
N VAL A 114 74.85 -63.79 35.05
CA VAL A 114 75.75 -62.66 34.88
C VAL A 114 77.17 -63.09 35.23
N ARG B 5 98.66 -78.92 17.53
CA ARG B 5 97.74 -79.36 16.49
C ARG B 5 96.30 -78.99 16.84
N VAL B 6 95.68 -78.16 16.00
CA VAL B 6 94.30 -77.73 16.19
C VAL B 6 93.51 -78.15 14.96
N ILE B 7 92.43 -78.90 15.17
CA ILE B 7 91.59 -79.41 14.11
C ILE B 7 90.15 -79.01 14.41
N TYR B 8 89.42 -78.62 13.37
CA TYR B 8 88.04 -78.17 13.53
C TYR B 8 87.11 -79.10 12.77
N GLN B 9 86.01 -79.49 13.42
CA GLN B 9 84.98 -80.31 12.80
C GLN B 9 83.84 -79.43 12.28
N PHE B 10 83.34 -79.78 11.11
CA PHE B 10 82.28 -79.08 10.41
C PHE B 10 81.18 -80.09 10.06
N PRO B 11 79.94 -79.63 9.88
CA PRO B 11 78.84 -80.56 9.62
C PRO B 11 79.06 -81.44 8.41
N ASP B 12 78.31 -82.53 8.37
CA ASP B 12 78.44 -83.59 7.36
C ASP B 12 79.81 -84.27 7.44
N ASN B 13 80.36 -84.39 8.65
CA ASN B 13 81.62 -85.09 8.89
C ASN B 13 82.79 -84.46 8.13
N LEU B 14 82.85 -83.12 8.09
CA LEU B 14 84.00 -82.44 7.51
C LEU B 14 85.02 -82.13 8.60
N TRP B 15 86.31 -82.21 8.26
CA TRP B 15 87.37 -81.73 9.13
C TRP B 15 88.31 -80.79 8.39
N TRP B 16 88.90 -79.87 9.15
CA TRP B 16 89.97 -79.00 8.68
C TRP B 16 91.10 -79.04 9.69
N ASN B 17 92.27 -79.50 9.26
CA ASN B 17 93.46 -79.54 10.10
C ASN B 17 94.27 -78.29 9.76
N GLU B 18 94.33 -77.35 10.71
CA GLU B 18 94.98 -76.06 10.44
C GLU B 18 96.49 -76.19 10.39
N ALA B 19 97.07 -76.93 11.34
CA ALA B 19 98.51 -76.97 11.48
C ALA B 19 99.18 -77.44 10.20
N SER B 20 98.62 -78.47 9.57
CA SER B 20 99.04 -78.87 8.23
C SER B 20 98.08 -78.40 7.15
N ASN B 21 96.89 -77.91 7.53
CA ASN B 21 95.96 -77.21 6.64
C ASN B 21 95.44 -78.13 5.52
N GLN B 22 94.68 -79.16 5.93
CA GLN B 22 93.99 -80.03 4.99
C GLN B 22 92.51 -80.09 5.34
N VAL B 23 91.66 -79.87 4.34
CA VAL B 23 90.22 -80.03 4.45
C VAL B 23 89.87 -81.39 3.86
N TYR B 24 89.08 -82.17 4.58
CA TYR B 24 88.83 -83.56 4.18
C TYR B 24 87.58 -84.09 4.87
N TYR B 25 87.17 -85.28 4.44
CA TYR B 25 86.09 -86.03 5.06
C TYR B 25 86.66 -87.25 5.74
N ALA B 26 86.23 -87.51 6.98
CA ALA B 26 86.77 -88.62 7.74
C ALA B 26 85.85 -88.92 8.92
N GLN B 27 85.55 -90.20 9.13
CA GLN B 27 84.85 -90.59 10.35
C GLN B 27 85.77 -90.49 11.56
N ASP B 28 87.07 -90.68 11.36
CA ASP B 28 88.06 -90.55 12.41
C ASP B 28 88.95 -89.36 12.09
N PRO B 29 89.07 -88.36 12.96
CA PRO B 29 89.94 -87.22 12.66
C PRO B 29 91.39 -87.60 12.40
N MET B 30 91.88 -88.66 13.04
CA MET B 30 93.23 -89.12 12.79
C MET B 30 93.35 -89.94 11.51
N LYS B 31 92.23 -90.34 10.92
CA LYS B 31 92.22 -91.18 9.70
C LYS B 31 91.37 -90.51 8.63
N PRO B 32 91.98 -89.69 7.78
CA PRO B 32 91.24 -89.12 6.65
C PRO B 32 90.73 -90.20 5.71
N GLU B 33 89.55 -89.96 5.14
CA GLU B 33 88.97 -90.84 4.12
C GLU B 33 88.95 -90.20 2.75
N ARG B 34 88.43 -88.98 2.63
CA ARG B 34 88.40 -88.26 1.36
C ARG B 34 88.99 -86.87 1.60
N LEU B 35 90.09 -86.57 0.91
CA LEU B 35 90.81 -85.32 1.10
C LEU B 35 90.32 -84.28 0.11
N ILE B 36 89.70 -83.21 0.62
CA ILE B 36 89.29 -82.12 -0.26
C ILE B 36 90.51 -81.36 -0.76
N GLY B 37 91.46 -81.09 0.12
CA GLY B 37 92.71 -80.49 -0.30
C GLY B 37 93.25 -79.39 0.59
N THR B 38 94.06 -78.52 0.02
CA THR B 38 94.69 -77.44 0.77
C THR B 38 94.02 -76.12 0.42
N PRO B 39 93.34 -75.46 1.34
CA PRO B 39 92.84 -74.11 1.07
C PRO B 39 93.99 -73.12 0.93
N SER B 40 93.76 -72.09 0.12
CA SER B 40 94.79 -71.10 -0.13
C SER B 40 95.06 -70.30 1.15
N ILE B 41 96.16 -69.53 1.12
CA ILE B 41 96.53 -68.72 2.27
C ILE B 41 95.46 -67.70 2.58
N MET B 42 94.89 -67.08 1.55
CA MET B 42 93.77 -66.17 1.78
C MET B 42 92.48 -66.93 2.10
N GLN B 43 92.35 -68.15 1.62
CA GLN B 43 91.21 -68.97 2.03
C GLN B 43 91.33 -69.37 3.49
N ALA B 44 92.52 -69.81 3.90
CA ALA B 44 92.77 -70.05 5.31
C ALA B 44 92.57 -68.79 6.12
N LYS B 45 92.89 -67.63 5.54
CA LYS B 45 92.60 -66.36 6.18
C LYS B 45 91.11 -66.18 6.41
N LEU B 46 90.31 -66.49 5.38
CA LEU B 46 88.87 -66.36 5.46
C LEU B 46 88.29 -67.27 6.56
N LEU B 47 88.72 -68.53 6.57
CA LEU B 47 88.29 -69.42 7.64
C LEU B 47 88.82 -68.99 9.00
N LYS B 48 89.98 -68.32 9.03
CA LYS B 48 90.48 -67.78 10.29
C LYS B 48 89.55 -66.72 10.84
N ILE B 49 89.12 -65.79 9.99
CA ILE B 49 88.24 -64.73 10.46
C ILE B 49 86.89 -65.31 10.89
N LEU B 50 86.38 -66.29 10.14
CA LEU B 50 85.13 -66.93 10.59
C LEU B 50 85.32 -67.77 11.83
N CYS B 51 86.54 -68.22 12.13
CA CYS B 51 86.75 -69.19 13.19
C CYS B 51 87.14 -68.57 14.52
N GLU B 52 87.83 -67.43 14.52
CA GLU B 52 88.24 -66.81 15.77
C GLU B 52 87.10 -66.12 16.50
N TYR B 53 85.94 -65.98 15.86
CA TYR B 53 84.82 -65.23 16.43
C TYR B 53 83.65 -66.11 16.83
N HIS B 54 83.72 -67.40 16.57
CA HIS B 54 82.60 -68.28 16.89
C HIS B 54 82.38 -68.31 18.39
N PRO B 55 81.12 -68.38 18.85
CA PRO B 55 79.86 -68.44 18.07
C PRO B 55 79.31 -67.07 17.69
N SER B 56 80.04 -65.99 17.95
CA SER B 56 79.55 -64.69 17.55
C SER B 56 79.77 -64.49 16.06
N PRO B 57 78.86 -63.78 15.37
CA PRO B 57 79.11 -63.47 13.96
C PRO B 57 80.28 -62.52 13.80
N CYS B 58 80.97 -62.63 12.66
CA CYS B 58 82.07 -61.74 12.38
C CYS B 58 81.61 -60.59 11.50
N PRO B 59 81.70 -59.35 11.97
CA PRO B 59 81.22 -58.21 11.18
C PRO B 59 81.98 -58.07 9.88
N ASN B 60 81.27 -57.57 8.86
CA ASN B 60 81.84 -57.44 7.52
C ASN B 60 83.04 -56.50 7.52
N ASP B 61 82.94 -55.38 8.24
CA ASP B 61 84.05 -54.44 8.29
C ASP B 61 85.30 -55.07 8.90
N GLN B 62 85.12 -55.87 9.96
CA GLN B 62 86.27 -56.48 10.61
C GLN B 62 86.97 -57.48 9.71
N ILE B 63 86.21 -58.35 9.03
CA ILE B 63 86.84 -59.31 8.15
C ILE B 63 87.48 -58.61 6.95
N ILE B 64 86.84 -57.58 6.43
CA ILE B 64 87.42 -56.84 5.31
C ILE B 64 88.74 -56.20 5.73
N LYS B 65 88.79 -55.60 6.92
CA LYS B 65 90.02 -55.01 7.41
C LYS B 65 91.10 -56.07 7.60
N ALA B 66 90.74 -57.22 8.17
CA ALA B 66 91.74 -58.24 8.48
C ALA B 66 92.30 -58.86 7.20
N LEU B 67 91.44 -59.16 6.22
CA LEU B 67 91.91 -59.82 5.01
C LEU B 67 92.86 -58.94 4.22
N TRP B 68 92.53 -57.66 4.07
CA TRP B 68 93.32 -56.70 3.30
C TRP B 68 93.51 -55.44 4.13
N PRO B 69 94.45 -55.46 5.08
CA PRO B 69 94.69 -54.25 5.89
C PRO B 69 95.19 -53.06 5.10
N HIS B 70 95.82 -53.28 3.94
CA HIS B 70 96.43 -52.20 3.18
C HIS B 70 95.91 -52.13 1.74
N GLY B 71 94.74 -52.69 1.48
CA GLY B 71 94.17 -52.72 0.14
C GLY B 71 92.84 -52.00 0.07
N PHE B 72 92.65 -51.21 -0.98
CA PHE B 72 91.37 -50.56 -1.27
C PHE B 72 90.48 -51.60 -1.93
N ILE B 73 89.73 -52.34 -1.10
CA ILE B 73 88.97 -53.50 -1.54
C ILE B 73 87.49 -53.24 -1.29
N SER B 74 86.67 -53.45 -2.31
CA SER B 74 85.23 -53.32 -2.19
C SER B 74 84.63 -54.56 -1.52
N SER B 75 83.43 -54.37 -0.96
CA SER B 75 82.71 -55.49 -0.34
C SER B 75 82.32 -56.55 -1.35
N GLU B 76 82.17 -56.18 -2.62
CA GLU B 76 81.90 -57.17 -3.65
C GLU B 76 83.00 -58.22 -3.72
N SER B 77 84.25 -57.79 -3.51
CA SER B 77 85.35 -58.75 -3.46
C SER B 77 85.19 -59.73 -2.30
N LEU B 78 84.78 -59.22 -1.13
CA LEU B 78 84.51 -60.10 0.00
C LEU B 78 83.42 -61.11 -0.35
N THR B 79 82.35 -60.65 -1.00
CA THR B 79 81.24 -61.55 -1.28
C THR B 79 81.60 -62.60 -2.31
N GLN B 80 82.30 -62.20 -3.39
CA GLN B 80 82.73 -63.20 -4.36
C GLN B 80 83.78 -64.13 -3.76
N ALA B 81 84.55 -63.64 -2.79
CA ALA B 81 85.46 -64.52 -2.07
C ALA B 81 84.69 -65.59 -1.31
N ILE B 82 83.62 -65.19 -0.64
CA ILE B 82 82.76 -66.17 0.04
C ILE B 82 82.20 -67.16 -0.97
N LYS B 83 81.77 -66.67 -2.13
CA LYS B 83 81.17 -67.54 -3.13
C LYS B 83 82.18 -68.57 -3.65
N ARG B 84 83.32 -68.10 -4.16
CA ARG B 84 84.33 -69.00 -4.68
C ARG B 84 85.08 -69.74 -3.59
N THR B 85 84.81 -69.44 -2.32
CA THR B 85 85.27 -70.25 -1.21
C THR B 85 84.31 -71.40 -0.93
N ARG B 86 83.00 -71.13 -1.01
CA ARG B 86 82.03 -72.22 -1.09
C ARG B 86 82.36 -73.14 -2.26
N ASP B 87 82.90 -72.57 -3.34
CA ASP B 87 83.30 -73.37 -4.49
C ASP B 87 84.29 -74.46 -4.10
N PHE B 88 85.11 -74.22 -3.08
CA PHE B 88 86.11 -75.19 -2.64
C PHE B 88 85.66 -76.03 -1.45
N LEU B 89 84.98 -75.41 -0.48
CA LEU B 89 84.48 -76.17 0.67
C LEU B 89 83.18 -76.90 0.38
N ASN B 90 82.62 -76.73 -0.82
CA ASN B 90 81.48 -77.53 -1.28
C ASN B 90 80.27 -77.44 -0.33
N ASP B 91 79.95 -76.21 0.10
CA ASP B 91 78.78 -75.96 0.93
C ASP B 91 77.67 -75.42 0.03
N GLU B 92 77.06 -76.34 -0.73
CA GLU B 92 76.04 -75.94 -1.68
C GLU B 92 74.77 -75.43 -0.99
N HIS B 93 74.46 -75.95 0.20
CA HIS B 93 73.26 -75.56 0.92
C HIS B 93 73.46 -74.37 1.83
N LYS B 94 74.63 -73.73 1.77
CA LYS B 94 74.94 -72.54 2.59
C LYS B 94 74.81 -72.85 4.08
N THR B 95 75.18 -74.07 4.46
CA THR B 95 75.06 -74.52 5.85
C THR B 95 76.39 -74.49 6.60
N LEU B 96 77.51 -74.58 5.91
CA LEU B 96 78.81 -74.51 6.58
C LEU B 96 79.11 -73.10 7.05
N ILE B 97 78.89 -72.11 6.20
CA ILE B 97 78.98 -70.71 6.59
C ILE B 97 77.65 -70.04 6.27
N GLU B 98 77.04 -69.45 7.30
CA GLU B 98 75.76 -68.79 7.19
C GLU B 98 75.97 -67.29 7.04
N ASN B 99 75.17 -66.69 6.16
CA ASN B 99 75.19 -65.25 5.93
C ASN B 99 73.90 -64.67 6.50
N VAL B 100 74.02 -63.85 7.54
CA VAL B 100 72.88 -63.19 8.15
C VAL B 100 73.00 -61.69 7.89
N LYS B 101 71.93 -61.10 7.37
CA LYS B 101 72.00 -59.76 6.81
C LYS B 101 72.24 -58.71 7.88
N LEU B 102 73.05 -57.71 7.52
CA LEU B 102 73.41 -56.59 8.41
C LEU B 102 74.04 -57.08 9.71
N GLN B 103 74.46 -58.35 9.75
CA GLN B 103 75.11 -58.88 10.94
C GLN B 103 76.34 -59.73 10.62
N GLY B 104 76.53 -60.18 9.39
CA GLY B 104 77.77 -60.78 8.98
C GLY B 104 77.67 -62.28 8.73
N TYR B 105 78.84 -62.92 8.78
CA TYR B 105 78.97 -64.33 8.43
C TYR B 105 79.36 -65.15 9.66
N ARG B 106 78.98 -66.42 9.63
CA ARG B 106 79.31 -67.36 10.70
C ARG B 106 79.70 -68.69 10.07
N ILE B 107 80.50 -69.47 10.80
CA ILE B 107 80.84 -70.83 10.40
C ILE B 107 80.40 -71.79 11.49
N ASN B 108 79.77 -72.88 11.08
CA ASN B 108 79.23 -73.87 12.01
C ASN B 108 80.33 -74.84 12.39
N ILE B 109 80.72 -74.83 13.67
CA ILE B 109 81.78 -75.69 14.18
C ILE B 109 81.18 -76.63 15.21
N ILE B 110 81.41 -77.92 15.03
CA ILE B 110 80.87 -78.93 15.95
C ILE B 110 81.81 -79.16 17.11
N GLN B 111 83.11 -79.32 16.85
CA GLN B 111 84.07 -79.47 17.92
C GLN B 111 85.44 -78.97 17.47
N VAL B 112 86.29 -78.67 18.46
CA VAL B 112 87.65 -78.22 18.23
C VAL B 112 88.57 -79.12 19.05
N ILE B 113 89.62 -79.65 18.41
CA ILE B 113 90.60 -80.51 19.06
C ILE B 113 91.93 -79.77 19.07
N VAL B 114 92.50 -79.61 20.27
CA VAL B 114 93.77 -78.90 20.41
C VAL B 114 94.83 -79.84 20.98
N ILE E 253 51.73 -23.82 -6.56
CA ILE E 253 52.00 -25.21 -6.26
C ILE E 253 53.29 -25.32 -5.45
N LEU E 254 54.20 -24.37 -5.69
CA LEU E 254 55.43 -24.35 -4.93
C LEU E 254 55.21 -24.02 -3.46
N LEU E 255 54.01 -23.56 -3.08
CA LEU E 255 53.71 -23.18 -1.71
C LEU E 255 52.74 -24.15 -1.04
N ARG E 256 52.67 -25.36 -1.51
CA ARG E 256 51.88 -26.35 -0.79
C ARG E 256 52.79 -27.32 -0.05
N PRO E 257 52.37 -27.90 1.07
CA PRO E 257 53.21 -28.89 1.75
C PRO E 257 53.22 -30.21 0.99
N VAL E 258 54.15 -31.09 1.41
CA VAL E 258 54.40 -32.32 0.66
C VAL E 258 53.18 -33.22 0.64
N ASP E 259 52.43 -33.28 1.75
CA ASP E 259 51.33 -34.21 1.86
C ASP E 259 50.27 -33.99 0.77
N ASP E 260 50.22 -32.79 0.20
CA ASP E 260 49.25 -32.51 -0.86
C ASP E 260 49.48 -33.42 -2.06
N LEU E 261 50.73 -33.81 -2.29
CA LEU E 261 51.06 -34.70 -3.40
C LEU E 261 50.35 -36.04 -3.25
N GLU E 262 49.86 -36.33 -2.04
CA GLU E 262 49.13 -37.56 -1.74
C GLU E 262 50.03 -38.79 -1.90
N LEU E 263 51.08 -38.82 -1.06
CA LEU E 263 52.10 -39.85 -1.17
C LEU E 263 51.69 -41.10 -0.41
N THR E 264 52.18 -42.25 -0.90
CA THR E 264 51.99 -43.50 -0.19
C THR E 264 52.69 -43.42 1.16
N VAL E 265 52.08 -44.05 2.17
CA VAL E 265 52.58 -43.96 3.54
C VAL E 265 54.08 -44.25 3.60
N ARG E 266 54.55 -45.17 2.74
CA ARG E 266 55.98 -45.42 2.65
C ARG E 266 56.73 -44.15 2.24
N SER E 267 56.28 -43.51 1.17
CA SER E 267 56.92 -42.29 0.70
C SER E 267 56.85 -41.21 1.75
N ALA E 268 55.64 -40.75 2.07
CA ALA E 268 55.47 -39.66 3.03
C ALA E 268 56.24 -39.95 4.31
N ASN E 269 56.24 -41.21 4.74
CA ASN E 269 57.08 -41.63 5.85
C ASN E 269 58.53 -41.24 5.64
N CYS E 270 59.12 -41.70 4.54
CA CYS E 270 60.53 -41.43 4.29
C CYS E 270 60.80 -39.93 4.23
N LEU E 271 60.05 -39.21 3.40
CA LEU E 271 60.31 -37.78 3.25
C LEU E 271 60.05 -37.00 4.54
N LYS E 272 59.19 -37.50 5.43
CA LYS E 272 59.07 -36.88 6.72
C LYS E 272 60.22 -37.26 7.64
N ALA E 273 60.90 -38.36 7.36
CA ALA E 273 62.07 -38.73 8.14
C ALA E 273 63.30 -37.90 7.80
N GLU E 274 63.36 -37.32 6.61
CA GLU E 274 64.49 -36.50 6.19
C GLU E 274 64.21 -35.01 6.31
N ALA E 275 63.11 -34.63 6.97
CA ALA E 275 62.74 -33.24 7.16
C ALA E 275 62.57 -32.51 5.83
N ILE E 276 62.13 -33.23 4.81
CA ILE E 276 61.79 -32.64 3.53
C ILE E 276 60.30 -32.34 3.58
N HIS E 277 59.96 -31.08 3.81
CA HIS E 277 58.59 -30.66 4.13
C HIS E 277 57.90 -29.91 3.01
N TYR E 278 58.63 -29.29 2.09
CA TYR E 278 58.05 -28.36 1.15
C TYR E 278 58.46 -28.76 -0.27
N ILE E 279 57.56 -28.54 -1.23
CA ILE E 279 57.82 -29.03 -2.58
C ILE E 279 59.07 -28.39 -3.16
N GLY E 280 59.42 -27.18 -2.72
CA GLY E 280 60.72 -26.64 -3.09
C GLY E 280 61.86 -27.52 -2.60
N ASP E 281 61.76 -28.02 -1.37
CA ASP E 281 62.76 -28.94 -0.87
C ASP E 281 62.75 -30.24 -1.67
N LEU E 282 61.59 -30.64 -2.20
CA LEU E 282 61.53 -31.80 -3.08
C LEU E 282 62.27 -31.54 -4.39
N VAL E 283 62.07 -30.37 -4.99
CA VAL E 283 62.57 -30.17 -6.35
C VAL E 283 64.06 -29.84 -6.34
N GLN E 284 64.52 -29.05 -5.36
CA GLN E 284 65.93 -28.69 -5.35
C GLN E 284 66.84 -29.90 -5.14
N ARG E 285 66.34 -30.97 -4.53
CA ARG E 285 67.08 -32.22 -4.45
C ARG E 285 67.02 -32.94 -5.80
N THR E 286 68.02 -33.78 -6.06
CA THR E 286 68.05 -34.54 -7.29
C THR E 286 67.66 -36.00 -7.04
N GLU E 287 67.63 -36.78 -8.12
CA GLU E 287 67.25 -38.18 -8.02
C GLU E 287 68.24 -38.97 -7.18
N VAL E 288 69.53 -38.73 -7.37
CA VAL E 288 70.53 -39.48 -6.61
C VAL E 288 70.48 -39.09 -5.13
N GLU E 289 70.24 -37.81 -4.83
CA GLU E 289 70.14 -37.41 -3.43
C GLU E 289 68.97 -38.09 -2.74
N LEU E 290 67.85 -38.28 -3.45
CA LEU E 290 66.72 -38.97 -2.86
C LEU E 290 66.97 -40.47 -2.76
N LEU E 291 67.58 -41.06 -3.79
CA LEU E 291 67.83 -42.50 -3.76
C LEU E 291 68.78 -42.89 -2.65
N LYS E 292 69.51 -41.92 -2.08
CA LYS E 292 70.36 -42.17 -0.93
C LYS E 292 69.61 -42.16 0.38
N THR E 293 68.37 -41.69 0.38
CA THR E 293 67.57 -41.74 1.60
C THR E 293 67.32 -43.18 2.00
N PRO E 294 67.51 -43.54 3.28
CA PRO E 294 67.18 -44.89 3.72
C PRO E 294 65.71 -45.19 3.48
N ASN E 295 65.44 -46.42 3.05
CA ASN E 295 64.10 -46.93 2.75
C ASN E 295 63.44 -46.24 1.57
N LEU E 296 64.14 -45.37 0.85
CA LEU E 296 63.64 -44.79 -0.39
C LEU E 296 64.26 -45.55 -1.55
N GLY E 297 63.49 -46.45 -2.15
CA GLY E 297 63.95 -47.28 -3.24
C GLY E 297 63.66 -46.69 -4.60
N LYS E 298 63.88 -47.51 -5.62
CA LYS E 298 63.74 -47.05 -7.00
C LYS E 298 62.27 -46.87 -7.38
N LYS E 299 61.43 -47.84 -7.03
CA LYS E 299 60.03 -47.75 -7.42
C LYS E 299 59.28 -46.67 -6.64
N SER E 300 59.64 -46.48 -5.37
CA SER E 300 59.11 -45.34 -4.65
C SER E 300 59.46 -44.05 -5.37
N LEU E 301 60.72 -43.92 -5.78
CA LEU E 301 61.15 -42.69 -6.46
C LEU E 301 60.42 -42.51 -7.78
N THR E 302 60.18 -43.61 -8.50
CA THR E 302 59.51 -43.47 -9.79
C THR E 302 58.05 -43.08 -9.60
N GLU E 303 57.41 -43.54 -8.52
CA GLU E 303 56.04 -43.09 -8.31
C GLU E 303 55.99 -41.65 -7.81
N ILE E 304 56.97 -41.21 -7.03
CA ILE E 304 57.09 -39.77 -6.76
C ILE E 304 57.19 -39.01 -8.06
N LYS E 305 58.04 -39.49 -8.97
CA LYS E 305 58.24 -38.78 -10.23
C LYS E 305 56.94 -38.71 -11.01
N ASP E 306 56.21 -39.82 -11.10
CA ASP E 306 54.96 -39.82 -11.84
C ASP E 306 53.96 -38.82 -11.23
N VAL E 307 53.75 -38.89 -9.92
CA VAL E 307 52.74 -38.04 -9.30
C VAL E 307 53.14 -36.57 -9.41
N LEU E 308 54.41 -36.25 -9.16
CA LEU E 308 54.84 -34.87 -9.26
C LEU E 308 54.77 -34.37 -10.69
N ALA E 309 55.02 -35.24 -11.66
CA ALA E 309 54.88 -34.85 -13.05
C ALA E 309 53.43 -34.70 -13.47
N SER E 310 52.51 -35.29 -12.71
CA SER E 310 51.09 -35.03 -12.97
C SER E 310 50.77 -33.55 -12.84
N ARG E 311 51.40 -32.87 -11.88
CA ARG E 311 51.14 -31.47 -11.60
C ARG E 311 52.07 -30.52 -12.33
N GLY E 312 52.52 -30.89 -13.52
CA GLY E 312 53.34 -30.00 -14.34
C GLY E 312 54.71 -29.69 -13.78
N LEU E 313 55.18 -30.47 -12.82
CA LEU E 313 56.43 -30.21 -12.12
C LEU E 313 57.40 -31.34 -12.41
N SER E 314 58.69 -31.11 -12.13
CA SER E 314 59.71 -32.13 -12.35
C SER E 314 60.78 -31.96 -11.30
N LEU E 315 61.71 -32.89 -11.28
CA LEU E 315 62.81 -32.86 -10.33
C LEU E 315 63.98 -32.04 -10.88
N GLY E 316 64.71 -31.39 -9.98
CA GLY E 316 66.03 -30.87 -10.31
C GLY E 316 66.12 -29.41 -10.69
N MET E 317 65.03 -28.68 -10.77
CA MET E 317 65.13 -27.25 -11.02
C MET E 317 65.80 -26.56 -9.85
N ARG E 318 66.45 -25.44 -10.15
CA ARG E 318 67.14 -24.61 -9.16
C ARG E 318 66.26 -23.40 -8.85
N LEU E 319 65.81 -23.29 -7.61
CA LEU E 319 64.93 -22.22 -7.19
C LEU E 319 65.74 -21.20 -6.38
N GLU E 320 65.82 -19.98 -6.89
CA GLU E 320 66.67 -18.96 -6.31
C GLU E 320 66.06 -18.43 -5.01
N ASN E 321 66.88 -18.33 -3.97
CA ASN E 321 66.50 -17.72 -2.70
C ASN E 321 65.35 -18.46 -2.03
N TRP E 322 65.20 -19.74 -2.31
CA TRP E 322 64.22 -20.55 -1.61
C TRP E 322 64.62 -20.73 -0.15
N PRO E 323 63.75 -20.38 0.81
CA PRO E 323 62.45 -19.75 0.64
C PRO E 323 62.45 -18.31 1.16
N TYR F 3 6.35 46.86 23.45
CA TYR F 3 7.03 45.70 22.90
C TYR F 3 7.68 44.88 24.00
N SER F 4 7.43 43.57 23.98
CA SER F 4 8.07 42.68 24.93
C SER F 4 9.54 42.48 24.57
N TYR F 5 10.29 41.90 25.51
CA TYR F 5 11.72 41.69 25.29
C TYR F 5 11.97 40.78 24.10
N THR F 6 11.18 39.72 23.96
CA THR F 6 11.35 38.82 22.83
C THR F 6 11.06 39.50 21.50
N GLU F 7 10.03 40.35 21.46
CA GLU F 7 9.70 41.06 20.24
C GLU F 7 10.66 42.21 19.97
N LYS F 8 11.17 42.85 21.02
CA LYS F 8 12.09 43.95 20.86
C LYS F 8 13.42 43.50 20.25
N LYS F 9 13.77 42.23 20.42
CA LYS F 9 15.02 41.72 19.86
C LYS F 9 14.99 41.72 18.34
N ARG F 10 13.82 41.56 17.74
CA ARG F 10 13.68 41.56 16.28
C ARG F 10 12.27 42.02 15.96
N ILE F 11 12.11 43.31 15.67
CA ILE F 11 10.80 43.87 15.36
C ILE F 11 10.51 43.67 13.88
N ARG F 12 9.42 42.99 13.59
CA ARG F 12 9.01 42.72 12.21
C ARG F 12 8.23 43.92 11.68
N LYS F 13 8.60 44.37 10.48
CA LYS F 13 7.92 45.51 9.88
C LYS F 13 6.53 45.10 9.43
N ASP F 14 5.53 45.87 9.83
CA ASP F 14 4.14 45.59 9.53
C ASP F 14 3.68 46.48 8.39
N PHE F 15 3.19 45.86 7.32
CA PHE F 15 2.64 46.57 6.18
C PHE F 15 1.13 46.72 6.26
N GLY F 16 0.51 46.20 7.32
CA GLY F 16 -0.92 46.36 7.48
C GLY F 16 -1.31 47.80 7.74
N THR F 17 -2.56 48.11 7.41
CA THR F 17 -3.06 49.47 7.50
C THR F 17 -4.32 49.59 8.35
N ARG F 18 -4.91 48.49 8.79
CA ARG F 18 -6.16 48.51 9.53
C ARG F 18 -5.91 48.11 10.97
N PRO F 19 -6.16 48.98 11.94
CA PRO F 19 -5.88 48.64 13.33
C PRO F 19 -6.62 47.37 13.77
N GLN F 20 -5.93 46.54 14.55
CA GLN F 20 -6.50 45.30 15.03
C GLN F 20 -7.12 45.56 16.40
N VAL F 21 -8.45 45.36 16.48
CA VAL F 21 -9.17 45.74 17.69
C VAL F 21 -9.36 44.58 18.65
N LEU F 22 -9.20 43.35 18.19
CA LEU F 22 -9.34 42.17 19.04
C LEU F 22 -8.19 41.23 18.75
N ASP F 23 -7.35 41.00 19.76
CA ASP F 23 -6.25 40.06 19.60
C ASP F 23 -6.80 38.65 19.38
N ILE F 24 -6.06 37.88 18.59
CA ILE F 24 -6.54 36.53 18.25
C ILE F 24 -6.66 35.71 19.53
N PRO F 25 -7.68 34.89 19.69
CA PRO F 25 -7.81 34.12 20.94
C PRO F 25 -6.85 32.96 20.98
N TYR F 26 -6.76 32.34 22.15
CA TYR F 26 -5.88 31.19 22.34
C TYR F 26 -6.34 30.06 21.43
N LEU F 27 -5.39 29.50 20.68
CA LEU F 27 -5.74 28.63 19.57
C LEU F 27 -6.24 27.26 20.01
N LEU F 28 -5.91 26.82 21.22
CA LEU F 28 -6.31 25.50 21.69
C LEU F 28 -7.43 25.57 22.72
N SER F 29 -8.28 26.60 22.65
CA SER F 29 -9.38 26.73 23.59
C SER F 29 -10.43 25.65 23.36
N ILE F 30 -10.63 25.23 22.11
CA ILE F 30 -11.68 24.28 21.77
C ILE F 30 -11.49 22.95 22.48
N GLN F 31 -10.26 22.60 22.86
CA GLN F 31 -10.00 21.36 23.56
C GLN F 31 -10.03 21.55 25.08
N LEU F 32 -9.30 22.56 25.57
CA LEU F 32 -9.16 22.75 27.00
C LEU F 32 -10.49 23.15 27.64
N ASP F 33 -11.26 24.02 26.99
CA ASP F 33 -12.56 24.41 27.54
C ASP F 33 -13.49 23.21 27.64
N SER F 34 -13.53 22.37 26.60
CA SER F 34 -14.39 21.20 26.61
C SER F 34 -13.99 20.23 27.72
N PHE F 35 -12.69 19.97 27.88
CA PHE F 35 -12.29 19.04 28.92
C PHE F 35 -12.50 19.62 30.31
N GLU F 36 -12.33 20.93 30.47
CA GLU F 36 -12.64 21.55 31.76
C GLU F 36 -14.12 21.41 32.09
N LYS F 37 -14.98 21.54 31.09
CA LYS F 37 -16.39 21.28 31.30
C LYS F 37 -16.63 19.83 31.71
N PHE F 38 -15.89 18.90 31.09
CA PHE F 38 -16.08 17.49 31.42
C PHE F 38 -15.66 17.17 32.85
N ILE F 39 -14.54 17.73 33.31
CA ILE F 39 -13.87 17.26 34.53
C ILE F 39 -14.24 18.11 35.74
N GLU F 40 -14.35 19.43 35.58
CA GLU F 40 -14.57 20.30 36.72
C GLU F 40 -15.92 20.02 37.37
N GLN F 41 -15.98 20.24 38.69
CA GLN F 41 -17.20 19.97 39.43
C GLN F 41 -18.27 20.98 39.07
N ASP F 42 -19.45 20.48 38.73
CA ASP F 42 -20.57 21.32 38.31
C ASP F 42 -21.64 21.25 39.39
N PRO F 43 -21.77 22.27 40.25
CA PRO F 43 -22.74 22.18 41.35
C PRO F 43 -24.19 22.28 40.89
N GLU F 44 -24.43 22.62 39.62
CA GLU F 44 -25.78 22.66 39.10
C GLU F 44 -26.13 21.42 38.29
N GLY F 45 -25.13 20.62 37.91
CA GLY F 45 -25.37 19.34 37.27
C GLY F 45 -25.98 19.37 35.89
N GLN F 46 -25.37 20.11 34.95
CA GLN F 46 -25.73 19.97 33.55
C GLN F 46 -24.60 19.47 32.68
N TYR F 47 -23.37 19.37 33.20
CA TYR F 47 -22.22 19.07 32.38
C TYR F 47 -21.34 18.02 33.03
N GLY F 48 -20.89 17.05 32.25
CA GLY F 48 -19.77 16.22 32.63
C GLY F 48 -20.12 15.02 33.50
N LEU F 49 -19.17 14.66 34.36
CA LEU F 49 -19.31 13.48 35.20
C LEU F 49 -20.49 13.62 36.16
N GLU F 50 -20.69 14.83 36.70
CA GLU F 50 -21.86 15.06 37.54
C GLU F 50 -23.15 14.84 36.78
N ALA F 51 -23.22 15.32 35.55
CA ALA F 51 -24.42 15.13 34.74
C ALA F 51 -24.67 13.65 34.47
N ALA F 52 -23.62 12.90 34.13
CA ALA F 52 -23.79 11.47 33.90
C ALA F 52 -24.24 10.74 35.16
N PHE F 53 -23.61 11.06 36.29
CA PHE F 53 -23.93 10.41 37.55
C PHE F 53 -25.38 10.67 37.94
N ARG F 54 -25.84 11.91 37.80
CA ARG F 54 -27.24 12.22 38.09
C ARG F 54 -28.18 11.62 37.05
N SER F 55 -27.70 11.37 35.84
CA SER F 55 -28.55 10.77 34.82
C SER F 55 -28.75 9.27 35.05
N VAL F 56 -27.77 8.60 35.63
CA VAL F 56 -27.91 7.16 35.90
C VAL F 56 -28.43 6.91 37.32
N PHE F 57 -27.80 7.52 38.32
CA PHE F 57 -28.21 7.36 39.70
C PHE F 57 -29.41 8.25 40.01
N PRO F 58 -30.21 7.92 41.04
CA PRO F 58 -30.09 6.80 41.99
C PRO F 58 -30.56 5.47 41.38
N ILE F 59 -29.99 4.36 41.82
CA ILE F 59 -30.29 3.05 41.25
C ILE F 59 -31.34 2.41 42.15
N GLN F 60 -32.53 2.18 41.60
CA GLN F 60 -33.66 1.67 42.37
C GLN F 60 -33.88 0.20 42.05
N SER F 61 -33.97 -0.62 43.10
CA SER F 61 -34.29 -2.02 42.93
C SER F 61 -35.74 -2.17 42.47
N TYR F 62 -35.99 -3.25 41.72
CA TYR F 62 -37.34 -3.46 41.16
C TYR F 62 -38.37 -3.65 42.27
N ASN F 63 -38.01 -4.42 43.30
CA ASN F 63 -38.94 -4.63 44.40
C ASN F 63 -39.14 -3.35 45.21
N GLY F 64 -38.06 -2.62 45.48
CA GLY F 64 -38.10 -1.47 46.35
C GLY F 64 -37.40 -1.65 47.68
N ASN F 65 -36.63 -2.74 47.84
CA ASN F 65 -35.99 -3.02 49.11
C ASN F 65 -34.95 -1.97 49.48
N SER F 66 -34.14 -1.56 48.51
CA SER F 66 -33.00 -0.68 48.78
C SER F 66 -32.61 0.04 47.50
N GLU F 67 -31.77 1.05 47.66
CA GLU F 67 -31.26 1.78 46.50
C GLU F 67 -29.88 2.34 46.77
N LEU F 68 -29.13 2.54 45.69
CA LEU F 68 -27.79 3.10 45.73
C LEU F 68 -27.84 4.53 45.20
N GLN F 69 -27.29 5.46 45.97
CA GLN F 69 -27.36 6.89 45.67
C GLN F 69 -25.96 7.48 45.55
N TYR F 70 -25.83 8.48 44.68
CA TYR F 70 -24.58 9.16 44.44
C TYR F 70 -24.48 10.40 45.32
N VAL F 71 -23.29 10.68 45.85
CA VAL F 71 -23.05 11.83 46.70
C VAL F 71 -22.09 12.82 46.06
N SER F 72 -20.85 12.39 45.81
CA SER F 72 -19.82 13.27 45.26
C SER F 72 -18.76 12.43 44.61
N TYR F 73 -17.93 13.07 43.78
CA TYR F 73 -16.82 12.41 43.11
C TYR F 73 -15.57 13.27 43.22
N ARG F 74 -14.41 12.63 43.13
CA ARG F 74 -13.14 13.33 43.14
C ARG F 74 -12.14 12.54 42.32
N LEU F 75 -11.11 13.24 41.86
CA LEU F 75 -10.04 12.65 41.07
C LEU F 75 -8.78 12.54 41.92
N GLY F 76 -8.19 11.35 41.95
CA GLY F 76 -7.00 11.12 42.75
C GLY F 76 -5.76 11.70 42.11
N GLU F 77 -4.62 11.41 42.74
CA GLU F 77 -3.40 11.92 42.14
C GLU F 77 -2.82 10.89 41.18
N PRO F 78 -2.29 11.33 40.03
CA PRO F 78 -1.74 10.38 39.06
C PRO F 78 -0.54 9.65 39.63
N VAL F 79 -0.41 8.38 39.28
CA VAL F 79 0.77 7.61 39.68
C VAL F 79 2.01 8.16 38.98
N PHE F 80 1.85 8.61 37.74
CA PHE F 80 2.95 9.12 36.93
C PHE F 80 2.56 10.45 36.32
N ASP F 81 3.56 11.27 36.01
CA ASP F 81 3.34 12.48 35.25
C ASP F 81 3.52 12.19 33.76
N VAL F 82 3.43 13.24 32.94
CA VAL F 82 3.35 13.06 31.50
C VAL F 82 4.62 12.40 30.95
N LYS F 83 5.79 12.85 31.41
CA LYS F 83 7.04 12.40 30.82
C LYS F 83 7.25 10.91 31.04
N GLU F 84 7.15 10.44 32.29
CA GLU F 84 7.38 9.02 32.51
C GLU F 84 6.21 8.18 32.00
N CYS F 85 5.00 8.75 31.90
CA CYS F 85 3.95 8.04 31.19
C CYS F 85 4.34 7.78 29.75
N GLN F 86 4.99 8.75 29.12
CA GLN F 86 5.49 8.53 27.76
C GLN F 86 6.61 7.50 27.73
N ILE F 87 7.50 7.55 28.73
CA ILE F 87 8.65 6.63 28.72
C ILE F 87 8.20 5.18 28.91
N ARG F 88 7.38 4.90 29.92
CA ARG F 88 7.00 3.53 30.19
C ARG F 88 6.00 3.00 29.16
N GLY F 89 5.10 3.86 28.70
CA GLY F 89 4.09 3.43 27.76
C GLY F 89 2.75 3.16 28.41
N VAL F 90 2.37 4.03 29.34
CA VAL F 90 1.11 3.90 30.07
C VAL F 90 0.31 5.17 29.91
N THR F 91 -1.01 5.03 30.09
CA THR F 91 -1.91 6.16 29.91
C THR F 91 -1.78 7.14 31.06
N TYR F 92 -1.66 8.42 30.73
CA TYR F 92 -1.67 9.48 31.73
C TYR F 92 -3.12 9.70 32.17
N SER F 93 -3.40 9.42 33.43
CA SER F 93 -4.78 9.39 33.89
C SER F 93 -4.84 9.67 35.38
N LYS F 94 -6.06 9.80 35.89
CA LYS F 94 -6.34 9.97 37.31
C LYS F 94 -7.41 8.98 37.75
N PRO F 95 -7.33 8.51 38.99
CA PRO F 95 -8.37 7.61 39.50
C PRO F 95 -9.68 8.36 39.75
N LEU F 96 -10.79 7.68 39.50
CA LEU F 96 -12.11 8.21 39.76
C LEU F 96 -12.65 7.58 41.04
N ARG F 97 -12.95 8.41 42.03
N ARG F 97 -12.90 8.41 42.06
CA ARG F 97 -13.41 7.96 43.34
CA ARG F 97 -13.42 7.97 43.35
C ARG F 97 -14.74 8.65 43.64
C ARG F 97 -14.76 8.66 43.58
N VAL F 98 -15.80 7.87 43.76
CA VAL F 98 -17.16 8.39 43.92
C VAL F 98 -17.72 7.92 45.26
N LYS F 99 -18.31 8.84 46.00
CA LYS F 99 -18.99 8.51 47.25
C LYS F 99 -20.39 8.01 46.93
N LEU F 100 -20.70 6.79 47.35
CA LEU F 100 -22.03 6.23 47.19
C LEU F 100 -22.58 5.79 48.54
N ARG F 101 -23.90 5.95 48.68
CA ARG F 101 -24.62 5.50 49.87
C ARG F 101 -25.56 4.39 49.45
N LEU F 102 -25.46 3.25 50.13
CA LEU F 102 -26.45 2.19 50.01
C LEU F 102 -27.47 2.40 51.11
N VAL F 103 -28.70 2.73 50.73
CA VAL F 103 -29.78 2.92 51.69
C VAL F 103 -30.72 1.73 51.57
N ILE F 104 -30.99 1.10 52.72
CA ILE F 104 -31.84 -0.08 52.80
C ILE F 104 -33.11 0.33 53.51
N PHE F 105 -34.25 0.10 52.86
CA PHE F 105 -35.54 0.45 53.39
C PHE F 105 -36.07 -0.66 54.29
N ASP F 106 -37.15 -0.35 55.00
CA ASP F 106 -37.78 -1.31 55.91
C ASP F 106 -39.05 -1.85 55.25
N LYS F 107 -39.12 -3.17 55.14
CA LYS F 107 -40.29 -3.79 54.51
C LYS F 107 -41.53 -3.65 55.38
N ASP F 108 -41.38 -3.87 56.70
CA ASP F 108 -42.52 -3.75 57.60
C ASP F 108 -43.01 -2.31 57.66
N ALA F 109 -42.10 -1.36 57.72
CA ALA F 109 -42.47 0.05 57.73
C ALA F 109 -43.01 0.47 56.37
N PRO F 110 -43.77 1.57 56.30
CA PRO F 110 -44.25 2.05 55.00
C PRO F 110 -43.09 2.41 54.08
N ALA F 111 -43.34 2.27 52.78
CA ALA F 111 -42.31 2.53 51.78
C ALA F 111 -41.77 3.94 51.91
N GLY F 112 -40.45 4.07 51.81
CA GLY F 112 -39.78 5.34 52.04
C GLY F 112 -39.15 5.50 53.40
N THR F 113 -39.14 4.45 54.22
CA THR F 113 -38.56 4.51 55.55
C THR F 113 -37.10 4.08 55.50
N VAL F 114 -36.20 4.94 55.99
CA VAL F 114 -34.77 4.71 55.92
C VAL F 114 -34.40 3.75 57.06
N LYS F 115 -34.30 2.46 56.75
CA LYS F 115 -33.89 1.49 57.77
C LYS F 115 -32.40 1.59 58.06
N ASP F 116 -31.57 1.70 57.02
CA ASP F 116 -30.13 1.75 57.24
C ASP F 116 -29.45 2.50 56.10
N ILE F 117 -28.28 3.07 56.41
CA ILE F 117 -27.45 3.76 55.42
C ILE F 117 -26.03 3.22 55.50
N LYS F 118 -25.34 3.26 54.36
CA LYS F 118 -23.93 2.84 54.29
C LYS F 118 -23.21 3.77 53.33
N GLU F 119 -22.33 4.63 53.86
CA GLU F 119 -21.47 5.48 53.07
C GLU F 119 -20.18 4.75 52.71
N GLN F 120 -19.74 4.90 51.46
CA GLN F 120 -18.43 4.37 51.11
C GLN F 120 -17.95 4.99 49.80
N GLU F 121 -16.62 5.11 49.69
CA GLU F 121 -15.97 5.59 48.47
C GLU F 121 -15.61 4.41 47.59
N VAL F 122 -15.88 4.54 46.30
CA VAL F 122 -15.71 3.44 45.35
C VAL F 122 -14.89 3.90 44.15
N TYR F 123 -14.02 3.03 43.67
CA TYR F 123 -13.21 3.27 42.47
C TYR F 123 -14.05 2.92 41.23
N MET F 124 -14.20 3.90 40.33
CA MET F 124 -15.08 3.77 39.19
C MET F 124 -14.33 3.76 37.86
N GLY F 125 -13.03 3.49 37.89
CA GLY F 125 -12.22 3.46 36.70
C GLY F 125 -11.10 4.48 36.74
N GLU F 126 -10.46 4.67 35.58
CA GLU F 126 -9.35 5.59 35.43
C GLU F 126 -9.68 6.53 34.27
N ILE F 127 -9.67 7.83 34.52
CA ILE F 127 -10.06 8.83 33.54
C ILE F 127 -8.79 9.46 32.96
N PRO F 128 -8.57 9.37 31.65
CA PRO F 128 -7.40 10.03 31.06
C PRO F 128 -7.51 11.54 31.17
N LEU F 129 -6.36 12.19 31.26
CA LEU F 129 -6.28 13.62 31.45
C LEU F 129 -5.72 14.33 30.23
N MET F 130 -6.14 15.57 30.05
CA MET F 130 -5.57 16.42 29.01
C MET F 130 -4.28 17.06 29.51
N THR F 131 -3.26 17.02 28.67
CA THR F 131 -2.05 17.77 28.93
C THR F 131 -2.35 19.27 28.75
N GLU F 132 -1.43 20.10 29.23
CA GLU F 132 -1.63 21.55 29.13
C GLU F 132 -1.74 22.02 27.68
N ASN F 133 -1.28 21.22 26.72
CA ASN F 133 -1.32 21.58 25.31
C ASN F 133 -2.50 20.97 24.57
N GLY F 134 -3.44 20.37 25.29
CA GLY F 134 -4.63 19.84 24.64
C GLY F 134 -4.49 18.46 24.05
N THR F 135 -3.54 17.67 24.52
CA THR F 135 -3.31 16.33 24.01
C THR F 135 -3.54 15.30 25.11
N PHE F 136 -3.71 14.05 24.71
CA PHE F 136 -3.82 12.93 25.64
C PHE F 136 -2.64 12.00 25.44
N VAL F 137 -2.23 11.34 26.52
CA VAL F 137 -1.16 10.35 26.47
C VAL F 137 -1.79 9.00 26.72
N ILE F 138 -2.06 8.25 25.65
CA ILE F 138 -2.70 6.95 25.74
C ILE F 138 -1.68 5.90 25.29
N ASN F 139 -1.46 4.90 26.15
CA ASN F 139 -0.51 3.82 25.90
C ASN F 139 0.88 4.37 25.55
N GLY F 140 1.23 5.50 26.15
CA GLY F 140 2.53 6.10 25.92
C GLY F 140 2.65 6.93 24.67
N THR F 141 1.55 7.16 23.94
CA THR F 141 1.60 7.93 22.72
C THR F 141 0.68 9.15 22.82
N GLU F 142 1.12 10.26 22.23
CA GLU F 142 0.33 11.48 22.22
C GLU F 142 -0.74 11.39 21.13
N ARG F 143 -1.98 11.65 21.51
CA ARG F 143 -3.11 11.59 20.60
C ARG F 143 -3.98 12.82 20.78
N VAL F 144 -4.68 13.18 19.71
CA VAL F 144 -5.62 14.30 19.70
C VAL F 144 -6.98 13.76 19.30
N ILE F 145 -8.01 14.16 20.04
CA ILE F 145 -9.37 13.78 19.73
C ILE F 145 -10.03 14.96 19.04
N VAL F 146 -10.37 14.79 17.78
CA VAL F 146 -10.87 15.87 16.94
C VAL F 146 -12.37 16.04 17.13
N SER F 147 -12.83 17.27 16.98
CA SER F 147 -14.24 17.58 17.15
C SER F 147 -15.05 17.02 15.99
N GLN F 148 -16.34 16.82 16.23
CA GLN F 148 -17.24 16.23 15.25
C GLN F 148 -18.35 17.22 14.91
N LEU F 149 -18.66 17.33 13.63
CA LEU F 149 -19.74 18.17 13.14
C LEU F 149 -20.92 17.27 12.80
N HIS F 150 -21.95 17.30 13.63
CA HIS F 150 -23.11 16.43 13.43
C HIS F 150 -24.37 17.29 13.31
N ARG F 151 -25.52 16.64 13.26
CA ARG F 151 -26.80 17.36 13.17
C ARG F 151 -27.37 17.57 14.55
N SER F 152 -27.80 18.79 14.81
CA SER F 152 -28.34 19.13 16.12
C SER F 152 -29.64 18.34 16.36
N PRO F 153 -29.88 17.88 17.59
CA PRO F 153 -31.13 17.18 17.88
C PRO F 153 -32.32 18.10 17.70
N GLY F 154 -33.45 17.51 17.33
CA GLY F 154 -34.67 18.27 17.14
C GLY F 154 -35.46 17.85 15.93
N VAL F 155 -36.16 18.79 15.31
CA VAL F 155 -37.03 18.53 14.18
C VAL F 155 -36.51 19.26 12.95
N PHE F 156 -36.44 18.55 11.83
CA PHE F 156 -36.03 19.11 10.56
C PHE F 156 -37.12 18.86 9.53
N PHE F 157 -37.49 19.90 8.80
CA PHE F 157 -38.53 19.83 7.79
C PHE F 157 -37.86 19.94 6.43
N ASP F 158 -38.03 18.93 5.59
CA ASP F 158 -37.34 18.86 4.32
C ASP F 158 -38.32 18.47 3.22
N SER F 159 -37.81 18.47 1.98
CA SER F 159 -38.62 18.13 0.82
C SER F 159 -37.73 17.42 -0.19
N ASP F 160 -38.37 16.68 -1.09
CA ASP F 160 -37.67 15.95 -2.14
C ASP F 160 -37.35 16.81 -3.36
N LYS F 161 -37.79 18.06 -3.38
CA LYS F 161 -37.52 19.00 -4.47
C LYS F 161 -38.07 18.49 -5.81
N GLY F 162 -39.12 17.67 -5.76
CA GLY F 162 -39.74 17.20 -6.98
C GLY F 162 -38.86 16.36 -7.87
N LYS F 163 -38.08 15.44 -7.28
CA LYS F 163 -37.19 14.59 -8.06
C LYS F 163 -37.43 13.10 -7.76
N THR F 164 -38.60 12.74 -7.24
CA THR F 164 -38.93 11.35 -6.97
C THR F 164 -40.09 10.85 -7.81
N HIS F 165 -41.23 11.54 -7.79
CA HIS F 165 -42.40 11.13 -8.55
C HIS F 165 -42.23 11.48 -10.02
N SER F 166 -43.08 10.88 -10.86
CA SER F 166 -43.03 11.16 -12.29
C SER F 166 -43.31 12.64 -12.57
N SER F 167 -44.31 13.20 -11.92
CA SER F 167 -44.57 14.63 -12.01
C SER F 167 -43.65 15.35 -11.03
N GLY F 168 -43.82 16.66 -10.89
CA GLY F 168 -43.02 17.38 -9.92
C GLY F 168 -43.42 17.02 -8.51
N LYS F 169 -44.60 17.46 -8.09
CA LYS F 169 -45.21 17.06 -6.83
C LYS F 169 -44.21 17.06 -5.67
N VAL F 170 -43.71 18.25 -5.31
CA VAL F 170 -42.73 18.35 -4.23
C VAL F 170 -43.33 17.78 -2.96
N LEU F 171 -42.71 16.72 -2.44
CA LEU F 171 -43.23 16.00 -1.28
C LEU F 171 -42.48 16.47 -0.03
N TYR F 172 -43.23 16.75 1.03
CA TYR F 172 -42.67 17.33 2.24
C TYR F 172 -42.67 16.31 3.36
N ASN F 173 -41.60 16.32 4.16
CA ASN F 173 -41.45 15.39 5.28
C ASN F 173 -40.85 16.12 6.46
N ALA F 174 -41.07 15.54 7.63
CA ALA F 174 -40.57 16.07 8.90
C ALA F 174 -39.91 14.92 9.66
N ARG F 175 -38.77 15.21 10.27
CA ARG F 175 -37.98 14.18 10.94
C ARG F 175 -37.55 14.70 12.30
N ILE F 176 -37.88 13.96 13.36
CA ILE F 176 -37.43 14.29 14.70
C ILE F 176 -36.40 13.26 15.14
N ILE F 177 -35.27 13.76 15.64
CA ILE F 177 -34.09 13.00 16.04
C ILE F 177 -33.70 13.44 17.45
N PRO F 178 -33.60 12.52 18.41
CA PRO F 178 -33.14 12.91 19.74
C PRO F 178 -31.64 12.72 19.89
N TYR F 179 -31.08 13.17 21.02
CA TYR F 179 -29.71 12.81 21.33
C TYR F 179 -29.58 11.31 21.53
N ARG F 180 -30.53 10.71 22.22
CA ARG F 180 -30.62 9.26 22.39
C ARG F 180 -32.08 8.85 22.26
N GLY F 181 -32.34 7.84 21.45
CA GLY F 181 -33.68 7.31 21.35
C GLY F 181 -34.04 7.01 19.92
N SER F 182 -35.34 6.89 19.69
CA SER F 182 -35.89 6.52 18.39
C SER F 182 -36.17 7.76 17.54
N TRP F 183 -36.20 7.55 16.23
CA TRP F 183 -36.51 8.60 15.27
C TRP F 183 -37.98 8.56 14.91
N LEU F 184 -38.53 9.71 14.52
CA LEU F 184 -39.90 9.75 14.01
C LEU F 184 -39.94 10.55 12.71
N ASP F 185 -40.74 10.08 11.76
CA ASP F 185 -40.87 10.73 10.46
C ASP F 185 -42.34 10.91 10.12
N PHE F 186 -42.67 12.02 9.46
CA PHE F 186 -44.01 12.29 8.97
C PHE F 186 -43.87 12.76 7.52
N GLU F 187 -44.38 11.99 6.57
CA GLU F 187 -44.20 12.30 5.16
C GLU F 187 -45.53 12.62 4.48
N PHE F 188 -45.44 13.23 3.31
CA PHE F 188 -46.55 13.36 2.39
C PHE F 188 -46.33 12.46 1.18
N ASP F 189 -47.38 11.81 0.72
CA ASP F 189 -47.34 10.94 -0.45
C ASP F 189 -47.81 11.71 -1.68
N PRO F 190 -47.61 11.16 -2.88
CA PRO F 190 -48.16 11.82 -4.08
C PRO F 190 -49.67 11.84 -4.14
N LYS F 191 -50.36 11.26 -3.17
CA LYS F 191 -51.82 11.34 -3.06
C LYS F 191 -52.25 12.30 -1.95
N ASP F 192 -51.33 13.13 -1.44
CA ASP F 192 -51.65 14.17 -0.46
C ASP F 192 -52.21 13.58 0.83
N ASN F 193 -51.60 12.50 1.30
CA ASN F 193 -51.93 11.87 2.57
C ASN F 193 -50.68 11.83 3.44
N LEU F 194 -50.85 12.04 4.74
CA LEU F 194 -49.72 12.15 5.66
C LEU F 194 -49.51 10.82 6.36
N TYR F 195 -48.26 10.34 6.33
CA TYR F 195 -47.89 9.02 6.82
C TYR F 195 -46.83 9.16 7.90
N VAL F 196 -46.73 8.15 8.77
CA VAL F 196 -45.78 8.16 9.87
C VAL F 196 -44.82 6.97 9.72
N ARG F 197 -43.56 7.22 10.02
CA ARG F 197 -42.52 6.19 10.11
C ARG F 197 -41.91 6.23 11.50
N ILE F 198 -41.73 5.06 12.11
CA ILE F 198 -41.05 4.94 13.39
C ILE F 198 -39.80 4.11 13.17
N ASP F 199 -38.64 4.74 13.34
CA ASP F 199 -37.34 4.09 13.14
C ASP F 199 -37.21 3.50 11.73
N ARG F 200 -37.80 4.19 10.75
CA ARG F 200 -37.59 3.91 9.33
C ARG F 200 -38.03 2.50 8.95
N ARG F 201 -39.30 2.20 9.22
CA ARG F 201 -39.90 0.94 8.84
C ARG F 201 -41.19 1.24 8.07
N ARG F 202 -42.02 0.22 7.89
CA ARG F 202 -43.23 0.32 7.09
C ARG F 202 -44.03 1.59 7.42
N LYS F 203 -44.56 2.22 6.37
CA LYS F 203 -45.34 3.43 6.52
C LYS F 203 -46.71 3.14 7.11
N LEU F 204 -47.24 4.09 7.86
CA LEU F 204 -48.53 3.97 8.53
C LEU F 204 -49.38 5.22 8.28
N PRO F 205 -50.69 5.11 8.47
CA PRO F 205 -51.58 6.26 8.18
C PRO F 205 -51.27 7.55 8.93
N ALA F 206 -50.54 7.49 10.04
CA ALA F 206 -50.11 8.68 10.80
C ALA F 206 -51.22 9.30 11.64
N SER F 207 -52.41 8.73 11.58
CA SER F 207 -53.44 9.07 12.55
C SER F 207 -53.35 8.18 13.78
N ILE F 208 -52.49 7.17 13.74
CA ILE F 208 -52.38 6.22 14.84
C ILE F 208 -51.87 6.91 16.10
N ILE F 209 -50.88 7.80 15.96
CA ILE F 209 -50.26 8.38 17.14
C ILE F 209 -51.25 9.26 17.90
N LEU F 210 -52.03 10.06 17.17
CA LEU F 210 -53.01 10.91 17.83
C LEU F 210 -54.03 10.06 18.57
N ARG F 211 -54.36 8.95 17.94
CA ARG F 211 -55.32 8.04 18.59
C ARG F 211 -54.62 7.53 19.86
N VAL F 212 -53.35 7.16 19.76
CA VAL F 212 -52.70 6.53 20.93
C VAL F 212 -52.81 7.51 22.10
N LEU F 213 -52.68 8.78 21.81
CA LEU F 213 -52.64 9.71 22.94
C LEU F 213 -54.08 9.91 23.39
N GLY F 214 -55.02 9.36 22.66
CA GLY F 214 -56.38 9.47 23.11
C GLY F 214 -57.20 10.53 22.42
N LYS F 215 -56.98 10.74 21.12
CA LYS F 215 -57.68 11.78 20.38
C LYS F 215 -58.80 11.16 19.56
N THR F 216 -60.03 11.54 19.85
CA THR F 216 -61.17 11.12 19.05
C THR F 216 -61.12 11.79 17.69
N SER F 217 -61.78 11.17 16.71
CA SER F 217 -61.79 11.73 15.36
C SER F 217 -62.30 13.16 15.36
N ALA F 218 -63.30 13.46 16.19
CA ALA F 218 -63.80 14.83 16.32
C ALA F 218 -62.72 15.76 16.85
N GLU F 219 -61.94 15.29 17.83
CA GLU F 219 -60.85 16.12 18.36
C GLU F 219 -59.79 16.38 17.31
N ILE F 220 -59.45 15.36 16.52
CA ILE F 220 -58.47 15.52 15.44
C ILE F 220 -58.97 16.55 14.43
N LEU F 221 -60.24 16.44 14.03
CA LEU F 221 -60.79 17.38 13.06
C LEU F 221 -60.82 18.79 13.63
N ASP F 222 -61.11 18.92 14.92
CA ASP F 222 -61.11 20.23 15.55
C ASP F 222 -59.71 20.84 15.54
N ILE F 223 -58.70 20.04 15.86
CA ILE F 223 -57.33 20.55 15.94
C ILE F 223 -56.83 20.95 14.55
N PHE F 224 -57.06 20.11 13.55
CA PHE F 224 -56.42 20.28 12.25
C PHE F 224 -57.25 21.07 11.24
N PHE F 225 -58.43 21.54 11.61
CA PHE F 225 -59.24 22.33 10.67
C PHE F 225 -60.01 23.41 11.40
N GLU F 226 -60.38 24.43 10.64
CA GLU F 226 -61.33 25.44 11.09
C GLU F 226 -62.74 25.05 10.63
N LYS F 227 -63.74 25.45 11.40
CA LYS F 227 -65.11 25.04 11.18
C LYS F 227 -65.92 26.19 10.62
N VAL F 228 -66.74 25.89 9.61
CA VAL F 228 -67.73 26.80 9.08
C VAL F 228 -69.11 26.30 9.49
N ASN F 229 -69.97 27.23 9.90
CA ASN F 229 -71.23 26.91 10.56
C ASN F 229 -72.42 27.13 9.63
N PHE F 230 -73.51 26.45 9.95
CA PHE F 230 -74.77 26.56 9.23
C PHE F 230 -75.91 26.50 10.24
N GLU F 231 -76.91 27.35 10.05
CA GLU F 231 -78.07 27.37 10.91
C GLU F 231 -79.34 27.37 10.06
N VAL F 232 -80.45 27.03 10.71
CA VAL F 232 -81.77 27.13 10.07
C VAL F 232 -82.50 28.29 10.72
N LYS F 233 -82.41 29.47 10.11
CA LYS F 233 -82.99 30.69 10.65
C LYS F 233 -84.19 31.08 9.79
N ASP F 234 -85.37 31.12 10.41
CA ASP F 234 -86.61 31.50 9.73
C ASP F 234 -86.81 30.67 8.46
N GLN F 235 -86.59 29.36 8.59
CA GLN F 235 -86.74 28.41 7.49
C GLN F 235 -85.79 28.70 6.34
N THR F 236 -84.62 29.29 6.64
CA THR F 236 -83.62 29.61 5.63
C THR F 236 -82.25 29.14 6.08
N LEU F 237 -81.42 28.77 5.10
CA LEU F 237 -80.04 28.41 5.40
C LEU F 237 -79.26 29.64 5.83
N MET F 238 -78.38 29.46 6.82
CA MET F 238 -77.86 30.58 7.59
C MET F 238 -76.34 30.43 7.71
N MET F 239 -75.61 31.24 6.95
CA MET F 239 -74.14 31.23 6.93
C MET F 239 -73.56 32.18 7.97
N GLU F 240 -72.83 31.62 8.92
CA GLU F 240 -72.06 32.45 9.86
C GLU F 240 -70.86 32.99 9.10
N LEU F 241 -70.95 34.25 8.68
CA LEU F 241 -70.01 34.83 7.73
C LEU F 241 -68.78 35.37 8.46
N VAL F 242 -67.61 34.99 7.97
CA VAL F 242 -66.33 35.57 8.37
C VAL F 242 -65.84 36.44 7.23
N PRO F 243 -65.61 37.74 7.44
CA PRO F 243 -65.32 38.63 6.31
C PRO F 243 -64.13 38.21 5.47
N GLU F 244 -63.09 37.66 6.09
CA GLU F 244 -61.85 37.37 5.36
C GLU F 244 -62.02 36.23 4.37
N ARG F 245 -63.04 35.39 4.54
CA ARG F 245 -63.18 34.21 3.69
C ARG F 245 -63.65 34.56 2.28
N LEU F 246 -64.63 35.46 2.17
CA LEU F 246 -65.23 35.75 0.87
C LEU F 246 -64.24 36.45 -0.07
N ARG F 247 -63.46 37.39 0.46
CA ARG F 247 -62.52 38.15 -0.37
C ARG F 247 -61.42 37.24 -0.91
N THR F 252 -70.10 32.11 -7.49
CA THR F 252 -70.71 31.00 -8.23
C THR F 252 -72.17 30.83 -7.83
N PHE F 253 -72.69 31.79 -7.07
CA PHE F 253 -74.07 31.73 -6.59
C PHE F 253 -74.51 33.13 -6.20
N ASP F 254 -75.79 33.26 -5.92
CA ASP F 254 -76.37 34.54 -5.52
C ASP F 254 -76.23 34.74 -4.02
N ILE F 255 -75.79 35.92 -3.62
CA ILE F 255 -75.47 36.21 -2.22
C ILE F 255 -76.65 36.93 -1.57
N GLU F 256 -76.91 36.59 -0.30
CA GLU F 256 -78.02 37.15 0.48
C GLU F 256 -77.63 38.54 0.99
N ALA F 257 -78.37 39.04 1.99
CA ALA F 257 -78.25 40.42 2.47
C ALA F 257 -78.64 41.39 1.35
N ASP F 258 -79.94 41.35 1.03
CA ASP F 258 -80.48 42.07 -0.12
C ASP F 258 -80.15 43.55 -0.09
N GLY F 259 -79.96 44.13 1.10
CA GLY F 259 -79.53 45.51 1.16
C GLY F 259 -78.16 45.74 0.56
N LYS F 260 -77.28 44.75 0.66
CA LYS F 260 -75.90 44.83 0.19
C LYS F 260 -75.56 43.63 -0.70
N VAL F 261 -76.42 43.36 -1.69
CA VAL F 261 -76.22 42.23 -2.58
C VAL F 261 -74.84 42.28 -3.20
N TYR F 262 -74.09 41.18 -3.08
CA TYR F 262 -72.80 41.04 -3.71
C TYR F 262 -72.98 40.57 -5.15
N VAL F 263 -71.88 40.24 -5.82
CA VAL F 263 -71.97 39.70 -7.17
C VAL F 263 -72.63 38.32 -7.12
N GLU F 264 -73.50 38.04 -8.09
CA GLU F 264 -74.23 36.79 -8.16
C GLU F 264 -73.70 35.97 -9.32
N LYS F 265 -73.28 34.74 -9.03
CA LYS F 265 -72.73 33.78 -9.99
C LYS F 265 -71.79 34.45 -11.00
N GLY F 266 -70.99 35.39 -10.53
CA GLY F 266 -70.05 36.10 -11.40
C GLY F 266 -68.88 36.68 -10.65
N HIS F 273 -63.73 45.37 -4.11
CA HIS F 273 -64.81 44.47 -4.55
C HIS F 273 -65.57 43.93 -3.34
N ILE F 274 -65.00 42.91 -2.69
CA ILE F 274 -65.64 42.34 -1.51
C ILE F 274 -65.54 43.31 -0.34
N ARG F 275 -64.39 43.98 -0.20
CA ARG F 275 -64.14 44.81 0.99
C ARG F 275 -65.14 45.96 1.09
N GLN F 276 -65.48 46.59 -0.03
CA GLN F 276 -66.38 47.74 0.01
C GLN F 276 -67.74 47.35 0.57
N LEU F 277 -68.28 46.21 0.16
CA LEU F 277 -69.55 45.75 0.70
C LEU F 277 -69.42 45.21 2.11
N GLU F 278 -68.29 44.57 2.44
CA GLU F 278 -68.06 44.06 3.79
C GLU F 278 -67.81 45.18 4.79
N LYS F 279 -67.64 46.41 4.35
CA LYS F 279 -67.36 47.52 5.27
C LYS F 279 -68.52 47.73 6.23
N ASP F 280 -69.76 47.65 5.73
CA ASP F 280 -70.92 47.84 6.59
C ASP F 280 -71.00 46.76 7.65
N GLY F 281 -70.95 45.49 7.23
CA GLY F 281 -70.92 44.39 8.17
C GLY F 281 -72.27 43.80 8.47
N VAL F 282 -72.51 42.57 8.01
CA VAL F 282 -73.71 41.82 8.33
C VAL F 282 -73.30 40.40 8.74
N ASN F 283 -74.18 39.75 9.50
CA ASN F 283 -73.92 38.41 10.00
C ASN F 283 -74.89 37.38 9.43
N PHE F 284 -75.60 37.71 8.36
CA PHE F 284 -76.62 36.84 7.78
C PHE F 284 -76.32 36.61 6.31
N ILE F 285 -76.06 35.36 5.95
CA ILE F 285 -75.85 34.95 4.56
C ILE F 285 -76.62 33.65 4.33
N GLU F 286 -77.29 33.57 3.18
CA GLU F 286 -78.03 32.39 2.78
C GLU F 286 -77.32 31.70 1.62
N VAL F 287 -77.23 30.38 1.68
CA VAL F 287 -76.51 29.62 0.67
C VAL F 287 -77.40 28.50 0.13
N PRO F 288 -77.20 28.06 -1.11
CA PRO F 288 -78.04 26.99 -1.66
C PRO F 288 -77.76 25.65 -0.99
N VAL F 289 -78.69 24.72 -1.20
CA VAL F 289 -78.57 23.39 -0.62
C VAL F 289 -77.39 22.64 -1.23
N GLU F 290 -77.13 22.84 -2.53
CA GLU F 290 -76.04 22.14 -3.20
C GLU F 290 -74.68 22.47 -2.59
N TYR F 291 -74.53 23.65 -2.00
CA TYR F 291 -73.28 24.01 -1.34
C TYR F 291 -72.99 23.10 -0.15
N ILE F 292 -73.98 22.35 0.32
CA ILE F 292 -73.77 21.39 1.40
C ILE F 292 -73.33 20.03 0.86
N VAL F 293 -73.68 19.71 -0.39
CA VAL F 293 -73.44 18.38 -0.93
C VAL F 293 -71.95 18.05 -0.91
N GLY F 294 -71.10 19.02 -1.26
CA GLY F 294 -69.68 18.79 -1.31
C GLY F 294 -68.95 18.86 0.02
N LYS F 295 -69.59 19.37 1.07
CA LYS F 295 -68.91 19.55 2.34
C LYS F 295 -68.80 18.21 3.08
N VAL F 296 -67.97 18.20 4.12
CA VAL F 296 -67.67 17.02 4.91
C VAL F 296 -67.99 17.33 6.37
N SER F 297 -68.74 16.42 7.01
CA SER F 297 -69.18 16.66 8.37
C SER F 297 -68.01 16.78 9.33
N ALA F 298 -68.19 17.61 10.36
CA ALA F 298 -67.15 17.86 11.34
C ALA F 298 -67.44 17.28 12.72
N LYS F 299 -68.63 16.75 12.95
CA LYS F 299 -69.00 16.21 14.25
C LYS F 299 -69.78 14.93 14.07
N ASP F 300 -69.90 14.18 15.16
CA ASP F 300 -70.73 12.98 15.21
C ASP F 300 -72.07 13.37 15.85
N TYR F 301 -73.15 13.15 15.11
CA TYR F 301 -74.48 13.58 15.53
C TYR F 301 -75.32 12.35 15.87
N VAL F 302 -75.88 12.32 17.07
CA VAL F 302 -76.64 11.19 17.57
C VAL F 302 -78.08 11.62 17.79
N ASN F 303 -79.01 10.69 17.56
CA ASN F 303 -80.42 10.88 17.84
C ASN F 303 -80.81 9.97 19.00
N GLU F 304 -81.35 10.56 20.07
CA GLU F 304 -81.72 9.78 21.24
C GLU F 304 -82.85 8.81 20.93
N ALA F 305 -83.84 9.25 20.15
CA ALA F 305 -84.98 8.39 19.84
C ALA F 305 -84.55 7.18 19.00
N THR F 306 -83.77 7.42 17.94
CA THR F 306 -83.32 6.33 17.10
C THR F 306 -82.19 5.53 17.74
N GLY F 307 -81.32 6.20 18.51
CA GLY F 307 -80.20 5.53 19.13
C GLY F 307 -79.06 5.20 18.20
N GLU F 308 -79.04 5.77 17.00
CA GLU F 308 -78.00 5.50 16.01
C GLU F 308 -77.33 6.80 15.60
N LEU F 309 -76.24 6.66 14.85
CA LEU F 309 -75.46 7.80 14.36
C LEU F 309 -76.00 8.19 12.99
N ILE F 310 -76.66 9.34 12.92
CA ILE F 310 -77.25 9.78 11.65
C ILE F 310 -76.13 10.11 10.66
N ILE F 311 -75.15 10.90 11.10
CA ILE F 311 -74.01 11.27 10.27
C ILE F 311 -72.75 11.11 11.13
N THR F 312 -71.69 10.61 10.51
CA THR F 312 -70.42 10.42 11.19
C THR F 312 -69.49 11.60 10.92
N ALA F 313 -68.52 11.77 11.81
CA ALA F 313 -67.49 12.77 11.57
C ALA F 313 -66.65 12.37 10.37
N ASN F 314 -66.14 13.37 9.65
CA ASN F 314 -65.37 13.17 8.43
C ASN F 314 -66.17 12.37 7.40
N GLN F 315 -67.44 12.74 7.24
CA GLN F 315 -68.31 12.13 6.25
C GLN F 315 -68.94 13.22 5.39
N GLU F 316 -69.03 12.96 4.09
CA GLU F 316 -69.63 13.92 3.17
C GLU F 316 -71.14 13.97 3.36
N ILE F 317 -71.68 15.17 3.50
CA ILE F 317 -73.12 15.34 3.70
C ILE F 317 -73.84 15.14 2.38
N SER F 318 -74.96 14.43 2.42
CA SER F 318 -75.79 14.17 1.26
C SER F 318 -77.19 14.74 1.50
N LEU F 319 -78.00 14.72 0.43
CA LEU F 319 -79.36 15.22 0.54
C LEU F 319 -80.18 14.38 1.51
N GLU F 320 -80.02 13.05 1.45
CA GLU F 320 -80.74 12.18 2.38
C GLU F 320 -80.32 12.45 3.82
N ALA F 321 -79.03 12.69 4.04
CA ALA F 321 -78.57 13.07 5.37
C ALA F 321 -79.18 14.40 5.80
N LEU F 322 -79.27 15.37 4.88
CA LEU F 322 -79.89 16.64 5.21
C LEU F 322 -81.33 16.44 5.65
N ALA F 323 -82.08 15.61 4.92
CA ALA F 323 -83.45 15.30 5.32
C ALA F 323 -83.49 14.61 6.67
N ASN F 324 -82.54 13.70 6.92
CA ASN F 324 -82.53 12.96 8.18
C ASN F 324 -82.32 13.89 9.37
N LEU F 325 -81.34 14.79 9.28
CA LEU F 325 -81.17 15.77 10.35
C LEU F 325 -82.31 16.79 10.39
N SER F 326 -82.98 17.03 9.27
CA SER F 326 -84.15 17.89 9.29
C SER F 326 -85.27 17.28 10.12
N GLN F 327 -85.55 15.99 9.93
CA GLN F 327 -86.53 15.31 10.77
C GLN F 327 -86.03 15.16 12.21
N ALA F 328 -84.72 15.00 12.40
CA ALA F 328 -84.17 14.86 13.73
C ALA F 328 -84.25 16.15 14.55
N GLY F 329 -84.54 17.28 13.91
CA GLY F 329 -84.68 18.53 14.63
C GLY F 329 -83.41 19.34 14.78
N TYR F 330 -82.26 18.79 14.38
CA TYR F 330 -81.01 19.54 14.47
C TYR F 330 -81.02 20.67 13.45
N LYS F 331 -80.67 21.88 13.91
CA LYS F 331 -80.69 23.06 13.05
C LYS F 331 -79.32 23.63 12.75
N LYS F 332 -78.30 23.27 13.53
CA LYS F 332 -76.95 23.79 13.34
C LYS F 332 -76.02 22.67 12.89
N LEU F 333 -75.32 22.90 11.78
CA LEU F 333 -74.38 21.93 11.23
C LEU F 333 -73.07 22.65 10.95
N GLU F 334 -71.98 22.12 11.51
CA GLU F 334 -70.65 22.68 11.27
C GLU F 334 -69.82 21.69 10.47
N VAL F 335 -69.13 22.18 9.47
CA VAL F 335 -68.31 21.34 8.60
C VAL F 335 -66.91 21.94 8.50
N LEU F 336 -66.02 21.19 7.86
CA LEU F 336 -64.61 21.54 7.80
C LEU F 336 -64.34 22.57 6.71
N PHE F 337 -63.31 23.38 6.93
CA PHE F 337 -62.78 24.25 5.89
C PHE F 337 -61.90 23.44 4.94
N THR F 338 -62.03 23.72 3.64
CA THR F 338 -61.26 23.02 2.63
C THR F 338 -61.10 23.90 1.41
N ASN F 339 -59.86 24.13 0.99
CA ASN F 339 -59.57 24.88 -0.21
C ASN F 339 -58.59 24.11 -1.08
N ASP F 340 -58.07 24.76 -2.12
CA ASP F 340 -56.99 24.20 -2.91
C ASP F 340 -55.69 24.98 -2.77
N LEU F 341 -55.71 26.16 -2.13
CA LEU F 341 -54.53 27.01 -2.05
C LEU F 341 -54.04 27.17 -0.61
N ASP F 342 -54.88 27.63 0.31
CA ASP F 342 -54.43 27.96 1.66
C ASP F 342 -54.69 26.86 2.67
N HIS F 343 -55.81 26.15 2.57
CA HIS F 343 -56.14 25.09 3.50
C HIS F 343 -56.41 23.80 2.73
N GLY F 344 -56.16 22.68 3.38
CA GLY F 344 -56.25 21.40 2.73
C GLY F 344 -56.96 20.34 3.54
N PRO F 345 -57.54 19.37 2.86
CA PRO F 345 -58.23 18.28 3.55
C PRO F 345 -57.31 17.13 3.90
N PHE F 346 -55.99 17.39 3.89
CA PHE F 346 -54.99 16.33 3.99
C PHE F 346 -55.26 15.41 5.18
N MET F 347 -55.54 15.99 6.35
CA MET F 347 -55.75 15.17 7.54
C MET F 347 -57.04 14.37 7.44
N SER F 348 -58.07 14.92 6.80
CA SER F 348 -59.32 14.18 6.63
C SER F 348 -59.12 12.97 5.71
N GLU F 349 -58.48 13.18 4.56
CA GLU F 349 -58.18 12.05 3.68
C GLU F 349 -57.27 11.05 4.37
N THR F 350 -56.38 11.54 5.23
CA THR F 350 -55.57 10.66 6.07
C THR F 350 -56.44 9.81 6.97
N LEU F 351 -57.46 10.41 7.58
CA LEU F 351 -58.37 9.67 8.45
C LEU F 351 -59.15 8.64 7.66
N ARG F 352 -59.51 8.96 6.40
CA ARG F 352 -60.28 8.02 5.59
C ARG F 352 -59.52 6.72 5.36
N VAL F 353 -58.22 6.81 5.05
CA VAL F 353 -57.42 5.62 4.80
C VAL F 353 -56.98 4.93 6.07
N ASP F 354 -57.37 5.44 7.24
CA ASP F 354 -57.00 4.85 8.52
C ASP F 354 -58.02 3.80 8.92
N SER F 355 -57.55 2.58 9.18
CA SER F 355 -58.42 1.48 9.59
C SER F 355 -58.64 1.41 11.09
N THR F 356 -57.81 2.08 11.88
CA THR F 356 -57.96 2.07 13.32
C THR F 356 -59.12 2.96 13.74
N THR F 357 -59.86 2.53 14.76
CA THR F 357 -60.98 3.29 15.28
C THR F 357 -60.93 3.51 16.78
N ASP F 358 -59.87 3.08 17.46
CA ASP F 358 -59.78 3.22 18.91
C ASP F 358 -58.32 3.23 19.30
N ARG F 359 -58.07 3.52 20.58
CA ARG F 359 -56.70 3.56 21.07
C ARG F 359 -56.07 2.17 21.07
N ILE F 360 -56.83 1.15 21.47
CA ILE F 360 -56.28 -0.20 21.56
C ILE F 360 -55.85 -0.69 20.19
N SER F 361 -56.68 -0.44 19.17
CA SER F 361 -56.29 -0.81 17.81
C SER F 361 -55.05 -0.04 17.36
N ALA F 362 -54.93 1.20 17.80
CA ALA F 362 -53.75 2.00 17.47
C ALA F 362 -52.49 1.38 18.04
N LEU F 363 -52.52 1.00 19.32
CA LEU F 363 -51.35 0.36 19.92
C LEU F 363 -51.09 -0.99 19.27
N VAL F 364 -52.15 -1.70 18.88
CA VAL F 364 -51.96 -3.00 18.22
C VAL F 364 -51.21 -2.84 16.91
N GLU F 365 -51.64 -1.87 16.09
CA GLU F 365 -50.98 -1.66 14.80
C GLU F 365 -49.55 -1.17 14.98
N ILE F 366 -49.32 -0.29 15.96
CA ILE F 366 -47.97 0.18 16.23
C ILE F 366 -47.08 -0.98 16.65
N TYR F 367 -47.60 -1.90 17.47
CA TYR F 367 -46.83 -3.07 17.86
C TYR F 367 -46.54 -3.96 16.66
N ARG F 368 -47.53 -4.19 15.79
CA ARG F 368 -47.29 -5.04 14.63
C ARG F 368 -46.21 -4.47 13.73
N MET F 369 -46.24 -3.16 13.48
CA MET F 369 -45.16 -2.59 12.67
C MET F 369 -43.84 -2.57 13.42
N MET F 370 -43.87 -2.45 14.74
CA MET F 370 -42.65 -2.49 15.55
C MET F 370 -42.05 -3.89 15.56
N ARG F 371 -42.84 -4.89 15.95
CA ARG F 371 -42.35 -6.25 16.16
C ARG F 371 -43.24 -7.21 15.38
N PRO F 372 -43.03 -7.34 14.07
CA PRO F 372 -43.86 -8.25 13.28
C PRO F 372 -43.61 -9.70 13.65
N GLY F 373 -44.67 -10.50 13.59
CA GLY F 373 -44.57 -11.89 13.98
C GLY F 373 -44.55 -12.13 15.47
N GLU F 374 -45.15 -11.24 16.25
CA GLU F 374 -45.24 -11.40 17.69
C GLU F 374 -46.68 -11.19 18.15
N PRO F 375 -47.19 -12.04 19.04
CA PRO F 375 -48.57 -11.89 19.51
C PRO F 375 -48.74 -10.59 20.28
N PRO F 376 -49.62 -9.70 19.83
CA PRO F 376 -49.76 -8.39 20.49
C PRO F 376 -50.69 -8.49 21.68
N THR F 377 -50.21 -7.99 22.82
CA THR F 377 -51.02 -7.87 24.03
C THR F 377 -51.11 -6.40 24.41
N LYS F 378 -52.15 -6.05 25.16
CA LYS F 378 -52.41 -4.66 25.48
C LYS F 378 -51.29 -4.07 26.34
N GLU F 379 -50.86 -4.81 27.36
CA GLU F 379 -49.83 -4.30 28.26
C GLU F 379 -48.50 -4.12 27.54
N ALA F 380 -48.12 -5.09 26.69
CA ALA F 380 -46.88 -4.97 25.95
C ALA F 380 -46.92 -3.80 24.97
N ALA F 381 -48.06 -3.60 24.30
CA ALA F 381 -48.18 -2.47 23.39
C ALA F 381 -48.09 -1.14 24.15
N GLU F 382 -48.74 -1.05 25.31
CA GLU F 382 -48.66 0.16 26.10
C GLU F 382 -47.22 0.44 26.55
N SER F 383 -46.52 -0.60 27.01
CA SER F 383 -45.14 -0.43 27.43
C SER F 383 -44.26 0.00 26.26
N LEU F 384 -44.47 -0.60 25.08
CA LEU F 384 -43.68 -0.24 23.91
C LEU F 384 -43.90 1.23 23.55
N PHE F 385 -45.14 1.70 23.58
CA PHE F 385 -45.34 3.09 23.11
C PHE F 385 -44.83 4.05 24.18
N GLU F 386 -45.01 3.69 25.45
CA GLU F 386 -44.48 4.58 26.48
C GLU F 386 -42.96 4.66 26.39
N SER F 387 -42.29 3.53 26.14
CA SER F 387 -40.84 3.53 26.08
C SER F 387 -40.29 4.15 24.81
N LEU F 388 -41.08 4.19 23.74
CA LEU F 388 -40.57 4.74 22.48
C LEU F 388 -40.21 6.22 22.63
N PHE F 389 -41.14 7.03 23.13
CA PHE F 389 -40.93 8.47 23.17
C PHE F 389 -41.18 9.12 24.54
N PHE F 390 -41.99 8.52 25.41
CA PHE F 390 -42.35 9.17 26.67
C PHE F 390 -41.67 8.55 27.87
N SER F 391 -40.54 7.88 27.67
CA SER F 391 -39.75 7.30 28.76
C SER F 391 -38.42 8.03 28.85
N ALA F 392 -38.09 8.47 30.07
CA ALA F 392 -36.83 9.20 30.26
C ALA F 392 -35.61 8.33 30.04
N GLU F 393 -35.75 7.01 30.20
CA GLU F 393 -34.60 6.13 30.09
C GLU F 393 -34.17 5.91 28.64
N ARG F 394 -35.15 5.79 27.73
CA ARG F 394 -34.85 5.47 26.34
C ARG F 394 -35.01 6.66 25.40
N TYR F 395 -35.45 7.81 25.88
CA TYR F 395 -35.56 9.00 25.05
C TYR F 395 -34.98 10.19 25.79
N ASP F 396 -34.18 10.99 25.06
CA ASP F 396 -33.63 12.20 25.65
C ASP F 396 -33.47 13.24 24.53
N LEU F 397 -34.43 14.16 24.46
CA LEU F 397 -34.26 15.38 23.67
C LEU F 397 -33.49 16.35 24.56
N SER F 398 -32.18 16.40 24.36
CA SER F 398 -31.28 17.10 25.28
C SER F 398 -31.58 18.61 25.26
N THR F 399 -30.83 19.35 26.09
CA THR F 399 -31.08 20.78 26.24
C THR F 399 -30.99 21.49 24.89
N VAL F 400 -29.95 21.22 24.12
CA VAL F 400 -29.83 21.81 22.80
C VAL F 400 -30.96 21.32 21.90
N GLY F 401 -31.23 20.02 21.93
CA GLY F 401 -32.33 19.49 21.14
C GLY F 401 -33.66 20.07 21.56
N ARG F 402 -33.87 20.23 22.87
CA ARG F 402 -35.12 20.81 23.35
C ARG F 402 -35.27 22.26 22.87
N MET F 403 -34.21 23.06 22.95
CA MET F 403 -34.33 24.43 22.50
C MET F 403 -34.55 24.52 20.99
N LYS F 404 -33.85 23.69 20.22
CA LYS F 404 -34.07 23.71 18.78
C LYS F 404 -35.49 23.29 18.43
N PHE F 405 -36.01 22.28 19.12
CA PHE F 405 -37.40 21.85 18.95
C PHE F 405 -38.37 23.00 19.27
N ASN F 406 -38.17 23.64 20.41
CA ASN F 406 -39.06 24.71 20.83
C ASN F 406 -39.02 25.88 19.86
N SER F 407 -37.82 26.25 19.39
CA SER F 407 -37.71 27.33 18.42
C SER F 407 -38.32 26.95 17.09
N SER F 408 -38.24 25.68 16.71
CA SER F 408 -38.85 25.27 15.45
C SER F 408 -40.36 25.37 15.52
N ILE F 409 -40.97 24.90 16.62
CA ILE F 409 -42.43 24.97 16.70
C ILE F 409 -42.93 26.28 17.28
N GLY F 410 -42.02 27.15 17.73
CA GLY F 410 -42.45 28.38 18.39
C GLY F 410 -43.14 28.13 19.72
N ARG F 411 -42.63 27.18 20.50
CA ARG F 411 -43.17 26.87 21.81
C ARG F 411 -42.30 27.51 22.89
N GLU F 412 -42.95 28.16 23.85
CA GLU F 412 -42.26 28.94 24.88
C GLU F 412 -42.47 28.36 26.27
N ASP F 413 -42.36 27.04 26.39
CA ASP F 413 -42.49 26.38 27.68
C ASP F 413 -41.76 25.05 27.64
N ALA F 414 -41.67 24.42 28.81
CA ALA F 414 -41.01 23.11 28.96
C ALA F 414 -39.57 23.16 28.48
N GLU F 415 -38.80 24.11 29.02
CA GLU F 415 -37.40 24.23 28.64
C GLU F 415 -36.57 23.07 29.15
N GLU F 416 -36.89 22.54 30.32
CA GLU F 416 -36.12 21.46 30.93
C GLU F 416 -36.65 20.08 30.59
N GLN F 417 -37.74 19.98 29.83
CA GLN F 417 -38.28 18.68 29.46
C GLN F 417 -37.27 17.91 28.62
N GLY F 418 -37.39 16.59 28.65
CA GLY F 418 -36.51 15.74 27.86
C GLY F 418 -37.24 14.74 27.00
N THR F 419 -38.57 14.72 27.11
CA THR F 419 -39.39 13.76 26.39
C THR F 419 -40.49 14.50 25.63
N LEU F 420 -41.01 13.86 24.59
CA LEU F 420 -42.10 14.42 23.81
C LEU F 420 -43.42 14.30 24.56
N ASP F 421 -44.47 14.85 23.96
CA ASP F 421 -45.80 14.84 24.55
C ASP F 421 -46.82 15.08 23.44
N GLU F 422 -48.09 15.24 23.83
CA GLU F 422 -49.13 15.57 22.88
C GLU F 422 -48.85 16.90 22.18
N VAL F 423 -48.44 17.91 22.95
CA VAL F 423 -48.23 19.25 22.39
C VAL F 423 -47.13 19.21 21.33
N ASP F 424 -46.01 18.56 21.63
CA ASP F 424 -44.90 18.51 20.70
C ASP F 424 -45.30 17.88 19.38
N ILE F 425 -45.91 16.70 19.45
CA ILE F 425 -46.29 15.99 18.23
C ILE F 425 -47.29 16.81 17.43
N ILE F 426 -48.30 17.36 18.10
CA ILE F 426 -49.35 18.08 17.37
C ILE F 426 -48.79 19.35 16.72
N GLU F 427 -47.88 20.05 17.40
CA GLU F 427 -47.25 21.20 16.75
C GLU F 427 -46.38 20.78 15.58
N VAL F 428 -45.74 19.61 15.65
CA VAL F 428 -44.96 19.13 14.50
C VAL F 428 -45.89 18.88 13.31
N MET F 429 -47.03 18.23 13.56
CA MET F 429 -47.99 17.99 12.48
C MET F 429 -48.50 19.32 11.92
N LYS F 430 -48.80 20.28 12.79
CA LYS F 430 -49.31 21.56 12.33
C LYS F 430 -48.30 22.29 11.47
N LYS F 431 -47.02 22.29 11.88
CA LYS F 431 -46.01 22.94 11.05
C LYS F 431 -45.85 22.25 9.71
N LEU F 432 -45.85 20.92 9.69
CA LEU F 432 -45.67 20.23 8.42
C LEU F 432 -46.84 20.51 7.48
N ILE F 433 -48.06 20.50 8.02
CA ILE F 433 -49.23 20.84 7.21
C ILE F 433 -49.15 22.26 6.72
N SER F 434 -48.65 23.17 7.56
CA SER F 434 -48.51 24.57 7.16
C SER F 434 -47.53 24.71 6.00
N ILE F 435 -46.39 24.02 6.08
CA ILE F 435 -45.42 24.09 4.99
C ILE F 435 -46.00 23.50 3.73
N ARG F 436 -46.84 22.47 3.84
CA ARG F 436 -47.52 21.99 2.64
C ARG F 436 -48.44 23.07 2.09
N ASN F 437 -49.15 23.77 2.97
CA ASN F 437 -50.09 24.80 2.52
C ASN F 437 -49.39 25.90 1.75
N GLY F 438 -48.22 26.34 2.22
CA GLY F 438 -47.51 27.41 1.58
C GLY F 438 -46.87 28.38 2.55
N LYS F 439 -47.39 28.41 3.77
CA LYS F 439 -46.84 29.26 4.82
C LYS F 439 -45.74 28.50 5.53
N GLY F 440 -44.56 29.11 5.61
CA GLY F 440 -43.39 28.45 6.17
C GLY F 440 -42.49 27.91 5.07
N GLU F 441 -41.24 27.64 5.46
CA GLU F 441 -40.23 27.17 4.53
C GLU F 441 -39.48 25.99 5.13
N VAL F 442 -38.90 25.17 4.25
CA VAL F 442 -38.13 24.02 4.70
C VAL F 442 -36.81 24.51 5.32
N ASP F 443 -36.15 23.60 6.02
CA ASP F 443 -34.92 23.92 6.72
C ASP F 443 -33.70 23.61 5.84
N ASP F 444 -32.63 24.37 6.08
CA ASP F 444 -31.37 24.17 5.36
C ASP F 444 -30.50 23.19 6.14
N ILE F 445 -30.15 22.08 5.50
CA ILE F 445 -29.48 20.99 6.21
C ILE F 445 -28.00 21.28 6.44
N ASP F 446 -27.40 22.16 5.63
CA ASP F 446 -26.01 22.54 5.81
C ASP F 446 -25.81 23.84 6.58
N HIS F 447 -26.89 24.50 6.98
CA HIS F 447 -26.78 25.79 7.65
C HIS F 447 -26.23 25.57 9.06
N LEU F 448 -25.21 26.37 9.43
CA LEU F 448 -24.41 26.05 10.61
C LEU F 448 -25.18 26.17 11.91
N GLY F 449 -26.32 26.85 11.91
CA GLY F 449 -27.21 26.78 13.05
C GLY F 449 -27.97 25.48 13.16
N ASN F 450 -27.90 24.65 12.11
CA ASN F 450 -28.53 23.34 12.11
C ASN F 450 -27.53 22.22 12.35
N ARG F 451 -26.24 22.50 12.24
CA ARG F 451 -25.18 21.54 12.54
C ARG F 451 -24.43 21.97 13.79
N ARG F 452 -24.04 21.00 14.59
CA ARG F 452 -23.49 21.24 15.91
C ARG F 452 -22.09 20.66 16.04
N ILE F 453 -21.30 21.26 16.93
CA ILE F 453 -19.96 20.81 17.24
C ILE F 453 -20.00 19.99 18.52
N ARG F 454 -19.40 18.81 18.48
CA ARG F 454 -19.33 17.91 19.61
C ARG F 454 -17.86 17.60 19.87
N SER F 455 -17.38 17.96 21.05
CA SER F 455 -15.96 17.94 21.37
C SER F 455 -15.65 16.81 22.33
N VAL F 456 -14.39 16.79 22.81
CA VAL F 456 -13.89 15.66 23.59
C VAL F 456 -14.69 15.49 24.88
N GLY F 457 -15.12 16.59 25.49
CA GLY F 457 -15.88 16.48 26.72
C GLY F 457 -17.21 15.77 26.52
N GLU F 458 -17.92 16.11 25.44
CA GLU F 458 -19.22 15.51 25.21
C GLU F 458 -19.12 14.03 24.94
N MET F 459 -18.17 13.60 24.10
CA MET F 459 -18.09 12.16 23.82
C MET F 459 -17.49 11.39 24.98
N ALA F 460 -16.59 12.00 25.76
CA ALA F 460 -16.15 11.36 26.98
C ALA F 460 -17.32 11.15 27.94
N GLU F 461 -18.17 12.18 28.10
CA GLU F 461 -19.36 12.05 28.92
C GLU F 461 -20.28 10.95 28.40
N ASN F 462 -20.46 10.89 27.08
CA ASN F 462 -21.35 9.90 26.49
C ASN F 462 -20.86 8.48 26.76
N GLN F 463 -19.55 8.25 26.56
CA GLN F 463 -19.02 6.90 26.77
C GLN F 463 -19.02 6.53 28.25
N PHE F 464 -18.75 7.51 29.12
CA PHE F 464 -18.85 7.25 30.56
C PHE F 464 -20.27 6.89 30.94
N ARG F 465 -21.26 7.56 30.36
CA ARG F 465 -22.65 7.26 30.67
C ARG F 465 -23.02 5.87 30.16
N VAL F 466 -22.48 5.47 29.01
CA VAL F 466 -22.71 4.12 28.52
C VAL F 466 -22.17 3.08 29.50
N GLY F 467 -20.94 3.29 29.97
CA GLY F 467 -20.38 2.38 30.97
C GLY F 467 -21.16 2.38 32.27
N LEU F 468 -21.65 3.55 32.66
CA LEU F 468 -22.46 3.65 33.88
C LEU F 468 -23.74 2.85 33.76
N VAL F 469 -24.41 2.93 32.60
CA VAL F 469 -25.62 2.14 32.40
C VAL F 469 -25.29 0.65 32.43
N ARG F 470 -24.14 0.29 31.85
CA ARG F 470 -23.69 -1.10 31.87
C ARG F 470 -23.52 -1.59 33.31
N VAL F 471 -22.99 -0.73 34.18
CA VAL F 471 -22.89 -1.07 35.61
C VAL F 471 -24.27 -1.16 36.24
N GLU F 472 -25.14 -0.20 35.91
CA GLU F 472 -26.43 -0.06 36.56
C GLU F 472 -27.32 -1.28 36.32
N ARG F 473 -27.22 -1.90 35.14
CA ARG F 473 -28.01 -3.10 34.88
C ARG F 473 -27.69 -4.20 35.90
N ALA F 474 -26.40 -4.50 36.07
CA ALA F 474 -26.00 -5.54 37.02
C ALA F 474 -26.29 -5.13 38.46
N VAL F 475 -26.14 -3.85 38.78
CA VAL F 475 -26.42 -3.40 40.14
C VAL F 475 -27.89 -3.59 40.47
N LYS F 476 -28.78 -3.25 39.52
CA LYS F 476 -30.20 -3.49 39.72
C LYS F 476 -30.48 -4.98 39.87
N GLU F 477 -29.81 -5.81 39.07
CA GLU F 477 -30.01 -7.25 39.18
C GLU F 477 -29.62 -7.76 40.57
N ARG F 478 -28.51 -7.25 41.12
CA ARG F 478 -28.04 -7.72 42.42
C ARG F 478 -28.96 -7.21 43.54
N LEU F 479 -29.34 -5.93 43.48
CA LEU F 479 -30.17 -5.35 44.53
C LEU F 479 -31.52 -6.05 44.64
N SER F 480 -32.00 -6.63 43.55
CA SER F 480 -33.30 -7.28 43.56
C SER F 480 -33.32 -8.59 44.32
N LEU F 481 -32.14 -9.18 44.60
CA LEU F 481 -32.11 -10.47 45.29
C LEU F 481 -32.63 -10.35 46.72
N GLY F 482 -32.16 -9.36 47.46
CA GLY F 482 -32.69 -9.11 48.79
C GLY F 482 -31.69 -9.25 49.92
N ASP F 483 -30.79 -10.23 49.82
CA ASP F 483 -29.80 -10.46 50.87
C ASP F 483 -28.74 -9.36 50.81
N LEU F 484 -28.92 -8.31 51.62
CA LEU F 484 -28.09 -7.12 51.53
C LEU F 484 -27.54 -6.72 52.89
N ASP F 485 -27.44 -7.67 53.82
CA ASP F 485 -27.00 -7.34 55.18
C ASP F 485 -25.50 -7.06 55.22
N ASN F 486 -24.70 -7.82 54.46
CA ASN F 486 -23.25 -7.72 54.53
C ASN F 486 -22.65 -7.10 53.27
N VAL F 487 -23.44 -6.39 52.48
CA VAL F 487 -22.98 -5.82 51.22
C VAL F 487 -22.60 -4.36 51.45
N MET F 488 -21.48 -3.96 50.87
CA MET F 488 -21.01 -2.58 50.85
C MET F 488 -21.19 -2.00 49.46
N PRO F 489 -21.25 -0.68 49.33
CA PRO F 489 -21.40 -0.08 47.99
C PRO F 489 -20.29 -0.45 47.02
N GLN F 490 -19.09 -0.73 47.52
CA GLN F 490 -17.99 -1.11 46.64
C GLN F 490 -18.07 -2.56 46.19
N ASP F 491 -18.99 -3.34 46.74
CA ASP F 491 -19.19 -4.72 46.33
C ASP F 491 -20.29 -4.86 45.29
N LEU F 492 -20.92 -3.75 44.88
CA LEU F 492 -22.08 -3.81 44.00
C LEU F 492 -21.80 -3.38 42.57
N ILE F 493 -20.88 -2.45 42.34
CA ILE F 493 -20.66 -1.89 41.01
C ILE F 493 -19.49 -2.60 40.32
N ASN F 494 -19.30 -2.30 39.04
CA ASN F 494 -18.34 -3.04 38.21
C ASN F 494 -17.50 -2.06 37.40
N ALA F 495 -16.29 -1.78 37.89
CA ALA F 495 -15.45 -0.74 37.31
C ALA F 495 -14.89 -1.13 35.95
N LYS F 496 -14.86 -2.42 35.62
CA LYS F 496 -14.17 -2.81 34.40
C LYS F 496 -14.93 -2.42 33.13
N PRO F 497 -16.27 -2.53 33.07
CA PRO F 497 -16.97 -1.98 31.89
C PRO F 497 -16.76 -0.48 31.71
N ILE F 498 -16.67 0.27 32.80
CA ILE F 498 -16.42 1.71 32.69
C ILE F 498 -15.03 1.97 32.13
N SER F 499 -14.02 1.26 32.66
CA SER F 499 -12.68 1.38 32.10
C SER F 499 -12.68 0.96 30.64
N ALA F 500 -13.41 -0.09 30.30
CA ALA F 500 -13.46 -0.55 28.92
C ALA F 500 -14.05 0.52 28.01
N ALA F 501 -15.11 1.20 28.48
CA ALA F 501 -15.72 2.26 27.66
C ALA F 501 -14.76 3.42 27.46
N VAL F 502 -14.11 3.88 28.53
CA VAL F 502 -13.24 5.04 28.38
C VAL F 502 -12.03 4.70 27.52
N LYS F 503 -11.46 3.50 27.68
CA LYS F 503 -10.32 3.12 26.85
C LYS F 503 -10.73 2.78 25.42
N GLU F 504 -11.97 2.33 25.21
CA GLU F 504 -12.52 2.24 23.86
C GLU F 504 -12.53 3.60 23.20
N PHE F 505 -13.03 4.61 23.90
CA PHE F 505 -13.13 5.93 23.29
C PHE F 505 -11.74 6.54 23.07
N PHE F 506 -10.82 6.33 24.00
CA PHE F 506 -9.52 6.98 23.92
C PHE F 506 -8.48 6.17 23.18
N GLY F 507 -8.78 4.94 22.77
CA GLY F 507 -7.79 4.15 22.08
C GLY F 507 -8.20 3.61 20.73
N SER F 508 -9.50 3.45 20.49
CA SER F 508 -9.98 2.82 19.27
C SER F 508 -10.99 3.65 18.51
N SER F 509 -11.24 4.89 18.93
CA SER F 509 -12.20 5.73 18.24
C SER F 509 -11.60 6.30 16.97
N GLN F 510 -12.46 6.55 15.98
CA GLN F 510 -12.01 7.15 14.74
C GLN F 510 -11.50 8.57 14.96
N LEU F 511 -12.11 9.31 15.89
CA LEU F 511 -11.72 10.69 16.15
C LEU F 511 -10.53 10.80 17.10
N SER F 512 -10.16 9.72 17.79
CA SER F 512 -8.95 9.72 18.62
C SER F 512 -7.79 9.31 17.74
N GLN F 513 -7.08 10.30 17.20
CA GLN F 513 -6.07 10.05 16.20
C GLN F 513 -4.66 10.29 16.72
N PHE F 514 -3.73 9.57 16.13
CA PHE F 514 -2.30 9.78 16.33
C PHE F 514 -1.97 11.24 16.07
N MET F 515 -1.23 11.85 16.99
CA MET F 515 -0.97 13.28 16.90
C MET F 515 -0.06 13.60 15.72
N ASP F 516 -0.46 14.60 14.93
CA ASP F 516 0.39 15.09 13.85
C ASP F 516 1.45 16.00 14.45
N GLN F 517 2.72 15.64 14.27
CA GLN F 517 3.80 16.31 14.99
C GLN F 517 4.99 16.62 14.09
N ASN F 518 4.74 16.89 12.81
CA ASN F 518 5.82 17.34 11.94
C ASN F 518 6.37 18.68 12.40
N ASN F 519 5.50 19.59 12.82
CA ASN F 519 5.89 20.93 13.21
C ASN F 519 4.78 21.51 14.08
N PRO F 520 5.03 22.65 14.74
CA PRO F 520 3.97 23.24 15.58
C PRO F 520 2.68 23.52 14.83
N LEU F 521 2.76 23.91 13.56
CA LEU F 521 1.55 24.19 12.80
C LEU F 521 0.71 22.93 12.63
N SER F 522 1.35 21.78 12.41
CA SER F 522 0.61 20.53 12.29
C SER F 522 -0.15 20.23 13.58
N GLU F 523 0.51 20.44 14.73
CA GLU F 523 -0.15 20.24 16.01
C GLU F 523 -1.37 21.15 16.16
N VAL F 524 -1.18 22.44 15.91
CA VAL F 524 -2.27 23.39 16.10
C VAL F 524 -3.43 23.09 15.16
N THR F 525 -3.13 22.77 13.90
CA THR F 525 -4.18 22.46 12.94
C THR F 525 -4.91 21.18 13.30
N HIS F 526 -4.19 20.17 13.79
CA HIS F 526 -4.85 18.94 14.20
C HIS F 526 -5.78 19.18 15.38
N LYS F 527 -5.36 20.00 16.34
CA LYS F 527 -6.21 20.27 17.49
C LYS F 527 -7.42 21.12 17.13
N ARG F 528 -7.37 21.84 16.02
CA ARG F 528 -8.46 22.72 15.58
C ARG F 528 -9.16 22.16 14.35
N ARG F 529 -9.31 20.86 14.28
CA ARG F 529 -9.88 20.19 13.11
C ARG F 529 -11.26 19.65 13.45
N ILE F 530 -12.20 19.84 12.54
CA ILE F 530 -13.57 19.38 12.69
C ILE F 530 -13.87 18.36 11.61
N SER F 531 -14.28 17.17 12.03
CA SER F 531 -14.55 16.07 11.12
C SER F 531 -16.04 15.74 11.14
N ALA F 532 -16.63 15.64 9.96
CA ALA F 532 -18.01 15.19 9.83
C ALA F 532 -18.12 13.67 9.84
N LEU F 533 -17.00 12.95 9.86
CA LEU F 533 -17.00 11.50 9.89
C LEU F 533 -17.04 11.02 11.34
N GLY F 534 -16.88 9.72 11.54
CA GLY F 534 -16.91 9.15 12.87
C GLY F 534 -18.28 8.64 13.24
N PRO F 535 -18.41 8.15 14.47
CA PRO F 535 -19.73 7.68 14.93
C PRO F 535 -20.74 8.80 14.96
N GLY F 536 -21.97 8.49 14.58
CA GLY F 536 -23.02 9.49 14.56
C GLY F 536 -22.86 10.55 13.49
N GLY F 537 -21.99 10.32 12.51
CA GLY F 537 -21.72 11.30 11.48
C GLY F 537 -21.92 10.71 10.10
N LEU F 538 -21.16 11.24 9.15
CA LEU F 538 -21.27 10.88 7.75
C LEU F 538 -20.33 9.74 7.41
N THR F 539 -20.71 8.98 6.38
CA THR F 539 -19.80 8.06 5.71
C THR F 539 -19.49 8.60 4.33
N ARG F 540 -18.28 8.28 3.84
CA ARG F 540 -17.74 8.91 2.65
C ARG F 540 -18.38 8.42 1.35
N GLU F 541 -19.00 7.24 1.36
CA GLU F 541 -19.71 6.74 0.19
C GLU F 541 -21.19 7.06 0.27
N ARG F 542 -21.59 7.87 1.25
CA ARG F 542 -22.97 8.25 1.46
C ARG F 542 -23.09 9.74 1.78
N ALA F 543 -22.09 10.52 1.39
CA ALA F 543 -22.07 11.98 1.57
C ALA F 543 -22.00 12.61 0.19
N GLY F 544 -23.01 13.39 -0.15
CA GLY F 544 -23.13 13.96 -1.48
C GLY F 544 -22.32 15.23 -1.66
N PHE F 545 -22.68 15.98 -2.69
CA PHE F 545 -21.98 17.22 -3.01
C PHE F 545 -22.38 18.37 -2.12
N GLU F 546 -23.65 18.40 -1.68
CA GLU F 546 -24.15 19.57 -0.95
C GLU F 546 -23.41 19.77 0.36
N VAL F 547 -23.10 18.68 1.07
CA VAL F 547 -22.43 18.80 2.35
C VAL F 547 -20.99 19.26 2.19
N ARG F 548 -20.38 19.03 1.03
CA ARG F 548 -18.99 19.38 0.80
C ARG F 548 -18.80 20.84 0.39
N ASP F 549 -19.85 21.53 -0.01
CA ASP F 549 -19.70 22.90 -0.48
C ASP F 549 -19.49 23.85 0.70
N VAL F 550 -19.02 25.06 0.37
CA VAL F 550 -18.87 26.12 1.37
C VAL F 550 -20.21 26.81 1.51
N HIS F 551 -20.89 26.56 2.61
CA HIS F 551 -22.13 27.28 2.90
C HIS F 551 -21.83 28.74 3.21
N VAL F 552 -22.81 29.60 2.97
CA VAL F 552 -22.64 31.01 3.23
C VAL F 552 -22.52 31.29 4.73
N THR F 553 -22.93 30.33 5.56
CA THR F 553 -22.82 30.47 7.00
C THR F 553 -21.45 30.04 7.52
N HIS F 554 -20.56 29.58 6.65
CA HIS F 554 -19.19 29.28 7.03
C HIS F 554 -18.34 30.54 7.22
N TYR F 555 -18.86 31.71 6.85
CA TYR F 555 -18.09 32.95 6.95
C TYR F 555 -17.70 33.22 8.39
N GLY F 556 -16.42 33.13 8.71
CA GLY F 556 -15.92 33.37 10.04
C GLY F 556 -15.99 32.17 10.96
N ARG F 557 -16.50 31.05 10.50
CA ARG F 557 -16.66 29.86 11.34
C ARG F 557 -15.83 28.68 10.86
N LEU F 558 -15.97 28.29 9.60
CA LEU F 558 -15.18 27.23 9.01
C LEU F 558 -14.38 27.81 7.85
N CYS F 559 -13.10 27.51 7.81
CA CYS F 559 -12.24 28.06 6.78
C CYS F 559 -12.64 27.50 5.42
N PRO F 560 -12.88 28.35 4.42
CA PRO F 560 -13.21 27.84 3.08
C PRO F 560 -12.02 27.34 2.29
N ILE F 561 -10.80 27.52 2.78
CA ILE F 561 -9.60 27.13 2.05
C ILE F 561 -9.06 25.79 2.52
N GLU F 562 -8.92 25.62 3.83
CA GLU F 562 -8.22 24.45 4.38
C GLU F 562 -9.17 23.27 4.44
N THR F 563 -8.98 22.31 3.55
CA THR F 563 -9.71 21.05 3.54
C THR F 563 -8.88 20.05 2.75
N PRO F 564 -8.89 18.78 3.12
CA PRO F 564 -8.08 17.80 2.38
C PRO F 564 -8.50 17.68 0.94
N GLU F 565 -7.52 17.50 0.06
CA GLU F 565 -7.74 17.34 -1.37
C GLU F 565 -7.77 15.85 -1.69
N GLY F 566 -8.95 15.33 -1.98
CA GLY F 566 -9.14 13.92 -2.22
C GLY F 566 -10.54 13.48 -1.89
N PRO F 567 -10.71 12.21 -1.51
CA PRO F 567 -12.06 11.73 -1.17
C PRO F 567 -12.67 12.42 0.04
N ASN F 568 -11.86 13.03 0.90
CA ASN F 568 -12.32 13.65 2.13
C ASN F 568 -12.57 15.14 1.97
N ILE F 569 -12.67 15.65 0.75
CA ILE F 569 -12.84 17.08 0.54
C ILE F 569 -14.22 17.50 1.04
N GLY F 570 -14.25 18.59 1.82
CA GLY F 570 -15.48 19.11 2.36
C GLY F 570 -15.96 18.44 3.63
N LEU F 571 -15.39 17.29 3.99
CA LEU F 571 -15.81 16.57 5.18
C LEU F 571 -14.94 16.86 6.39
N ILE F 572 -13.72 17.34 6.19
CA ILE F 572 -12.83 17.75 7.26
C ILE F 572 -12.55 19.24 7.05
N ASN F 573 -12.83 20.04 8.07
CA ASN F 573 -12.70 21.48 8.01
C ASN F 573 -11.80 21.97 9.14
N SER F 574 -11.39 23.22 9.04
CA SER F 574 -10.55 23.84 10.04
C SER F 574 -11.29 25.02 10.65
N LEU F 575 -11.21 25.13 11.97
CA LEU F 575 -11.78 26.28 12.67
C LEU F 575 -11.14 27.56 12.17
N SER F 576 -11.96 28.61 12.03
CA SER F 576 -11.45 29.90 11.64
C SER F 576 -10.64 30.53 12.77
N ALA F 577 -10.00 31.67 12.47
CA ALA F 577 -9.08 32.27 13.42
C ALA F 577 -9.78 32.71 14.69
N PHE F 578 -10.95 33.32 14.58
CA PHE F 578 -11.68 33.85 15.73
C PHE F 578 -12.93 33.03 16.05
N ALA F 579 -13.07 31.84 15.49
CA ALA F 579 -14.25 31.03 15.75
C ALA F 579 -14.27 30.54 17.19
N ARG F 580 -15.48 30.36 17.70
CA ARG F 580 -15.71 29.91 19.07
C ARG F 580 -16.95 29.05 19.09
N CYS F 581 -17.06 28.23 20.14
CA CYS F 581 -18.23 27.39 20.35
C CYS F 581 -18.99 27.93 21.55
N ASN F 582 -20.27 28.24 21.34
CA ASN F 582 -21.10 28.73 22.43
C ASN F 582 -21.43 27.59 23.39
N GLU F 583 -22.23 27.90 24.40
CA GLU F 583 -22.55 26.92 25.42
C GLU F 583 -23.39 25.77 24.89
N TYR F 584 -23.93 25.88 23.68
CA TYR F 584 -24.79 24.86 23.11
C TYR F 584 -24.13 24.09 21.99
N GLY F 585 -22.89 24.42 21.64
CA GLY F 585 -22.18 23.68 20.60
C GLY F 585 -22.27 24.25 19.21
N PHE F 586 -22.71 25.50 19.05
CA PHE F 586 -22.82 26.13 17.75
C PHE F 586 -21.72 27.17 17.58
N LEU F 587 -21.13 27.22 16.39
CA LEU F 587 -20.03 28.12 16.14
C LEU F 587 -20.50 29.57 16.08
N GLU F 588 -19.73 30.46 16.68
CA GLU F 588 -20.05 31.88 16.68
C GLU F 588 -18.79 32.68 16.40
N THR F 589 -18.98 33.87 15.84
CA THR F 589 -17.89 34.70 15.37
C THR F 589 -18.03 36.10 15.94
N PRO F 590 -16.93 36.78 16.26
CA PRO F 590 -17.03 38.13 16.83
C PRO F 590 -17.25 39.20 15.76
N TYR F 591 -17.97 40.24 16.17
CA TYR F 591 -18.22 41.40 15.32
C TYR F 591 -18.20 42.66 16.17
N ARG F 592 -17.76 43.75 15.56
CA ARG F 592 -17.74 45.05 16.22
C ARG F 592 -19.10 45.72 16.06
N ARG F 593 -19.63 46.25 17.16
CA ARG F 593 -20.91 46.94 17.12
C ARG F 593 -20.79 48.27 16.40
N VAL F 594 -21.89 48.70 15.79
CA VAL F 594 -22.00 50.01 15.16
C VAL F 594 -23.13 50.76 15.85
N VAL F 595 -22.80 51.82 16.58
CA VAL F 595 -23.78 52.65 17.27
C VAL F 595 -23.61 54.09 16.79
N ASN F 596 -24.74 54.75 16.51
CA ASN F 596 -24.75 56.15 16.10
C ASN F 596 -23.89 56.40 14.87
N GLY F 597 -23.71 55.37 14.04
CA GLY F 597 -22.91 55.49 12.84
C GLY F 597 -21.43 55.32 13.03
N VAL F 598 -20.96 55.14 14.26
CA VAL F 598 -19.55 54.92 14.52
C VAL F 598 -19.33 53.45 14.85
N VAL F 599 -18.16 52.94 14.46
CA VAL F 599 -17.79 51.55 14.70
C VAL F 599 -16.99 51.51 15.99
N THR F 600 -17.56 50.89 17.01
CA THR F 600 -17.04 50.99 18.36
C THR F 600 -16.07 49.84 18.67
N ASP F 601 -15.48 49.91 19.87
CA ASP F 601 -14.58 48.89 20.37
C ASP F 601 -15.30 47.64 20.87
N GLU F 602 -16.57 47.76 21.21
CA GLU F 602 -17.30 46.65 21.81
C GLU F 602 -17.54 45.54 20.80
N VAL F 603 -17.38 44.30 21.25
CA VAL F 603 -17.49 43.13 20.38
C VAL F 603 -18.62 42.24 20.87
N ASP F 604 -19.22 41.54 19.93
CA ASP F 604 -20.33 40.64 20.20
C ASP F 604 -20.17 39.38 19.37
N TYR F 605 -20.35 38.22 20.00
CA TYR F 605 -20.21 36.94 19.32
C TYR F 605 -21.57 36.51 18.80
N LEU F 606 -21.69 36.37 17.49
CA LEU F 606 -22.95 36.06 16.83
C LEU F 606 -22.89 34.68 16.22
N SER F 607 -24.00 33.95 16.31
CA SER F 607 -24.13 32.63 15.71
C SER F 607 -24.68 32.76 14.29
N ALA F 608 -24.89 31.62 13.65
CA ALA F 608 -25.37 31.62 12.27
C ALA F 608 -26.78 32.19 12.17
N ILE F 609 -27.65 31.83 13.12
CA ILE F 609 -29.03 32.31 13.10
C ILE F 609 -29.08 33.82 13.29
N GLU F 610 -28.31 34.33 14.26
CA GLU F 610 -28.34 35.76 14.53
C GLU F 610 -27.74 36.57 13.40
N GLU F 611 -26.73 36.03 12.72
CA GLU F 611 -26.00 36.80 11.72
C GLU F 611 -26.89 37.20 10.54
N GLY F 612 -27.92 36.42 10.24
CA GLY F 612 -28.72 36.69 9.05
C GLY F 612 -29.50 37.99 9.13
N GLN F 613 -29.95 38.38 10.32
CA GLN F 613 -30.82 39.54 10.45
C GLN F 613 -30.10 40.83 10.12
N PHE F 614 -28.94 41.06 10.73
CA PHE F 614 -28.29 42.35 10.64
C PHE F 614 -27.54 42.52 9.32
N VAL F 615 -27.06 43.74 9.10
CA VAL F 615 -26.20 44.09 7.98
C VAL F 615 -24.80 44.31 8.55
N ILE F 616 -23.83 43.52 8.09
CA ILE F 616 -22.50 43.48 8.67
C ILE F 616 -21.50 44.04 7.67
N ALA F 617 -20.74 45.05 8.10
CA ALA F 617 -19.75 45.66 7.24
C ALA F 617 -18.47 44.83 7.25
N GLN F 618 -17.60 45.11 6.28
CA GLN F 618 -16.33 44.42 6.13
C GLN F 618 -15.20 45.22 6.76
N ALA F 619 -14.11 44.50 7.06
CA ALA F 619 -12.93 45.16 7.62
C ALA F 619 -12.27 46.11 6.64
N ASN F 620 -12.56 45.99 5.35
CA ASN F 620 -12.02 46.86 4.32
C ASN F 620 -12.76 48.19 4.22
N ALA F 621 -13.82 48.38 5.00
CA ALA F 621 -14.60 49.61 4.90
C ALA F 621 -13.78 50.81 5.35
N LYS F 622 -13.77 51.85 4.52
CA LYS F 622 -13.05 53.07 4.88
C LYS F 622 -13.69 53.73 6.08
N LEU F 623 -12.86 54.21 7.00
CA LEU F 623 -13.32 54.82 8.23
C LEU F 623 -12.71 56.22 8.38
N THR F 624 -13.44 57.07 9.09
CA THR F 624 -13.02 58.45 9.31
C THR F 624 -12.40 58.59 10.69
N GLU F 625 -11.84 59.78 10.94
CA GLU F 625 -11.21 60.06 12.23
C GLU F 625 -12.20 60.05 13.38
N GLU F 626 -13.49 60.23 13.09
CA GLU F 626 -14.51 60.24 14.13
C GLU F 626 -15.04 58.85 14.45
N GLY F 627 -14.63 57.83 13.70
CA GLY F 627 -15.05 56.46 13.96
C GLY F 627 -16.13 55.93 13.06
N GLY F 628 -16.61 56.72 12.09
CA GLY F 628 -17.66 56.28 11.20
C GLY F 628 -17.15 55.99 9.79
N PHE F 629 -18.07 55.59 8.94
CA PHE F 629 -17.75 55.26 7.56
C PHE F 629 -17.55 56.53 6.73
N ALA F 630 -16.70 56.41 5.70
CA ALA F 630 -16.45 57.52 4.79
C ALA F 630 -17.44 57.51 3.62
N ASP F 631 -17.50 56.41 2.88
CA ASP F 631 -18.40 56.33 1.75
C ASP F 631 -19.85 56.31 2.19
N GLU F 632 -20.72 56.90 1.35
CA GLU F 632 -22.13 56.93 1.66
C GLU F 632 -22.75 55.54 1.58
N LEU F 633 -22.34 54.75 0.60
CA LEU F 633 -22.79 53.38 0.43
C LEU F 633 -21.61 52.43 0.67
N VAL F 634 -21.78 51.49 1.59
CA VAL F 634 -20.71 50.61 2.00
C VAL F 634 -21.05 49.17 1.61
N THR F 635 -20.02 48.39 1.30
CA THR F 635 -20.20 47.01 0.88
C THR F 635 -20.37 46.15 2.12
N ALA F 636 -21.55 45.55 2.27
CA ALA F 636 -21.86 44.74 3.43
C ALA F 636 -22.58 43.49 2.96
N ARG F 637 -23.00 42.65 3.90
CA ARG F 637 -23.72 41.43 3.58
C ARG F 637 -24.86 41.24 4.56
N GLN F 638 -25.93 40.62 4.08
CA GLN F 638 -27.15 40.42 4.84
C GLN F 638 -27.89 39.22 4.27
N LYS F 639 -28.36 38.35 5.16
CA LYS F 639 -29.04 37.11 4.78
C LYS F 639 -28.17 36.27 3.85
N GLY F 640 -26.85 36.40 3.99
CA GLY F 640 -25.94 35.64 3.16
C GLY F 640 -25.68 36.23 1.78
N GLU F 641 -26.28 37.36 1.45
CA GLU F 641 -26.07 38.00 0.16
C GLU F 641 -25.29 39.29 0.35
N SER F 642 -24.27 39.49 -0.49
CA SER F 642 -23.48 40.71 -0.45
C SER F 642 -24.14 41.80 -1.27
N GLY F 643 -23.86 43.04 -0.92
CA GLY F 643 -24.42 44.16 -1.64
C GLY F 643 -23.93 45.47 -1.09
N LEU F 644 -24.50 46.54 -1.63
CA LEU F 644 -24.20 47.90 -1.21
C LEU F 644 -25.34 48.40 -0.32
N HIS F 645 -25.02 48.88 0.86
CA HIS F 645 -26.00 49.27 1.84
C HIS F 645 -25.71 50.69 2.33
N PRO F 646 -26.75 51.42 2.73
CA PRO F 646 -26.53 52.76 3.27
C PRO F 646 -25.72 52.72 4.55
N ARG F 647 -24.97 53.81 4.80
CA ARG F 647 -24.13 53.88 5.98
C ARG F 647 -24.96 53.76 7.26
N GLU F 648 -26.18 54.28 7.27
CA GLU F 648 -26.97 54.32 8.48
C GLU F 648 -27.61 52.99 8.82
N HIS F 649 -27.68 52.05 7.88
CA HIS F 649 -28.33 50.76 8.11
C HIS F 649 -27.34 49.66 8.48
N VAL F 650 -26.07 49.97 8.63
CA VAL F 650 -25.08 48.95 8.98
C VAL F 650 -25.07 48.77 10.49
N ASP F 651 -25.15 47.52 10.94
CA ASP F 651 -25.25 47.19 12.35
C ASP F 651 -23.99 46.56 12.94
N TYR F 652 -23.15 45.92 12.12
CA TYR F 652 -21.95 45.27 12.63
C TYR F 652 -20.82 45.40 11.61
N MET F 653 -19.60 45.17 12.09
CA MET F 653 -18.40 45.20 11.27
C MET F 653 -17.53 44.01 11.63
N ASP F 654 -16.70 43.58 10.69
CA ASP F 654 -15.77 42.50 10.97
C ASP F 654 -14.63 42.98 11.86
N VAL F 655 -14.12 42.08 12.70
CA VAL F 655 -13.10 42.45 13.65
C VAL F 655 -11.69 42.37 13.07
N ALA F 656 -11.45 41.47 12.12
CA ALA F 656 -10.12 41.31 11.55
C ALA F 656 -10.24 40.88 10.10
N THR F 657 -9.14 41.07 9.36
CA THR F 657 -9.09 40.71 7.96
C THR F 657 -8.81 39.23 7.73
N ASN F 658 -8.35 38.51 8.74
CA ASN F 658 -8.15 37.07 8.68
C ASN F 658 -9.25 36.30 9.39
N GLN F 659 -10.39 36.94 9.61
CA GLN F 659 -11.50 36.32 10.31
C GLN F 659 -12.11 35.15 9.55
N VAL F 660 -11.96 35.14 8.22
CA VAL F 660 -12.59 34.10 7.41
C VAL F 660 -11.71 32.86 7.29
N VAL F 661 -10.39 33.03 7.24
CA VAL F 661 -9.48 31.96 6.93
C VAL F 661 -8.94 31.33 8.21
N SER F 662 -8.38 30.14 8.07
CA SER F 662 -7.78 29.42 9.19
C SER F 662 -6.36 29.94 9.47
N ILE F 663 -5.70 29.31 10.42
CA ILE F 663 -4.35 29.73 10.80
C ILE F 663 -3.36 29.43 9.68
N ALA F 664 -3.44 28.24 9.12
CA ALA F 664 -2.52 27.86 8.05
C ALA F 664 -2.67 28.77 6.84
N ALA F 665 -3.91 29.11 6.49
CA ALA F 665 -4.13 30.07 5.42
C ALA F 665 -3.72 31.47 5.83
N SER F 666 -3.84 31.79 7.12
CA SER F 666 -3.39 33.08 7.63
C SER F 666 -1.87 33.21 7.60
N LEU F 667 -1.14 32.11 7.45
CA LEU F 667 0.30 32.15 7.37
C LEU F 667 0.83 32.28 5.94
N ILE F 668 -0.06 32.35 4.95
CA ILE F 668 0.32 32.49 3.55
C ILE F 668 0.39 33.98 3.23
N PRO F 669 1.56 34.51 2.89
CA PRO F 669 1.63 35.92 2.48
C PRO F 669 1.04 36.11 1.09
N PHE F 670 0.45 37.29 0.89
CA PHE F 670 -0.16 37.66 -0.39
C PHE F 670 -1.18 36.61 -0.85
N LEU F 671 -2.01 36.19 0.10
CA LEU F 671 -3.01 35.16 -0.20
C LEU F 671 -4.05 35.66 -1.20
N GLU F 672 -4.35 36.96 -1.16
CA GLU F 672 -5.38 37.52 -2.03
C GLU F 672 -4.99 37.49 -3.50
N HIS F 673 -3.71 37.26 -3.81
CA HIS F 673 -3.25 37.16 -5.18
C HIS F 673 -3.11 35.71 -5.63
N ASP F 674 -3.57 34.75 -4.84
CA ASP F 674 -3.49 33.34 -5.17
C ASP F 674 -4.89 32.77 -5.37
N ASP F 675 -5.02 31.89 -6.36
CA ASP F 675 -6.25 31.16 -6.58
C ASP F 675 -6.52 30.24 -5.40
N ALA F 676 -7.81 29.97 -5.16
CA ALA F 676 -8.20 29.19 -3.98
C ALA F 676 -7.63 27.78 -4.02
N ASN F 677 -7.47 27.21 -5.22
CA ASN F 677 -6.93 25.86 -5.33
C ASN F 677 -5.50 25.80 -4.78
N ARG F 678 -4.66 26.73 -5.22
CA ARG F 678 -3.26 26.70 -4.81
C ARG F 678 -3.10 27.16 -3.37
N ALA F 679 -4.00 28.02 -2.88
CA ALA F 679 -4.01 28.35 -1.46
C ALA F 679 -4.36 27.13 -0.62
N LEU F 680 -5.34 26.34 -1.08
CA LEU F 680 -5.65 25.07 -0.43
C LEU F 680 -4.42 24.17 -0.36
N MET F 681 -3.75 24.01 -1.49
CA MET F 681 -2.56 23.15 -1.52
C MET F 681 -1.48 23.68 -0.58
N GLY F 682 -1.26 24.99 -0.56
CA GLY F 682 -0.24 25.55 0.30
C GLY F 682 -0.55 25.39 1.78
N ALA F 683 -1.82 25.59 2.15
CA ALA F 683 -2.21 25.37 3.53
C ALA F 683 -2.03 23.92 3.95
N ASN F 684 -2.39 22.99 3.06
CA ASN F 684 -2.19 21.58 3.39
C ASN F 684 -0.71 21.23 3.47
N MET F 685 0.11 21.90 2.66
CA MET F 685 1.52 21.56 2.50
C MET F 685 2.40 22.19 3.58
N GLN F 686 1.97 23.28 4.20
CA GLN F 686 2.76 23.85 5.29
C GLN F 686 2.84 22.91 6.49
N ARG F 687 1.88 22.02 6.65
CA ARG F 687 1.86 21.09 7.78
C ARG F 687 2.72 19.86 7.57
N GLN F 688 3.27 19.67 6.37
CA GLN F 688 4.15 18.54 6.08
C GLN F 688 5.62 18.92 6.15
N ALA F 689 5.94 20.15 6.55
CA ALA F 689 7.31 20.61 6.58
C ALA F 689 8.08 19.96 7.73
N VAL F 690 9.30 19.56 7.45
CA VAL F 690 10.18 18.91 8.42
C VAL F 690 11.14 19.94 8.98
N PRO F 691 11.30 20.05 10.30
CA PRO F 691 12.26 21.00 10.85
C PRO F 691 13.69 20.67 10.45
N THR F 692 14.52 21.70 10.33
CA THR F 692 15.89 21.57 9.88
C THR F 692 16.85 21.71 11.06
N LEU F 693 18.15 21.61 10.77
CA LEU F 693 19.15 21.78 11.83
C LEU F 693 19.09 23.18 12.42
N ARG F 694 19.10 24.20 11.57
CA ARG F 694 18.99 25.58 12.00
C ARG F 694 17.66 26.15 11.53
N SER F 695 16.96 26.83 12.42
CA SER F 695 15.66 27.41 12.12
C SER F 695 15.83 28.87 11.73
N GLU F 696 15.22 29.26 10.61
CA GLU F 696 15.32 30.60 10.07
C GLU F 696 13.93 31.21 9.95
N LYS F 697 13.80 32.46 10.39
CA LYS F 697 12.55 33.17 10.29
C LYS F 697 12.16 33.35 8.82
N PRO F 698 10.87 33.46 8.53
CA PRO F 698 10.47 33.86 7.17
C PRO F 698 10.65 35.35 6.98
N LEU F 699 11.38 35.72 5.92
CA LEU F 699 11.59 37.14 5.64
C LEU F 699 10.27 37.83 5.33
N VAL F 700 9.42 37.19 4.54
CA VAL F 700 8.09 37.67 4.25
C VAL F 700 7.11 36.83 5.04
N GLY F 701 6.45 37.43 6.02
CA GLY F 701 5.49 36.72 6.83
C GLY F 701 4.17 37.45 6.91
N THR F 702 3.28 37.01 7.81
CA THR F 702 1.97 37.61 7.94
C THR F 702 1.70 38.20 9.32
N GLY F 703 2.60 38.03 10.28
CA GLY F 703 2.39 38.52 11.62
C GLY F 703 1.68 37.57 12.55
N ILE F 704 1.39 36.35 12.09
CA ILE F 704 0.71 35.35 12.90
C ILE F 704 1.69 34.37 13.55
N GLU F 705 2.94 34.32 13.09
CA GLU F 705 3.88 33.28 13.49
C GLU F 705 4.09 33.25 15.00
N ARG F 706 4.16 34.41 15.64
CA ARG F 706 4.37 34.44 17.09
C ARG F 706 3.25 33.73 17.82
N ASN F 707 2.01 33.94 17.40
CA ASN F 707 0.88 33.31 18.07
C ASN F 707 0.95 31.80 17.97
N VAL F 708 1.23 31.27 16.78
CA VAL F 708 1.32 29.83 16.59
C VAL F 708 2.46 29.25 17.43
N ALA F 709 3.61 29.92 17.40
CA ALA F 709 4.76 29.42 18.14
C ALA F 709 4.50 29.39 19.65
N VAL F 710 3.90 30.46 20.17
CA VAL F 710 3.66 30.53 21.61
C VAL F 710 2.57 29.55 22.03
N ASP F 711 1.47 29.48 21.27
CA ASP F 711 0.33 28.67 21.67
C ASP F 711 0.47 27.20 21.31
N SER F 712 1.48 26.83 20.53
CA SER F 712 1.67 25.41 20.23
C SER F 712 2.21 24.65 21.43
N GLY F 713 2.88 25.33 22.35
CA GLY F 713 3.50 24.68 23.48
C GLY F 713 4.89 24.15 23.23
N VAL F 714 5.40 24.26 22.01
CA VAL F 714 6.72 23.74 21.71
C VAL F 714 7.80 24.58 22.38
N THR F 715 7.55 25.87 22.56
CA THR F 715 8.52 26.76 23.19
C THR F 715 8.38 26.71 24.70
N ALA F 716 9.39 27.24 25.38
CA ALA F 716 9.38 27.38 26.83
C ALA F 716 9.09 28.83 27.17
N VAL F 717 7.92 29.09 27.71
CA VAL F 717 7.46 30.43 28.02
C VAL F 717 7.57 30.66 29.52
N ALA F 718 7.92 31.88 29.90
CA ALA F 718 8.14 32.22 31.29
C ALA F 718 6.82 32.37 32.02
N LYS F 719 6.60 31.54 33.05
CA LYS F 719 5.40 31.68 33.86
C LYS F 719 5.45 32.95 34.71
N ARG F 720 6.62 33.31 35.21
CA ARG F 720 6.81 34.56 35.94
C ARG F 720 8.02 35.29 35.41
N GLY F 721 7.99 36.61 35.52
CA GLY F 721 9.10 37.43 35.08
C GLY F 721 10.24 37.43 36.06
N GLY F 722 11.39 37.89 35.59
CA GLY F 722 12.56 37.93 36.46
C GLY F 722 13.84 38.12 35.65
N VAL F 723 14.93 37.65 36.23
CA VAL F 723 16.25 37.68 35.59
C VAL F 723 16.75 36.25 35.47
N ILE F 724 17.30 35.91 34.31
CA ILE F 724 17.74 34.54 34.06
C ILE F 724 18.99 34.26 34.88
N GLN F 725 18.84 33.50 35.96
CA GLN F 725 19.98 33.22 36.82
C GLN F 725 20.95 32.25 36.15
N SER F 726 20.44 31.17 35.57
CA SER F 726 21.31 30.15 34.99
C SER F 726 20.77 29.71 33.63
N VAL F 727 21.67 29.61 32.66
CA VAL F 727 21.34 29.16 31.31
C VAL F 727 22.27 28.02 30.93
N ASP F 728 21.71 26.97 30.35
CA ASP F 728 22.47 25.86 29.83
C ASP F 728 21.59 25.16 28.82
N ALA F 729 22.20 24.41 27.90
CA ALA F 729 21.46 23.83 26.79
C ALA F 729 20.32 22.92 27.24
N SER F 730 20.24 22.58 28.52
CA SER F 730 19.12 21.79 29.03
C SER F 730 18.38 22.41 30.19
N ARG F 731 18.79 23.59 30.67
CA ARG F 731 18.14 24.16 31.84
C ARG F 731 18.12 25.67 31.78
N ILE F 732 17.03 26.27 32.25
CA ILE F 732 16.92 27.70 32.44
C ILE F 732 16.33 27.94 33.82
N VAL F 733 17.07 28.62 34.69
CA VAL F 733 16.62 28.93 36.03
C VAL F 733 16.51 30.45 36.14
N VAL F 734 15.32 30.92 36.49
CA VAL F 734 14.99 32.34 36.52
C VAL F 734 14.65 32.76 37.95
N LYS F 735 15.17 33.91 38.35
CA LYS F 735 14.89 34.49 39.66
C LYS F 735 13.71 35.44 39.54
N VAL F 736 12.61 35.11 40.21
CA VAL F 736 11.38 35.89 40.06
C VAL F 736 11.53 37.24 40.74
N ASN F 737 10.82 38.24 40.21
CA ASN F 737 10.82 39.56 40.82
C ASN F 737 10.21 39.53 42.21
N GLU F 738 10.53 40.57 42.99
CA GLU F 738 9.98 40.70 44.34
C GLU F 738 8.49 40.97 44.30
N GLU F 739 8.02 41.74 43.32
CA GLU F 739 6.63 42.21 43.32
C GLU F 739 5.63 41.12 42.99
N GLU F 740 6.08 40.00 42.41
CA GLU F 740 5.17 38.99 41.87
C GLU F 740 5.38 37.64 42.56
N LEU F 741 6.16 37.64 43.63
CA LEU F 741 6.43 36.42 44.39
C LEU F 741 5.29 36.11 45.35
N ILE F 742 4.95 34.83 45.43
CA ILE F 742 3.98 34.37 46.43
C ILE F 742 4.62 34.42 47.80
N PRO F 743 3.90 34.84 48.85
CA PRO F 743 4.48 34.82 50.20
C PRO F 743 4.98 33.44 50.58
N GLY F 744 6.16 33.41 51.20
CA GLY F 744 6.73 32.15 51.66
C GLY F 744 7.06 31.17 50.57
N GLU F 745 7.64 31.64 49.47
CA GLU F 745 8.01 30.80 48.35
C GLU F 745 9.52 30.85 48.13
N ALA F 746 10.02 29.84 47.42
CA ALA F 746 11.44 29.81 47.10
C ALA F 746 11.84 31.00 46.24
N GLY F 747 11.01 31.36 45.28
CA GLY F 747 11.25 32.53 44.47
C GLY F 747 11.99 32.29 43.18
N ILE F 748 12.12 31.05 42.75
CA ILE F 748 12.92 30.74 41.57
C ILE F 748 12.21 29.66 40.76
N ASP F 749 12.32 29.75 39.44
CA ASP F 749 11.62 28.86 38.51
C ASP F 749 12.63 28.10 37.66
N ILE F 750 12.34 26.82 37.42
CA ILE F 750 13.24 25.91 36.72
C ILE F 750 12.53 25.38 35.49
N TYR F 751 13.20 25.48 34.34
CA TYR F 751 12.70 25.02 33.05
C TYR F 751 13.68 24.00 32.50
N ASN F 752 13.26 22.74 32.43
CA ASN F 752 14.06 21.69 31.84
C ASN F 752 13.65 21.50 30.40
N LEU F 753 14.61 21.55 29.49
CA LEU F 753 14.34 21.61 28.06
C LEU F 753 14.44 20.22 27.43
N THR F 754 13.55 19.96 26.49
CA THR F 754 13.55 18.68 25.77
C THR F 754 14.68 18.66 24.75
N LYS F 755 15.50 17.63 24.80
CA LYS F 755 16.69 17.54 23.97
C LYS F 755 16.64 16.25 23.15
N TYR F 756 16.50 16.41 21.84
CA TYR F 756 16.63 15.32 20.87
C TYR F 756 15.73 14.14 21.22
N THR F 757 14.44 14.45 21.31
CA THR F 757 13.40 13.46 21.60
C THR F 757 12.62 13.17 20.32
N ARG F 758 12.39 11.90 20.06
CA ARG F 758 11.67 11.48 18.87
C ARG F 758 10.22 11.96 18.91
N SER F 759 9.71 12.38 17.76
CA SER F 759 8.33 12.76 17.60
C SER F 759 7.52 11.61 17.02
N ASN F 760 6.21 11.82 16.86
CA ASN F 760 5.34 10.77 16.35
C ASN F 760 5.65 10.41 14.90
N GLN F 761 6.27 11.32 14.14
CA GLN F 761 6.61 11.08 12.76
C GLN F 761 8.10 10.85 12.56
N ASN F 762 8.78 10.38 13.62
CA ASN F 762 10.20 10.05 13.59
C ASN F 762 11.05 11.26 13.21
N THR F 763 10.64 12.42 13.68
CA THR F 763 11.42 13.64 13.53
C THR F 763 12.10 13.97 14.85
N CYS F 764 12.73 15.13 14.91
CA CYS F 764 13.51 15.55 16.07
C CYS F 764 12.79 16.68 16.80
N ILE F 765 12.63 16.53 18.10
CA ILE F 765 12.09 17.57 18.96
C ILE F 765 13.23 18.08 19.84
N ASN F 766 13.69 19.29 19.57
CA ASN F 766 14.81 19.89 20.27
C ASN F 766 14.44 21.30 20.70
N GLN F 767 14.80 21.65 21.93
CA GLN F 767 14.57 22.99 22.46
C GLN F 767 15.92 23.64 22.72
N ARG F 768 16.15 24.81 22.13
CA ARG F 768 17.40 25.52 22.26
C ARG F 768 17.19 26.81 23.04
N PRO F 769 18.04 27.11 24.02
CA PRO F 769 17.89 28.37 24.75
C PRO F 769 18.05 29.57 23.84
N CYS F 770 17.29 30.62 24.14
CA CYS F 770 17.37 31.88 23.42
C CYS F 770 17.67 33.06 24.33
N VAL F 771 18.15 32.81 25.54
CA VAL F 771 18.39 33.85 26.53
C VAL F 771 19.86 33.85 26.95
N MET F 772 20.21 34.83 27.76
CA MET F 772 21.53 35.08 28.32
C MET F 772 21.42 34.98 29.84
N PRO F 773 22.52 34.72 30.54
CA PRO F 773 22.48 34.78 32.00
C PRO F 773 22.52 36.22 32.49
N GLY F 774 21.47 36.63 33.18
CA GLY F 774 21.29 38.01 33.61
C GLY F 774 20.31 38.81 32.79
N GLU F 775 19.82 38.24 31.69
CA GLU F 775 18.89 38.96 30.83
C GLU F 775 17.55 39.13 31.53
N PRO F 776 16.99 40.33 31.58
CA PRO F 776 15.66 40.50 32.16
C PRO F 776 14.60 39.86 31.28
N VAL F 777 13.69 39.14 31.92
CA VAL F 777 12.59 38.46 31.23
C VAL F 777 11.30 38.77 31.97
N ALA F 778 10.23 38.95 31.21
CA ALA F 778 8.91 39.20 31.76
C ALA F 778 8.02 38.00 31.51
N ARG F 779 6.80 38.06 32.05
CA ARG F 779 5.83 36.99 31.83
C ARG F 779 5.47 36.91 30.36
N GLY F 780 5.39 35.69 29.85
CA GLY F 780 5.06 35.47 28.45
C GLY F 780 6.23 35.52 27.50
N ASP F 781 7.43 35.84 27.97
CA ASP F 781 8.60 35.87 27.11
C ASP F 781 9.08 34.46 26.80
N VAL F 782 9.56 34.28 25.58
CA VAL F 782 10.05 32.97 25.15
C VAL F 782 11.48 32.81 25.64
N LEU F 783 11.73 31.69 26.34
CA LEU F 783 13.05 31.39 26.87
C LEU F 783 13.80 30.37 26.03
N ALA F 784 13.10 29.38 25.50
CA ALA F 784 13.67 28.38 24.62
C ALA F 784 12.78 28.22 23.40
N ASP F 785 13.39 27.97 22.25
CA ASP F 785 12.67 27.79 21.00
C ASP F 785 12.60 26.30 20.67
N GLY F 786 11.41 25.81 20.42
CA GLY F 786 11.22 24.43 20.05
C GLY F 786 11.51 24.22 18.58
N PRO F 787 11.14 23.05 18.07
CA PRO F 787 11.33 22.80 16.64
C PRO F 787 10.55 23.79 15.79
N SER F 788 11.17 24.24 14.71
CA SER F 788 10.57 25.20 13.78
C SER F 788 10.13 26.48 14.49
N THR F 789 11.04 27.03 15.29
CA THR F 789 10.82 28.29 15.98
C THR F 789 12.12 29.08 16.01
N ASP F 790 12.03 30.39 15.78
CA ASP F 790 13.20 31.25 15.77
C ASP F 790 12.82 32.51 16.56
N LEU F 791 13.34 32.62 17.78
CA LEU F 791 13.10 33.77 18.66
C LEU F 791 11.60 34.00 18.87
N GLY F 792 10.85 32.93 19.03
CA GLY F 792 9.43 33.01 19.26
C GLY F 792 8.58 33.12 18.02
N GLU F 793 9.16 32.98 16.83
CA GLU F 793 8.42 33.02 15.58
C GLU F 793 8.50 31.67 14.89
N LEU F 794 7.36 31.24 14.33
CA LEU F 794 7.32 29.99 13.60
C LEU F 794 8.25 30.05 12.39
N ALA F 795 9.05 29.00 12.22
CA ALA F 795 10.07 28.93 11.17
C ALA F 795 9.99 27.56 10.52
N LEU F 796 9.16 27.43 9.48
CA LEU F 796 8.93 26.13 8.86
C LEU F 796 9.96 25.80 7.80
N GLY F 797 10.61 26.80 7.20
CA GLY F 797 11.56 26.55 6.13
C GLY F 797 12.77 27.43 6.14
N GLN F 798 13.33 27.69 4.97
CA GLN F 798 14.53 28.52 4.82
C GLN F 798 14.32 29.53 3.71
N ASN F 799 15.02 30.66 3.84
CA ASN F 799 14.99 31.71 2.83
C ASN F 799 16.03 31.39 1.75
N MET F 800 15.58 31.22 0.52
CA MET F 800 16.42 30.75 -0.57
C MET F 800 16.41 31.76 -1.70
N ARG F 801 17.59 32.02 -2.26
CA ARG F 801 17.69 32.87 -3.44
C ARG F 801 17.12 32.15 -4.65
N ILE F 802 16.29 32.85 -5.40
CA ILE F 802 15.43 32.26 -6.41
C ILE F 802 15.57 33.06 -7.69
N ALA F 803 15.72 32.35 -8.82
CA ALA F 803 15.61 32.93 -10.15
C ALA F 803 14.51 32.20 -10.89
N PHE F 804 13.63 32.95 -11.55
CA PHE F 804 12.56 32.39 -12.36
C PHE F 804 13.02 32.32 -13.81
N MET F 805 13.53 31.16 -14.22
CA MET F 805 13.89 30.94 -15.61
C MET F 805 13.94 29.44 -15.87
N PRO F 806 13.83 29.01 -17.11
CA PRO F 806 14.14 27.62 -17.44
C PRO F 806 15.63 27.39 -17.52
N TRP F 807 16.06 26.20 -17.14
CA TRP F 807 17.48 25.85 -17.14
C TRP F 807 17.67 24.45 -17.72
N ASN F 808 17.83 24.39 -19.04
CA ASN F 808 18.26 23.18 -19.75
C ASN F 808 17.40 21.97 -19.41
N GLY F 809 16.12 22.20 -19.15
CA GLY F 809 15.19 21.12 -18.90
C GLY F 809 15.21 20.54 -17.51
N TYR F 810 16.02 21.08 -16.60
CA TYR F 810 16.12 20.54 -15.26
C TYR F 810 15.06 21.09 -14.32
N ASN F 811 14.29 22.09 -14.74
CA ASN F 811 13.10 22.53 -14.02
C ASN F 811 11.85 22.30 -14.87
N PHE F 812 11.90 21.27 -15.71
CA PHE F 812 10.75 20.88 -16.51
C PHE F 812 9.61 20.39 -15.63
N GLU F 813 8.39 20.70 -16.04
CA GLU F 813 7.17 20.47 -15.25
C GLU F 813 7.35 21.20 -13.93
N ASP F 814 7.39 20.51 -12.79
CA ASP F 814 7.57 21.16 -11.50
C ASP F 814 8.93 20.86 -10.88
N SER F 815 9.90 20.45 -11.68
CA SER F 815 11.20 20.09 -11.14
C SER F 815 11.93 21.31 -10.61
N ILE F 816 12.82 21.08 -9.65
CA ILE F 816 13.56 22.13 -8.96
C ILE F 816 15.04 21.86 -9.14
N LEU F 817 15.79 22.90 -9.52
CA LEU F 817 17.24 22.83 -9.68
C LEU F 817 17.87 23.53 -8.48
N VAL F 818 18.71 22.81 -7.76
CA VAL F 818 19.26 23.26 -6.49
C VAL F 818 20.78 23.30 -6.59
N SER F 819 21.37 24.36 -6.04
CA SER F 819 22.81 24.51 -6.04
C SER F 819 23.46 23.56 -5.04
N GLU F 820 24.74 23.26 -5.28
CA GLU F 820 25.50 22.46 -4.34
C GLU F 820 25.74 23.19 -3.03
N ARG F 821 25.79 24.53 -3.07
CA ARG F 821 26.00 25.31 -1.86
C ARG F 821 24.87 25.12 -0.87
N VAL F 822 23.66 24.83 -1.35
CA VAL F 822 22.55 24.53 -0.46
C VAL F 822 22.84 23.28 0.35
N VAL F 823 23.40 22.26 -0.30
CA VAL F 823 23.74 21.02 0.39
C VAL F 823 24.93 21.25 1.33
N GLN F 824 25.92 22.03 0.88
CA GLN F 824 27.09 22.27 1.73
C GLN F 824 26.71 23.00 3.01
N ASP F 825 25.86 24.01 2.90
CA ASP F 825 25.45 24.81 4.05
C ASP F 825 24.47 24.08 4.96
N ASP F 826 24.04 22.88 4.58
CA ASP F 826 23.15 22.06 5.40
C ASP F 826 21.86 22.80 5.74
N ARG F 827 21.32 23.52 4.75
CA ARG F 827 20.15 24.34 4.99
C ARG F 827 18.89 23.51 5.11
N PHE F 828 18.83 22.38 4.41
CA PHE F 828 17.66 21.51 4.43
C PHE F 828 18.00 20.12 4.97
N THR F 829 19.01 20.03 5.83
CA THR F 829 19.35 18.78 6.47
C THR F 829 18.49 18.59 7.71
N THR F 830 17.96 17.39 7.89
CA THR F 830 17.02 17.10 8.97
C THR F 830 17.55 15.97 9.83
N ILE F 831 17.11 15.94 11.09
CA ILE F 831 17.44 14.87 12.02
C ILE F 831 16.21 14.01 12.21
N HIS F 832 16.35 12.71 11.95
CA HIS F 832 15.26 11.76 12.08
C HIS F 832 15.65 10.73 13.13
N ILE F 833 14.81 10.57 14.15
CA ILE F 833 15.06 9.63 15.24
C ILE F 833 14.11 8.45 15.10
N GLN F 834 14.66 7.24 15.16
CA GLN F 834 13.93 6.01 14.89
C GLN F 834 14.08 5.07 16.07
N GLU F 835 12.99 4.35 16.37
CA GLU F 835 12.92 3.43 17.50
C GLU F 835 13.07 1.99 17.01
N LEU F 836 13.93 1.23 17.66
CA LEU F 836 14.10 -0.19 17.36
C LEU F 836 14.02 -0.98 18.65
N SER F 837 13.18 -2.01 18.67
CA SER F 837 12.88 -2.73 19.90
C SER F 837 13.18 -4.22 19.72
N CYS F 838 13.91 -4.78 20.69
CA CYS F 838 14.17 -6.20 20.75
C CYS F 838 13.54 -6.74 22.03
N VAL F 839 12.63 -7.70 21.87
CA VAL F 839 11.87 -8.25 23.00
C VAL F 839 12.28 -9.70 23.18
N ALA F 840 12.80 -10.02 24.37
CA ALA F 840 13.13 -11.38 24.76
C ALA F 840 11.93 -11.95 25.49
N ARG F 841 11.31 -12.96 24.88
CA ARG F 841 10.07 -13.59 25.33
C ARG F 841 10.37 -14.96 25.92
N ASP F 842 9.32 -15.60 26.44
CA ASP F 842 9.40 -16.95 26.96
C ASP F 842 8.70 -17.90 25.99
N THR F 843 9.41 -18.94 25.56
CA THR F 843 8.90 -19.87 24.57
C THR F 843 8.83 -21.27 25.15
N LYS F 844 8.28 -22.20 24.36
CA LYS F 844 8.15 -23.58 24.79
C LYS F 844 9.51 -24.23 25.01
N LEU F 845 10.42 -24.04 24.04
CA LEU F 845 11.74 -24.66 24.17
C LEU F 845 12.53 -24.09 25.33
N GLY F 846 12.35 -22.81 25.63
CA GLY F 846 13.06 -22.19 26.73
C GLY F 846 12.86 -20.69 26.70
N ALA F 847 13.71 -20.02 27.47
CA ALA F 847 13.67 -18.57 27.58
C ALA F 847 14.70 -17.95 26.65
N GLU F 848 14.25 -17.02 25.82
CA GLU F 848 15.18 -16.26 24.98
C GLU F 848 16.08 -15.40 25.85
N GLU F 849 17.38 -15.41 25.53
CA GLU F 849 18.38 -14.73 26.34
C GLU F 849 19.03 -13.62 25.52
N ILE F 850 19.24 -12.47 26.17
CA ILE F 850 19.99 -11.38 25.59
C ILE F 850 21.44 -11.56 26.04
N THR F 851 22.33 -11.81 25.09
CA THR F 851 23.71 -12.13 25.40
C THR F 851 24.59 -11.78 24.21
N ALA F 852 25.89 -11.73 24.46
CA ALA F 852 26.88 -11.41 23.44
C ALA F 852 27.42 -12.64 22.73
N ASP F 853 26.95 -13.84 23.08
CA ASP F 853 27.44 -15.08 22.48
C ASP F 853 26.54 -15.45 21.30
N ILE F 854 26.86 -14.89 20.15
CA ILE F 854 26.04 -15.02 18.95
C ILE F 854 26.72 -16.04 18.04
N PRO F 855 26.12 -17.18 17.77
CA PRO F 855 26.74 -18.17 16.87
C PRO F 855 26.88 -17.64 15.45
N ASN F 856 27.93 -18.11 14.77
CA ASN F 856 28.19 -17.80 13.37
C ASN F 856 28.42 -16.30 13.15
N VAL F 857 28.88 -15.59 14.17
CA VAL F 857 29.19 -14.17 14.08
C VAL F 857 30.53 -13.93 14.76
N GLY F 858 31.45 -13.29 14.05
CA GLY F 858 32.79 -13.07 14.54
C GLY F 858 32.90 -11.85 15.44
N GLU F 859 34.14 -11.58 15.85
CA GLU F 859 34.42 -10.43 16.71
C GLU F 859 34.33 -9.11 15.96
N ALA F 860 34.30 -9.14 14.63
CA ALA F 860 34.15 -7.90 13.87
C ALA F 860 32.79 -7.26 14.13
N ALA F 861 31.74 -8.08 14.25
CA ALA F 861 30.40 -7.59 14.53
C ALA F 861 30.09 -7.46 16.00
N LEU F 862 30.98 -7.92 16.88
CA LEU F 862 30.82 -7.78 18.33
C LEU F 862 31.61 -6.62 18.90
N SER F 863 32.17 -5.76 18.05
CA SER F 863 32.96 -4.63 18.56
C SER F 863 32.10 -3.65 19.32
N LYS F 864 30.90 -3.35 18.82
CA LYS F 864 30.09 -2.27 19.37
C LYS F 864 29.18 -2.69 20.53
N LEU F 865 29.00 -3.99 20.76
CA LEU F 865 28.20 -4.43 21.89
C LEU F 865 29.06 -4.57 23.14
N ASP F 866 28.41 -4.42 24.30
CA ASP F 866 29.06 -4.53 25.58
C ASP F 866 28.98 -5.98 26.07
N GLU F 867 29.28 -6.20 27.36
CA GLU F 867 29.20 -7.54 27.93
C GLU F 867 27.77 -8.08 27.89
N SER F 868 26.79 -7.22 28.18
CA SER F 868 25.40 -7.65 28.23
C SER F 868 24.79 -7.90 26.85
N GLY F 869 25.49 -7.53 25.77
CA GLY F 869 24.96 -7.72 24.45
C GLY F 869 24.16 -6.56 23.89
N ILE F 870 24.45 -5.34 24.33
CA ILE F 870 23.76 -4.15 23.87
C ILE F 870 24.80 -3.15 23.39
N VAL F 871 24.51 -2.47 22.27
CA VAL F 871 25.46 -1.50 21.73
C VAL F 871 25.68 -0.36 22.71
N TYR F 872 26.82 0.30 22.57
CA TYR F 872 27.17 1.42 23.42
C TYR F 872 26.45 2.68 22.95
N ILE F 873 26.37 3.66 23.84
CA ILE F 873 25.76 4.95 23.51
C ILE F 873 26.78 5.77 22.74
N GLY F 874 26.41 6.21 21.54
CA GLY F 874 27.32 6.90 20.66
C GLY F 874 27.95 6.04 19.59
N ALA F 875 27.50 4.81 19.42
CA ALA F 875 28.06 3.92 18.41
C ALA F 875 27.50 4.28 17.04
N GLU F 876 28.39 4.57 16.10
CA GLU F 876 27.99 4.83 14.73
C GLU F 876 27.75 3.49 14.03
N VAL F 877 26.50 3.23 13.67
CA VAL F 877 26.11 1.94 13.11
C VAL F 877 25.61 2.15 11.69
N LYS F 878 25.77 1.11 10.88
CA LYS F 878 25.30 1.09 9.50
C LYS F 878 24.38 -0.10 9.32
N GLY F 879 23.89 -0.26 8.09
CA GLY F 879 22.96 -1.33 7.78
C GLY F 879 23.51 -2.71 8.07
N GLY F 880 22.72 -3.53 8.75
CA GLY F 880 23.11 -4.89 9.07
C GLY F 880 23.88 -5.05 10.37
N ASP F 881 24.27 -3.95 11.01
CA ASP F 881 25.00 -4.05 12.26
C ASP F 881 24.10 -4.56 13.37
N ILE F 882 24.69 -5.32 14.29
CA ILE F 882 23.94 -5.90 15.40
C ILE F 882 23.84 -4.87 16.51
N LEU F 883 22.62 -4.53 16.91
CA LEU F 883 22.39 -3.59 18.01
C LEU F 883 22.29 -4.32 19.34
N VAL F 884 21.37 -5.27 19.45
CA VAL F 884 21.20 -6.06 20.66
C VAL F 884 21.20 -7.53 20.27
N GLY F 885 22.07 -8.31 20.91
CA GLY F 885 22.20 -9.72 20.59
C GLY F 885 21.22 -10.56 21.38
N LYS F 886 20.51 -11.43 20.68
CA LYS F 886 19.53 -12.31 21.30
C LYS F 886 19.61 -13.68 20.65
N VAL F 887 19.55 -14.72 21.47
CA VAL F 887 19.59 -16.10 21.02
C VAL F 887 18.33 -16.80 21.50
N THR F 888 17.72 -17.60 20.61
CA THR F 888 16.48 -18.28 20.91
C THR F 888 16.70 -19.79 20.83
N PRO F 889 16.31 -20.55 21.85
CA PRO F 889 16.45 -22.01 21.76
C PRO F 889 15.63 -22.57 20.61
N LYS F 890 16.20 -23.57 19.94
CA LYS F 890 15.57 -24.20 18.79
C LYS F 890 15.54 -25.71 18.98
N GLY F 891 14.57 -26.35 18.35
CA GLY F 891 14.43 -27.79 18.45
C GLY F 891 15.32 -28.53 17.47
N GLU F 892 15.10 -29.85 17.42
CA GLU F 892 15.85 -30.69 16.50
C GLU F 892 15.47 -30.36 15.06
N THR F 893 16.48 -30.31 14.19
CA THR F 893 16.30 -30.02 12.78
C THR F 893 16.82 -31.19 11.96
N GLN F 894 16.01 -31.68 11.03
CA GLN F 894 16.41 -32.79 10.18
C GLN F 894 17.55 -32.35 9.26
N LEU F 895 18.71 -32.96 9.42
CA LEU F 895 19.87 -32.66 8.57
C LEU F 895 19.82 -33.55 7.34
N THR F 896 19.92 -32.93 6.17
CA THR F 896 19.92 -33.68 4.94
C THR F 896 21.17 -34.54 4.88
N PRO F 897 21.08 -35.74 4.28
CA PRO F 897 22.21 -36.67 4.34
C PRO F 897 23.52 -36.08 3.83
N GLU F 898 23.44 -35.25 2.79
CA GLU F 898 24.61 -34.62 2.21
C GLU F 898 25.09 -33.42 3.01
N GLU F 899 24.43 -33.12 4.12
CA GLU F 899 24.96 -32.24 5.15
C GLU F 899 25.42 -33.01 6.38
N LYS F 900 24.85 -34.19 6.63
CA LYS F 900 25.43 -35.11 7.61
C LYS F 900 26.82 -35.54 7.18
N LEU F 901 27.02 -35.77 5.88
CA LEU F 901 28.35 -36.09 5.38
C LEU F 901 29.31 -34.94 5.67
N LEU F 902 28.88 -33.71 5.39
CA LEU F 902 29.74 -32.56 5.62
C LEU F 902 30.05 -32.39 7.10
N ARG F 903 29.07 -32.67 7.95
CA ARG F 903 29.32 -32.70 9.40
C ARG F 903 30.36 -33.76 9.74
N ALA F 904 30.29 -34.91 9.08
CA ALA F 904 31.26 -35.97 9.32
C ALA F 904 32.67 -35.53 8.93
N ILE F 905 32.81 -34.91 7.75
CA ILE F 905 34.13 -34.53 7.27
C ILE F 905 34.73 -33.46 8.17
N PHE F 906 34.04 -32.33 8.28
CA PHE F 906 34.44 -31.25 9.18
C PHE F 906 33.46 -31.26 10.34
N GLY F 907 33.95 -31.54 11.54
CA GLY F 907 33.11 -31.90 12.66
C GLY F 907 32.40 -30.77 13.37
N GLU F 908 32.47 -29.55 12.84
CA GLU F 908 31.83 -28.42 13.51
C GLU F 908 30.32 -28.57 13.48
N LYS F 909 29.68 -28.42 14.64
CA LYS F 909 28.23 -28.45 14.73
C LYS F 909 27.83 -27.67 15.98
N ALA F 910 27.27 -26.47 15.78
CA ALA F 910 26.80 -25.63 16.89
C ALA F 910 25.47 -25.02 16.45
N SER F 911 24.37 -25.73 16.78
CA SER F 911 23.04 -25.26 16.41
C SER F 911 22.06 -25.42 17.58
N ASP F 912 22.55 -25.27 18.81
CA ASP F 912 21.67 -25.32 19.97
C ASP F 912 20.67 -24.17 19.96
N VAL F 913 21.13 -22.98 19.58
CA VAL F 913 20.31 -21.78 19.58
C VAL F 913 20.38 -21.12 18.21
N LYS F 914 19.39 -20.29 17.92
CA LYS F 914 19.29 -19.57 16.66
C LYS F 914 19.40 -18.07 16.92
N ASP F 915 20.13 -17.39 16.05
CA ASP F 915 20.42 -15.97 16.19
C ASP F 915 19.23 -15.16 15.71
N THR F 916 18.46 -14.62 16.65
CA THR F 916 17.40 -13.67 16.35
C THR F 916 17.73 -12.39 17.12
N SER F 917 18.56 -11.56 16.51
CA SER F 917 19.04 -10.34 17.15
C SER F 917 18.50 -9.12 16.41
N LEU F 918 18.48 -8.00 17.11
CA LEU F 918 18.03 -6.74 16.53
C LEU F 918 19.16 -6.17 15.68
N ARG F 919 18.86 -5.89 14.42
CA ARG F 919 19.85 -5.39 13.47
C ARG F 919 19.36 -4.08 12.85
N VAL F 920 20.31 -3.24 12.48
CA VAL F 920 19.96 -1.97 11.84
C VAL F 920 19.35 -2.26 10.46
N PRO F 921 18.24 -1.62 10.11
CA PRO F 921 17.65 -1.86 8.78
C PRO F 921 18.58 -1.41 7.68
N ASN F 922 18.42 -2.05 6.51
CA ASN F 922 19.26 -1.73 5.36
C ASN F 922 19.04 -0.29 4.92
N SER F 923 20.11 0.33 4.44
CA SER F 923 20.13 1.73 4.03
C SER F 923 19.76 2.67 5.17
N VAL F 924 20.12 2.30 6.40
CA VAL F 924 19.93 3.16 7.56
C VAL F 924 21.26 3.23 8.30
N ALA F 925 21.82 4.43 8.40
CA ALA F 925 23.09 4.66 9.09
C ALA F 925 22.92 5.81 10.05
N GLY F 926 23.33 5.62 11.29
CA GLY F 926 23.17 6.66 12.28
C GLY F 926 23.90 6.34 13.57
N THR F 927 23.65 7.19 14.56
CA THR F 927 24.30 7.09 15.86
C THR F 927 23.27 6.65 16.91
N VAL F 928 23.68 5.70 17.75
CA VAL F 928 22.85 5.31 18.88
C VAL F 928 22.90 6.40 19.92
N ILE F 929 21.75 7.01 20.20
CA ILE F 929 21.68 8.15 21.11
C ILE F 929 21.05 7.80 22.45
N ASP F 930 20.31 6.70 22.56
CA ASP F 930 19.74 6.31 23.83
C ASP F 930 19.33 4.85 23.76
N VAL F 931 19.53 4.14 24.88
CA VAL F 931 19.14 2.76 25.03
C VAL F 931 18.43 2.59 26.37
N GLN F 932 17.25 2.00 26.34
CA GLN F 932 16.47 1.74 27.55
C GLN F 932 16.19 0.25 27.68
N VAL F 933 16.27 -0.26 28.90
CA VAL F 933 16.02 -1.66 29.19
C VAL F 933 14.89 -1.76 30.19
N PHE F 934 13.86 -2.53 29.84
CA PHE F 934 12.73 -2.82 30.70
C PHE F 934 12.75 -4.30 31.06
N THR F 935 12.71 -4.61 32.35
CA THR F 935 12.81 -5.97 32.84
C THR F 935 11.57 -6.31 33.64
N ARG F 936 11.04 -7.52 33.45
CA ARG F 936 9.86 -7.94 34.18
C ARG F 936 10.18 -8.11 35.67
N ASP F 937 9.18 -7.86 36.50
CA ASP F 937 9.34 -8.00 37.94
C ASP F 937 9.62 -9.45 38.31
N GLY F 938 10.83 -9.73 38.79
CA GLY F 938 11.25 -11.07 39.11
C GLY F 938 12.25 -11.68 38.15
N VAL F 939 12.79 -10.91 37.21
CA VAL F 939 13.80 -11.37 36.27
C VAL F 939 15.10 -10.66 36.61
N GLU F 940 16.21 -11.41 36.53
CA GLU F 940 17.52 -10.85 36.87
C GLU F 940 17.86 -9.68 35.97
N LYS F 941 18.38 -8.62 36.57
CA LYS F 941 18.81 -7.45 35.83
C LYS F 941 20.27 -7.66 35.40
N ASP F 942 20.51 -7.59 34.10
CA ASP F 942 21.88 -7.74 33.60
C ASP F 942 22.69 -6.49 33.91
N LYS F 943 23.97 -6.53 33.54
CA LYS F 943 24.88 -5.44 33.89
C LYS F 943 24.45 -4.12 33.25
N ARG F 944 24.01 -4.16 32.00
CA ARG F 944 23.63 -2.93 31.32
C ARG F 944 22.40 -2.29 31.95
N ALA F 945 21.39 -3.09 32.30
CA ALA F 945 20.22 -2.53 32.96
C ALA F 945 20.57 -1.93 34.30
N LEU F 946 21.49 -2.57 35.03
CA LEU F 946 21.97 -2.00 36.29
C LEU F 946 22.68 -0.68 36.05
N GLU F 947 23.46 -0.59 34.97
CA GLU F 947 24.14 0.67 34.67
C GLU F 947 23.15 1.78 34.35
N ILE F 948 22.12 1.47 33.57
CA ILE F 948 21.09 2.47 33.28
C ILE F 948 20.38 2.89 34.55
N GLU F 949 20.06 1.93 35.42
CA GLU F 949 19.40 2.28 36.69
C GLU F 949 20.28 3.17 37.54
N GLN F 950 21.57 2.85 37.62
CA GLN F 950 22.49 3.67 38.42
C GLN F 950 22.61 5.08 37.85
N MET F 951 22.74 5.21 36.53
CA MET F 951 22.86 6.54 35.95
C MET F 951 21.57 7.33 36.11
N GLN F 952 20.42 6.66 36.00
CA GLN F 952 19.14 7.34 36.21
C GLN F 952 19.03 7.85 37.64
N LEU F 953 19.38 7.01 38.62
CA LEU F 953 19.31 7.43 40.01
C LEU F 953 20.29 8.56 40.29
N LYS F 954 21.50 8.46 39.73
CA LYS F 954 22.50 9.51 39.94
C LYS F 954 22.03 10.83 39.35
N GLU F 955 21.46 10.81 38.14
CA GLU F 955 20.97 12.03 37.53
C GLU F 955 19.79 12.59 38.31
N ALA F 956 18.90 11.72 38.80
CA ALA F 956 17.76 12.18 39.58
C ALA F 956 18.22 12.87 40.87
N LYS F 957 19.16 12.25 41.59
CA LYS F 957 19.66 12.86 42.81
C LYS F 957 20.42 14.14 42.52
N LYS F 958 21.20 14.16 41.44
CA LYS F 958 21.93 15.37 41.06
C LYS F 958 20.96 16.51 40.76
N ASP F 959 19.90 16.22 40.02
CA ASP F 959 18.92 17.25 39.69
C ASP F 959 18.20 17.73 40.95
N LEU F 960 17.83 16.80 41.83
CA LEU F 960 17.14 17.19 43.06
C LEU F 960 18.03 18.05 43.94
N THR F 961 19.31 17.68 44.07
CA THR F 961 20.24 18.47 44.86
C THR F 961 20.49 19.84 44.21
N GLU F 962 20.55 19.89 42.88
CA GLU F 962 20.69 21.17 42.20
C GLU F 962 19.49 22.07 42.48
N GLU F 963 18.27 21.53 42.37
CA GLU F 963 17.11 22.33 42.75
C GLU F 963 17.25 22.83 44.17
N PHE F 964 17.49 21.91 45.13
CA PHE F 964 17.63 22.31 46.52
C PHE F 964 18.63 23.46 46.67
N GLN F 965 19.77 23.37 45.98
CA GLN F 965 20.77 24.43 46.04
C GLN F 965 20.20 25.76 45.56
N ILE F 966 19.56 25.76 44.39
CA ILE F 966 19.12 27.03 43.81
C ILE F 966 17.94 27.62 44.59
N LEU F 967 16.97 26.79 44.96
CA LEU F 967 15.84 27.28 45.73
C LEU F 967 16.25 27.70 47.13
N GLU F 968 17.26 27.04 47.72
CA GLU F 968 17.75 27.49 49.02
C GLU F 968 18.50 28.80 48.89
N GLY F 969 19.20 29.00 47.77
CA GLY F 969 19.80 30.30 47.52
C GLY F 969 18.75 31.39 47.45
N GLY F 970 17.65 31.13 46.74
CA GLY F 970 16.57 32.11 46.67
C GLY F 970 15.92 32.35 48.02
N LEU F 971 15.65 31.29 48.78
CA LEU F 971 15.01 31.44 50.08
C LEU F 971 15.91 32.18 51.06
N LEU F 972 17.20 31.87 51.07
CA LEU F 972 18.12 32.58 51.95
C LEU F 972 18.35 34.02 51.48
N ALA F 973 18.22 34.27 50.18
CA ALA F 973 18.25 35.66 49.71
C ALA F 973 17.04 36.43 50.22
N ARG F 974 15.87 35.80 50.21
CA ARG F 974 14.68 36.46 50.77
C ARG F 974 14.82 36.68 52.28
N VAL F 975 15.39 35.69 52.98
CA VAL F 975 15.62 35.84 54.41
C VAL F 975 16.62 36.96 54.68
N ARG F 976 17.67 37.06 53.87
CA ARG F 976 18.62 38.15 53.99
C ARG F 976 17.95 39.49 53.72
N SER F 977 17.03 39.54 52.76
CA SER F 977 16.28 40.77 52.52
C SER F 977 15.44 41.13 53.74
N VAL F 978 14.83 40.14 54.39
CA VAL F 978 14.05 40.39 55.60
C VAL F 978 14.96 40.94 56.70
N LEU F 979 16.15 40.36 56.87
CA LEU F 979 17.07 40.84 57.89
C LEU F 979 17.58 42.25 57.58
N LEU F 980 17.83 42.54 56.30
CA LEU F 980 18.35 43.83 55.88
C LEU F 980 17.32 44.94 56.03
N ALA F 981 16.05 44.62 56.30
CA ALA F 981 15.09 45.65 56.65
C ALA F 981 15.56 46.46 57.85
N GLY F 982 16.30 45.82 58.76
CA GLY F 982 16.98 46.54 59.82
C GLY F 982 18.40 46.89 59.42
N GLY F 983 19.16 45.88 58.97
CA GLY F 983 20.51 46.11 58.48
C GLY F 983 21.58 45.92 59.54
N TYR F 984 22.46 44.93 59.34
CA TYR F 984 23.56 44.67 60.26
C TYR F 984 24.76 44.20 59.44
N THR F 985 25.75 43.65 60.12
CA THR F 985 26.94 43.10 59.49
C THR F 985 26.88 41.58 59.56
N GLU F 986 26.85 40.94 58.39
CA GLU F 986 26.81 39.48 58.31
C GLU F 986 28.19 38.85 58.41
N ALA F 987 29.25 39.65 58.49
CA ALA F 987 30.59 39.10 58.70
C ALA F 987 30.69 38.39 60.04
N LYS F 988 30.05 38.93 61.07
CA LYS F 988 30.00 38.26 62.36
C LYS F 988 29.27 36.92 62.23
N LEU F 989 28.19 36.89 61.45
CA LEU F 989 27.49 35.63 61.22
C LEU F 989 28.38 34.62 60.51
N SER F 990 29.15 35.07 59.50
CA SER F 990 30.03 34.18 58.78
C SER F 990 31.26 33.79 59.60
N SER F 991 31.54 34.51 60.68
CA SER F 991 32.66 34.13 61.55
C SER F 991 32.45 32.76 62.17
N ILE F 992 31.20 32.40 62.45
CA ILE F 992 30.85 31.07 62.93
C ILE F 992 30.55 30.19 61.72
N GLU F 993 31.04 28.96 61.75
CA GLU F 993 30.89 28.06 60.61
C GLU F 993 29.40 27.73 60.41
N ARG F 994 29.04 27.47 59.16
CA ARG F 994 27.63 27.34 58.78
C ARG F 994 26.92 26.26 59.60
N LYS F 995 27.50 25.06 59.66
CA LYS F 995 26.89 24.01 60.47
C LYS F 995 26.92 24.38 61.95
N LYS F 996 28.00 25.06 62.39
CA LYS F 996 28.11 25.47 63.78
C LYS F 996 27.05 26.47 64.19
N TRP F 997 26.33 27.07 63.22
CA TRP F 997 25.18 27.90 63.57
C TRP F 997 24.14 27.10 64.33
N LEU F 998 24.04 25.80 64.07
CA LEU F 998 23.13 24.95 64.82
C LEU F 998 23.70 24.54 66.17
N GLU F 999 24.97 24.82 66.44
CA GLU F 999 25.61 24.46 67.70
C GLU F 999 25.66 25.61 68.69
N GLN F 1000 25.11 26.77 68.35
CA GLN F 1000 25.12 27.90 69.27
C GLN F 1000 24.18 27.65 70.44
N THR F 1001 24.50 28.27 71.57
CA THR F 1001 23.71 28.19 72.79
C THR F 1001 23.22 29.57 73.15
N LEU F 1002 21.91 29.70 73.36
CA LEU F 1002 21.27 30.96 73.69
C LEU F 1002 20.47 30.80 74.97
N GLU F 1003 20.67 31.72 75.92
CA GLU F 1003 19.97 31.67 77.19
C GLU F 1003 18.74 32.56 77.24
N ASN F 1004 18.75 33.68 76.52
CA ASN F 1004 17.58 34.55 76.47
C ASN F 1004 16.43 33.83 75.77
N GLU F 1005 15.23 33.95 76.34
CA GLU F 1005 14.07 33.26 75.77
C GLU F 1005 13.76 33.77 74.37
N GLU F 1006 13.91 35.08 74.15
CA GLU F 1006 13.62 35.65 72.83
C GLU F 1006 14.51 35.03 71.75
N LEU F 1007 15.82 34.89 72.04
CA LEU F 1007 16.72 34.29 71.08
C LEU F 1007 16.58 32.77 71.03
N GLN F 1008 16.35 32.14 72.18
CA GLN F 1008 16.26 30.68 72.23
C GLN F 1008 15.05 30.17 71.46
N ASN F 1009 13.92 30.88 71.56
CA ASN F 1009 12.74 30.48 70.80
C ASN F 1009 13.01 30.50 69.29
N GLN F 1010 13.67 31.56 68.82
CA GLN F 1010 14.03 31.63 67.41
C GLN F 1010 14.99 30.51 67.03
N LEU F 1011 15.92 30.18 67.93
CA LEU F 1011 16.85 29.08 67.66
C LEU F 1011 16.10 27.77 67.47
N GLU F 1012 15.14 27.49 68.36
CA GLU F 1012 14.35 26.27 68.22
C GLU F 1012 13.54 26.29 66.93
N GLN F 1013 12.96 27.43 66.57
CA GLN F 1013 12.21 27.52 65.33
C GLN F 1013 13.10 27.20 64.13
N LEU F 1014 14.31 27.76 64.09
CA LEU F 1014 15.23 27.47 62.99
C LEU F 1014 15.60 26.00 62.95
N ALA F 1015 15.83 25.39 64.11
CA ALA F 1015 16.17 23.96 64.14
C ALA F 1015 15.02 23.13 63.58
N GLU F 1016 13.79 23.44 63.98
CA GLU F 1016 12.64 22.69 63.47
C GLU F 1016 12.49 22.87 61.96
N GLN F 1017 12.67 24.10 61.46
CA GLN F 1017 12.58 24.32 60.02
C GLN F 1017 13.64 23.53 59.26
N TYR F 1018 14.86 23.48 59.80
CA TYR F 1018 15.91 22.71 59.13
C TYR F 1018 15.56 21.22 59.10
N ASP F 1019 15.03 20.71 60.22
CA ASP F 1019 14.60 19.30 60.24
C ASP F 1019 13.51 19.04 59.21
N GLU F 1020 12.54 19.94 59.08
CA GLU F 1020 11.48 19.76 58.09
C GLU F 1020 12.04 19.79 56.67
N LEU F 1021 13.00 20.68 56.41
CA LEU F 1021 13.63 20.70 55.08
C LEU F 1021 14.31 19.38 54.78
N LYS F 1022 15.06 18.85 55.75
CA LYS F 1022 15.70 17.55 55.54
C LYS F 1022 14.67 16.46 55.27
N ALA F 1023 13.57 16.47 56.04
CA ALA F 1023 12.55 15.44 55.89
C ALA F 1023 11.90 15.50 54.51
N ASP F 1024 11.56 16.72 54.04
CA ASP F 1024 10.90 16.80 52.74
C ASP F 1024 11.85 16.42 51.61
N PHE F 1025 13.12 16.82 51.70
CA PHE F 1025 14.06 16.38 50.67
C PHE F 1025 14.21 14.87 50.65
N ASP F 1026 14.29 14.25 51.83
CA ASP F 1026 14.40 12.79 51.89
C ASP F 1026 13.16 12.12 51.30
N LYS F 1027 11.97 12.64 51.61
CA LYS F 1027 10.75 12.06 51.08
C LYS F 1027 10.70 12.17 49.56
N LYS F 1028 11.08 13.33 49.01
CA LYS F 1028 11.07 13.51 47.56
C LYS F 1028 12.02 12.53 46.89
N PHE F 1029 13.25 12.40 47.39
CA PHE F 1029 14.17 11.48 46.74
C PHE F 1029 13.76 10.03 46.92
N GLU F 1030 13.16 9.68 48.06
CA GLU F 1030 12.68 8.31 48.25
C GLU F 1030 11.59 7.99 47.24
N ALA F 1031 10.66 8.93 47.03
CA ALA F 1031 9.61 8.71 46.03
C ALA F 1031 10.20 8.56 44.64
N LYS F 1032 11.20 9.39 44.30
CA LYS F 1032 11.80 9.30 42.99
C LYS F 1032 12.49 7.95 42.79
N ARG F 1033 13.21 7.46 43.81
CA ARG F 1033 13.84 6.15 43.72
C ARG F 1033 12.81 5.05 43.58
N ARG F 1034 11.69 5.15 44.31
CA ARG F 1034 10.64 4.15 44.17
C ARG F 1034 10.14 4.11 42.74
N LYS F 1035 9.93 5.28 42.13
CA LYS F 1035 9.47 5.32 40.75
C LYS F 1035 10.50 4.71 39.80
N ILE F 1036 11.79 5.00 40.03
CA ILE F 1036 12.81 4.49 39.11
C ILE F 1036 12.96 2.98 39.22
N THR F 1037 12.90 2.43 40.44
CA THR F 1037 13.32 1.05 40.65
C THR F 1037 12.22 0.04 40.32
N GLN F 1038 10.96 0.45 40.32
CA GLN F 1038 9.87 -0.51 40.16
C GLN F 1038 9.94 -1.21 38.81
N GLY F 1039 9.62 -2.50 38.81
CA GLY F 1039 9.67 -3.27 37.59
C GLY F 1039 8.57 -2.89 36.62
N ASP F 1040 8.81 -3.17 35.35
CA ASP F 1040 7.85 -2.83 34.30
C ASP F 1040 6.74 -3.88 34.21
N ASP F 1041 5.55 -3.43 33.83
CA ASP F 1041 4.40 -4.32 33.62
C ASP F 1041 4.42 -4.84 32.19
N LEU F 1042 5.40 -5.70 31.93
CA LEU F 1042 5.58 -6.26 30.59
C LEU F 1042 4.45 -7.23 30.27
N ALA F 1043 4.20 -7.40 28.98
CA ALA F 1043 3.09 -8.20 28.49
C ALA F 1043 3.31 -9.67 28.85
N PRO F 1044 2.23 -10.47 28.94
CA PRO F 1044 2.38 -11.87 29.36
C PRO F 1044 3.28 -12.68 28.46
N GLY F 1045 4.30 -13.31 29.07
CA GLY F 1045 5.28 -14.07 28.33
C GLY F 1045 6.56 -13.31 28.01
N VAL F 1046 6.58 -12.00 28.23
CA VAL F 1046 7.71 -11.16 27.88
C VAL F 1046 8.65 -11.06 29.08
N LEU F 1047 9.91 -11.44 28.87
CA LEU F 1047 10.91 -11.35 29.92
C LEU F 1047 11.65 -10.03 29.93
N LYS F 1048 12.02 -9.52 28.76
CA LYS F 1048 12.81 -8.30 28.72
C LYS F 1048 12.53 -7.55 27.42
N ILE F 1049 12.65 -6.23 27.47
CA ILE F 1049 12.55 -5.37 26.29
C ILE F 1049 13.73 -4.43 26.28
N VAL F 1050 14.35 -4.25 25.12
CA VAL F 1050 15.39 -3.24 24.95
C VAL F 1050 15.00 -2.34 23.79
N LYS F 1051 15.13 -1.04 23.99
CA LYS F 1051 14.79 -0.03 22.99
C LYS F 1051 16.03 0.77 22.67
N VAL F 1052 16.31 0.92 21.38
CA VAL F 1052 17.47 1.65 20.89
C VAL F 1052 16.96 2.78 20.00
N TYR F 1053 17.47 3.98 20.20
CA TYR F 1053 17.09 5.15 19.43
C TYR F 1053 18.23 5.52 18.49
N LEU F 1054 17.95 5.55 17.19
CA LEU F 1054 18.93 5.85 16.17
C LEU F 1054 18.65 7.22 15.59
N ALA F 1055 19.68 8.09 15.58
CA ALA F 1055 19.57 9.42 15.00
C ALA F 1055 20.26 9.41 13.64
N VAL F 1056 19.53 9.83 12.61
CA VAL F 1056 20.02 9.84 11.23
C VAL F 1056 19.95 11.27 10.71
N LYS F 1057 21.06 11.75 10.16
CA LYS F 1057 21.09 13.02 9.46
C LYS F 1057 20.76 12.77 7.99
N ARG F 1058 19.72 13.44 7.50
CA ARG F 1058 19.28 13.31 6.13
C ARG F 1058 19.55 14.62 5.39
N ARG F 1059 20.35 14.53 4.34
CA ARG F 1059 20.66 15.69 3.50
C ARG F 1059 19.78 15.69 2.27
N ILE F 1060 19.61 16.88 1.70
CA ILE F 1060 18.78 17.02 0.52
C ILE F 1060 19.43 16.29 -0.66
N GLN F 1061 18.61 15.75 -1.54
CA GLN F 1061 19.08 14.98 -2.68
C GLN F 1061 17.97 14.94 -3.72
N PRO F 1062 18.29 14.59 -4.96
CA PRO F 1062 17.23 14.45 -5.98
C PRO F 1062 16.18 13.44 -5.55
N GLY F 1063 14.92 13.76 -5.84
CA GLY F 1063 13.79 12.97 -5.44
C GLY F 1063 13.05 13.50 -4.23
N ASP F 1064 13.68 14.36 -3.44
CA ASP F 1064 13.01 14.97 -2.30
C ASP F 1064 12.02 16.03 -2.77
N LYS F 1065 11.02 16.28 -1.94
CA LYS F 1065 9.94 17.20 -2.28
C LYS F 1065 10.13 18.52 -1.55
N MET F 1066 10.09 19.61 -2.29
CA MET F 1066 10.26 20.94 -1.75
C MET F 1066 9.07 21.79 -2.16
N ALA F 1067 8.74 22.79 -1.34
CA ALA F 1067 7.55 23.57 -1.60
C ALA F 1067 7.63 24.92 -0.92
N GLY F 1068 6.84 25.86 -1.43
CA GLY F 1068 6.60 27.13 -0.79
C GLY F 1068 5.26 27.16 -0.09
N ARG F 1069 4.77 28.37 0.16
CA ARG F 1069 3.50 28.56 0.85
C ARG F 1069 2.36 28.92 -0.09
N HIS F 1070 2.57 28.79 -1.41
CA HIS F 1070 1.57 29.19 -2.38
C HIS F 1070 1.12 28.02 -3.27
N GLY F 1071 1.27 26.79 -2.79
CA GLY F 1071 0.90 25.65 -3.58
C GLY F 1071 1.91 25.24 -4.63
N ASN F 1072 3.09 25.86 -4.64
CA ASN F 1072 4.12 25.57 -5.64
C ASN F 1072 5.05 24.49 -5.08
N LYS F 1073 4.80 23.25 -5.46
CA LYS F 1073 5.56 22.11 -5.01
C LYS F 1073 6.41 21.56 -6.15
N GLY F 1074 7.41 20.78 -5.80
CA GLY F 1074 8.28 20.21 -6.81
C GLY F 1074 9.23 19.19 -6.23
N VAL F 1075 9.91 18.51 -7.14
CA VAL F 1075 10.87 17.47 -6.79
C VAL F 1075 12.24 17.91 -7.32
N ILE F 1076 13.26 17.81 -6.46
CA ILE F 1076 14.60 18.19 -6.84
C ILE F 1076 15.11 17.25 -7.93
N SER F 1077 15.56 17.83 -9.04
CA SER F 1077 16.02 17.04 -10.17
C SER F 1077 17.53 16.95 -10.25
N LYS F 1078 18.25 17.98 -9.82
CA LYS F 1078 19.70 17.99 -9.93
C LYS F 1078 20.29 18.86 -8.84
N ILE F 1079 21.45 18.47 -8.34
CA ILE F 1079 22.25 19.30 -7.45
C ILE F 1079 23.38 19.86 -8.31
N ASN F 1080 23.19 21.07 -8.79
CA ASN F 1080 24.11 21.72 -9.71
C ASN F 1080 25.34 22.24 -8.97
N PRO F 1081 26.52 22.15 -9.58
CA PRO F 1081 27.68 22.83 -9.02
C PRO F 1081 27.51 24.33 -9.05
N VAL F 1082 28.21 25.01 -8.14
CA VAL F 1082 28.02 26.46 -7.98
C VAL F 1082 28.45 27.22 -9.22
N GLU F 1083 29.50 26.75 -9.90
CA GLU F 1083 30.00 27.46 -11.07
C GLU F 1083 29.07 27.36 -12.27
N ASP F 1084 28.11 26.44 -12.24
CA ASP F 1084 27.14 26.29 -13.33
C ASP F 1084 25.84 27.02 -13.05
N MET F 1085 25.73 27.73 -11.96
CA MET F 1085 24.43 28.34 -11.83
C MET F 1085 24.47 29.83 -12.15
N PRO F 1086 23.35 30.42 -12.54
CA PRO F 1086 23.34 31.83 -12.93
C PRO F 1086 23.79 32.74 -11.79
N TYR F 1087 24.51 33.79 -12.15
CA TYR F 1087 25.06 34.74 -11.20
C TYR F 1087 24.87 36.15 -11.72
N ASP F 1088 24.84 37.10 -10.80
CA ASP F 1088 24.59 38.50 -11.14
C ASP F 1088 25.91 39.23 -11.39
N GLU F 1089 25.86 40.55 -11.48
CA GLU F 1089 27.04 41.34 -11.78
C GLU F 1089 28.04 41.35 -10.63
N ASN F 1090 27.59 41.12 -9.41
CA ASN F 1090 28.49 41.08 -8.26
C ASN F 1090 29.07 39.68 -8.04
N GLY F 1091 28.76 38.73 -8.91
CA GLY F 1091 29.30 37.39 -8.80
C GLY F 1091 28.54 36.48 -7.86
N GLN F 1092 27.45 36.95 -7.27
CA GLN F 1092 26.70 36.14 -6.33
C GLN F 1092 25.73 35.24 -7.07
N PRO F 1093 25.86 33.92 -6.98
CA PRO F 1093 24.96 33.04 -7.71
C PRO F 1093 23.63 32.85 -7.00
N VAL F 1094 22.64 32.41 -7.77
CA VAL F 1094 21.35 32.05 -7.21
C VAL F 1094 21.52 30.72 -6.48
N ASP F 1095 20.53 30.34 -5.69
CA ASP F 1095 20.55 29.06 -4.97
C ASP F 1095 19.60 28.04 -5.56
N ILE F 1096 18.43 28.47 -6.04
CA ILE F 1096 17.43 27.57 -6.61
C ILE F 1096 16.85 28.25 -7.84
N VAL F 1097 16.66 27.48 -8.90
CA VAL F 1097 16.08 27.98 -10.14
C VAL F 1097 14.71 27.33 -10.32
N LEU F 1098 13.67 28.16 -10.43
CA LEU F 1098 12.31 27.69 -10.59
C LEU F 1098 11.80 28.01 -11.99
N ASN F 1099 10.89 27.17 -12.47
CA ASN F 1099 10.35 27.35 -13.81
C ASN F 1099 9.27 28.41 -13.80
N PRO F 1100 9.38 29.44 -14.64
CA PRO F 1100 8.30 30.44 -14.73
C PRO F 1100 7.01 29.87 -15.31
N LEU F 1101 7.10 28.81 -16.11
CA LEU F 1101 5.93 28.28 -16.79
C LEU F 1101 4.85 27.80 -15.83
N GLY F 1102 5.22 27.49 -14.59
CA GLY F 1102 4.24 27.04 -13.62
C GLY F 1102 3.48 28.14 -12.94
N VAL F 1103 3.85 29.41 -13.14
CA VAL F 1103 3.16 30.50 -12.45
C VAL F 1103 1.87 30.91 -13.17
N PRO F 1104 1.88 31.27 -14.45
CA PRO F 1104 0.67 31.89 -15.04
C PRO F 1104 -0.55 30.98 -15.07
N SER F 1105 -0.38 29.70 -15.36
CA SER F 1105 -1.53 28.82 -15.51
C SER F 1105 -2.16 28.42 -14.18
N ARG F 1106 -1.43 28.54 -13.08
CA ARG F 1106 -1.95 28.19 -11.77
C ARG F 1106 -2.42 29.40 -10.96
N MET F 1107 -2.16 30.61 -11.46
CA MET F 1107 -2.73 31.83 -10.89
C MET F 1107 -2.36 32.00 -9.42
N ASN F 1108 -1.14 31.61 -9.06
CA ASN F 1108 -0.62 31.83 -7.72
C ASN F 1108 0.41 32.94 -7.83
N ILE F 1109 -0.07 34.19 -7.77
CA ILE F 1109 0.78 35.36 -7.97
C ILE F 1109 1.42 35.84 -6.70
N GLY F 1110 0.97 35.36 -5.54
CA GLY F 1110 1.59 35.78 -4.30
C GLY F 1110 3.06 35.42 -4.23
N GLN F 1111 3.48 34.45 -5.02
CA GLN F 1111 4.88 34.02 -4.98
C GLN F 1111 5.79 35.03 -5.67
N ILE F 1112 5.34 35.65 -6.77
CA ILE F 1112 6.15 36.70 -7.38
C ILE F 1112 6.29 37.90 -6.44
N LEU F 1113 5.18 38.30 -5.81
CA LEU F 1113 5.22 39.40 -4.88
C LEU F 1113 6.10 39.07 -3.68
N GLU F 1114 6.04 37.83 -3.22
CA GLU F 1114 6.92 37.38 -2.14
C GLU F 1114 8.38 37.45 -2.56
N VAL F 1115 8.67 37.06 -3.80
CA VAL F 1115 10.04 37.12 -4.30
C VAL F 1115 10.56 38.54 -4.31
N HIS F 1116 9.74 39.47 -4.81
CA HIS F 1116 10.16 40.87 -4.87
C HIS F 1116 10.37 41.45 -3.47
N LEU F 1117 9.43 41.19 -2.57
CA LEU F 1117 9.56 41.71 -1.21
C LEU F 1117 10.75 41.09 -0.49
N GLY F 1118 11.03 39.81 -0.74
CA GLY F 1118 12.18 39.18 -0.15
C GLY F 1118 13.49 39.76 -0.66
N LEU F 1119 13.54 40.07 -1.96
CA LEU F 1119 14.70 40.77 -2.50
C LEU F 1119 14.92 42.09 -1.79
N ALA F 1120 13.84 42.87 -1.62
CA ALA F 1120 13.97 44.14 -0.91
C ALA F 1120 14.42 43.96 0.53
N ALA F 1121 13.85 42.97 1.22
CA ALA F 1121 14.20 42.74 2.62
C ALA F 1121 15.65 42.32 2.78
N LYS F 1122 16.14 41.44 1.90
CA LYS F 1122 17.54 41.04 1.97
C LYS F 1122 18.47 42.19 1.60
N GLY F 1123 18.04 43.06 0.69
CA GLY F 1123 18.83 44.25 0.41
C GLY F 1123 18.96 45.17 1.61
N ILE F 1124 17.85 45.36 2.33
CA ILE F 1124 17.90 46.19 3.54
C ILE F 1124 18.79 45.55 4.59
N GLY F 1125 18.71 44.22 4.73
CA GLY F 1125 19.60 43.52 5.64
C GLY F 1125 21.06 43.68 5.26
N ASP F 1126 21.35 43.65 3.97
CA ASP F 1126 22.71 43.87 3.50
C ASP F 1126 23.18 45.28 3.82
N LYS F 1127 22.29 46.27 3.68
CA LYS F 1127 22.65 47.64 4.05
C LYS F 1127 22.98 47.74 5.54
N ILE F 1128 22.19 47.09 6.39
CA ILE F 1128 22.48 47.12 7.82
C ILE F 1128 23.79 46.41 8.11
N ASN F 1129 24.05 45.28 7.45
CA ASN F 1129 25.31 44.56 7.63
C ASN F 1129 26.49 45.45 7.26
N GLN F 1130 26.39 46.14 6.13
CA GLN F 1130 27.44 47.06 5.72
C GLN F 1130 27.63 48.15 6.75
N MET F 1131 26.54 48.77 7.19
CA MET F 1131 26.66 49.88 8.14
C MET F 1131 27.21 49.44 9.48
N ILE F 1132 27.10 48.14 9.81
CA ILE F 1132 27.74 47.65 11.02
C ILE F 1132 29.21 47.35 10.78
N LYS F 1133 29.54 46.76 9.61
CA LYS F 1133 30.93 46.38 9.36
C LYS F 1133 31.85 47.59 9.31
N GLU F 1134 31.42 48.68 8.68
CA GLU F 1134 32.23 49.89 8.64
C GLU F 1134 32.21 50.67 9.95
N GLN F 1135 31.61 50.11 11.00
CA GLN F 1135 31.62 50.72 12.33
C GLN F 1135 31.10 52.15 12.29
N GLN F 1136 30.02 52.36 11.54
CA GLN F 1136 29.45 53.68 11.43
C GLN F 1136 28.79 54.10 12.73
N GLU F 1137 28.57 55.40 12.86
CA GLU F 1137 28.07 55.98 14.10
C GLU F 1137 26.66 55.47 14.40
N LEU F 1138 26.34 55.42 15.70
CA LEU F 1138 25.02 54.95 16.11
C LEU F 1138 23.91 55.88 15.64
N ALA F 1139 24.19 57.16 15.49
CA ALA F 1139 23.16 58.09 15.05
C ALA F 1139 22.65 57.72 13.66
N LYS F 1140 23.55 57.36 12.75
CA LYS F 1140 23.14 57.00 11.40
C LYS F 1140 22.48 55.63 11.35
N LEU F 1141 22.89 54.71 12.23
CA LEU F 1141 22.19 53.44 12.35
C LEU F 1141 20.75 53.67 12.80
N ARG F 1142 20.56 54.51 13.81
CA ARG F 1142 19.21 54.84 14.27
C ARG F 1142 18.41 55.50 13.17
N GLU F 1143 19.02 56.43 12.44
CA GLU F 1143 18.32 57.13 11.37
C GLU F 1143 17.88 56.15 10.28
N PHE F 1144 18.76 55.23 9.89
CA PHE F 1144 18.40 54.26 8.87
C PHE F 1144 17.29 53.34 9.35
N LEU F 1145 17.36 52.88 10.61
CA LEU F 1145 16.31 52.00 11.11
C LEU F 1145 14.97 52.71 11.17
N GLN F 1146 14.97 53.97 11.59
CA GLN F 1146 13.73 54.73 11.64
C GLN F 1146 13.18 54.98 10.24
N LYS F 1147 14.06 55.25 9.28
CA LYS F 1147 13.61 55.41 7.89
C LYS F 1147 13.01 54.11 7.37
N VAL F 1148 13.60 52.98 7.73
CA VAL F 1148 13.10 51.68 7.28
C VAL F 1148 11.72 51.41 7.88
N TYR F 1149 11.55 51.69 9.16
CA TYR F 1149 10.28 51.38 9.82
C TYR F 1149 9.20 52.40 9.54
N ASP F 1150 9.54 53.56 8.98
CA ASP F 1150 8.56 54.58 8.63
C ASP F 1150 8.08 54.46 7.18
N LEU F 1151 8.60 53.50 6.42
CA LEU F 1151 8.19 53.34 5.03
C LEU F 1151 6.73 52.90 4.96
N GLY F 1152 5.99 53.52 4.06
CA GLY F 1152 4.59 53.21 3.89
C GLY F 1152 3.72 53.89 4.94
N ASP F 1153 2.43 53.99 4.63
CA ASP F 1153 1.46 54.54 5.56
C ASP F 1153 0.79 53.39 6.33
N THR F 1154 1.56 52.82 7.23
CA THR F 1154 1.18 51.61 7.96
C THR F 1154 0.64 51.97 9.34
N ARG F 1155 0.11 50.95 10.01
CA ARG F 1155 -0.42 51.08 11.36
C ARG F 1155 0.64 50.95 12.44
N GLN F 1156 1.89 50.69 12.05
CA GLN F 1156 2.97 50.44 12.98
C GLN F 1156 3.75 51.71 13.25
N ARG F 1157 3.91 52.05 14.52
CA ARG F 1157 4.71 53.20 14.94
C ARG F 1157 5.86 52.66 15.80
N VAL F 1158 7.00 52.42 15.17
CA VAL F 1158 8.22 51.99 15.86
C VAL F 1158 9.12 53.20 16.01
N ASP F 1159 9.38 53.60 17.24
CA ASP F 1159 10.21 54.75 17.56
C ASP F 1159 11.53 54.26 18.13
N ILE F 1160 12.59 54.34 17.33
CA ILE F 1160 13.91 53.90 17.77
C ILE F 1160 14.46 54.80 18.86
N SER F 1161 13.95 56.03 18.97
CA SER F 1161 14.44 56.94 20.00
C SER F 1161 14.18 56.42 21.41
N GLU F 1162 13.20 55.53 21.57
CA GLU F 1162 12.90 54.95 22.87
C GLU F 1162 13.60 53.62 23.11
N LEU F 1163 14.47 53.20 22.21
CA LEU F 1163 15.30 52.03 22.41
C LEU F 1163 16.70 52.44 22.87
N SER F 1164 17.23 51.71 23.84
CA SER F 1164 18.56 52.01 24.34
C SER F 1164 19.62 51.64 23.30
N ASP F 1165 20.86 52.06 23.58
CA ASP F 1165 21.95 51.79 22.64
C ASP F 1165 22.18 50.30 22.46
N GLU F 1166 22.21 49.55 23.56
CA GLU F 1166 22.38 48.10 23.46
C GLU F 1166 21.20 47.46 22.75
N ASP F 1167 20.00 47.98 22.98
CA ASP F 1167 18.83 47.49 22.27
C ASP F 1167 18.96 47.71 20.77
N VAL F 1168 19.46 48.88 20.37
CA VAL F 1168 19.64 49.16 18.95
C VAL F 1168 20.70 48.24 18.36
N ARG F 1169 21.79 48.00 19.09
CA ARG F 1169 22.79 47.05 18.61
C ARG F 1169 22.21 45.65 18.43
N THR F 1170 21.41 45.19 19.41
CA THR F 1170 20.81 43.86 19.28
C THR F 1170 19.86 43.80 18.09
N LEU F 1171 19.04 44.83 17.91
CA LEU F 1171 18.09 44.83 16.79
C LEU F 1171 18.82 44.84 15.46
N ALA F 1172 19.87 45.66 15.34
CA ALA F 1172 20.63 45.70 14.09
C ALA F 1172 21.33 44.37 13.83
N HIS F 1173 21.83 43.73 14.88
CA HIS F 1173 22.46 42.43 14.71
C HIS F 1173 21.47 41.39 14.24
N ASN F 1174 20.25 41.41 14.78
CA ASN F 1174 19.25 40.44 14.36
C ASN F 1174 18.64 40.75 12.99
N LEU F 1175 18.93 41.92 12.42
CA LEU F 1175 18.49 42.27 11.08
C LEU F 1175 19.58 42.09 10.04
N ARG F 1176 20.71 41.50 10.42
CA ARG F 1176 21.81 41.30 9.48
C ARG F 1176 21.40 40.43 8.31
N ALA F 1177 20.69 39.34 8.58
CA ALA F 1177 20.32 38.37 7.56
C ALA F 1177 19.03 38.75 6.83
N GLY F 1178 18.63 40.01 6.90
CA GLY F 1178 17.42 40.45 6.24
C GLY F 1178 16.42 41.07 7.21
N LEU F 1179 15.57 41.95 6.69
CA LEU F 1179 14.57 42.62 7.49
C LEU F 1179 13.26 41.84 7.39
N PRO F 1180 12.78 41.23 8.47
CA PRO F 1180 11.48 40.55 8.40
C PRO F 1180 10.36 41.55 8.20
N VAL F 1181 9.44 41.20 7.31
CA VAL F 1181 8.31 42.06 6.96
C VAL F 1181 7.03 41.26 7.12
N ALA F 1182 5.98 41.92 7.58
CA ALA F 1182 4.67 41.30 7.77
C ALA F 1182 3.70 41.88 6.76
N THR F 1183 3.09 41.02 5.95
CA THR F 1183 2.07 41.40 4.98
C THR F 1183 0.81 40.60 5.30
N PRO F 1184 -0.05 41.12 6.17
CA PRO F 1184 -1.24 40.35 6.58
C PRO F 1184 -2.18 40.09 5.43
N VAL F 1185 -2.91 38.98 5.53
CA VAL F 1185 -3.82 38.57 4.47
C VAL F 1185 -4.93 39.60 4.32
N PHE F 1186 -5.19 40.01 3.08
CA PHE F 1186 -6.18 41.02 2.72
C PHE F 1186 -5.89 42.38 3.32
N ASP F 1187 -4.73 42.57 3.92
CA ASP F 1187 -4.26 43.86 4.39
C ASP F 1187 -2.77 44.02 4.09
N GLY F 1188 -2.35 43.49 2.95
CA GLY F 1188 -0.94 43.34 2.65
C GLY F 1188 -0.31 44.57 2.01
N ALA F 1189 0.96 44.42 1.67
CA ALA F 1189 1.75 45.51 1.11
C ALA F 1189 1.38 45.70 -0.36
N PRO F 1190 1.03 46.92 -0.77
CA PRO F 1190 0.74 47.16 -2.19
C PRO F 1190 1.99 47.10 -3.05
N GLU F 1191 1.81 47.23 -4.37
CA GLU F 1191 2.95 47.27 -5.28
C GLU F 1191 3.85 48.47 -5.00
N SER F 1192 3.24 49.62 -4.70
CA SER F 1192 4.03 50.83 -4.46
C SER F 1192 4.95 50.68 -3.26
N SER F 1193 4.45 50.06 -2.18
CA SER F 1193 5.30 49.86 -1.01
C SER F 1193 6.46 48.93 -1.32
N ILE F 1194 6.19 47.86 -2.07
CA ILE F 1194 7.26 46.94 -2.46
C ILE F 1194 8.31 47.66 -3.28
N LYS F 1195 7.88 48.46 -4.25
CA LYS F 1195 8.83 49.19 -5.08
C LYS F 1195 9.62 50.20 -4.26
N ALA F 1196 8.97 50.87 -3.32
CA ALA F 1196 9.68 51.82 -2.46
C ALA F 1196 10.72 51.11 -1.60
N MET F 1197 10.39 49.94 -1.08
CA MET F 1197 11.37 49.14 -0.35
C MET F 1197 12.53 48.76 -1.26
N LEU F 1198 12.25 48.41 -2.50
CA LEU F 1198 13.32 48.07 -3.44
C LEU F 1198 14.24 49.26 -3.69
N GLU F 1199 13.66 50.45 -3.87
CA GLU F 1199 14.49 51.64 -4.08
C GLU F 1199 15.29 52.00 -2.83
N LEU F 1200 14.76 51.72 -1.64
CA LEU F 1200 15.53 51.99 -0.43
C LEU F 1200 16.80 51.15 -0.39
N ALA F 1201 16.73 49.91 -0.88
CA ALA F 1201 17.86 48.99 -0.88
C ALA F 1201 18.74 49.10 -2.10
N ASP F 1202 18.48 50.07 -2.98
CA ASP F 1202 19.21 50.24 -4.23
C ASP F 1202 19.15 48.97 -5.08
N LEU F 1203 17.94 48.58 -5.40
CA LEU F 1203 17.65 47.44 -6.26
C LEU F 1203 16.67 47.87 -7.33
N PRO F 1204 16.64 47.18 -8.47
CA PRO F 1204 15.73 47.59 -9.55
C PRO F 1204 14.28 47.58 -9.11
N ALA F 1205 13.53 48.58 -9.58
CA ALA F 1205 12.12 48.69 -9.21
C ALA F 1205 11.29 47.60 -9.83
N SER F 1206 11.78 46.92 -10.86
CA SER F 1206 11.07 45.82 -11.48
C SER F 1206 11.37 44.48 -10.81
N GLY F 1207 12.33 44.44 -9.89
CA GLY F 1207 12.70 43.20 -9.25
C GLY F 1207 13.42 42.23 -10.15
N GLN F 1208 13.91 42.67 -11.30
CA GLN F 1208 14.56 41.82 -12.27
C GLN F 1208 16.00 42.29 -12.47
N LEU F 1209 16.93 41.34 -12.46
CA LEU F 1209 18.34 41.62 -12.62
C LEU F 1209 18.85 40.99 -13.91
N THR F 1210 20.08 41.33 -14.26
CA THR F 1210 20.77 40.73 -15.39
C THR F 1210 21.63 39.59 -14.86
N LEU F 1211 21.40 38.39 -15.36
CA LEU F 1211 22.10 37.20 -14.91
C LEU F 1211 22.96 36.64 -16.04
N PHE F 1212 24.03 35.96 -15.65
CA PHE F 1212 25.01 35.42 -16.58
C PHE F 1212 25.09 33.90 -16.43
N ASP F 1213 25.27 33.22 -17.55
CA ASP F 1213 25.41 31.77 -17.52
C ASP F 1213 26.78 31.39 -16.97
N GLY F 1214 26.81 30.56 -15.93
CA GLY F 1214 28.07 30.16 -15.35
C GLY F 1214 28.88 29.25 -16.25
N ARG F 1215 28.22 28.52 -17.15
CA ARG F 1215 28.91 27.64 -18.06
C ARG F 1215 29.63 28.39 -19.18
N THR F 1216 29.12 29.56 -19.56
CA THR F 1216 29.64 30.31 -20.68
C THR F 1216 30.06 31.73 -20.34
N GLY F 1217 29.47 32.35 -19.32
CA GLY F 1217 29.73 33.74 -19.04
C GLY F 1217 28.89 34.71 -19.83
N ASP F 1218 28.05 34.22 -20.73
CA ASP F 1218 27.23 35.09 -21.57
C ASP F 1218 25.96 35.48 -20.83
N ALA F 1219 25.63 36.76 -20.87
CA ALA F 1219 24.42 37.24 -20.23
C ALA F 1219 23.18 36.69 -20.93
N PHE F 1220 22.15 36.40 -20.14
CA PHE F 1220 20.88 35.99 -20.70
C PHE F 1220 20.23 37.16 -21.44
N GLU F 1221 19.40 36.83 -22.43
CA GLU F 1221 18.88 37.85 -23.32
C GLU F 1221 17.81 38.72 -22.68
N ARG F 1222 17.25 38.32 -21.55
CA ARG F 1222 16.21 39.08 -20.88
C ARG F 1222 16.50 39.16 -19.40
N PRO F 1223 16.04 40.20 -18.72
CA PRO F 1223 16.14 40.24 -17.26
C PRO F 1223 15.33 39.13 -16.62
N VAL F 1224 15.80 38.66 -15.47
CA VAL F 1224 15.24 37.52 -14.77
C VAL F 1224 14.79 37.95 -13.38
N THR F 1225 13.60 37.49 -12.98
CA THR F 1225 13.09 37.75 -11.64
C THR F 1225 13.93 36.97 -10.63
N VAL F 1226 14.67 37.69 -9.80
CA VAL F 1226 15.51 37.11 -8.75
C VAL F 1226 15.10 37.72 -7.42
N GLY F 1227 14.92 36.87 -6.43
CA GLY F 1227 14.56 37.32 -5.11
C GLY F 1227 14.78 36.26 -4.07
N TYR F 1228 14.04 36.35 -2.97
CA TYR F 1228 14.16 35.39 -1.89
C TYR F 1228 12.79 34.80 -1.59
N MET F 1229 12.73 33.47 -1.51
CA MET F 1229 11.49 32.76 -1.28
C MET F 1229 11.66 31.80 -0.13
N TYR F 1230 10.62 31.65 0.68
CA TYR F 1230 10.64 30.74 1.81
C TYR F 1230 10.26 29.34 1.32
N MET F 1231 11.20 28.41 1.37
CA MET F 1231 10.97 27.05 0.94
C MET F 1231 10.89 26.10 2.13
N LEU F 1232 10.17 25.00 1.91
CA LEU F 1232 9.93 24.00 2.92
C LEU F 1232 10.38 22.64 2.40
N LYS F 1233 10.80 21.77 3.32
CA LYS F 1233 11.18 20.41 3.00
C LYS F 1233 10.07 19.50 3.51
N LEU F 1234 9.23 19.03 2.60
CA LEU F 1234 8.10 18.21 2.98
C LEU F 1234 8.54 16.81 3.37
N ASN F 1235 7.72 16.15 4.17
CA ASN F 1235 8.04 14.82 4.66
C ASN F 1235 7.68 13.76 3.62
N HIS F 1236 8.14 13.95 2.39
CA HIS F 1236 8.05 12.95 1.33
C HIS F 1236 9.48 12.79 0.81
N LEU F 1237 10.25 11.94 1.48
CA LEU F 1237 11.66 11.80 1.21
C LEU F 1237 11.91 10.55 0.38
N VAL F 1238 12.82 10.67 -0.60
CA VAL F 1238 13.13 9.54 -1.46
C VAL F 1238 13.78 8.40 -0.69
N ASP F 1239 14.35 8.69 0.48
CA ASP F 1239 14.90 7.63 1.31
C ASP F 1239 13.81 6.71 1.84
N ASP F 1240 12.64 7.27 2.15
CA ASP F 1240 11.53 6.50 2.68
C ASP F 1240 10.58 6.00 1.61
N LYS F 1241 10.83 6.31 0.35
CA LYS F 1241 9.96 5.88 -0.74
C LYS F 1241 10.64 5.01 -1.78
N MET F 1242 11.96 4.93 -1.79
CA MET F 1242 12.66 4.02 -2.68
C MET F 1242 12.52 2.60 -2.17
N HIS F 1243 12.08 1.69 -3.05
CA HIS F 1243 11.91 0.31 -2.65
C HIS F 1243 12.15 -0.59 -3.85
N ALA F 1244 12.69 -1.77 -3.59
CA ALA F 1244 12.94 -2.77 -4.62
C ALA F 1244 12.96 -4.14 -3.98
N ARG F 1245 12.54 -5.15 -4.75
CA ARG F 1245 12.48 -6.50 -4.26
C ARG F 1245 12.67 -7.48 -5.40
N SER F 1246 13.50 -8.50 -5.18
CA SER F 1246 13.65 -9.61 -6.10
C SER F 1246 12.86 -10.84 -5.67
N THR F 1247 13.07 -11.29 -4.44
CA THR F 1247 12.32 -12.39 -3.87
C THR F 1247 12.34 -12.24 -2.36
N GLY F 1248 11.19 -12.39 -1.72
CA GLY F 1248 11.07 -12.21 -0.28
C GLY F 1248 9.99 -13.07 0.30
N SER F 1249 9.23 -12.49 1.23
CA SER F 1249 8.18 -13.22 1.93
C SER F 1249 6.95 -13.37 1.05
N TYR F 1250 6.11 -14.34 1.43
CA TYR F 1250 4.90 -14.65 0.68
C TYR F 1250 3.73 -14.81 1.64
N SER F 1251 2.53 -14.59 1.13
CA SER F 1251 1.33 -14.65 1.95
C SER F 1251 1.04 -16.10 2.34
N LEU F 1252 0.33 -16.25 3.46
CA LEU F 1252 0.07 -17.58 3.99
C LEU F 1252 -0.97 -18.32 3.17
N VAL F 1253 -2.06 -17.66 2.79
CA VAL F 1253 -3.15 -18.33 2.10
C VAL F 1253 -3.00 -18.23 0.59
N THR F 1254 -2.82 -17.01 0.08
CA THR F 1254 -2.73 -16.81 -1.37
C THR F 1254 -1.35 -17.13 -1.92
N GLN F 1255 -0.34 -17.29 -1.07
CA GLN F 1255 1.03 -17.58 -1.50
C GLN F 1255 1.55 -16.53 -2.46
N GLN F 1256 1.16 -15.28 -2.27
CA GLN F 1256 1.56 -14.18 -3.12
C GLN F 1256 2.46 -13.22 -2.36
N PRO F 1257 3.29 -12.47 -3.06
CA PRO F 1257 4.19 -11.52 -2.37
C PRO F 1257 3.41 -10.53 -1.53
N LEU F 1258 3.98 -10.17 -0.38
CA LEU F 1258 3.33 -9.25 0.52
C LEU F 1258 3.34 -7.83 -0.07
N GLY F 1259 2.76 -6.90 0.66
CA GLY F 1259 2.67 -5.53 0.19
C GLY F 1259 3.15 -4.50 1.19
N GLY F 1260 4.00 -3.58 0.74
CA GLY F 1260 4.51 -2.54 1.60
C GLY F 1260 6.01 -2.57 1.78
N LYS F 1261 6.59 -1.41 2.12
CA LYS F 1261 8.03 -1.34 2.36
C LYS F 1261 8.40 -2.07 3.64
N ALA F 1262 7.56 -1.99 4.66
CA ALA F 1262 7.87 -2.62 5.94
C ALA F 1262 7.96 -4.14 5.81
N GLN F 1263 7.19 -4.72 4.90
CA GLN F 1263 7.19 -6.16 4.68
C GLN F 1263 8.12 -6.58 3.55
N PHE F 1264 8.89 -5.64 2.98
CA PHE F 1264 9.71 -5.89 1.80
C PHE F 1264 8.86 -6.48 0.68
N GLY F 1265 7.71 -5.86 0.44
CA GLY F 1265 6.71 -6.39 -0.45
C GLY F 1265 7.02 -6.12 -1.92
N GLY F 1266 6.04 -6.47 -2.74
CA GLY F 1266 6.16 -6.28 -4.17
C GLY F 1266 5.09 -5.36 -4.71
N GLN F 1267 5.36 -4.74 -5.85
CA GLN F 1267 4.38 -3.86 -6.47
C GLN F 1267 3.21 -4.65 -7.01
N ARG F 1268 2.04 -4.03 -7.04
CA ARG F 1268 0.83 -4.69 -7.47
C ARG F 1268 0.60 -4.49 -8.96
N PHE F 1269 0.44 -5.59 -9.68
CA PHE F 1269 0.06 -5.56 -11.09
C PHE F 1269 -1.45 -5.72 -11.16
N GLY F 1270 -2.15 -4.61 -11.10
CA GLY F 1270 -3.59 -4.61 -11.04
C GLY F 1270 -4.24 -4.92 -12.37
N GLU F 1271 -5.57 -4.78 -12.38
CA GLU F 1271 -6.35 -5.13 -13.57
C GLU F 1271 -6.01 -4.23 -14.75
N MET F 1272 -5.82 -2.94 -14.51
CA MET F 1272 -5.53 -2.02 -15.60
C MET F 1272 -4.18 -2.31 -16.25
N GLU F 1273 -3.20 -2.74 -15.46
CA GLU F 1273 -1.93 -3.16 -16.02
C GLU F 1273 -2.10 -4.37 -16.94
N VAL F 1274 -2.93 -5.32 -16.52
CA VAL F 1274 -3.19 -6.50 -17.34
C VAL F 1274 -3.88 -6.10 -18.63
N TRP F 1275 -4.79 -5.13 -18.56
CA TRP F 1275 -5.42 -4.60 -19.77
C TRP F 1275 -4.39 -3.98 -20.70
N ALA F 1276 -3.44 -3.23 -20.14
CA ALA F 1276 -2.39 -2.63 -20.96
C ALA F 1276 -1.54 -3.69 -21.65
N LEU F 1277 -1.15 -4.73 -20.91
CA LEU F 1277 -0.35 -5.79 -21.50
C LEU F 1277 -1.13 -6.54 -22.57
N GLU F 1278 -2.43 -6.73 -22.36
CA GLU F 1278 -3.28 -7.36 -23.37
C GLU F 1278 -3.37 -6.50 -24.62
N ALA F 1279 -3.49 -5.18 -24.44
CA ALA F 1279 -3.55 -4.27 -25.58
C ALA F 1279 -2.25 -4.32 -26.38
N TYR F 1280 -1.11 -4.37 -25.69
CA TYR F 1280 0.15 -4.50 -26.39
C TYR F 1280 0.24 -5.82 -27.15
N GLY F 1281 -0.25 -6.89 -26.54
CA GLY F 1281 -0.07 -8.22 -27.08
C GLY F 1281 1.01 -9.04 -26.41
N ALA F 1282 1.60 -8.54 -25.32
CA ALA F 1282 2.68 -9.22 -24.63
C ALA F 1282 2.09 -10.35 -23.78
N ALA F 1283 1.89 -11.49 -24.44
CA ALA F 1283 1.35 -12.64 -23.75
C ALA F 1283 2.35 -13.22 -22.75
N TYR F 1284 3.63 -13.24 -23.11
CA TYR F 1284 4.62 -13.91 -22.28
C TYR F 1284 4.96 -13.09 -21.04
N THR F 1285 5.04 -11.77 -21.17
CA THR F 1285 5.25 -10.92 -20.00
C THR F 1285 4.07 -11.04 -19.04
N LEU F 1286 2.85 -11.06 -19.58
CA LEU F 1286 1.67 -11.22 -18.73
C LEU F 1286 1.68 -12.56 -18.02
N GLN F 1287 2.05 -13.63 -18.72
CA GLN F 1287 2.12 -14.93 -18.08
C GLN F 1287 3.20 -14.96 -17.01
N GLU F 1288 4.32 -14.29 -17.25
CA GLU F 1288 5.36 -14.18 -16.23
C GLU F 1288 4.81 -13.51 -14.98
N MET F 1289 4.12 -12.39 -15.15
CA MET F 1289 3.59 -11.67 -14.00
C MET F 1289 2.56 -12.50 -13.25
N LEU F 1290 1.70 -13.20 -13.99
CA LEU F 1290 0.64 -13.98 -13.34
C LEU F 1290 1.19 -15.19 -12.61
N THR F 1291 2.05 -15.97 -13.26
CA THR F 1291 2.44 -17.28 -12.72
C THR F 1291 3.75 -17.25 -11.93
N VAL F 1292 4.88 -17.01 -12.60
CA VAL F 1292 6.18 -17.30 -11.99
C VAL F 1292 6.69 -16.16 -11.12
N LYS F 1293 5.95 -15.07 -11.01
CA LYS F 1293 6.34 -13.96 -10.16
C LYS F 1293 5.46 -13.80 -8.93
N SER F 1294 4.26 -14.39 -8.91
CA SER F 1294 3.34 -14.17 -7.80
C SER F 1294 3.03 -15.44 -7.03
N ASP F 1295 2.41 -16.45 -7.66
CA ASP F 1295 1.83 -17.54 -6.86
C ASP F 1295 2.01 -18.93 -7.45
N ASP F 1296 2.84 -19.11 -8.47
CA ASP F 1296 3.22 -20.45 -8.90
C ASP F 1296 4.40 -20.89 -8.05
N VAL F 1297 4.13 -21.75 -7.07
CA VAL F 1297 5.13 -22.04 -6.04
C VAL F 1297 6.33 -22.77 -6.63
N ASN F 1298 6.07 -23.83 -7.39
CA ASN F 1298 7.17 -24.57 -8.00
C ASN F 1298 7.82 -23.77 -9.12
N GLY F 1299 6.99 -23.06 -9.89
CA GLY F 1299 7.51 -22.32 -11.03
C GLY F 1299 8.46 -21.21 -10.64
N ARG F 1300 8.20 -20.56 -9.51
CA ARG F 1300 9.05 -19.44 -9.12
C ARG F 1300 10.41 -19.91 -8.61
N THR F 1301 10.45 -21.02 -7.87
CA THR F 1301 11.74 -21.60 -7.50
C THR F 1301 12.49 -22.09 -8.73
N LYS F 1302 11.78 -22.71 -9.68
CA LYS F 1302 12.43 -23.13 -10.92
C LYS F 1302 12.98 -21.95 -11.69
N MET F 1303 12.24 -20.84 -11.72
CA MET F 1303 12.69 -19.63 -12.39
C MET F 1303 13.96 -19.08 -11.73
N TYR F 1304 13.98 -19.05 -10.40
CA TYR F 1304 15.17 -18.59 -9.70
C TYR F 1304 16.38 -19.45 -10.03
N LYS F 1305 16.19 -20.78 -10.01
CA LYS F 1305 17.29 -21.67 -10.33
C LYS F 1305 17.77 -21.47 -11.76
N ASN F 1306 16.84 -21.31 -12.71
CA ASN F 1306 17.22 -21.13 -14.10
C ASN F 1306 17.98 -19.82 -14.29
N ILE F 1307 17.54 -18.75 -13.64
CA ILE F 1307 18.26 -17.48 -13.75
C ILE F 1307 19.66 -17.61 -13.17
N VAL F 1308 19.79 -18.32 -12.05
CA VAL F 1308 21.12 -18.58 -11.49
C VAL F 1308 21.95 -19.40 -12.47
N ASP F 1309 21.31 -20.31 -13.18
CA ASP F 1309 22.00 -21.12 -14.19
C ASP F 1309 22.16 -20.40 -15.51
N GLY F 1310 21.65 -19.18 -15.64
CA GLY F 1310 21.76 -18.43 -16.88
C GLY F 1310 20.99 -19.02 -18.04
N ASN F 1311 19.75 -19.45 -17.80
CA ASN F 1311 18.93 -20.08 -18.83
C ASN F 1311 17.81 -19.20 -19.36
N HIS F 1312 17.15 -18.43 -18.49
CA HIS F 1312 16.09 -17.50 -18.86
C HIS F 1312 14.95 -18.19 -19.62
N ALA F 1313 14.40 -19.22 -18.98
CA ALA F 1313 13.21 -19.89 -19.49
C ALA F 1313 12.35 -20.32 -18.31
N MET F 1314 11.05 -20.35 -18.51
CA MET F 1314 10.12 -20.64 -17.43
C MET F 1314 9.22 -21.82 -17.82
N GLU F 1315 8.71 -22.48 -16.78
CA GLU F 1315 7.78 -23.60 -16.92
C GLU F 1315 6.52 -23.24 -16.14
N PRO F 1316 5.60 -22.50 -16.75
CA PRO F 1316 4.44 -22.02 -15.99
C PRO F 1316 3.50 -23.16 -15.62
N GLY F 1317 2.84 -22.99 -14.48
CA GLY F 1317 1.89 -23.94 -13.96
C GLY F 1317 0.60 -23.26 -13.57
N MET F 1318 -0.06 -23.84 -12.59
CA MET F 1318 -1.32 -23.30 -12.11
C MET F 1318 -1.09 -22.39 -10.92
N PRO F 1319 -1.65 -21.18 -10.93
CA PRO F 1319 -1.55 -20.32 -9.74
C PRO F 1319 -2.27 -20.93 -8.56
N GLU F 1320 -1.71 -20.67 -7.36
CA GLU F 1320 -2.34 -21.18 -6.15
C GLU F 1320 -3.68 -20.51 -5.86
N SER F 1321 -3.84 -19.26 -6.31
CA SER F 1321 -5.09 -18.55 -6.06
C SER F 1321 -6.26 -19.24 -6.76
N PHE F 1322 -6.02 -19.82 -7.93
CA PHE F 1322 -7.08 -20.54 -8.63
C PHE F 1322 -7.46 -21.81 -7.87
N ASN F 1323 -6.47 -22.50 -7.29
CA ASN F 1323 -6.77 -23.67 -6.48
C ASN F 1323 -7.59 -23.28 -5.25
N VAL F 1324 -7.24 -22.15 -4.61
CA VAL F 1324 -8.05 -21.66 -3.49
C VAL F 1324 -9.46 -21.35 -3.96
N LEU F 1325 -9.60 -20.73 -5.13
CA LEU F 1325 -10.91 -20.45 -5.71
C LEU F 1325 -11.73 -21.73 -5.84
N LEU F 1326 -11.12 -22.76 -6.42
CA LEU F 1326 -11.83 -24.03 -6.62
C LEU F 1326 -12.24 -24.62 -5.28
N LYS F 1327 -11.36 -24.56 -4.28
CA LYS F 1327 -11.67 -25.12 -2.98
C LYS F 1327 -12.84 -24.41 -2.32
N GLU F 1328 -12.89 -23.07 -2.41
CA GLU F 1328 -14.02 -22.36 -1.82
C GLU F 1328 -15.32 -22.62 -2.59
N ILE F 1329 -15.26 -22.68 -3.92
CA ILE F 1329 -16.48 -22.96 -4.67
C ILE F 1329 -16.99 -24.36 -4.34
N ARG F 1330 -16.08 -25.32 -4.16
CA ARG F 1330 -16.50 -26.64 -3.73
C ARG F 1330 -17.04 -26.65 -2.31
N SER F 1331 -16.48 -25.81 -1.44
CA SER F 1331 -17.00 -25.67 -0.09
C SER F 1331 -18.39 -25.07 -0.08
N LEU F 1332 -18.74 -24.30 -1.10
CA LEU F 1332 -20.11 -23.82 -1.27
C LEU F 1332 -21.04 -24.86 -1.86
N GLY F 1333 -20.63 -26.13 -1.84
CA GLY F 1333 -21.47 -27.21 -2.33
C GLY F 1333 -21.74 -27.19 -3.82
N ILE F 1334 -20.77 -26.78 -4.62
CA ILE F 1334 -20.90 -26.73 -6.07
C ILE F 1334 -19.73 -27.49 -6.68
N ASN F 1335 -20.03 -28.42 -7.57
CA ASN F 1335 -19.01 -29.25 -8.21
C ASN F 1335 -18.36 -28.45 -9.33
N ILE F 1336 -17.14 -27.98 -9.11
CA ILE F 1336 -16.34 -27.31 -10.13
C ILE F 1336 -15.08 -28.12 -10.32
N GLU F 1337 -14.75 -28.43 -11.57
CA GLU F 1337 -13.64 -29.31 -11.86
C GLU F 1337 -13.11 -29.04 -13.26
N LEU F 1338 -11.93 -29.58 -13.53
CA LEU F 1338 -11.24 -29.38 -14.80
C LEU F 1338 -11.36 -30.63 -15.65
N GLU F 1339 -11.75 -30.45 -16.91
CA GLU F 1339 -11.87 -31.56 -17.85
C GLU F 1339 -10.65 -31.61 -18.76
N ASP F 1340 -10.26 -32.84 -19.11
CA ASP F 1340 -9.11 -33.06 -19.98
C ASP F 1340 -9.51 -33.42 -21.41
N GLU G 16 -3.00 -29.52 -20.04
CA GLU G 16 -3.44 -30.42 -18.98
C GLU G 16 -4.96 -30.54 -18.97
N PHE G 17 -5.63 -29.39 -19.01
CA PHE G 17 -7.08 -29.34 -19.05
C PHE G 17 -7.51 -28.35 -20.13
N ASP G 18 -8.67 -28.61 -20.72
CA ASP G 18 -9.19 -27.76 -21.78
C ASP G 18 -10.50 -27.05 -21.42
N ALA G 19 -11.15 -27.42 -20.32
CA ALA G 19 -12.42 -26.82 -19.97
C ALA G 19 -12.65 -26.94 -18.48
N ILE G 20 -13.56 -26.12 -17.97
CA ILE G 20 -14.00 -26.16 -16.58
C ILE G 20 -15.49 -26.44 -16.59
N LYS G 21 -15.89 -27.50 -15.88
CA LYS G 21 -17.30 -27.85 -15.75
C LYS G 21 -17.82 -27.44 -14.38
N ILE G 22 -19.06 -26.98 -14.34
CA ILE G 22 -19.70 -26.60 -13.10
C ILE G 22 -21.08 -27.26 -13.04
N GLY G 23 -21.50 -27.61 -11.83
CA GLY G 23 -22.78 -28.26 -11.65
C GLY G 23 -23.02 -28.55 -10.18
N LEU G 24 -24.17 -29.17 -9.92
CA LEU G 24 -24.55 -29.49 -8.55
C LEU G 24 -23.64 -30.56 -7.97
N ALA G 25 -23.54 -30.57 -6.65
CA ALA G 25 -22.74 -31.53 -5.91
C ALA G 25 -23.66 -32.53 -5.23
N SER G 26 -23.57 -33.78 -5.64
CA SER G 26 -24.30 -34.85 -5.00
C SER G 26 -23.66 -35.21 -3.67
N PRO G 27 -24.43 -35.80 -2.75
CA PRO G 27 -23.82 -36.24 -1.48
C PRO G 27 -22.68 -37.23 -1.68
N ASP G 28 -22.80 -38.12 -2.65
CA ASP G 28 -21.72 -39.06 -2.92
C ASP G 28 -20.46 -38.33 -3.38
N MET G 29 -20.63 -37.30 -4.21
CA MET G 29 -19.48 -36.53 -4.67
C MET G 29 -18.79 -35.78 -3.52
N ILE G 30 -19.59 -35.18 -2.63
CA ILE G 30 -19.02 -34.48 -1.49
C ILE G 30 -18.29 -35.46 -0.57
N ARG G 31 -18.85 -36.66 -0.39
CA ARG G 31 -18.15 -37.68 0.38
C ARG G 31 -16.87 -38.10 -0.30
N SER G 32 -16.88 -38.17 -1.63
CA SER G 32 -15.69 -38.57 -2.37
C SER G 32 -14.58 -37.53 -2.24
N TRP G 33 -14.94 -36.25 -2.19
CA TRP G 33 -13.92 -35.22 -2.00
C TRP G 33 -13.25 -35.33 -0.64
N SER G 34 -13.97 -35.84 0.36
CA SER G 34 -13.53 -35.73 1.75
C SER G 34 -12.57 -36.85 2.13
N PHE G 35 -11.65 -36.51 3.03
CA PHE G 35 -10.71 -37.46 3.61
C PHE G 35 -11.10 -37.83 5.04
N GLY G 36 -12.27 -37.45 5.49
CA GLY G 36 -12.71 -37.77 6.83
C GLY G 36 -13.94 -36.96 7.20
N GLU G 37 -14.47 -37.26 8.37
CA GLU G 37 -15.67 -36.60 8.87
C GLU G 37 -15.30 -35.82 10.13
N VAL G 38 -15.57 -34.53 10.12
CA VAL G 38 -15.28 -33.68 11.27
C VAL G 38 -16.39 -33.85 12.30
N LYS G 39 -16.03 -34.40 13.46
CA LYS G 39 -17.02 -34.75 14.46
C LYS G 39 -17.09 -33.78 15.62
N LYS G 40 -16.04 -33.00 15.87
CA LYS G 40 -15.99 -32.12 17.02
C LYS G 40 -15.63 -30.71 16.60
N PRO G 41 -16.08 -29.71 17.33
CA PRO G 41 -15.68 -28.32 17.06
C PRO G 41 -14.30 -27.96 17.60
N GLU G 42 -13.52 -28.93 18.02
CA GLU G 42 -12.20 -28.69 18.57
C GLU G 42 -11.25 -28.19 17.49
N THR G 43 -10.34 -27.29 17.86
CA THR G 43 -9.37 -26.77 16.91
C THR G 43 -7.94 -27.15 17.26
N ILE G 44 -7.43 -26.74 18.42
CA ILE G 44 -6.06 -27.03 18.84
C ILE G 44 -6.02 -27.06 20.36
N ASN G 45 -5.02 -27.73 20.90
CA ASN G 45 -4.90 -27.88 22.34
C ASN G 45 -4.36 -26.60 22.97
N TYR G 46 -4.78 -26.33 24.19
CA TYR G 46 -4.43 -25.08 24.86
C TYR G 46 -3.06 -25.13 25.51
N ARG G 47 -2.41 -26.29 25.56
CA ARG G 47 -1.06 -26.42 26.09
C ARG G 47 -0.07 -26.84 25.01
N THR G 48 -0.32 -27.96 24.35
CA THR G 48 0.59 -28.47 23.34
C THR G 48 0.41 -27.81 21.98
N PHE G 49 -0.70 -27.09 21.76
CA PHE G 49 -0.99 -26.43 20.49
C PHE G 49 -0.96 -27.41 19.32
N LYS G 50 -1.36 -28.65 19.57
CA LYS G 50 -1.45 -29.68 18.56
C LYS G 50 -2.90 -29.91 18.18
N PRO G 51 -3.16 -30.33 16.94
CA PRO G 51 -4.54 -30.61 16.53
C PRO G 51 -5.15 -31.76 17.30
N GLU G 52 -6.46 -31.67 17.54
CA GLU G 52 -7.20 -32.77 18.14
C GLU G 52 -7.70 -33.74 17.07
N ARG G 53 -7.97 -34.96 17.52
CA ARG G 53 -8.59 -35.96 16.68
C ARG G 53 -10.03 -35.59 16.40
N ASP G 54 -10.46 -35.77 15.15
CA ASP G 54 -11.83 -35.54 14.71
C ASP G 54 -12.27 -34.10 14.89
N GLY G 55 -11.32 -33.16 14.85
CA GLY G 55 -11.62 -31.75 14.96
C GLY G 55 -11.58 -31.04 13.61
N LEU G 56 -11.61 -29.71 13.67
CA LEU G 56 -11.54 -28.90 12.46
C LEU G 56 -10.15 -28.86 11.86
N PHE G 57 -9.12 -29.26 12.62
CA PHE G 57 -7.74 -29.25 12.15
C PHE G 57 -7.10 -30.62 12.26
N CYS G 58 -7.91 -31.68 12.29
CA CYS G 58 -7.41 -33.02 12.57
C CYS G 58 -6.34 -33.42 11.58
N ALA G 59 -5.21 -33.90 12.09
CA ALA G 59 -4.12 -34.32 11.22
C ALA G 59 -4.43 -35.62 10.50
N ARG G 60 -5.31 -36.45 11.05
CA ARG G 60 -5.68 -37.68 10.37
C ARG G 60 -6.57 -37.41 9.17
N ILE G 61 -7.39 -36.36 9.23
CA ILE G 61 -8.29 -36.03 8.13
C ILE G 61 -7.59 -35.15 7.09
N PHE G 62 -6.82 -34.16 7.53
CA PHE G 62 -6.29 -33.16 6.63
C PHE G 62 -4.79 -33.29 6.34
N GLY G 63 -4.04 -33.99 7.16
CA GLY G 63 -2.64 -34.21 6.89
C GLY G 63 -1.72 -33.77 8.01
N PRO G 64 -0.45 -34.14 7.91
CA PRO G 64 0.49 -33.82 8.99
C PRO G 64 0.78 -32.34 9.10
N VAL G 65 1.14 -31.92 10.31
CA VAL G 65 1.49 -30.53 10.54
C VAL G 65 2.93 -30.25 10.16
N LYS G 66 3.81 -31.24 10.31
CA LYS G 66 5.21 -31.11 9.96
C LYS G 66 5.54 -32.02 8.79
N ASP G 67 6.52 -31.61 8.00
CA ASP G 67 6.89 -32.35 6.80
C ASP G 67 7.45 -33.71 7.17
N TYR G 68 6.81 -34.76 6.67
CA TYR G 68 7.23 -36.15 6.89
C TYR G 68 7.37 -36.46 8.38
N GLU G 69 6.37 -36.05 9.14
CA GLU G 69 6.29 -36.36 10.56
C GLU G 69 4.86 -36.74 10.90
N CYS G 70 4.71 -37.40 12.05
CA CYS G 70 3.42 -37.80 12.56
C CYS G 70 3.26 -37.27 13.98
N LEU G 71 2.01 -37.14 14.42
CA LEU G 71 1.73 -36.43 15.66
C LEU G 71 2.46 -37.05 16.85
N CYS G 72 2.38 -38.38 16.99
CA CYS G 72 3.05 -39.02 18.12
C CYS G 72 4.56 -39.11 17.91
N GLY G 73 5.06 -38.90 16.70
CA GLY G 73 6.48 -38.77 16.46
C GLY G 73 7.24 -40.05 16.28
N LYS G 74 6.55 -41.17 16.03
CA LYS G 74 7.27 -42.43 15.83
C LYS G 74 7.86 -42.52 14.43
N TYR G 75 7.09 -42.15 13.41
CA TYR G 75 7.57 -42.12 12.03
C TYR G 75 7.91 -40.67 11.69
N LYS G 76 9.21 -40.37 11.59
CA LYS G 76 9.67 -38.99 11.51
C LYS G 76 10.79 -38.86 10.48
N ARG G 77 10.66 -39.54 9.35
CA ARG G 77 11.64 -39.42 8.28
C ARG G 77 11.00 -39.80 6.95
N LEU G 78 11.72 -39.50 5.88
CA LEU G 78 11.26 -39.85 4.54
C LEU G 78 11.28 -41.36 4.29
N LYS G 79 11.99 -42.11 5.15
CA LYS G 79 11.98 -43.57 5.03
C LYS G 79 10.57 -44.14 5.20
N HIS G 80 9.72 -43.46 5.98
CA HIS G 80 8.37 -43.93 6.24
C HIS G 80 7.32 -43.15 5.45
N ARG G 81 7.69 -42.69 4.25
CA ARG G 81 6.73 -41.96 3.43
C ARG G 81 5.57 -42.86 3.02
N GLY G 82 4.36 -42.34 3.16
CA GLY G 82 3.17 -43.07 2.75
C GLY G 82 2.70 -44.12 3.73
N VAL G 83 3.24 -44.15 4.94
CA VAL G 83 2.86 -45.12 5.95
C VAL G 83 1.96 -44.44 6.97
N ILE G 84 0.77 -44.98 7.17
CA ILE G 84 -0.17 -44.44 8.15
C ILE G 84 0.19 -45.02 9.51
N CYS G 85 0.53 -44.14 10.45
CA CYS G 85 0.92 -44.58 11.78
C CYS G 85 -0.27 -45.22 12.50
N GLU G 86 -0.02 -46.35 13.16
CA GLU G 86 -1.09 -47.06 13.82
C GLU G 86 -1.50 -46.40 15.13
N LYS G 87 -0.58 -45.71 15.82
CA LYS G 87 -0.91 -45.11 17.10
C LYS G 87 -1.79 -43.88 16.93
N CYS G 88 -1.49 -43.03 15.95
CA CYS G 88 -2.20 -41.77 15.77
C CYS G 88 -3.04 -41.70 14.51
N GLY G 89 -2.60 -42.31 13.41
CA GLY G 89 -3.36 -42.30 12.18
C GLY G 89 -2.95 -41.26 11.17
N VAL G 90 -1.86 -40.54 11.39
CA VAL G 90 -1.44 -39.46 10.51
C VAL G 90 -0.54 -40.03 9.42
N GLU G 91 -0.91 -39.78 8.17
CA GLU G 91 -0.08 -40.22 7.05
C GLU G 91 1.19 -39.38 6.99
N VAL G 92 2.34 -40.05 6.85
CA VAL G 92 3.62 -39.36 6.79
C VAL G 92 3.80 -38.86 5.36
N THR G 93 3.54 -37.58 5.16
CA THR G 93 3.63 -36.96 3.83
C THR G 93 3.90 -35.48 4.03
N GLN G 94 3.75 -34.71 2.95
CA GLN G 94 4.05 -33.28 3.02
C GLN G 94 2.92 -32.53 3.71
N THR G 95 3.26 -31.36 4.25
CA THR G 95 2.31 -30.53 4.95
C THR G 95 1.37 -29.80 4.00
N LYS G 96 1.80 -29.57 2.76
CA LYS G 96 0.99 -28.83 1.80
C LYS G 96 -0.33 -29.53 1.49
N VAL G 97 -0.46 -30.81 1.82
CA VAL G 97 -1.72 -31.51 1.60
C VAL G 97 -2.82 -30.91 2.46
N ARG G 98 -2.47 -30.17 3.51
CA ARG G 98 -3.48 -29.48 4.30
C ARG G 98 -4.09 -28.31 3.56
N ARG G 99 -3.55 -27.93 2.40
CA ARG G 99 -4.15 -26.95 1.52
C ARG G 99 -5.03 -27.60 0.45
N ASP G 100 -5.13 -28.90 0.43
CA ASP G 100 -5.88 -29.61 -0.61
C ASP G 100 -6.92 -30.55 -0.04
N ARG G 101 -6.63 -31.21 1.07
CA ARG G 101 -7.55 -32.20 1.62
C ARG G 101 -8.76 -31.52 2.25
N MET G 102 -9.95 -32.02 1.91
CA MET G 102 -11.19 -31.51 2.46
C MET G 102 -11.79 -32.49 3.46
N GLY G 103 -12.80 -32.02 4.19
CA GLY G 103 -13.53 -32.87 5.11
C GLY G 103 -15.01 -32.81 4.84
N HIS G 104 -15.83 -33.46 5.66
CA HIS G 104 -17.27 -33.38 5.48
C HIS G 104 -17.98 -33.56 6.81
N ILE G 105 -19.20 -33.03 6.87
CA ILE G 105 -20.07 -33.14 8.03
C ILE G 105 -21.36 -33.82 7.58
N GLU G 106 -21.71 -34.90 8.27
CA GLU G 106 -22.97 -35.60 8.00
C GLU G 106 -24.05 -34.94 8.84
N LEU G 107 -24.86 -34.11 8.19
CA LEU G 107 -25.88 -33.35 8.91
C LEU G 107 -26.98 -34.26 9.42
N ALA G 108 -27.47 -33.97 10.64
CA ALA G 108 -28.54 -34.76 11.23
C ALA G 108 -29.83 -34.60 10.43
N SER G 109 -30.14 -33.40 9.98
CA SER G 109 -31.32 -33.12 9.19
C SER G 109 -30.93 -32.38 7.92
N PRO G 110 -31.66 -32.60 6.83
CA PRO G 110 -31.35 -31.88 5.58
C PRO G 110 -31.51 -30.38 5.75
N VAL G 111 -30.71 -29.63 4.99
CA VAL G 111 -30.69 -28.18 5.04
C VAL G 111 -30.73 -27.65 3.61
N ALA G 112 -31.55 -26.65 3.37
CA ALA G 112 -31.66 -26.05 2.05
C ALA G 112 -30.45 -25.16 1.75
N HIS G 113 -30.00 -25.20 0.51
CA HIS G 113 -28.91 -24.32 0.08
C HIS G 113 -29.43 -22.90 -0.09
N ILE G 114 -28.70 -21.94 0.47
CA ILE G 114 -29.18 -20.56 0.47
C ILE G 114 -29.17 -19.98 -0.93
N TRP G 115 -28.14 -20.30 -1.73
CA TRP G 115 -28.05 -19.76 -3.08
C TRP G 115 -29.20 -20.23 -3.95
N PHE G 116 -29.57 -21.50 -3.83
CA PHE G 116 -30.60 -22.06 -4.68
C PHE G 116 -32.00 -21.74 -4.17
N LEU G 117 -32.12 -21.07 -3.03
CA LEU G 117 -33.38 -20.71 -2.43
C LEU G 117 -33.65 -19.20 -2.47
N LYS G 118 -32.69 -18.39 -2.06
CA LYS G 118 -32.94 -16.96 -1.88
C LYS G 118 -32.35 -16.09 -2.98
N SER G 119 -31.56 -16.64 -3.89
CA SER G 119 -31.07 -15.88 -5.03
C SER G 119 -32.18 -15.83 -6.07
N LEU G 120 -32.86 -14.69 -6.17
CA LEU G 120 -34.00 -14.59 -7.05
C LEU G 120 -33.56 -14.67 -8.51
N PRO G 121 -34.29 -15.42 -9.35
CA PRO G 121 -35.46 -16.24 -9.03
C PRO G 121 -35.08 -17.54 -8.34
N SER G 122 -35.92 -18.02 -7.44
CA SER G 122 -35.59 -19.23 -6.69
C SER G 122 -35.70 -20.45 -7.59
N ARG G 123 -34.59 -21.18 -7.74
CA ARG G 123 -34.60 -22.37 -8.56
C ARG G 123 -35.53 -23.44 -7.96
N ILE G 124 -35.50 -23.60 -6.64
CA ILE G 124 -36.42 -24.54 -6.00
C ILE G 124 -37.86 -24.13 -6.26
N GLY G 125 -38.18 -22.86 -5.99
CA GLY G 125 -39.54 -22.40 -6.16
C GLY G 125 -40.00 -22.46 -7.60
N LEU G 126 -39.12 -22.14 -8.54
CA LEU G 126 -39.46 -22.27 -9.94
C LEU G 126 -39.70 -23.73 -10.31
N LEU G 127 -38.92 -24.64 -9.72
CA LEU G 127 -39.03 -26.05 -10.09
C LEU G 127 -40.33 -26.67 -9.57
N MET G 128 -40.67 -26.45 -8.30
CA MET G 128 -41.90 -27.03 -7.77
C MET G 128 -43.11 -26.14 -7.99
N ASP G 129 -42.94 -24.98 -8.60
CA ASP G 129 -44.04 -24.07 -8.93
C ASP G 129 -44.81 -23.65 -7.67
N MET G 130 -44.07 -23.25 -6.65
CA MET G 130 -44.69 -22.71 -5.45
C MET G 130 -44.05 -21.38 -5.10
N PRO G 131 -44.82 -20.46 -4.52
CA PRO G 131 -44.24 -19.16 -4.12
C PRO G 131 -43.16 -19.33 -3.08
N LEU G 132 -42.22 -18.39 -3.07
CA LEU G 132 -41.10 -18.47 -2.15
C LEU G 132 -41.55 -18.38 -0.70
N ARG G 133 -42.53 -17.52 -0.41
CA ARG G 133 -43.01 -17.39 0.97
C ARG G 133 -43.53 -18.72 1.50
N ASP G 134 -44.23 -19.47 0.66
CA ASP G 134 -44.71 -20.79 1.05
C ASP G 134 -43.54 -21.72 1.38
N ILE G 135 -42.50 -21.70 0.56
CA ILE G 135 -41.36 -22.58 0.78
C ILE G 135 -40.64 -22.21 2.07
N GLU G 136 -40.48 -20.91 2.35
CA GLU G 136 -39.88 -20.51 3.61
C GLU G 136 -40.76 -20.90 4.80
N ARG G 137 -42.08 -20.79 4.65
CA ARG G 137 -42.97 -21.21 5.73
C ARG G 137 -42.79 -22.69 6.04
N VAL G 138 -42.65 -23.52 5.01
CA VAL G 138 -42.37 -24.93 5.25
C VAL G 138 -40.98 -25.10 5.87
N LEU G 139 -39.99 -24.38 5.36
CA LEU G 139 -38.62 -24.50 5.85
C LEU G 139 -38.49 -24.03 7.30
N TYR G 140 -39.14 -22.91 7.64
CA TYR G 140 -39.06 -22.37 8.99
C TYR G 140 -39.92 -23.15 9.97
N PHE G 141 -40.48 -24.28 9.55
CA PHE G 141 -41.30 -25.12 10.42
C PHE G 141 -42.52 -24.36 10.93
N GLU G 142 -43.37 -23.94 10.01
CA GLU G 142 -44.64 -23.29 10.34
C GLU G 142 -45.84 -24.04 9.78
N MET G 143 -45.74 -24.58 8.57
CA MET G 143 -46.84 -25.31 7.94
C MET G 143 -46.34 -26.62 7.38
N TYR G 144 -47.22 -27.62 7.36
CA TYR G 144 -46.91 -28.89 6.74
C TYR G 144 -47.07 -28.78 5.23
N VAL G 145 -46.60 -29.81 4.52
CA VAL G 145 -46.84 -29.98 3.09
C VAL G 145 -47.03 -31.46 2.83
N VAL G 146 -47.99 -31.78 1.97
CA VAL G 146 -48.25 -33.17 1.59
C VAL G 146 -47.15 -33.62 0.63
N THR G 147 -46.51 -34.74 0.96
CA THR G 147 -45.54 -35.38 0.09
C THR G 147 -46.16 -36.47 -0.76
N GLU G 148 -46.80 -37.44 -0.12
CA GLU G 148 -47.52 -38.50 -0.83
C GLU G 148 -49.01 -38.34 -0.56
N PRO G 149 -49.82 -38.00 -1.58
CA PRO G 149 -51.25 -37.83 -1.33
C PRO G 149 -51.99 -39.15 -1.17
N GLY G 150 -51.59 -40.19 -1.88
CA GLY G 150 -52.25 -41.47 -1.76
C GLY G 150 -53.67 -41.44 -2.31
N MET G 151 -54.48 -42.36 -1.81
CA MET G 151 -55.89 -42.46 -2.21
C MET G 151 -56.72 -41.49 -1.36
N THR G 152 -56.47 -40.20 -1.57
CA THR G 152 -57.08 -39.15 -0.77
C THR G 152 -57.27 -37.92 -1.66
N ASP G 153 -58.23 -37.08 -1.28
CA ASP G 153 -58.52 -35.88 -2.06
C ASP G 153 -57.39 -34.86 -2.00
N LEU G 154 -56.46 -35.00 -1.05
CA LEU G 154 -55.35 -34.06 -0.94
C LEU G 154 -54.45 -34.14 -2.16
N GLU G 155 -53.78 -33.04 -2.48
CA GLU G 155 -52.89 -32.94 -3.61
C GLU G 155 -51.47 -32.66 -3.13
N ARG G 156 -50.50 -33.01 -3.97
CA ARG G 156 -49.10 -32.76 -3.65
C ARG G 156 -48.84 -31.26 -3.56
N GLY G 157 -48.07 -30.87 -2.55
CA GLY G 157 -47.63 -29.50 -2.41
C GLY G 157 -48.63 -28.56 -1.76
N GLN G 158 -49.81 -29.04 -1.39
CA GLN G 158 -50.76 -28.18 -0.71
C GLN G 158 -50.45 -28.11 0.78
N MET G 159 -50.60 -26.93 1.36
CA MET G 159 -50.24 -26.71 2.75
C MET G 159 -51.33 -27.14 3.70
N LEU G 160 -50.89 -27.70 4.84
CA LEU G 160 -51.76 -28.01 5.97
C LEU G 160 -51.15 -27.42 7.22
N THR G 161 -51.94 -26.66 7.96
CA THR G 161 -51.47 -26.16 9.25
C THR G 161 -51.49 -27.30 10.27
N GLU G 162 -50.96 -27.03 11.46
CA GLU G 162 -50.86 -28.08 12.48
C GLU G 162 -52.24 -28.60 12.85
N GLU G 163 -53.20 -27.69 13.06
CA GLU G 163 -54.57 -28.10 13.38
C GLU G 163 -55.18 -28.91 12.25
N GLU G 164 -55.07 -28.41 11.02
CA GLU G 164 -55.60 -29.13 9.87
C GLU G 164 -54.89 -30.46 9.67
N TYR G 165 -53.58 -30.49 9.92
CA TYR G 165 -52.86 -31.75 9.83
C TYR G 165 -53.39 -32.76 10.83
N LEU G 166 -53.70 -32.30 12.04
CA LEU G 166 -54.28 -33.20 13.04
C LEU G 166 -55.65 -33.71 12.62
N ASP G 167 -56.52 -32.81 12.14
CA ASP G 167 -57.86 -33.25 11.76
C ASP G 167 -57.80 -34.24 10.60
N ARG G 168 -56.97 -33.98 9.60
CA ARG G 168 -56.88 -34.90 8.48
C ARG G 168 -56.07 -36.14 8.80
N LEU G 169 -55.26 -36.11 9.86
CA LEU G 169 -54.65 -37.34 10.34
C LEU G 169 -55.67 -38.24 11.01
N GLU G 170 -56.56 -37.64 11.80
CA GLU G 170 -57.66 -38.43 12.36
C GLU G 170 -58.62 -38.92 11.28
N GLU G 171 -58.80 -38.11 10.23
CA GLU G 171 -59.74 -38.47 9.17
C GLU G 171 -59.23 -39.65 8.35
N TRP G 172 -57.96 -39.61 7.94
CA TRP G 172 -57.42 -40.59 7.01
C TRP G 172 -56.37 -41.50 7.64
N GLY G 173 -55.41 -40.94 8.35
CA GLY G 173 -54.42 -41.75 9.05
C GLY G 173 -53.15 -41.91 8.23
N ASP G 174 -52.79 -43.16 7.95
CA ASP G 174 -51.55 -43.48 7.25
C ASP G 174 -51.69 -43.47 5.74
N GLU G 175 -52.88 -43.15 5.21
CA GLU G 175 -53.06 -43.11 3.77
C GLU G 175 -52.20 -42.04 3.14
N PHE G 176 -52.07 -40.88 3.79
CA PHE G 176 -51.30 -39.78 3.27
C PHE G 176 -50.03 -39.56 4.10
N THR G 177 -49.12 -38.76 3.55
CA THR G 177 -47.90 -38.37 4.22
C THR G 177 -47.74 -36.86 4.13
N ALA G 178 -47.58 -36.21 5.27
CA ALA G 178 -47.35 -34.77 5.33
C ALA G 178 -46.12 -34.52 6.20
N LYS G 179 -45.22 -33.68 5.71
CA LYS G 179 -43.97 -33.42 6.43
C LYS G 179 -43.76 -31.92 6.58
N MET G 180 -42.66 -31.57 7.24
CA MET G 180 -42.45 -30.20 7.68
C MET G 180 -40.95 -29.94 7.72
N GLY G 181 -40.50 -28.94 6.97
CA GLY G 181 -39.09 -28.58 6.98
C GLY G 181 -38.39 -28.83 5.66
N ALA G 182 -37.07 -28.94 5.71
CA ALA G 182 -36.31 -29.20 4.49
C ALA G 182 -36.53 -30.61 3.98
N GLU G 183 -36.86 -31.55 4.87
CA GLU G 183 -37.12 -32.91 4.44
C GLU G 183 -38.32 -32.97 3.49
N ALA G 184 -39.37 -32.19 3.77
CA ALA G 184 -40.52 -32.17 2.89
C ALA G 184 -40.16 -31.66 1.50
N ILE G 185 -39.36 -30.59 1.43
CA ILE G 185 -38.93 -30.07 0.15
C ILE G 185 -38.08 -31.10 -0.59
N LYS G 186 -37.23 -31.83 0.15
CA LYS G 186 -36.42 -32.85 -0.50
C LYS G 186 -37.28 -33.96 -1.09
N ASP G 187 -38.30 -34.41 -0.35
CA ASP G 187 -39.17 -35.45 -0.88
C ASP G 187 -39.96 -34.96 -2.08
N LEU G 188 -40.43 -33.71 -2.04
CA LEU G 188 -41.13 -33.16 -3.20
C LEU G 188 -40.21 -33.09 -4.41
N LEU G 189 -38.97 -32.67 -4.21
CA LEU G 189 -38.03 -32.58 -5.32
C LEU G 189 -37.69 -33.95 -5.88
N ALA G 190 -37.56 -34.95 -5.01
CA ALA G 190 -37.24 -36.30 -5.47
C ALA G 190 -38.43 -36.97 -6.14
N SER G 191 -39.65 -36.61 -5.76
CA SER G 191 -40.83 -37.22 -6.34
C SER G 191 -41.23 -36.64 -7.68
N MET G 192 -40.61 -35.55 -8.11
CA MET G 192 -40.94 -34.94 -9.39
C MET G 192 -40.46 -35.83 -10.54
N ASP G 193 -41.29 -35.93 -11.57
CA ASP G 193 -40.97 -36.66 -12.79
C ASP G 193 -40.73 -35.58 -13.85
N LEU G 194 -39.46 -35.26 -14.09
CA LEU G 194 -39.13 -34.10 -14.91
C LEU G 194 -39.61 -34.22 -16.35
N PRO G 195 -39.40 -35.33 -17.07
CA PRO G 195 -39.92 -35.39 -18.46
C PRO G 195 -41.42 -35.22 -18.56
N ALA G 196 -42.18 -35.80 -17.63
CA ALA G 196 -43.63 -35.66 -17.68
C ALA G 196 -44.05 -34.20 -17.49
N GLU G 197 -43.43 -33.51 -16.54
CA GLU G 197 -43.72 -32.10 -16.35
C GLU G 197 -43.34 -31.29 -17.58
N ALA G 198 -42.20 -31.61 -18.19
CA ALA G 198 -41.78 -30.90 -19.39
C ALA G 198 -42.80 -31.06 -20.52
N GLU G 199 -43.30 -32.29 -20.71
CA GLU G 199 -44.35 -32.49 -21.72
C GLU G 199 -45.61 -31.72 -21.37
N GLN G 200 -45.96 -31.69 -20.09
CA GLN G 200 -47.14 -30.93 -19.67
C GLN G 200 -47.00 -29.46 -20.01
N MET G 201 -45.85 -28.86 -19.68
CA MET G 201 -45.66 -27.45 -20.02
C MET G 201 -45.65 -27.23 -21.52
N ARG G 202 -45.03 -28.16 -22.27
CA ARG G 202 -45.00 -28.01 -23.73
C ARG G 202 -46.40 -27.99 -24.30
N GLU G 203 -47.25 -28.93 -23.87
CA GLU G 203 -48.62 -28.98 -24.38
C GLU G 203 -49.38 -27.73 -23.99
N GLU G 204 -49.29 -27.32 -22.71
CA GLU G 204 -50.08 -26.17 -22.28
C GLU G 204 -49.63 -24.92 -23.01
N LEU G 205 -48.31 -24.76 -23.19
CA LEU G 205 -47.78 -23.64 -23.97
C LEU G 205 -48.31 -23.68 -25.40
N ASP G 206 -48.44 -24.87 -25.96
CA ASP G 206 -49.06 -24.99 -27.28
C ASP G 206 -50.52 -24.55 -27.25
N THR G 207 -51.18 -24.65 -26.10
CA THR G 207 -52.57 -24.22 -26.03
C THR G 207 -52.81 -23.09 -25.03
N THR G 208 -51.96 -22.07 -25.04
CA THR G 208 -52.10 -20.94 -24.12
C THR G 208 -52.16 -19.64 -24.92
N ASN G 209 -52.65 -18.60 -24.26
CA ASN G 209 -52.81 -17.29 -24.89
C ASN G 209 -52.15 -16.15 -24.14
N SER G 210 -52.20 -16.16 -22.81
CA SER G 210 -51.66 -15.05 -22.03
C SER G 210 -50.14 -14.97 -22.16
N GLU G 211 -49.62 -13.75 -22.31
CA GLU G 211 -48.18 -13.56 -22.44
C GLU G 211 -47.47 -13.72 -21.11
N THR G 212 -48.08 -13.27 -20.01
CA THR G 212 -47.45 -13.43 -18.70
C THR G 212 -47.27 -14.91 -18.36
N LYS G 213 -48.31 -15.70 -18.60
CA LYS G 213 -48.19 -17.13 -18.36
C LYS G 213 -47.24 -17.78 -19.35
N ARG G 214 -47.17 -17.25 -20.58
CA ARG G 214 -46.12 -17.68 -21.50
C ARG G 214 -44.74 -17.51 -20.89
N LYS G 215 -44.45 -16.33 -20.34
CA LYS G 215 -43.13 -16.13 -19.75
C LYS G 215 -42.91 -17.08 -18.57
N LYS G 216 -43.91 -17.21 -17.70
CA LYS G 216 -43.74 -18.06 -16.52
C LYS G 216 -43.40 -19.49 -16.93
N LEU G 217 -44.21 -20.08 -17.81
CA LEU G 217 -43.94 -21.45 -18.20
C LEU G 217 -42.72 -21.58 -19.09
N THR G 218 -42.33 -20.52 -19.80
CA THR G 218 -41.09 -20.57 -20.57
C THR G 218 -39.88 -20.70 -19.65
N LYS G 219 -39.83 -19.89 -18.59
CA LYS G 219 -38.74 -20.03 -17.63
C LYS G 219 -38.77 -21.39 -16.94
N ARG G 220 -39.95 -21.86 -16.54
CA ARG G 220 -40.00 -23.14 -15.86
C ARG G 220 -39.56 -24.28 -16.77
N LEU G 221 -39.99 -24.26 -18.03
CA LEU G 221 -39.59 -25.29 -18.97
C LEU G 221 -38.09 -25.22 -19.26
N LYS G 222 -37.53 -24.01 -19.35
CA LYS G 222 -36.10 -23.89 -19.52
C LYS G 222 -35.35 -24.52 -18.35
N LEU G 223 -35.82 -24.27 -17.12
CA LEU G 223 -35.18 -24.86 -15.96
C LEU G 223 -35.27 -26.39 -15.98
N VAL G 224 -36.44 -26.92 -16.31
CA VAL G 224 -36.62 -28.37 -16.32
C VAL G 224 -35.75 -29.02 -17.39
N GLU G 225 -35.71 -28.42 -18.58
CA GLU G 225 -34.89 -28.95 -19.66
C GLU G 225 -33.42 -28.89 -19.30
N ALA G 226 -32.98 -27.80 -18.65
CA ALA G 226 -31.60 -27.71 -18.22
C ALA G 226 -31.27 -28.81 -17.20
N PHE G 227 -32.18 -29.06 -16.27
CA PHE G 227 -31.93 -30.11 -15.28
C PHE G 227 -31.82 -31.48 -15.93
N VAL G 228 -32.74 -31.80 -16.85
CA VAL G 228 -32.73 -33.14 -17.44
C VAL G 228 -31.52 -33.31 -18.35
N ALA G 229 -31.10 -32.26 -19.05
CA ALA G 229 -29.94 -32.36 -19.94
C ALA G 229 -28.64 -32.41 -19.16
N SER G 230 -28.50 -31.60 -18.11
CA SER G 230 -27.25 -31.51 -17.38
C SER G 230 -26.93 -32.77 -16.57
N GLY G 231 -27.92 -33.63 -16.34
CA GLY G 231 -27.73 -34.80 -15.52
C GLY G 231 -27.85 -34.57 -14.03
N ASN G 232 -28.10 -33.33 -13.62
CA ASN G 232 -28.27 -33.04 -12.20
C ASN G 232 -29.63 -33.56 -11.71
N LYS G 233 -29.69 -33.82 -10.41
CA LYS G 233 -30.94 -34.20 -9.76
C LYS G 233 -31.41 -33.06 -8.86
N PRO G 234 -32.69 -32.70 -8.90
CA PRO G 234 -33.14 -31.53 -8.14
C PRO G 234 -32.92 -31.66 -6.64
N GLU G 235 -33.05 -32.86 -6.08
CA GLU G 235 -32.93 -33.01 -4.64
C GLU G 235 -31.54 -32.68 -4.13
N TRP G 236 -30.55 -32.54 -5.02
CA TRP G 236 -29.22 -32.12 -4.62
C TRP G 236 -29.17 -30.67 -4.18
N MET G 237 -30.23 -29.88 -4.39
CA MET G 237 -30.22 -28.53 -3.86
C MET G 237 -30.42 -28.50 -2.35
N ILE G 238 -30.80 -29.61 -1.74
CA ILE G 238 -30.90 -29.71 -0.28
C ILE G 238 -29.70 -30.52 0.19
N LEU G 239 -28.91 -29.93 1.09
CA LEU G 239 -27.67 -30.55 1.53
C LEU G 239 -27.93 -31.55 2.63
N THR G 240 -27.42 -32.78 2.45
CA THR G 240 -27.35 -33.77 3.52
C THR G 240 -25.96 -33.92 4.10
N VAL G 241 -24.92 -33.68 3.30
CA VAL G 241 -23.54 -33.67 3.76
C VAL G 241 -22.91 -32.36 3.35
N LEU G 242 -22.21 -31.72 4.28
CA LEU G 242 -21.63 -30.40 4.08
C LEU G 242 -20.12 -30.49 3.93
N PRO G 243 -19.55 -30.06 2.81
CA PRO G 243 -18.09 -30.08 2.67
C PRO G 243 -17.42 -29.09 3.61
N VAL G 244 -16.18 -29.40 3.97
CA VAL G 244 -15.41 -28.62 4.93
C VAL G 244 -14.08 -28.24 4.30
N LEU G 245 -13.78 -26.93 4.33
CA LEU G 245 -12.63 -26.36 3.66
C LEU G 245 -11.32 -26.86 4.27
N PRO G 246 -10.25 -26.95 3.47
CA PRO G 246 -8.96 -27.35 4.03
C PRO G 246 -8.49 -26.36 5.08
N PRO G 247 -7.78 -26.83 6.10
CA PRO G 247 -7.43 -25.95 7.22
C PRO G 247 -6.50 -24.80 6.86
N ASP G 248 -5.52 -25.05 5.99
CA ASP G 248 -4.57 -23.99 5.67
C ASP G 248 -5.19 -22.84 4.90
N LEU G 249 -6.38 -23.03 4.35
CA LEU G 249 -7.11 -21.93 3.74
C LEU G 249 -7.95 -21.16 4.74
N ARG G 250 -8.09 -21.67 5.95
CA ARG G 250 -8.73 -20.97 7.07
C ARG G 250 -7.84 -21.11 8.29
N PRO G 251 -6.64 -20.56 8.24
CA PRO G 251 -5.61 -20.92 9.22
C PRO G 251 -5.85 -20.33 10.60
N LEU G 252 -5.22 -20.98 11.58
CA LEU G 252 -5.19 -20.56 12.98
C LEU G 252 -3.73 -20.45 13.36
N VAL G 253 -3.18 -19.24 13.30
CA VAL G 253 -1.72 -19.07 13.34
C VAL G 253 -1.27 -18.21 14.52
N PRO G 254 -0.11 -18.51 15.10
CA PRO G 254 0.40 -17.68 16.20
C PRO G 254 0.97 -16.37 15.69
N LEU G 255 0.54 -15.28 16.29
CA LEU G 255 1.09 -13.96 16.00
C LEU G 255 2.19 -13.64 16.98
N ASP G 256 2.91 -12.55 16.71
CA ASP G 256 3.93 -12.10 17.65
C ASP G 256 3.27 -11.64 18.94
N GLY G 257 3.92 -11.95 20.06
CA GLY G 257 3.34 -11.67 21.36
C GLY G 257 2.48 -12.79 21.93
N GLY G 258 2.37 -13.91 21.23
CA GLY G 258 1.62 -15.05 21.72
C GLY G 258 0.16 -15.08 21.32
N ARG G 259 -0.36 -14.02 20.72
CA ARG G 259 -1.74 -14.00 20.29
C ARG G 259 -1.94 -14.90 19.07
N PHE G 260 -3.18 -15.32 18.88
CA PHE G 260 -3.56 -16.20 17.78
C PHE G 260 -4.49 -15.47 16.84
N ALA G 261 -4.33 -15.71 15.54
CA ALA G 261 -5.18 -15.13 14.52
C ALA G 261 -5.91 -16.24 13.79
N THR G 262 -7.23 -16.09 13.64
CA THR G 262 -8.08 -17.10 13.01
C THR G 262 -8.97 -16.44 11.97
N SER G 263 -9.54 -17.29 11.12
CA SER G 263 -10.52 -16.86 10.13
C SER G 263 -11.93 -17.11 10.65
N ASP G 264 -12.87 -16.28 10.19
CA ASP G 264 -14.25 -16.39 10.65
C ASP G 264 -14.90 -17.70 10.22
N LEU G 265 -14.36 -18.34 9.19
CA LEU G 265 -14.88 -19.63 8.76
C LEU G 265 -14.77 -20.65 9.88
N ASN G 266 -13.76 -20.53 10.74
CA ASN G 266 -13.65 -21.42 11.89
C ASN G 266 -14.85 -21.26 12.83
N ASP G 267 -15.23 -20.02 13.12
CA ASP G 267 -16.39 -19.79 13.98
C ASP G 267 -17.67 -20.31 13.34
N LEU G 268 -17.85 -20.07 12.04
CA LEU G 268 -19.05 -20.53 11.37
C LEU G 268 -19.13 -22.06 11.37
N TYR G 269 -18.02 -22.73 11.06
CA TYR G 269 -17.98 -24.19 11.08
C TYR G 269 -18.22 -24.72 12.49
N ARG G 270 -17.66 -24.06 13.50
CA ARG G 270 -17.88 -24.50 14.87
C ARG G 270 -19.35 -24.39 15.25
N ARG G 271 -20.01 -23.31 14.84
CA ARG G 271 -21.44 -23.20 15.11
C ARG G 271 -22.22 -24.32 14.44
N VAL G 272 -21.88 -24.61 13.18
CA VAL G 272 -22.60 -25.66 12.45
C VAL G 272 -22.41 -27.00 13.15
N ILE G 273 -21.18 -27.32 13.54
CA ILE G 273 -20.90 -28.61 14.17
C ILE G 273 -21.57 -28.70 15.52
N ASN G 274 -21.53 -27.63 16.32
CA ASN G 274 -22.18 -27.63 17.62
C ASN G 274 -23.68 -27.87 17.49
N ARG G 275 -24.33 -27.18 16.56
CA ARG G 275 -25.77 -27.34 16.41
C ARG G 275 -26.11 -28.72 15.86
N ASN G 276 -25.28 -29.26 14.97
CA ASN G 276 -25.50 -30.61 14.47
C ASN G 276 -25.39 -31.64 15.58
N ASN G 277 -24.37 -31.51 16.44
CA ASN G 277 -24.21 -32.44 17.54
C ASN G 277 -25.36 -32.31 18.54
N ARG G 278 -25.80 -31.09 18.80
CA ARG G 278 -26.94 -30.90 19.70
C ARG G 278 -28.19 -31.54 19.14
N LEU G 279 -28.42 -31.41 17.83
CA LEU G 279 -29.57 -32.05 17.21
C LEU G 279 -29.48 -33.56 17.32
N LYS G 280 -28.28 -34.12 17.11
CA LYS G 280 -28.12 -35.56 17.24
C LYS G 280 -28.38 -36.02 18.67
N ARG G 281 -27.96 -35.21 19.64
CA ARG G 281 -28.21 -35.55 21.05
C ARG G 281 -29.68 -35.46 21.40
N LEU G 282 -30.38 -34.46 20.85
CA LEU G 282 -31.79 -34.26 21.15
C LEU G 282 -32.68 -35.33 20.52
N LEU G 283 -32.18 -36.02 19.50
CA LEU G 283 -32.92 -37.10 18.88
C LEU G 283 -32.64 -38.45 19.54
N GLU G 284 -31.77 -38.48 20.54
CA GLU G 284 -31.55 -39.66 21.37
C GLU G 284 -32.25 -39.54 22.72
N LEU G 285 -32.01 -38.44 23.42
CA LEU G 285 -32.84 -38.05 24.57
C LEU G 285 -34.13 -37.48 23.99
N ALA G 286 -35.04 -38.40 23.62
CA ALA G 286 -36.29 -38.05 22.96
C ALA G 286 -36.94 -36.84 23.61
N ALA G 287 -37.15 -35.80 22.82
CA ALA G 287 -37.48 -34.48 23.30
C ALA G 287 -38.78 -34.00 22.67
N PRO G 288 -39.38 -32.96 23.23
CA PRO G 288 -40.57 -32.38 22.60
C PRO G 288 -40.29 -31.96 21.17
N ASP G 289 -41.32 -32.07 20.33
CA ASP G 289 -41.17 -31.68 18.93
C ASP G 289 -40.80 -30.23 18.78
N ILE G 290 -41.20 -29.38 19.73
CA ILE G 290 -40.88 -27.96 19.63
C ILE G 290 -39.37 -27.75 19.74
N ILE G 291 -38.72 -28.46 20.66
CA ILE G 291 -37.28 -28.31 20.85
C ILE G 291 -36.52 -28.79 19.62
N VAL G 292 -36.89 -29.95 19.09
CA VAL G 292 -36.22 -30.49 17.91
C VAL G 292 -36.45 -29.57 16.71
N ARG G 293 -37.66 -29.03 16.58
CA ARG G 293 -37.95 -28.09 15.50
C ARG G 293 -37.07 -26.85 15.60
N ASN G 294 -36.94 -26.31 16.82
CA ASN G 294 -36.06 -25.17 17.01
C ASN G 294 -34.63 -25.50 16.65
N GLU G 295 -34.15 -26.68 17.04
CA GLU G 295 -32.77 -27.05 16.74
C GLU G 295 -32.55 -27.20 15.23
N LYS G 296 -33.52 -27.75 14.52
CA LYS G 296 -33.42 -27.81 13.07
C LYS G 296 -33.38 -26.41 12.46
N ARG G 297 -34.16 -25.48 13.03
CA ARG G 297 -34.09 -24.09 12.60
C ARG G 297 -32.69 -23.51 12.81
N MET G 298 -32.10 -23.80 13.98
CA MET G 298 -30.71 -23.40 14.22
C MET G 298 -29.78 -23.94 13.16
N LEU G 299 -29.90 -25.23 12.85
CA LEU G 299 -28.99 -25.85 11.91
C LEU G 299 -29.09 -25.19 10.54
N GLN G 300 -30.31 -24.94 10.08
CA GLN G 300 -30.50 -24.28 8.81
C GLN G 300 -29.90 -22.87 8.82
N GLU G 301 -30.18 -22.11 9.89
CA GLU G 301 -29.66 -20.75 9.96
C GLU G 301 -28.14 -20.75 9.94
N SER G 302 -27.52 -21.68 10.68
CA SER G 302 -26.06 -21.75 10.73
C SER G 302 -25.47 -22.11 9.38
N VAL G 303 -26.07 -23.06 8.67
CA VAL G 303 -25.53 -23.44 7.36
C VAL G 303 -25.65 -22.28 6.37
N ASP G 304 -26.80 -21.60 6.33
CA ASP G 304 -26.94 -20.45 5.44
C ASP G 304 -26.00 -19.32 5.84
N ALA G 305 -25.74 -19.13 7.13
CA ALA G 305 -24.78 -18.12 7.54
C ALA G 305 -23.37 -18.47 7.07
N LEU G 306 -23.01 -19.76 7.16
CA LEU G 306 -21.70 -20.18 6.69
C LEU G 306 -21.55 -20.00 5.19
N LEU G 307 -22.59 -20.34 4.42
CA LEU G 307 -22.49 -20.23 2.97
C LEU G 307 -22.58 -18.77 2.52
N ASP G 308 -23.50 -18.00 3.08
CA ASP G 308 -23.69 -16.61 2.68
C ASP G 308 -24.29 -15.85 3.85
N ASN G 309 -23.46 -15.08 4.55
CA ASN G 309 -23.92 -14.35 5.72
C ASN G 309 -24.62 -13.06 5.30
N GLY G 310 -25.80 -12.82 5.87
CA GLY G 310 -26.56 -11.62 5.63
C GLY G 310 -27.69 -11.78 4.64
N ARG G 311 -27.71 -12.85 3.85
CA ARG G 311 -28.77 -13.03 2.87
C ARG G 311 -30.10 -13.41 3.53
N ARG G 312 -30.05 -14.32 4.50
CA ARG G 312 -31.29 -14.78 5.14
C ARG G 312 -31.89 -13.69 6.02
N GLY G 313 -31.06 -12.94 6.74
CA GLY G 313 -31.55 -11.95 7.66
C GLY G 313 -30.44 -11.24 8.39
N ARG G 314 -30.57 -11.12 9.71
CA ARG G 314 -29.52 -10.51 10.52
C ARG G 314 -28.23 -11.30 10.40
N ALA G 315 -27.16 -10.63 9.98
CA ALA G 315 -25.87 -11.28 9.85
C ALA G 315 -25.25 -11.49 11.24
N ILE G 316 -24.77 -12.71 11.49
CA ILE G 316 -24.11 -13.01 12.75
C ILE G 316 -22.78 -12.27 12.82
N THR G 317 -22.47 -11.73 13.99
CA THR G 317 -21.26 -10.99 14.24
C THR G 317 -20.37 -11.73 15.22
N GLY G 318 -19.09 -11.37 15.23
CA GLY G 318 -18.14 -11.94 16.15
C GLY G 318 -18.11 -11.21 17.48
N SER G 319 -17.12 -11.57 18.29
CA SER G 319 -16.94 -10.88 19.57
C SER G 319 -16.55 -9.42 19.40
N ASN G 320 -16.11 -9.05 18.19
CA ASN G 320 -15.72 -7.68 17.88
C ASN G 320 -16.80 -6.91 17.14
N LYS G 321 -18.00 -7.48 17.00
CA LYS G 321 -19.22 -6.75 16.63
C LYS G 321 -19.21 -6.29 15.17
N ARG G 322 -18.70 -7.12 14.27
CA ARG G 322 -18.89 -6.94 12.85
C ARG G 322 -19.19 -8.28 12.21
N PRO G 323 -19.92 -8.29 11.08
CA PRO G 323 -20.41 -9.55 10.54
C PRO G 323 -19.26 -10.49 10.15
N LEU G 324 -19.47 -11.78 10.41
CA LEU G 324 -18.50 -12.78 10.04
C LEU G 324 -18.48 -12.94 8.53
N LYS G 325 -17.29 -13.14 7.99
CA LYS G 325 -17.10 -13.23 6.54
C LYS G 325 -17.32 -14.67 6.11
N SER G 326 -18.26 -14.87 5.18
CA SER G 326 -18.64 -16.20 4.72
C SER G 326 -17.88 -16.56 3.46
N LEU G 327 -18.16 -17.77 2.94
CA LEU G 327 -17.47 -18.23 1.74
C LEU G 327 -17.83 -17.39 0.52
N ALA G 328 -19.10 -16.98 0.41
CA ALA G 328 -19.49 -16.11 -0.69
C ALA G 328 -18.72 -14.80 -0.65
N ASP G 329 -18.45 -14.29 0.56
CA ASP G 329 -17.65 -13.09 0.69
C ASP G 329 -16.21 -13.33 0.30
N MET G 330 -15.69 -14.54 0.55
CA MET G 330 -14.36 -14.88 0.06
C MET G 330 -14.32 -14.90 -1.47
N ILE G 331 -15.42 -15.31 -2.08
CA ILE G 331 -15.43 -15.55 -3.52
C ILE G 331 -15.67 -14.25 -4.28
N LYS G 332 -16.51 -13.37 -3.75
CA LYS G 332 -17.12 -12.29 -4.50
C LYS G 332 -16.61 -10.92 -4.05
N GLY G 333 -16.81 -9.93 -4.92
CA GLY G 333 -16.64 -8.54 -4.57
C GLY G 333 -15.35 -7.95 -5.11
N LYS G 334 -15.18 -6.66 -4.80
CA LYS G 334 -13.94 -5.97 -5.11
C LYS G 334 -12.77 -6.59 -4.36
N GLN G 335 -13.02 -7.05 -3.14
CA GLN G 335 -12.03 -7.72 -2.32
C GLN G 335 -12.00 -9.23 -2.56
N GLY G 336 -12.81 -9.73 -3.48
CA GLY G 336 -12.92 -11.16 -3.68
C GLY G 336 -11.70 -11.73 -4.35
N ARG G 337 -11.66 -13.05 -4.42
CA ARG G 337 -10.50 -13.74 -4.97
C ARG G 337 -10.34 -13.44 -6.45
N PHE G 338 -11.44 -13.25 -7.17
CA PHE G 338 -11.37 -13.04 -8.61
C PHE G 338 -10.63 -11.75 -8.95
N ARG G 339 -10.97 -10.65 -8.28
CA ARG G 339 -10.44 -9.34 -8.61
C ARG G 339 -9.22 -8.94 -7.78
N GLN G 340 -9.06 -9.48 -6.57
CA GLN G 340 -7.93 -9.11 -5.74
C GLN G 340 -6.69 -9.98 -5.98
N ASN G 341 -6.89 -11.25 -6.31
CA ASN G 341 -5.77 -12.18 -6.40
C ASN G 341 -5.65 -12.91 -7.73
N LEU G 342 -6.68 -12.90 -8.58
CA LEU G 342 -6.63 -13.63 -9.83
C LEU G 342 -6.48 -12.72 -11.05
N LEU G 343 -7.29 -11.66 -11.14
CA LEU G 343 -7.14 -10.70 -12.23
C LEU G 343 -6.04 -9.70 -11.96
N GLY G 344 -5.53 -9.63 -10.74
CA GLY G 344 -4.42 -8.76 -10.42
C GLY G 344 -3.66 -9.33 -9.24
N LYS G 345 -2.35 -9.10 -9.25
CA LYS G 345 -1.47 -9.73 -8.26
C LYS G 345 -0.35 -8.78 -7.89
N ARG G 346 0.25 -9.03 -6.74
CA ARG G 346 1.56 -8.47 -6.42
C ARG G 346 2.63 -9.37 -6.99
N VAL G 347 3.67 -8.76 -7.56
CA VAL G 347 4.65 -9.49 -8.34
C VAL G 347 6.04 -9.25 -7.77
N ASP G 348 6.93 -10.22 -7.98
CA ASP G 348 8.32 -10.09 -7.60
C ASP G 348 9.09 -9.35 -8.68
N TYR G 349 10.37 -9.09 -8.39
CA TYR G 349 11.26 -8.36 -9.29
C TYR G 349 10.66 -7.02 -9.68
N SER G 350 10.09 -6.34 -8.68
CA SER G 350 9.44 -5.06 -8.88
C SER G 350 9.93 -4.07 -7.85
N GLY G 351 9.92 -2.79 -8.23
CA GLY G 351 10.34 -1.72 -7.36
C GLY G 351 9.52 -0.48 -7.64
N ARG G 352 9.78 0.56 -6.86
CA ARG G 352 9.00 1.80 -6.96
C ARG G 352 9.83 2.95 -6.40
N SER G 353 9.75 4.10 -7.05
CA SER G 353 10.47 5.28 -6.55
C SER G 353 9.90 6.55 -7.15
N VAL G 354 10.29 7.67 -6.55
CA VAL G 354 9.94 8.98 -7.09
C VAL G 354 10.64 9.18 -8.43
N ILE G 355 10.00 9.95 -9.31
CA ILE G 355 10.52 10.19 -10.65
C ILE G 355 10.99 11.64 -10.75
N THR G 356 12.21 11.82 -11.23
CA THR G 356 12.77 13.10 -11.62
C THR G 356 12.83 13.17 -13.14
N VAL G 357 13.39 14.25 -13.65
CA VAL G 357 13.46 14.50 -15.09
C VAL G 357 14.91 14.31 -15.55
N GLY G 358 15.10 13.53 -16.60
CA GLY G 358 16.37 13.45 -17.27
C GLY G 358 16.32 14.10 -18.63
N PRO G 359 16.87 15.32 -18.74
CA PRO G 359 16.89 16.01 -20.03
C PRO G 359 17.98 15.54 -20.97
N TYR G 360 18.95 14.78 -20.47
CA TYR G 360 20.04 14.25 -21.28
C TYR G 360 19.73 12.88 -21.86
N LEU G 361 18.62 12.28 -21.48
CA LEU G 361 18.32 10.92 -21.90
C LEU G 361 17.86 10.89 -23.35
N ARG G 362 17.98 9.71 -23.95
CA ARG G 362 17.37 9.47 -25.24
C ARG G 362 15.99 8.84 -25.04
N LEU G 363 15.22 8.80 -26.12
CA LEU G 363 13.82 8.37 -26.01
C LEU G 363 13.69 6.93 -25.53
N HIS G 364 14.73 6.12 -25.69
CA HIS G 364 14.70 4.71 -25.31
C HIS G 364 15.40 4.45 -23.98
N GLN G 365 15.80 5.49 -23.26
CA GLN G 365 16.59 5.35 -22.05
C GLN G 365 15.83 5.87 -20.84
N CYS G 366 16.07 5.24 -19.69
CA CYS G 366 15.55 5.71 -18.42
C CYS G 366 16.62 5.57 -17.36
N GLY G 367 16.69 6.55 -16.46
CA GLY G 367 17.64 6.49 -15.38
C GLY G 367 17.19 5.63 -14.23
N LEU G 368 17.96 4.60 -13.90
CA LEU G 368 17.63 3.66 -12.84
C LEU G 368 18.66 3.77 -11.72
N PRO G 369 18.24 3.93 -10.48
CA PRO G 369 19.19 3.99 -9.37
C PRO G 369 19.96 2.69 -9.22
N LYS G 370 21.20 2.82 -8.75
CA LYS G 370 22.08 1.66 -8.67
C LYS G 370 21.61 0.65 -7.63
N LYS G 371 21.14 1.12 -6.47
CA LYS G 371 20.67 0.21 -5.44
C LYS G 371 19.43 -0.55 -5.88
N MET G 372 18.52 0.13 -6.58
CA MET G 372 17.35 -0.55 -7.12
C MET G 372 17.74 -1.62 -8.12
N ALA G 373 18.71 -1.32 -9.00
CA ALA G 373 19.15 -2.32 -9.96
C ALA G 373 19.82 -3.49 -9.27
N LEU G 374 20.59 -3.22 -8.21
CA LEU G 374 21.24 -4.30 -7.47
C LEU G 374 20.21 -5.21 -6.82
N GLU G 375 19.13 -4.63 -6.28
CA GLU G 375 18.10 -5.47 -5.66
C GLU G 375 17.30 -6.22 -6.71
N LEU G 376 16.98 -5.58 -7.84
CA LEU G 376 16.10 -6.20 -8.82
C LEU G 376 16.80 -7.30 -9.61
N PHE G 377 18.07 -7.09 -9.96
CA PHE G 377 18.80 -8.01 -10.82
C PHE G 377 19.71 -8.94 -10.03
N LYS G 378 19.37 -9.20 -8.77
CA LYS G 378 20.26 -9.97 -7.89
C LYS G 378 20.53 -11.37 -8.40
N PRO G 379 19.54 -12.17 -8.81
CA PRO G 379 19.86 -13.50 -9.36
C PRO G 379 20.74 -13.45 -10.59
N PHE G 380 20.56 -12.45 -11.45
CA PHE G 380 21.41 -12.32 -12.64
C PHE G 380 22.85 -12.05 -12.25
N ILE G 381 23.05 -11.20 -11.25
CA ILE G 381 24.40 -10.91 -10.75
C ILE G 381 25.02 -12.17 -10.16
N TYR G 382 24.24 -12.94 -9.39
CA TYR G 382 24.76 -14.19 -8.84
C TYR G 382 25.17 -15.13 -9.95
N SER G 383 24.34 -15.23 -10.99
CA SER G 383 24.65 -16.11 -12.12
C SER G 383 25.94 -15.71 -12.80
N LYS G 384 26.12 -14.40 -13.02
CA LYS G 384 27.33 -13.98 -13.73
C LYS G 384 28.58 -14.11 -12.86
N LEU G 385 28.46 -13.88 -11.55
CA LEU G 385 29.60 -14.07 -10.67
C LEU G 385 30.00 -15.54 -10.61
N GLU G 386 29.02 -16.44 -10.57
CA GLU G 386 29.33 -17.87 -10.61
C GLU G 386 29.94 -18.27 -11.94
N THR G 387 29.45 -17.68 -13.03
CA THR G 387 29.94 -18.05 -14.37
C THR G 387 31.37 -17.61 -14.58
N ARG G 388 31.71 -16.36 -14.25
CA ARG G 388 33.06 -15.87 -14.49
C ARG G 388 33.99 -16.09 -13.31
N GLY G 389 33.55 -16.83 -12.29
CA GLY G 389 34.45 -17.51 -11.40
C GLY G 389 34.85 -16.80 -10.11
N LEU G 390 34.39 -15.57 -9.88
CA LEU G 390 34.77 -14.95 -8.61
C LEU G 390 33.96 -15.48 -7.43
N ALA G 391 32.83 -16.13 -7.67
CA ALA G 391 32.04 -16.73 -6.60
C ALA G 391 32.03 -18.23 -6.77
N THR G 392 32.54 -18.95 -5.77
CA THR G 392 32.53 -20.41 -5.83
C THR G 392 31.13 -20.97 -5.63
N THR G 393 30.40 -20.45 -4.65
CA THR G 393 29.04 -20.90 -4.38
C THR G 393 28.07 -19.71 -4.38
N ILE G 394 26.84 -19.94 -3.94
CA ILE G 394 25.85 -18.88 -4.00
C ILE G 394 25.91 -17.99 -2.75
N LYS G 395 26.35 -18.52 -1.61
CA LYS G 395 26.58 -17.65 -0.46
C LYS G 395 27.81 -16.77 -0.65
N ALA G 396 28.82 -17.24 -1.40
CA ALA G 396 29.93 -16.35 -1.73
C ALA G 396 29.44 -15.17 -2.54
N ALA G 397 28.59 -15.44 -3.55
CA ALA G 397 28.03 -14.37 -4.35
C ALA G 397 27.14 -13.44 -3.52
N LYS G 398 26.34 -14.02 -2.61
CA LYS G 398 25.49 -13.21 -1.76
C LYS G 398 26.30 -12.29 -0.86
N LYS G 399 27.38 -12.83 -0.26
CA LYS G 399 28.24 -12.02 0.59
C LYS G 399 28.92 -10.92 -0.22
N MET G 400 29.37 -11.23 -1.43
CA MET G 400 30.03 -10.22 -2.25
C MET G 400 29.06 -9.12 -2.66
N VAL G 401 27.81 -9.47 -2.95
CA VAL G 401 26.81 -8.45 -3.28
C VAL G 401 26.48 -7.62 -2.05
N GLU G 402 26.34 -8.24 -0.89
CA GLU G 402 26.02 -7.51 0.33
C GLU G 402 27.15 -6.54 0.71
N ARG G 403 28.40 -6.97 0.54
CA ARG G 403 29.54 -6.12 0.82
C ARG G 403 29.73 -5.03 -0.22
N GLU G 404 29.06 -5.13 -1.37
CA GLU G 404 29.07 -4.11 -2.41
C GLU G 404 30.49 -3.82 -2.90
N GLU G 405 31.10 -4.85 -3.48
CA GLU G 405 32.42 -4.71 -4.08
C GLU G 405 32.31 -4.10 -5.47
N ALA G 406 33.45 -3.63 -5.98
CA ALA G 406 33.46 -2.97 -7.29
C ALA G 406 33.08 -3.95 -8.40
N VAL G 407 33.65 -5.15 -8.39
CA VAL G 407 33.38 -6.11 -9.45
C VAL G 407 31.89 -6.41 -9.52
N VAL G 408 31.20 -6.31 -8.39
CA VAL G 408 29.74 -6.42 -8.40
C VAL G 408 29.14 -5.31 -9.26
N TRP G 409 29.71 -4.12 -9.21
CA TRP G 409 29.19 -3.01 -10.00
C TRP G 409 29.45 -3.23 -11.49
N ASP G 410 30.64 -3.72 -11.86
CA ASP G 410 30.85 -4.04 -13.28
C ASP G 410 29.91 -5.15 -13.74
N ILE G 411 29.69 -6.16 -12.91
CA ILE G 411 28.76 -7.23 -13.28
C ILE G 411 27.36 -6.67 -13.46
N LEU G 412 26.94 -5.77 -12.58
CA LEU G 412 25.62 -5.15 -12.70
C LEU G 412 25.49 -4.37 -14.00
N ASP G 413 26.54 -3.63 -14.36
CA ASP G 413 26.53 -2.92 -15.63
C ASP G 413 26.37 -3.89 -16.79
N GLU G 414 27.05 -5.04 -16.71
CA GLU G 414 27.01 -5.98 -17.82
C GLU G 414 25.64 -6.66 -17.91
N VAL G 415 25.00 -6.93 -16.77
CA VAL G 415 23.66 -7.53 -16.82
C VAL G 415 22.62 -6.52 -17.31
N ILE G 416 22.74 -5.25 -16.92
CA ILE G 416 21.74 -4.27 -17.31
C ILE G 416 22.11 -3.64 -18.66
N ARG G 417 23.19 -4.14 -19.27
CA ARG G 417 23.69 -3.55 -20.50
C ARG G 417 22.60 -3.39 -21.54
N GLU G 418 21.84 -4.46 -21.80
CA GLU G 418 20.79 -4.35 -22.79
C GLU G 418 19.54 -5.12 -22.37
N HIS G 419 19.27 -5.13 -21.06
CA HIS G 419 18.07 -5.76 -20.50
C HIS G 419 17.02 -4.68 -20.28
N PRO G 420 15.93 -4.66 -21.03
CA PRO G 420 14.93 -3.60 -20.85
C PRO G 420 14.13 -3.77 -19.57
N VAL G 421 13.65 -2.64 -19.05
CA VAL G 421 12.81 -2.62 -17.87
C VAL G 421 11.50 -1.93 -18.20
N LEU G 422 10.46 -2.28 -17.46
CA LEU G 422 9.11 -1.77 -17.69
C LEU G 422 8.80 -0.71 -16.64
N LEU G 423 8.44 0.49 -17.10
CA LEU G 423 8.05 1.58 -16.22
C LEU G 423 6.54 1.78 -16.30
N ASN G 424 5.91 1.95 -15.14
CA ASN G 424 4.48 2.07 -14.99
C ASN G 424 4.15 3.22 -14.06
N ARG G 425 3.04 3.91 -14.34
CA ARG G 425 2.52 4.93 -13.44
C ARG G 425 1.02 4.72 -13.28
N ALA G 426 0.55 4.72 -12.04
CA ALA G 426 -0.88 4.56 -11.79
C ALA G 426 -1.56 5.92 -11.75
N PRO G 427 -2.79 6.04 -12.26
CA PRO G 427 -3.61 5.00 -12.90
C PRO G 427 -3.18 4.68 -14.32
N THR G 428 -3.31 3.43 -14.73
CA THR G 428 -2.95 2.99 -16.09
C THR G 428 -4.19 3.13 -16.96
N LEU G 429 -4.41 4.33 -17.49
CA LEU G 429 -5.62 4.59 -18.25
C LEU G 429 -5.56 3.96 -19.63
N HIS G 430 -4.38 3.85 -20.22
CA HIS G 430 -4.21 3.23 -21.52
C HIS G 430 -2.86 2.52 -21.54
N ARG G 431 -2.57 1.84 -22.65
CA ARG G 431 -1.38 0.99 -22.71
C ARG G 431 -0.09 1.79 -22.71
N LEU G 432 -0.14 3.10 -22.95
CA LEU G 432 1.06 3.91 -22.85
C LEU G 432 1.46 4.17 -21.40
N GLY G 433 0.63 3.76 -20.44
CA GLY G 433 0.99 3.86 -19.04
C GLY G 433 2.01 2.84 -18.58
N ILE G 434 2.36 1.88 -19.44
CA ILE G 434 3.46 0.96 -19.18
C ILE G 434 4.31 0.90 -20.45
N GLN G 435 5.60 1.21 -20.31
CA GLN G 435 6.49 1.21 -21.47
C GLN G 435 7.86 0.68 -21.08
N ALA G 436 8.58 0.18 -22.08
CA ALA G 436 9.89 -0.42 -21.87
C ALA G 436 10.99 0.57 -22.21
N PHE G 437 12.01 0.61 -21.37
CA PHE G 437 13.16 1.49 -21.54
C PHE G 437 14.44 0.71 -21.28
N GLU G 438 15.52 1.18 -21.90
CA GLU G 438 16.85 0.69 -21.56
C GLU G 438 17.36 1.45 -20.34
N PRO G 439 17.76 0.75 -19.27
CA PRO G 439 18.19 1.45 -18.07
C PRO G 439 19.62 1.96 -18.15
N VAL G 440 19.83 3.14 -17.58
CA VAL G 440 21.14 3.73 -17.39
C VAL G 440 21.34 3.89 -15.89
N LEU G 441 22.39 3.26 -15.35
CA LEU G 441 22.60 3.29 -13.91
C LEU G 441 23.02 4.68 -13.48
N ILE G 442 22.34 5.21 -12.47
CA ILE G 442 22.61 6.55 -11.97
C ILE G 442 22.76 6.49 -10.45
N GLU G 443 23.55 7.42 -9.91
CA GLU G 443 23.68 7.55 -8.48
C GLU G 443 22.54 8.40 -7.94
N GLY G 444 21.84 7.88 -6.97
CA GLY G 444 20.67 8.52 -6.41
C GLY G 444 19.62 7.50 -6.09
N LYS G 445 18.43 7.99 -5.73
CA LYS G 445 17.33 7.11 -5.35
C LYS G 445 16.07 7.37 -6.16
N ALA G 446 16.15 8.21 -7.19
CA ALA G 446 14.98 8.60 -7.97
C ALA G 446 15.14 8.14 -9.40
N ILE G 447 14.03 7.74 -10.01
CA ILE G 447 14.03 7.32 -11.41
C ILE G 447 14.00 8.56 -12.29
N GLN G 448 14.90 8.60 -13.27
CA GLN G 448 14.95 9.69 -14.23
C GLN G 448 14.13 9.31 -15.46
N LEU G 449 13.18 10.16 -15.82
CA LEU G 449 12.23 9.87 -16.88
C LEU G 449 12.44 10.84 -18.03
N HIS G 450 12.36 10.32 -19.25
CA HIS G 450 12.47 11.17 -20.43
C HIS G 450 11.27 12.11 -20.50
N PRO G 451 11.50 13.41 -20.72
CA PRO G 451 10.35 14.35 -20.74
C PRO G 451 9.31 14.03 -21.79
N LEU G 452 9.72 13.60 -22.98
CA LEU G 452 8.79 13.44 -24.10
C LEU G 452 7.77 12.33 -23.86
N VAL G 453 7.99 11.45 -22.88
CA VAL G 453 7.02 10.40 -22.58
C VAL G 453 6.06 10.79 -21.48
N CYS G 454 6.27 11.93 -20.81
CA CYS G 454 5.44 12.29 -19.67
C CYS G 454 3.98 12.44 -20.07
N ALA G 455 3.72 13.01 -21.24
CA ALA G 455 2.35 13.17 -21.70
C ALA G 455 1.64 11.82 -21.83
N ALA G 456 2.38 10.77 -22.18
CA ALA G 456 1.76 9.45 -22.24
C ALA G 456 1.45 8.92 -20.85
N TYR G 457 2.32 9.24 -19.88
CA TYR G 457 2.14 8.78 -18.51
C TYR G 457 1.26 9.71 -17.69
N ASN G 458 0.95 10.90 -18.20
CA ASN G 458 0.30 11.95 -17.41
C ASN G 458 1.11 12.24 -16.15
N ALA G 459 2.42 12.30 -16.29
CA ALA G 459 3.35 12.38 -15.18
C ALA G 459 3.90 13.79 -15.05
N ASP G 460 3.84 14.34 -13.84
CA ASP G 460 4.47 15.61 -13.51
C ASP G 460 5.34 15.41 -12.28
N PHE G 461 6.40 16.19 -12.20
CA PHE G 461 7.44 15.97 -11.18
C PHE G 461 7.15 16.80 -9.92
N ASP G 462 6.03 16.47 -9.29
CA ASP G 462 5.62 17.10 -8.05
C ASP G 462 5.46 16.09 -6.92
N GLY G 463 6.04 14.91 -7.06
CA GLY G 463 5.95 13.89 -6.04
C GLY G 463 5.44 12.57 -6.58
N ASP G 464 5.33 12.47 -7.90
CA ASP G 464 4.82 11.26 -8.52
C ASP G 464 5.80 10.11 -8.34
N GLN G 465 5.24 8.90 -8.25
CA GLN G 465 6.03 7.68 -8.09
C GLN G 465 5.73 6.74 -9.24
N MET G 466 6.76 6.00 -9.64
CA MET G 466 6.64 5.04 -10.73
C MET G 466 7.15 3.69 -10.28
N ALA G 467 6.58 2.64 -10.87
CA ALA G 467 6.94 1.27 -10.61
C ALA G 467 7.78 0.71 -11.74
N VAL G 468 8.74 -0.13 -11.39
CA VAL G 468 9.69 -0.72 -12.34
C VAL G 468 9.60 -2.22 -12.23
N HIS G 469 9.46 -2.88 -13.37
CA HIS G 469 9.37 -4.34 -13.47
C HIS G 469 10.48 -4.86 -14.37
N VAL G 470 10.98 -6.04 -14.04
CA VAL G 470 12.08 -6.65 -14.77
C VAL G 470 11.55 -7.87 -15.51
N PRO G 471 11.43 -7.81 -16.83
CA PRO G 471 11.08 -9.03 -17.58
C PRO G 471 12.22 -10.04 -17.54
N LEU G 472 11.87 -11.30 -17.25
CA LEU G 472 12.87 -12.33 -16.98
C LEU G 472 13.21 -13.16 -18.21
N THR G 473 12.23 -13.84 -18.79
CA THR G 473 12.51 -14.77 -19.87
C THR G 473 12.83 -14.01 -21.17
N LEU G 474 13.36 -14.76 -22.14
CA LEU G 474 13.75 -14.15 -23.40
C LEU G 474 12.54 -13.63 -24.16
N GLU G 475 11.42 -14.35 -24.09
CA GLU G 475 10.20 -13.91 -24.76
C GLU G 475 9.71 -12.58 -24.20
N ALA G 476 9.73 -12.43 -22.89
CA ALA G 476 9.33 -11.17 -22.28
C ALA G 476 10.27 -10.04 -22.67
N GLN G 477 11.56 -10.32 -22.72
CA GLN G 477 12.54 -9.30 -23.13
C GLN G 477 12.30 -8.85 -24.56
N LEU G 478 12.03 -9.79 -25.45
CA LEU G 478 11.80 -9.42 -26.84
C LEU G 478 10.46 -8.75 -27.04
N GLU G 479 9.46 -9.09 -26.23
CA GLU G 479 8.21 -8.35 -26.24
C GLU G 479 8.41 -6.92 -25.78
N ALA G 480 9.23 -6.72 -24.73
CA ALA G 480 9.52 -5.38 -24.27
C ALA G 480 10.28 -4.58 -25.33
N ARG G 481 11.22 -5.23 -26.01
CA ARG G 481 12.03 -4.53 -27.00
C ARG G 481 11.23 -4.22 -28.26
N THR G 482 10.33 -5.11 -28.66
CA THR G 482 9.63 -4.98 -29.93
C THR G 482 8.29 -4.28 -29.81
N LEU G 483 7.50 -4.61 -28.78
CA LEU G 483 6.15 -4.08 -28.65
C LEU G 483 6.07 -2.89 -27.70
N MET G 484 6.59 -3.03 -26.48
CA MET G 484 6.37 -2.05 -25.43
C MET G 484 7.45 -0.99 -25.36
N MET G 485 8.43 -1.01 -26.25
CA MET G 485 9.55 -0.10 -26.13
C MET G 485 9.11 1.31 -26.53
N SER G 486 9.69 2.31 -25.86
CA SER G 486 9.20 3.69 -26.00
C SER G 486 9.30 4.19 -27.44
N THR G 487 10.28 3.71 -28.20
CA THR G 487 10.44 4.21 -29.56
C THR G 487 9.36 3.69 -30.50
N ASN G 488 8.79 2.52 -30.20
CA ASN G 488 7.72 1.98 -31.03
C ASN G 488 6.39 2.68 -30.78
N ASN G 489 6.13 3.10 -29.54
CA ASN G 489 4.85 3.70 -29.18
C ASN G 489 5.00 5.22 -29.16
N ILE G 490 4.91 5.82 -30.33
CA ILE G 490 4.92 7.28 -30.47
C ILE G 490 3.64 7.81 -31.08
N LEU G 491 2.71 6.94 -31.48
CA LEU G 491 1.42 7.34 -32.02
C LEU G 491 0.32 6.91 -31.08
N SER G 492 -0.65 7.79 -30.86
CA SER G 492 -1.75 7.48 -29.95
C SER G 492 -2.70 6.48 -30.60
N PRO G 493 -2.94 5.32 -29.99
CA PRO G 493 -3.86 4.35 -30.60
C PRO G 493 -5.29 4.83 -30.67
N ALA G 494 -5.66 5.85 -29.89
CA ALA G 494 -7.04 6.32 -29.91
C ALA G 494 -7.33 7.14 -31.17
N SER G 495 -6.35 7.90 -31.65
CA SER G 495 -6.55 8.81 -32.77
C SER G 495 -5.52 8.72 -33.87
N GLY G 496 -4.34 8.15 -33.63
CA GLY G 496 -3.28 8.10 -34.61
C GLY G 496 -2.34 9.29 -34.58
N ASP G 497 -2.61 10.31 -33.78
CA ASP G 497 -1.75 11.46 -33.69
C ASP G 497 -0.49 11.11 -32.89
N PRO G 498 0.61 11.82 -33.11
CA PRO G 498 1.78 11.64 -32.26
C PRO G 498 1.47 11.99 -30.81
N ILE G 499 2.03 11.19 -29.90
CA ILE G 499 1.86 11.38 -28.48
C ILE G 499 3.13 11.88 -27.81
N ILE G 500 4.22 11.98 -28.56
CA ILE G 500 5.49 12.46 -28.05
C ILE G 500 5.71 13.94 -28.39
N VAL G 501 4.64 14.67 -28.68
CA VAL G 501 4.78 16.07 -29.08
C VAL G 501 5.43 16.87 -27.96
N PRO G 502 6.33 17.81 -28.27
CA PRO G 502 6.99 18.57 -27.21
C PRO G 502 6.04 19.53 -26.52
N SER G 503 6.41 19.89 -25.30
CA SER G 503 5.57 20.74 -24.47
C SER G 503 6.44 21.58 -23.55
N GLN G 504 5.85 22.66 -23.04
CA GLN G 504 6.43 23.54 -22.02
C GLN G 504 7.75 24.12 -22.54
N ASP G 505 8.89 23.86 -21.89
CA ASP G 505 10.12 24.58 -22.19
C ASP G 505 10.60 24.33 -23.61
N VAL G 506 10.37 23.14 -24.15
CA VAL G 506 10.77 22.87 -25.53
C VAL G 506 10.03 23.78 -26.49
N VAL G 507 8.70 23.87 -26.31
CA VAL G 507 7.89 24.74 -27.14
C VAL G 507 8.30 26.19 -26.96
N LEU G 508 8.53 26.61 -25.72
CA LEU G 508 8.89 28.00 -25.47
C LEU G 508 10.22 28.36 -26.11
N GLY G 509 11.20 27.45 -26.04
CA GLY G 509 12.48 27.72 -26.67
C GLY G 509 12.40 27.75 -28.19
N LEU G 510 11.69 26.79 -28.78
CA LEU G 510 11.55 26.79 -30.24
C LEU G 510 10.75 28.01 -30.71
N TYR G 511 9.81 28.48 -29.90
CA TYR G 511 9.07 29.70 -30.20
C TYR G 511 9.98 30.93 -30.14
N TYR G 512 10.75 31.06 -29.05
CA TYR G 512 11.60 32.23 -28.89
C TYR G 512 12.67 32.29 -29.97
N MET G 513 13.24 31.15 -30.33
CA MET G 513 14.32 31.15 -31.30
C MET G 513 13.82 31.46 -32.71
N THR G 514 12.54 31.20 -32.98
CA THR G 514 11.96 31.41 -34.30
C THR G 514 11.15 32.70 -34.40
N ARG G 515 11.20 33.56 -33.40
CA ARG G 515 10.46 34.81 -33.47
C ARG G 515 11.23 35.81 -34.33
N GLU G 516 10.53 36.89 -34.69
CA GLU G 516 11.03 37.86 -35.67
C GLU G 516 11.03 39.24 -35.03
N LYS G 517 12.19 39.90 -35.04
CA LYS G 517 12.34 41.22 -34.43
C LYS G 517 12.73 42.24 -35.49
N ILE G 518 12.21 43.46 -35.34
CA ILE G 518 12.48 44.55 -36.27
C ILE G 518 13.69 45.33 -35.79
N ASN G 519 14.62 45.60 -36.71
CA ASN G 519 15.85 46.34 -36.41
C ASN G 519 16.69 45.61 -35.35
N ALA G 520 16.76 44.28 -35.47
CA ALA G 520 17.69 43.53 -34.66
C ALA G 520 19.09 43.67 -35.23
N LYS G 521 20.09 43.40 -34.40
CA LYS G 521 21.47 43.52 -34.82
C LYS G 521 21.78 42.49 -35.90
N GLY G 522 22.40 42.96 -36.98
CA GLY G 522 22.71 42.09 -38.09
C GLY G 522 21.60 41.92 -39.11
N GLU G 523 20.68 42.88 -39.20
CA GLU G 523 19.60 42.78 -40.16
C GLU G 523 20.12 42.98 -41.58
N GLY G 524 19.52 42.26 -42.52
CA GLY G 524 19.87 42.38 -43.92
C GLY G 524 21.13 41.66 -44.31
N MET G 525 21.77 40.92 -43.40
CA MET G 525 23.00 40.23 -43.75
C MET G 525 22.70 39.03 -44.64
N TYR G 526 23.73 38.63 -45.39
CA TYR G 526 23.66 37.49 -46.29
C TYR G 526 24.50 36.37 -45.72
N LEU G 527 23.90 35.20 -45.53
CA LEU G 527 24.56 34.07 -44.91
C LEU G 527 24.61 32.89 -45.86
N THR G 528 25.76 32.20 -45.86
CA THR G 528 25.97 31.06 -46.77
C THR G 528 25.09 29.88 -46.42
N GLY G 529 24.64 29.76 -45.19
CA GLY G 529 23.82 28.66 -44.77
C GLY G 529 23.56 28.68 -43.28
N PRO G 530 22.95 27.62 -42.75
CA PRO G 530 22.70 27.54 -41.30
C PRO G 530 23.97 27.61 -40.47
N ALA G 531 25.07 27.05 -40.98
CA ALA G 531 26.32 27.06 -40.23
C ALA G 531 26.81 28.48 -39.98
N GLU G 532 26.72 29.34 -40.98
CA GLU G 532 27.16 30.72 -40.77
C GLU G 532 26.18 31.51 -39.93
N ALA G 533 24.89 31.15 -39.93
CA ALA G 533 23.97 31.74 -38.97
C ALA G 533 24.37 31.39 -37.54
N GLU G 534 24.74 30.13 -37.31
CA GLU G 534 25.25 29.72 -36.02
C GLU G 534 26.51 30.49 -35.65
N LYS G 535 27.42 30.64 -36.63
CA LYS G 535 28.66 31.36 -36.37
C LYS G 535 28.40 32.82 -36.05
N ALA G 536 27.45 33.45 -36.73
CA ALA G 536 27.11 34.84 -36.47
C ALA G 536 26.48 35.00 -35.09
N TYR G 537 25.61 34.07 -34.71
CA TYR G 537 25.00 34.15 -33.38
C TYR G 537 26.04 33.94 -32.28
N ARG G 538 26.95 32.98 -32.46
CA ARG G 538 27.93 32.70 -31.41
C ARG G 538 28.98 33.80 -31.31
N THR G 539 29.21 34.54 -32.39
CA THR G 539 30.19 35.61 -32.38
C THR G 539 29.59 36.96 -32.04
N LYS G 540 28.30 36.99 -31.65
CA LYS G 540 27.58 38.21 -31.30
C LYS G 540 27.49 39.20 -32.45
N THR G 541 27.66 38.72 -33.68
CA THR G 541 27.44 39.57 -34.84
C THR G 541 25.96 39.87 -35.03
N ALA G 542 25.12 38.84 -34.94
CA ALA G 542 23.69 38.97 -35.20
C ALA G 542 22.92 38.36 -34.05
N GLU G 543 21.68 38.82 -33.87
CA GLU G 543 20.81 38.32 -32.83
C GLU G 543 20.06 37.09 -33.31
N LEU G 544 19.37 36.44 -32.37
CA LEU G 544 18.52 35.31 -32.73
C LEU G 544 17.38 35.73 -33.62
N HIS G 545 16.96 36.99 -33.55
CA HIS G 545 15.75 37.47 -34.20
C HIS G 545 16.04 38.48 -35.30
N ALA G 546 17.18 38.34 -35.96
CA ALA G 546 17.54 39.23 -37.06
C ALA G 546 17.01 38.70 -38.37
N ARG G 547 16.46 39.59 -39.18
CA ARG G 547 15.93 39.22 -40.49
C ARG G 547 17.07 39.28 -41.51
N VAL G 548 17.39 38.12 -42.09
CA VAL G 548 18.53 37.96 -42.97
C VAL G 548 18.09 37.20 -44.21
N LYS G 549 19.03 37.01 -45.14
CA LYS G 549 18.85 36.14 -46.29
C LYS G 549 19.86 35.01 -46.21
N VAL G 550 19.38 33.77 -46.31
CA VAL G 550 20.21 32.59 -46.10
C VAL G 550 20.06 31.67 -47.29
N ARG G 551 21.17 31.04 -47.69
CA ARG G 551 21.16 30.03 -48.73
C ARG G 551 20.76 28.69 -48.12
N ILE G 552 19.64 28.14 -48.57
CA ILE G 552 19.09 26.90 -48.06
C ILE G 552 19.11 25.86 -49.15
N THR G 553 19.67 24.69 -48.86
CA THR G 553 19.60 23.51 -49.71
C THR G 553 18.51 22.60 -49.16
N GLU G 554 17.49 22.36 -49.97
CA GLU G 554 16.28 21.68 -49.52
C GLU G 554 16.03 20.47 -50.42
N THR G 555 15.77 19.33 -49.79
CA THR G 555 15.47 18.08 -50.50
C THR G 555 14.03 17.67 -50.19
N ILE G 556 13.28 17.37 -51.24
CA ILE G 556 11.89 16.93 -51.12
C ILE G 556 11.81 15.47 -51.53
N LYS G 557 11.21 14.65 -50.68
CA LYS G 557 10.86 13.28 -51.00
C LYS G 557 9.36 13.23 -51.30
N HIS G 558 9.02 12.89 -52.55
CA HIS G 558 7.63 12.90 -52.98
C HIS G 558 6.93 11.62 -52.54
N GLU G 559 5.65 11.51 -52.89
CA GLU G 559 4.86 10.33 -52.53
C GLU G 559 5.40 9.08 -53.22
N ASN G 560 5.83 9.21 -54.47
CA ASN G 560 6.35 8.06 -55.21
C ASN G 560 7.80 7.72 -54.82
N GLY G 561 8.43 8.54 -53.99
CA GLY G 561 9.80 8.31 -53.59
C GLY G 561 10.84 9.13 -54.30
N LYS G 562 10.42 10.07 -55.16
CA LYS G 562 11.36 10.91 -55.88
C LYS G 562 12.04 11.88 -54.91
N LEU G 563 13.37 11.94 -54.98
CA LEU G 563 14.16 12.84 -54.14
C LEU G 563 14.71 13.96 -55.03
N THR G 564 14.20 15.17 -54.83
CA THR G 564 14.62 16.34 -55.60
C THR G 564 15.31 17.33 -54.67
N THR G 565 16.55 17.66 -54.98
CA THR G 565 17.35 18.56 -54.16
C THR G 565 17.60 19.85 -54.92
N GLU G 566 17.40 20.99 -54.25
CA GLU G 566 17.55 22.28 -54.90
C GLU G 566 17.88 23.33 -53.85
N THR G 567 18.67 24.33 -54.26
CA THR G 567 19.14 25.38 -53.36
C THR G 567 18.60 26.74 -53.81
N LYS G 568 18.26 27.57 -52.81
CA LYS G 568 17.78 28.91 -53.10
C LYS G 568 18.09 29.82 -51.92
N MET G 569 18.01 31.12 -52.18
CA MET G 569 18.18 32.12 -51.13
C MET G 569 16.80 32.53 -50.60
N ILE G 570 16.63 32.44 -49.29
CA ILE G 570 15.34 32.66 -48.64
C ILE G 570 15.49 33.73 -47.58
N ASP G 571 14.50 34.61 -47.48
CA ASP G 571 14.44 35.61 -46.43
C ASP G 571 13.92 34.97 -45.16
N THR G 572 14.77 34.93 -44.12
CA THR G 572 14.47 34.16 -42.93
C THR G 572 15.03 34.89 -41.72
N THR G 573 15.13 34.18 -40.62
CA THR G 573 15.72 34.66 -39.38
C THR G 573 16.87 33.74 -39.01
N VAL G 574 17.84 34.27 -38.26
CA VAL G 574 19.00 33.48 -37.86
C VAL G 574 18.57 32.23 -37.10
N GLY G 575 17.64 32.39 -36.17
CA GLY G 575 17.16 31.25 -35.40
C GLY G 575 16.51 30.18 -36.27
N ARG G 576 15.82 30.60 -37.33
CA ARG G 576 15.19 29.62 -38.20
C ARG G 576 16.21 28.75 -38.92
N ALA G 577 17.31 29.35 -39.38
CA ALA G 577 18.36 28.55 -40.00
C ALA G 577 19.06 27.66 -38.98
N MET G 578 19.33 28.20 -37.80
CA MET G 578 19.97 27.39 -36.76
C MET G 578 19.10 26.20 -36.39
N LEU G 579 17.78 26.37 -36.43
CA LEU G 579 16.88 25.25 -36.20
C LEU G 579 16.83 24.31 -37.39
N TRP G 580 16.92 24.85 -38.61
CA TRP G 580 16.99 24.02 -39.80
C TRP G 580 18.18 23.08 -39.75
N GLN G 581 19.23 23.48 -39.04
CA GLN G 581 20.42 22.64 -38.95
C GLN G 581 20.09 21.23 -38.45
N ILE G 582 19.06 21.07 -37.63
CA ILE G 582 18.73 19.77 -37.05
C ILE G 582 17.57 19.08 -37.76
N VAL G 583 16.94 19.74 -38.73
CA VAL G 583 15.79 19.15 -39.41
C VAL G 583 16.29 18.10 -40.40
N PRO G 584 15.73 16.89 -40.40
CA PRO G 584 16.21 15.86 -41.32
C PRO G 584 15.90 16.17 -42.77
N LYS G 585 16.70 15.61 -43.66
CA LYS G 585 16.50 15.79 -45.09
C LYS G 585 15.18 15.16 -45.52
N GLY G 586 14.51 15.80 -46.47
CA GLY G 586 13.24 15.33 -46.97
C GLY G 586 12.05 16.19 -46.59
N LEU G 587 12.27 17.33 -45.95
CA LEU G 587 11.18 18.16 -45.45
C LEU G 587 11.28 19.56 -46.03
N PRO G 588 10.16 20.20 -46.34
CA PRO G 588 10.20 21.57 -46.85
C PRO G 588 10.66 22.54 -45.78
N TYR G 589 11.27 23.63 -46.23
CA TYR G 589 11.74 24.66 -45.32
C TYR G 589 10.63 25.58 -44.84
N SER G 590 9.46 25.55 -45.49
CA SER G 590 8.34 26.34 -45.02
C SER G 590 7.84 25.89 -43.66
N LEU G 591 8.14 24.66 -43.26
CA LEU G 591 7.75 24.17 -41.95
C LEU G 591 8.51 24.86 -40.83
N VAL G 592 9.66 25.46 -41.13
CA VAL G 592 10.46 26.13 -40.13
C VAL G 592 10.39 27.66 -40.24
N ASN G 593 10.14 28.19 -41.43
CA ASN G 593 10.16 29.63 -41.66
C ASN G 593 8.89 30.30 -41.13
N GLN G 594 8.70 30.22 -39.82
CA GLN G 594 7.59 30.85 -39.12
C GLN G 594 7.86 30.72 -37.63
N LYS G 595 7.13 31.50 -36.83
CA LYS G 595 7.19 31.29 -35.40
C LYS G 595 6.55 29.95 -35.07
N LEU G 596 7.26 29.15 -34.29
CA LEU G 596 6.88 27.76 -34.07
C LEU G 596 6.19 27.65 -32.71
N GLY G 597 4.86 27.53 -32.74
CA GLY G 597 4.09 27.20 -31.56
C GLY G 597 4.00 25.69 -31.40
N LYS G 598 3.12 25.28 -30.47
CA LYS G 598 2.94 23.86 -30.23
C LYS G 598 2.38 23.16 -31.47
N LYS G 599 1.43 23.80 -32.16
CA LYS G 599 0.85 23.21 -33.36
C LYS G 599 1.90 23.05 -34.45
N GLN G 600 2.77 24.04 -34.62
CA GLN G 600 3.79 23.96 -35.65
C GLN G 600 4.78 22.84 -35.39
N ILE G 601 5.21 22.66 -34.14
CA ILE G 601 6.14 21.57 -33.83
C ILE G 601 5.46 20.22 -33.99
N SER G 602 4.19 20.12 -33.60
CA SER G 602 3.45 18.89 -33.81
C SER G 602 3.34 18.57 -35.30
N ASN G 603 3.10 19.59 -36.11
CA ASN G 603 3.04 19.39 -37.56
C ASN G 603 4.39 18.96 -38.11
N LEU G 604 5.48 19.55 -37.61
CA LEU G 604 6.81 19.12 -38.02
C LEU G 604 7.02 17.64 -37.75
N LEU G 605 6.73 17.20 -36.52
CA LEU G 605 6.93 15.79 -36.19
C LEU G 605 6.02 14.88 -37.01
N ASN G 606 4.76 15.28 -37.19
CA ASN G 606 3.83 14.44 -37.95
C ASN G 606 4.26 14.33 -39.40
N GLU G 607 4.70 15.43 -40.01
CA GLU G 607 5.20 15.38 -41.38
C GLU G 607 6.44 14.53 -41.48
N ALA G 608 7.35 14.64 -40.51
CA ALA G 608 8.56 13.83 -40.53
C ALA G 608 8.22 12.34 -40.45
N TYR G 609 7.23 11.98 -39.63
CA TYR G 609 6.83 10.58 -39.56
C TYR G 609 6.14 10.14 -40.85
N ARG G 610 5.33 11.01 -41.44
CA ARG G 610 4.59 10.65 -42.65
C ARG G 610 5.49 10.51 -43.86
N LYS G 611 6.59 11.25 -43.91
CA LYS G 611 7.43 11.26 -45.11
C LYS G 611 8.80 10.63 -44.93
N LEU G 612 9.20 10.31 -43.71
CA LEU G 612 10.52 9.71 -43.51
C LEU G 612 10.48 8.39 -42.76
N GLY G 613 9.61 8.24 -41.78
CA GLY G 613 9.51 6.98 -41.06
C GLY G 613 9.56 7.13 -39.55
N LEU G 614 10.22 6.18 -38.88
CA LEU G 614 10.25 6.14 -37.43
C LEU G 614 11.60 6.57 -36.85
N LYS G 615 12.71 6.00 -37.34
CA LYS G 615 14.01 6.30 -36.75
C LYS G 615 14.35 7.79 -36.90
N ASP G 616 14.13 8.33 -38.09
CA ASP G 616 14.35 9.76 -38.30
C ASP G 616 13.47 10.58 -37.37
N THR G 617 12.23 10.12 -37.15
CA THR G 617 11.31 10.85 -36.27
C THR G 617 11.83 10.88 -34.84
N VAL G 618 12.34 9.76 -34.33
CA VAL G 618 12.81 9.75 -32.94
C VAL G 618 14.07 10.58 -32.79
N ILE G 619 14.98 10.51 -33.77
CA ILE G 619 16.18 11.35 -33.71
C ILE G 619 15.80 12.83 -33.76
N PHE G 620 14.86 13.18 -34.64
CA PHE G 620 14.40 14.55 -34.76
C PHE G 620 13.74 15.02 -33.47
N ALA G 621 12.95 14.16 -32.84
CA ALA G 621 12.30 14.55 -31.59
C ALA G 621 13.32 14.80 -30.49
N ASP G 622 14.34 13.95 -30.40
CA ASP G 622 15.38 14.15 -29.40
C ASP G 622 16.12 15.46 -29.63
N GLN G 623 16.50 15.73 -30.88
CA GLN G 623 17.21 16.98 -31.19
C GLN G 623 16.32 18.19 -30.95
N ILE G 624 15.04 18.09 -31.27
CA ILE G 624 14.10 19.19 -31.01
C ILE G 624 14.05 19.49 -29.53
N MET G 625 13.97 18.45 -28.70
CA MET G 625 13.84 18.69 -27.27
C MET G 625 15.13 19.26 -26.69
N TYR G 626 16.29 18.77 -27.16
CA TYR G 626 17.57 19.34 -26.73
C TYR G 626 17.67 20.82 -27.09
N THR G 627 17.37 21.15 -28.34
CA THR G 627 17.48 22.54 -28.81
C THR G 627 16.50 23.44 -28.08
N GLY G 628 15.26 22.98 -27.89
CA GLY G 628 14.28 23.78 -27.19
C GLY G 628 14.70 24.07 -25.75
N PHE G 629 15.19 23.05 -25.06
CA PHE G 629 15.67 23.26 -23.70
C PHE G 629 16.82 24.25 -23.68
N ALA G 630 17.79 24.09 -24.59
CA ALA G 630 18.97 24.96 -24.59
C ALA G 630 18.57 26.41 -24.81
N TYR G 631 17.72 26.67 -25.79
CA TYR G 631 17.40 28.05 -26.10
C TYR G 631 16.34 28.65 -25.18
N ALA G 632 15.55 27.82 -24.51
CA ALA G 632 14.70 28.35 -23.44
C ALA G 632 15.55 28.75 -22.24
N ALA G 633 16.60 27.99 -21.95
CA ALA G 633 17.54 28.41 -20.92
C ALA G 633 18.25 29.69 -21.31
N LEU G 634 18.66 29.80 -22.58
CA LEU G 634 19.36 30.99 -23.05
C LEU G 634 18.46 32.21 -23.15
N SER G 635 17.15 32.02 -23.32
CA SER G 635 16.26 33.17 -23.49
C SER G 635 16.22 34.04 -22.25
N GLY G 636 16.18 33.42 -21.07
CA GLY G 636 16.01 34.18 -19.84
C GLY G 636 14.59 34.63 -19.59
N VAL G 637 13.60 33.88 -20.04
CA VAL G 637 12.20 34.26 -19.86
C VAL G 637 11.84 34.15 -18.39
N SER G 638 11.24 35.21 -17.84
CA SER G 638 10.92 35.28 -16.43
C SER G 638 9.60 36.01 -16.25
N VAL G 639 8.90 35.72 -15.16
CA VAL G 639 7.66 36.38 -14.82
C VAL G 639 7.92 37.41 -13.74
N GLY G 640 7.37 38.61 -13.92
CA GLY G 640 7.46 39.65 -12.91
C GLY G 640 6.12 40.33 -12.76
N ILE G 641 6.03 41.15 -11.71
CA ILE G 641 4.79 41.89 -11.46
C ILE G 641 4.52 42.91 -12.55
N ASP G 642 5.56 43.35 -13.26
CA ASP G 642 5.38 44.31 -14.35
C ASP G 642 4.95 43.67 -15.66
N ASP G 643 5.04 42.34 -15.78
CA ASP G 643 4.57 41.67 -16.98
C ASP G 643 3.05 41.59 -17.04
N MET G 644 2.36 41.85 -15.93
CA MET G 644 0.90 41.83 -15.88
C MET G 644 0.42 43.26 -16.03
N VAL G 645 0.29 43.72 -17.26
CA VAL G 645 -0.15 45.08 -17.54
C VAL G 645 -1.67 45.12 -17.52
N VAL G 646 -2.23 45.91 -16.61
CA VAL G 646 -3.67 46.08 -16.50
C VAL G 646 -4.06 47.25 -17.40
N PRO G 647 -4.93 47.05 -18.38
CA PRO G 647 -5.29 48.15 -19.29
C PRO G 647 -5.97 49.28 -18.53
N ALA G 648 -5.68 50.51 -18.94
CA ALA G 648 -6.31 51.67 -18.33
C ALA G 648 -7.80 51.75 -18.64
N ALA G 649 -8.26 51.05 -19.68
CA ALA G 649 -9.67 51.06 -20.03
C ALA G 649 -10.52 50.27 -19.04
N LYS G 650 -9.92 49.40 -18.23
CA LYS G 650 -10.69 48.58 -17.32
C LYS G 650 -11.40 49.42 -16.28
N TYR G 651 -10.71 50.42 -15.70
CA TYR G 651 -11.33 51.24 -14.67
C TYR G 651 -12.49 52.04 -15.23
N THR G 652 -12.32 52.63 -16.41
CA THR G 652 -13.40 53.40 -17.02
C THR G 652 -14.57 52.49 -17.41
N GLU G 653 -14.28 51.28 -17.90
CA GLU G 653 -15.35 50.36 -18.23
C GLU G 653 -16.12 49.93 -17.00
N ILE G 654 -15.42 49.69 -15.89
CA ILE G 654 -16.09 49.37 -14.63
C ILE G 654 -16.96 50.52 -14.16
N ALA G 655 -16.44 51.74 -14.27
CA ALA G 655 -17.24 52.91 -13.87
C ALA G 655 -18.49 53.04 -14.73
N GLU G 656 -18.36 52.83 -16.04
CA GLU G 656 -19.52 52.91 -16.92
C GLU G 656 -20.55 51.84 -16.58
N ALA G 657 -20.08 50.61 -16.33
CA ALA G 657 -20.99 49.53 -15.98
C ALA G 657 -21.70 49.82 -14.66
N GLU G 658 -20.98 50.35 -13.68
CA GLU G 658 -21.59 50.67 -12.40
C GLU G 658 -22.62 51.78 -12.54
N GLU G 659 -22.31 52.81 -13.32
CA GLU G 659 -23.28 53.89 -13.53
C GLU G 659 -24.53 53.37 -14.23
N GLU G 660 -24.35 52.50 -15.25
CA GLU G 660 -25.51 51.97 -15.94
C GLU G 660 -26.31 51.04 -15.04
N VAL G 661 -25.64 50.33 -14.13
CA VAL G 661 -26.34 49.50 -13.16
C VAL G 661 -27.15 50.37 -12.21
N ARG G 662 -26.61 51.51 -11.81
CA ARG G 662 -27.40 52.46 -11.02
C ARG G 662 -28.61 52.94 -11.80
N GLU G 663 -28.43 53.23 -13.09
CA GLU G 663 -29.57 53.67 -13.91
C GLU G 663 -30.65 52.59 -13.98
N ILE G 664 -30.25 51.33 -14.18
CA ILE G 664 -31.27 50.29 -14.29
C ILE G 664 -31.90 49.98 -12.94
N GLN G 665 -31.15 50.17 -11.85
CA GLN G 665 -31.76 50.08 -10.52
C GLN G 665 -32.82 51.17 -10.36
N GLU G 666 -32.53 52.38 -10.83
CA GLU G 666 -33.52 53.44 -10.80
C GLU G 666 -34.75 53.08 -11.63
N GLN G 667 -34.53 52.49 -12.81
CA GLN G 667 -35.66 52.07 -13.64
C GLN G 667 -36.49 51.00 -12.95
N PHE G 668 -35.84 50.06 -12.27
CA PHE G 668 -36.57 49.05 -11.51
C PHE G 668 -37.38 49.69 -10.39
N GLN G 669 -36.81 50.67 -9.70
CA GLN G 669 -37.54 51.34 -8.63
C GLN G 669 -38.75 52.11 -9.15
N SER G 670 -38.79 52.41 -10.44
CA SER G 670 -39.94 53.06 -11.05
C SER G 670 -40.96 52.07 -11.59
N GLY G 671 -40.68 50.77 -11.51
CA GLY G 671 -41.60 49.78 -12.02
C GLY G 671 -41.59 49.58 -13.51
N LEU G 672 -40.67 50.21 -14.23
CA LEU G 672 -40.61 50.04 -15.68
C LEU G 672 -40.27 48.60 -16.05
N VAL G 673 -39.35 47.97 -15.32
CA VAL G 673 -38.90 46.61 -15.59
C VAL G 673 -39.03 45.78 -14.34
N THR G 674 -39.19 44.47 -14.53
CA THR G 674 -39.39 43.55 -13.42
C THR G 674 -38.03 43.09 -12.87
N ALA G 675 -38.08 42.26 -11.83
CA ALA G 675 -36.86 41.79 -11.19
C ALA G 675 -36.09 40.83 -12.08
N GLY G 676 -36.79 39.90 -12.73
CA GLY G 676 -36.11 38.93 -13.58
C GLY G 676 -35.44 39.57 -14.78
N GLU G 677 -36.13 40.52 -15.42
CA GLU G 677 -35.52 41.27 -16.51
C GLU G 677 -34.27 42.01 -16.04
N ARG G 678 -34.37 42.64 -14.87
CA ARG G 678 -33.23 43.37 -14.32
C ARG G 678 -32.04 42.45 -14.10
N TYR G 679 -32.30 41.27 -13.51
CA TYR G 679 -31.23 40.30 -13.30
C TYR G 679 -30.59 39.88 -14.61
N ASN G 680 -31.41 39.55 -15.61
CA ASN G 680 -30.89 39.05 -16.86
C ASN G 680 -30.03 40.10 -17.58
N LYS G 681 -30.53 41.33 -17.68
CA LYS G 681 -29.73 42.31 -18.39
C LYS G 681 -28.54 42.82 -17.58
N VAL G 682 -28.59 42.78 -16.24
CA VAL G 682 -27.39 43.07 -15.48
C VAL G 682 -26.32 42.01 -15.75
N ILE G 683 -26.72 40.75 -15.79
CA ILE G 683 -25.79 39.69 -16.18
C ILE G 683 -25.22 39.97 -17.55
N ASP G 684 -26.07 40.38 -18.50
CA ASP G 684 -25.60 40.63 -19.85
C ASP G 684 -24.59 41.78 -19.89
N ILE G 685 -24.87 42.87 -19.16
CA ILE G 685 -23.96 44.01 -19.20
C ILE G 685 -22.63 43.66 -18.54
N TRP G 686 -22.65 42.88 -17.46
CA TRP G 686 -21.38 42.51 -16.86
C TRP G 686 -20.59 41.55 -17.76
N ALA G 687 -21.28 40.66 -18.47
CA ALA G 687 -20.60 39.80 -19.42
C ALA G 687 -19.96 40.62 -20.53
N SER G 688 -20.68 41.61 -21.04
CA SER G 688 -20.12 42.49 -22.07
C SER G 688 -18.93 43.27 -21.55
N THR G 689 -19.02 43.76 -20.32
CA THR G 689 -17.89 44.50 -19.74
C THR G 689 -16.68 43.60 -19.58
N ASN G 690 -16.88 42.35 -19.14
CA ASN G 690 -15.78 41.41 -19.04
C ASN G 690 -15.13 41.16 -20.39
N ASP G 691 -15.96 40.96 -21.42
CA ASP G 691 -15.41 40.72 -22.76
C ASP G 691 -14.61 41.92 -23.25
N ARG G 692 -15.12 43.13 -23.02
CA ARG G 692 -14.42 44.32 -23.51
C ARG G 692 -13.13 44.55 -22.75
N VAL G 693 -13.13 44.32 -21.43
CA VAL G 693 -11.89 44.46 -20.66
C VAL G 693 -10.85 43.44 -21.11
N ALA G 694 -11.30 42.20 -21.37
CA ALA G 694 -10.38 41.19 -21.87
C ALA G 694 -9.80 41.57 -23.22
N LYS G 695 -10.64 42.10 -24.12
CA LYS G 695 -10.15 42.52 -25.43
C LYS G 695 -9.14 43.65 -25.31
N ALA G 696 -9.42 44.63 -24.45
CA ALA G 696 -8.49 45.74 -24.27
C ALA G 696 -7.16 45.25 -23.71
N MET G 697 -7.21 44.35 -22.73
CA MET G 697 -5.97 43.84 -22.15
C MET G 697 -5.17 43.03 -23.16
N MET G 698 -5.86 42.23 -23.99
CA MET G 698 -5.16 41.50 -25.04
C MET G 698 -4.52 42.44 -26.05
N GLU G 699 -5.25 43.49 -26.47
CA GLU G 699 -4.71 44.41 -27.46
C GLU G 699 -3.51 45.17 -26.91
N ASN G 700 -3.57 45.58 -25.64
CA ASN G 700 -2.43 46.27 -25.05
C ASN G 700 -1.26 45.32 -24.85
N LEU G 701 -1.53 44.04 -24.59
CA LEU G 701 -0.47 43.09 -24.27
C LEU G 701 0.20 42.51 -25.50
N SER G 702 -0.46 42.49 -26.64
CA SER G 702 0.01 41.73 -27.80
C SER G 702 0.83 42.55 -28.79
N SER G 703 1.08 43.83 -28.52
CA SER G 703 1.74 44.66 -29.52
C SER G 703 2.67 45.66 -28.85
N GLU G 704 3.62 46.17 -29.64
CA GLU G 704 4.54 47.20 -29.21
C GLU G 704 4.98 47.99 -30.43
N GLN G 705 5.56 49.16 -30.17
CA GLN G 705 6.04 50.05 -31.23
C GLN G 705 7.55 50.14 -31.17
N VAL G 706 8.20 49.92 -32.31
CA VAL G 706 9.65 49.90 -32.40
C VAL G 706 10.10 50.87 -33.49
N ILE G 707 11.39 51.21 -33.43
CA ILE G 707 12.01 52.09 -34.41
C ILE G 707 12.75 51.21 -35.42
N ASN G 708 12.40 51.34 -36.69
CA ASN G 708 13.00 50.52 -37.73
C ASN G 708 14.29 51.16 -38.24
N ARG G 709 14.91 50.52 -39.23
CA ARG G 709 16.19 51.00 -39.73
C ARG G 709 16.07 52.37 -40.36
N GLN G 710 15.05 52.58 -41.20
CA GLN G 710 14.85 53.87 -41.85
C GLN G 710 14.37 54.95 -40.88
N GLY G 711 13.94 54.58 -39.67
CA GLY G 711 13.76 55.52 -38.58
C GLY G 711 12.33 55.80 -38.15
N GLU G 712 11.32 55.32 -38.86
CA GLU G 712 9.94 55.57 -38.45
C GLU G 712 9.52 54.57 -37.38
N GLN G 713 8.24 54.58 -37.02
CA GLN G 713 7.69 53.70 -36.01
C GLN G 713 6.90 52.58 -36.66
N GLU G 714 7.11 51.35 -36.18
CA GLU G 714 6.49 50.17 -36.74
C GLU G 714 5.87 49.33 -35.64
N LYS G 715 4.81 48.62 -35.99
CA LYS G 715 4.08 47.77 -35.06
C LYS G 715 4.70 46.38 -35.05
N GLN G 716 4.94 45.84 -33.86
CA GLN G 716 5.61 44.56 -33.69
C GLN G 716 4.84 43.73 -32.67
N GLU G 717 4.85 42.42 -32.86
CA GLU G 717 4.29 41.52 -31.86
C GLU G 717 5.11 41.58 -30.59
N SER G 718 4.44 41.57 -29.45
CA SER G 718 5.10 41.82 -28.18
C SER G 718 5.98 40.65 -27.76
N PHE G 719 6.98 40.96 -26.94
CA PHE G 719 7.84 39.97 -26.31
C PHE G 719 7.59 39.87 -24.81
N ASN G 720 6.37 40.19 -24.38
CA ASN G 720 6.01 40.04 -22.98
C ASN G 720 6.07 38.56 -22.60
N SER G 721 6.58 38.29 -21.40
CA SER G 721 6.79 36.92 -20.97
C SER G 721 5.48 36.15 -20.89
N ILE G 722 4.45 36.75 -20.32
CA ILE G 722 3.16 36.08 -20.21
C ILE G 722 2.53 35.91 -21.59
N TYR G 723 2.65 36.93 -22.44
CA TYR G 723 2.12 36.82 -23.79
C TYR G 723 2.84 35.73 -24.57
N MET G 724 4.17 35.66 -24.46
CA MET G 724 4.91 34.59 -25.14
C MET G 724 4.53 33.23 -24.58
N MET G 725 4.29 33.16 -23.27
CA MET G 725 3.87 31.90 -22.66
C MET G 725 2.54 31.44 -23.21
N ALA G 726 1.59 32.37 -23.36
CA ALA G 726 0.25 32.01 -23.81
C ALA G 726 0.22 31.71 -25.30
N ASP G 727 0.89 32.52 -26.11
CA ASP G 727 0.77 32.42 -27.56
C ASP G 727 1.50 31.20 -28.09
N SER G 728 2.64 30.84 -27.48
CA SER G 728 3.40 29.67 -27.94
C SER G 728 2.65 28.37 -27.71
N GLY G 729 1.66 28.37 -26.83
CA GLY G 729 0.99 27.14 -26.46
C GLY G 729 1.70 26.33 -25.40
N ALA G 730 2.72 26.91 -24.75
CA ALA G 730 3.43 26.16 -23.72
C ALA G 730 2.56 25.96 -22.49
N ARG G 731 2.19 27.06 -21.83
CA ARG G 731 1.27 27.00 -20.70
C ARG G 731 0.41 28.26 -20.70
N GLY G 732 -0.88 28.07 -20.47
CA GLY G 732 -1.79 29.18 -20.33
C GLY G 732 -2.62 29.43 -21.59
N SER G 733 -3.83 29.95 -21.38
CA SER G 733 -4.72 30.34 -22.45
C SER G 733 -5.31 31.70 -22.10
N ALA G 734 -6.12 32.23 -23.01
CA ALA G 734 -6.61 33.60 -22.87
C ALA G 734 -7.35 33.81 -21.56
N ALA G 735 -8.03 32.78 -21.06
CA ALA G 735 -8.79 32.91 -19.82
C ALA G 735 -7.88 33.22 -18.64
N GLN G 736 -6.70 32.58 -18.59
CA GLN G 736 -5.82 32.78 -17.45
C GLN G 736 -5.20 34.17 -17.46
N ILE G 737 -4.78 34.65 -18.62
CA ILE G 737 -4.29 36.03 -18.70
C ILE G 737 -5.40 37.01 -18.39
N ARG G 738 -6.64 36.69 -18.79
CA ARG G 738 -7.78 37.54 -18.42
C ARG G 738 -7.94 37.60 -16.90
N GLN G 739 -7.76 36.47 -16.22
CA GLN G 739 -7.86 36.46 -14.77
C GLN G 739 -6.69 37.18 -14.11
N LEU G 740 -5.53 37.20 -14.75
CA LEU G 740 -4.36 37.83 -14.13
C LEU G 740 -4.37 39.34 -14.31
N ALA G 741 -4.66 39.82 -15.52
CA ALA G 741 -4.52 41.24 -15.84
C ALA G 741 -5.80 41.88 -16.32
N GLY G 742 -6.92 41.17 -16.32
CA GLY G 742 -8.19 41.74 -16.72
C GLY G 742 -9.21 41.73 -15.61
N MET G 743 -10.26 40.94 -15.77
CA MET G 743 -11.31 40.80 -14.77
C MET G 743 -11.58 39.33 -14.52
N ARG G 744 -11.92 39.01 -13.27
CA ARG G 744 -12.22 37.62 -12.93
C ARG G 744 -13.60 37.20 -13.45
N GLY G 745 -14.55 38.12 -13.49
CA GLY G 745 -15.83 37.85 -14.10
C GLY G 745 -16.87 37.31 -13.14
N LEU G 746 -17.99 36.92 -13.72
CA LEU G 746 -19.10 36.37 -12.94
C LEU G 746 -18.73 35.01 -12.37
N MET G 747 -19.14 34.77 -11.13
CA MET G 747 -18.96 33.48 -10.50
C MET G 747 -20.30 32.95 -10.00
N ALA G 748 -20.37 31.64 -9.86
CA ALA G 748 -21.63 30.95 -9.62
C ALA G 748 -21.80 30.61 -8.14
N ARG G 749 -23.01 30.83 -7.64
CA ARG G 749 -23.39 30.36 -6.33
C ARG G 749 -23.39 28.83 -6.32
N PRO G 750 -23.16 28.19 -5.16
CA PRO G 750 -23.04 26.72 -5.15
C PRO G 750 -24.23 25.99 -5.74
N ASP G 751 -25.43 26.54 -5.66
CA ASP G 751 -26.58 25.86 -6.28
C ASP G 751 -26.51 25.91 -7.79
N GLY G 752 -25.88 26.93 -8.35
CA GLY G 752 -25.79 27.07 -9.80
C GLY G 752 -26.06 28.48 -10.28
N SER G 753 -26.81 29.25 -9.51
CA SER G 753 -27.11 30.63 -9.86
C SER G 753 -25.84 31.46 -9.94
N ILE G 754 -25.91 32.53 -10.72
CA ILE G 754 -24.76 33.39 -11.00
C ILE G 754 -24.99 34.70 -10.28
N ILE G 755 -24.10 35.02 -9.34
CA ILE G 755 -24.20 36.27 -8.60
C ILE G 755 -24.16 37.45 -9.56
N GLU G 756 -24.93 38.49 -9.24
CA GLU G 756 -25.02 39.65 -10.12
C GLU G 756 -23.70 40.39 -10.19
N THR G 757 -23.22 40.89 -9.06
CA THR G 757 -21.97 41.63 -9.06
C THR G 757 -20.81 40.69 -9.30
N PRO G 758 -19.95 40.96 -10.29
CA PRO G 758 -18.79 40.11 -10.51
C PRO G 758 -17.65 40.46 -9.58
N ILE G 759 -16.50 39.83 -9.78
CA ILE G 759 -15.27 40.28 -9.16
C ILE G 759 -14.60 41.24 -10.14
N THR G 760 -14.59 42.52 -9.79
CA THR G 760 -13.99 43.55 -10.62
C THR G 760 -12.48 43.62 -10.45
N ALA G 761 -11.88 42.65 -9.79
CA ALA G 761 -10.45 42.63 -9.54
C ALA G 761 -9.83 41.39 -10.17
N ASN G 762 -8.58 41.53 -10.59
CA ASN G 762 -7.80 40.40 -11.06
C ASN G 762 -6.88 39.96 -9.92
N PHE G 763 -5.95 39.06 -10.24
CA PHE G 763 -5.02 38.59 -9.22
C PHE G 763 -3.82 39.51 -9.05
N LYS G 764 -3.73 40.60 -9.81
CA LYS G 764 -2.59 41.51 -9.64
C LYS G 764 -2.83 42.47 -8.47
N GLU G 765 -3.96 43.18 -8.47
CA GLU G 765 -4.29 43.99 -7.31
C GLU G 765 -4.86 43.18 -6.15
N GLY G 766 -5.37 41.99 -6.42
CA GLY G 766 -5.83 41.12 -5.35
C GLY G 766 -7.30 41.31 -5.04
N LEU G 767 -7.91 40.23 -4.57
CA LEU G 767 -9.32 40.24 -4.20
C LEU G 767 -9.47 40.58 -2.71
N ASN G 768 -10.67 41.04 -2.36
CA ASN G 768 -10.99 41.26 -0.95
C ASN G 768 -11.66 40.01 -0.38
N VAL G 769 -12.22 40.12 0.82
CA VAL G 769 -12.68 38.94 1.55
C VAL G 769 -13.86 38.28 0.84
N LEU G 770 -14.87 39.06 0.48
CA LEU G 770 -16.06 38.50 -0.15
C LEU G 770 -15.74 37.94 -1.55
N GLN G 771 -14.90 38.64 -2.31
CA GLN G 771 -14.50 38.10 -3.62
C GLN G 771 -13.79 36.75 -3.46
N TYR G 772 -12.92 36.63 -2.46
CA TYR G 772 -12.25 35.36 -2.23
C TYR G 772 -13.24 34.30 -1.78
N PHE G 773 -14.25 34.67 -1.00
CA PHE G 773 -15.26 33.71 -0.56
C PHE G 773 -16.06 33.17 -1.75
N ILE G 774 -16.49 34.05 -2.65
CA ILE G 774 -17.18 33.60 -3.86
C ILE G 774 -16.26 32.74 -4.71
N SER G 775 -14.96 33.06 -4.74
CA SER G 775 -14.02 32.21 -5.46
C SER G 775 -13.97 30.81 -4.88
N THR G 776 -13.94 30.72 -3.54
CA THR G 776 -13.90 29.42 -2.89
C THR G 776 -15.16 28.61 -3.19
N HIS G 777 -16.30 29.30 -3.31
CA HIS G 777 -17.55 28.63 -3.63
C HIS G 777 -17.40 27.72 -4.85
N GLY G 778 -16.74 28.23 -5.90
CA GLY G 778 -16.57 27.47 -7.11
C GLY G 778 -15.35 26.56 -7.11
N ALA G 779 -14.30 26.96 -6.39
CA ALA G 779 -13.11 26.12 -6.31
C ALA G 779 -13.43 24.78 -5.65
N ARG G 780 -14.19 24.81 -4.56
CA ARG G 780 -14.58 23.57 -3.89
C ARG G 780 -15.40 22.69 -4.80
N LYS G 781 -16.34 23.30 -5.54
CA LYS G 781 -17.17 22.55 -6.48
C LYS G 781 -16.32 21.86 -7.53
N GLY G 782 -15.34 22.59 -8.09
CA GLY G 782 -14.48 21.98 -9.08
C GLY G 782 -13.69 20.79 -8.54
N LEU G 783 -13.10 20.95 -7.36
CA LEU G 783 -12.29 19.88 -6.80
C LEU G 783 -13.14 18.64 -6.51
N ALA G 784 -14.31 18.83 -5.89
CA ALA G 784 -15.14 17.67 -5.56
C ALA G 784 -15.69 17.01 -6.82
N ASP G 785 -16.03 17.81 -7.83
CA ASP G 785 -16.50 17.24 -9.09
C ASP G 785 -15.41 16.38 -9.72
N THR G 786 -14.16 16.85 -9.71
CA THR G 786 -13.08 16.03 -10.22
C THR G 786 -12.96 14.73 -9.44
N ALA G 787 -13.05 14.81 -8.11
CA ALA G 787 -12.90 13.62 -7.28
C ALA G 787 -13.94 12.57 -7.61
N LEU G 788 -15.20 12.97 -7.80
CA LEU G 788 -16.24 11.99 -8.10
C LEU G 788 -16.18 11.51 -9.55
N LYS G 789 -15.87 12.40 -10.48
CA LYS G 789 -15.86 12.04 -11.89
C LYS G 789 -14.74 11.07 -12.20
N THR G 790 -13.63 11.11 -11.44
CA THR G 790 -12.57 10.13 -11.64
C THR G 790 -13.10 8.71 -11.44
N ALA G 791 -13.82 8.48 -10.33
CA ALA G 791 -14.38 7.16 -10.06
C ALA G 791 -15.43 6.77 -11.09
N ASN G 792 -16.27 7.73 -11.50
CA ASN G 792 -17.28 7.40 -12.50
C ASN G 792 -16.63 6.95 -13.80
N SER G 793 -15.60 7.66 -14.25
CA SER G 793 -14.90 7.28 -15.47
C SER G 793 -14.21 5.94 -15.34
N GLY G 794 -13.62 5.67 -14.17
CA GLY G 794 -12.99 4.38 -13.97
C GLY G 794 -13.97 3.23 -14.09
N TYR G 795 -15.16 3.39 -13.50
CA TYR G 795 -16.16 2.33 -13.58
C TYR G 795 -16.64 2.15 -15.02
N LEU G 796 -16.81 3.25 -15.75
CA LEU G 796 -17.17 3.15 -17.18
C LEU G 796 -16.11 2.38 -17.96
N THR G 797 -14.83 2.70 -17.73
CA THR G 797 -13.76 2.02 -18.45
C THR G 797 -13.73 0.53 -18.12
N ARG G 798 -13.91 0.19 -16.85
CA ARG G 798 -14.00 -1.22 -16.47
C ARG G 798 -15.11 -1.91 -17.25
N ARG G 799 -16.29 -1.31 -17.27
CA ARG G 799 -17.43 -1.94 -17.94
C ARG G 799 -17.14 -2.15 -19.42
N LEU G 800 -16.54 -1.15 -20.08
CA LEU G 800 -16.19 -1.28 -21.49
C LEU G 800 -15.17 -2.41 -21.71
N VAL G 801 -14.19 -2.53 -20.80
CA VAL G 801 -13.19 -3.57 -20.97
C VAL G 801 -13.83 -4.95 -20.89
N ASP G 802 -14.71 -5.16 -19.90
CA ASP G 802 -15.33 -6.48 -19.84
C ASP G 802 -16.29 -6.76 -20.98
N VAL G 803 -16.98 -5.75 -21.52
CA VAL G 803 -17.86 -6.08 -22.65
C VAL G 803 -17.03 -6.40 -23.90
N ALA G 804 -15.95 -5.65 -24.14
CA ALA G 804 -15.22 -5.76 -25.38
C ALA G 804 -13.95 -6.61 -25.28
N GLN G 805 -13.77 -7.37 -24.21
CA GLN G 805 -12.50 -8.05 -23.99
C GLN G 805 -12.28 -9.20 -24.98
N ASP G 806 -13.34 -9.81 -25.47
CA ASP G 806 -13.22 -10.99 -26.32
C ASP G 806 -12.95 -10.67 -27.79
N VAL G 807 -12.91 -9.40 -28.18
CA VAL G 807 -12.76 -9.04 -29.58
C VAL G 807 -11.28 -9.04 -29.93
N VAL G 808 -10.88 -9.98 -30.78
CA VAL G 808 -9.50 -10.08 -31.26
C VAL G 808 -9.56 -10.31 -32.77
N VAL G 809 -8.62 -9.71 -33.49
CA VAL G 809 -8.55 -9.91 -34.94
C VAL G 809 -8.15 -11.35 -35.21
N THR G 810 -9.08 -12.16 -35.67
CA THR G 810 -8.88 -13.59 -35.81
C THR G 810 -8.66 -14.04 -37.24
N GLU G 811 -8.96 -13.19 -38.22
CA GLU G 811 -8.89 -13.57 -39.62
C GLU G 811 -8.25 -12.44 -40.40
N HIS G 812 -8.10 -12.63 -41.71
CA HIS G 812 -7.64 -11.58 -42.59
C HIS G 812 -8.79 -10.97 -43.40
N ASP G 813 -9.56 -11.79 -44.10
CA ASP G 813 -10.75 -11.34 -44.81
C ASP G 813 -11.90 -12.27 -44.47
N CYS G 814 -13.04 -11.68 -44.14
CA CYS G 814 -14.23 -12.44 -43.78
C CYS G 814 -15.09 -12.81 -44.99
N GLY G 815 -14.85 -12.19 -46.14
CA GLY G 815 -15.67 -12.42 -47.31
C GLY G 815 -17.09 -11.91 -47.17
N THR G 816 -17.24 -10.71 -46.63
CA THR G 816 -18.55 -10.07 -46.54
C THR G 816 -18.68 -8.97 -47.58
N LEU G 817 -19.91 -8.73 -48.01
CA LEU G 817 -20.20 -7.64 -48.94
C LEU G 817 -20.92 -6.48 -48.26
N GLU G 818 -21.31 -6.64 -47.00
CA GLU G 818 -21.93 -5.56 -46.26
C GLU G 818 -20.91 -4.46 -45.98
N GLY G 819 -21.43 -3.26 -45.73
CA GLY G 819 -20.58 -2.13 -45.43
C GLY G 819 -21.42 -0.99 -44.88
N VAL G 820 -20.73 0.04 -44.42
CA VAL G 820 -21.38 1.23 -43.87
C VAL G 820 -21.14 2.39 -44.82
N VAL G 821 -22.15 3.26 -44.91
CA VAL G 821 -22.10 4.44 -45.77
C VAL G 821 -21.55 5.59 -44.96
N MET G 822 -20.51 6.23 -45.47
CA MET G 822 -19.82 7.29 -44.75
C MET G 822 -19.84 8.57 -45.57
N THR G 823 -20.22 9.66 -44.91
CA THR G 823 -20.34 10.99 -45.48
C THR G 823 -19.81 11.99 -44.46
N PRO G 824 -19.41 13.18 -44.90
CA PRO G 824 -19.00 14.21 -43.94
C PRO G 824 -20.13 14.58 -42.99
N HIS G 825 -19.76 14.90 -41.75
CA HIS G 825 -20.73 15.21 -40.71
C HIS G 825 -21.15 16.67 -40.82
N ILE G 826 -22.46 16.90 -40.94
CA ILE G 826 -23.03 18.24 -41.06
C ILE G 826 -24.06 18.42 -39.95
N GLU G 827 -23.89 19.49 -39.16
CA GLU G 827 -24.83 19.84 -38.10
C GLU G 827 -25.22 21.30 -38.20
N GLY G 828 -25.48 21.77 -39.41
CA GLY G 828 -25.85 23.14 -39.65
C GLY G 828 -25.32 23.61 -41.00
N GLY G 829 -24.86 24.86 -41.03
CA GLY G 829 -24.31 25.44 -42.23
C GLY G 829 -22.83 25.22 -42.43
N ASP G 830 -22.17 24.51 -41.53
CA ASP G 830 -20.74 24.26 -41.62
C ASP G 830 -20.47 22.79 -41.34
N VAL G 831 -19.38 22.29 -41.92
CA VAL G 831 -18.98 20.91 -41.73
C VAL G 831 -18.34 20.76 -40.35
N LYS G 832 -18.73 19.71 -39.63
CA LYS G 832 -18.12 19.45 -38.33
C LYS G 832 -16.80 18.71 -38.48
N VAL G 833 -16.73 17.78 -39.43
CA VAL G 833 -15.51 17.02 -39.69
C VAL G 833 -15.56 16.53 -41.12
N ALA G 834 -14.44 16.62 -41.81
CA ALA G 834 -14.39 16.25 -43.22
C ALA G 834 -14.37 14.74 -43.38
N LEU G 835 -14.61 14.29 -44.61
CA LEU G 835 -14.62 12.86 -44.89
C LEU G 835 -13.22 12.27 -44.92
N THR G 836 -12.20 13.09 -45.14
CA THR G 836 -10.82 12.61 -45.08
C THR G 836 -10.48 12.09 -43.69
N GLU G 837 -10.89 12.82 -42.65
CA GLU G 837 -10.65 12.36 -41.29
C GLU G 837 -11.41 11.08 -41.00
N LEU G 838 -12.63 10.96 -41.51
CA LEU G 838 -13.45 9.79 -41.23
C LEU G 838 -13.02 8.56 -42.00
N ALA G 839 -12.37 8.74 -43.15
CA ALA G 839 -12.04 7.64 -44.03
C ALA G 839 -10.57 7.21 -43.98
N LEU G 840 -9.73 7.97 -43.28
CA LEU G 840 -8.30 7.65 -43.22
C LEU G 840 -8.11 6.37 -42.43
N GLY G 841 -7.73 5.29 -43.10
CA GLY G 841 -7.46 4.03 -42.45
C GLY G 841 -8.54 2.99 -42.56
N ARG G 842 -9.57 3.20 -43.38
CA ARG G 842 -10.65 2.24 -43.54
C ARG G 842 -10.59 1.62 -44.93
N VAL G 843 -11.00 0.37 -45.00
CA VAL G 843 -10.95 -0.39 -46.24
C VAL G 843 -12.25 -0.19 -47.02
N VAL G 844 -12.13 0.00 -48.33
CA VAL G 844 -13.28 0.26 -49.18
C VAL G 844 -14.11 -1.01 -49.35
N SER G 845 -15.41 -0.90 -49.13
CA SER G 845 -16.32 -2.04 -49.24
C SER G 845 -16.99 -2.14 -50.60
N GLU G 846 -17.54 -1.03 -51.12
CA GLU G 846 -18.13 -0.99 -52.44
C GLU G 846 -17.33 -0.05 -53.32
N ASP G 847 -17.19 -0.41 -54.59
CA ASP G 847 -16.28 0.28 -55.49
C ASP G 847 -16.63 1.77 -55.59
N ILE G 848 -15.61 2.61 -55.49
CA ILE G 848 -15.80 4.06 -55.43
C ILE G 848 -15.77 4.60 -56.85
N LEU G 849 -16.95 4.80 -57.44
CA LEU G 849 -17.06 5.38 -58.76
C LEU G 849 -17.01 6.91 -58.67
N LYS G 850 -16.37 7.52 -59.66
CA LYS G 850 -16.33 8.98 -59.73
C LYS G 850 -17.74 9.53 -59.95
N PRO G 851 -18.11 10.61 -59.28
CA PRO G 851 -19.46 11.16 -59.47
C PRO G 851 -19.71 11.55 -60.93
N GLY G 852 -20.91 11.22 -61.40
CA GLY G 852 -21.25 11.47 -62.80
C GLY G 852 -20.46 10.64 -63.79
N THR G 853 -19.81 9.57 -63.33
CA THR G 853 -18.98 8.75 -64.20
C THR G 853 -19.05 7.31 -63.71
N ASP G 854 -18.74 6.38 -64.61
CA ASP G 854 -18.71 4.96 -64.28
C ASP G 854 -17.30 4.42 -64.09
N GLU G 855 -16.29 5.28 -64.10
CA GLU G 855 -14.92 4.84 -63.88
C GLU G 855 -14.70 4.47 -62.42
N VAL G 856 -13.91 3.42 -62.20
CA VAL G 856 -13.59 2.95 -60.86
C VAL G 856 -12.35 3.69 -60.38
N LEU G 857 -12.56 4.73 -59.59
CA LEU G 857 -11.42 5.47 -59.03
C LEU G 857 -10.65 4.62 -58.02
N ILE G 858 -11.35 3.90 -57.14
CA ILE G 858 -10.74 3.16 -56.05
C ILE G 858 -11.28 1.75 -56.06
N PRO G 859 -10.45 0.71 -56.13
CA PRO G 859 -10.95 -0.67 -56.13
C PRO G 859 -11.34 -1.11 -54.72
N ARG G 860 -12.07 -2.23 -54.68
CA ARG G 860 -12.47 -2.80 -53.40
C ARG G 860 -11.26 -3.43 -52.71
N ASN G 861 -11.32 -3.45 -51.37
CA ASN G 861 -10.27 -4.02 -50.53
C ASN G 861 -8.97 -3.24 -50.70
N THR G 862 -9.08 -1.93 -50.48
CA THR G 862 -7.95 -1.01 -50.55
C THR G 862 -7.92 -0.17 -49.29
N LEU G 863 -6.75 -0.04 -48.68
CA LEU G 863 -6.60 0.79 -47.50
C LEU G 863 -6.45 2.24 -47.91
N LEU G 864 -7.30 3.10 -47.36
CA LEU G 864 -7.28 4.53 -47.68
C LEU G 864 -6.23 5.19 -46.81
N ASP G 865 -5.04 5.37 -47.36
CA ASP G 865 -3.97 6.09 -46.69
C ASP G 865 -4.07 7.58 -47.05
N GLU G 866 -3.02 8.33 -46.74
CA GLU G 866 -3.05 9.78 -46.97
C GLU G 866 -3.18 10.11 -48.45
N LYS G 867 -2.47 9.38 -49.32
CA LYS G 867 -2.49 9.69 -50.74
C LYS G 867 -3.87 9.47 -51.35
N TRP G 868 -4.52 8.36 -51.00
CA TRP G 868 -5.87 8.13 -51.51
C TRP G 868 -6.87 9.10 -50.89
N CYS G 869 -6.61 9.55 -49.66
CA CYS G 869 -7.44 10.58 -49.06
C CYS G 869 -7.35 11.88 -49.83
N LYS G 870 -6.14 12.26 -50.25
CA LYS G 870 -5.98 13.45 -51.07
C LYS G 870 -6.65 13.26 -52.43
N VAL G 871 -6.57 12.06 -52.99
CA VAL G 871 -7.27 11.78 -54.25
C VAL G 871 -8.77 12.00 -54.09
N ILE G 872 -9.35 11.48 -53.01
CA ILE G 872 -10.78 11.62 -52.78
C ILE G 872 -11.14 13.08 -52.57
N ASN G 873 -10.32 13.83 -51.83
CA ASN G 873 -10.57 15.24 -51.62
C ASN G 873 -10.53 16.01 -52.93
N ASP G 874 -9.58 15.66 -53.81
CA ASP G 874 -9.46 16.36 -55.09
C ASP G 874 -10.64 16.05 -56.00
N ASN G 875 -11.14 14.82 -55.99
CA ASN G 875 -12.20 14.43 -56.91
C ASN G 875 -13.59 14.68 -56.35
N SER G 876 -13.71 15.29 -55.17
CA SER G 876 -14.98 15.73 -54.61
C SER G 876 -15.98 14.58 -54.49
N VAL G 877 -15.63 13.60 -53.66
CA VAL G 877 -16.49 12.46 -53.38
C VAL G 877 -17.19 12.71 -52.05
N ASP G 878 -18.51 12.52 -52.05
CA ASP G 878 -19.34 12.83 -50.88
C ASP G 878 -19.64 11.58 -50.06
N GLN G 879 -20.17 10.53 -50.70
CA GLN G 879 -20.61 9.33 -49.99
C GLN G 879 -19.77 8.15 -50.45
N ILE G 880 -19.23 7.40 -49.50
CA ILE G 880 -18.45 6.21 -49.79
C ILE G 880 -19.01 5.06 -48.95
N LYS G 881 -18.56 3.83 -49.26
CA LYS G 881 -18.95 2.65 -48.51
C LYS G 881 -17.70 1.92 -48.07
N VAL G 882 -17.57 1.70 -46.76
CA VAL G 882 -16.37 1.09 -46.20
C VAL G 882 -16.77 -0.02 -45.25
N ARG G 883 -15.88 -1.01 -45.09
CA ARG G 883 -16.13 -2.08 -44.13
C ARG G 883 -15.96 -1.59 -42.71
N SER G 884 -16.74 -2.17 -41.81
CA SER G 884 -16.69 -1.83 -40.40
C SER G 884 -16.76 -3.11 -39.58
N VAL G 885 -16.46 -2.98 -38.29
CA VAL G 885 -16.41 -4.13 -37.41
C VAL G 885 -17.79 -4.73 -37.22
N VAL G 886 -18.84 -3.91 -37.21
CA VAL G 886 -20.18 -4.40 -36.91
C VAL G 886 -20.69 -5.34 -38.00
N THR G 887 -20.30 -5.09 -39.25
CA THR G 887 -20.80 -5.86 -40.38
C THR G 887 -19.95 -7.07 -40.73
N CYS G 888 -18.89 -7.35 -39.97
CA CYS G 888 -18.06 -8.51 -40.23
C CYS G 888 -18.82 -9.80 -39.93
N ASP G 889 -18.49 -10.86 -40.68
CA ASP G 889 -19.19 -12.13 -40.55
C ASP G 889 -18.38 -13.18 -39.80
N SER G 890 -17.22 -12.81 -39.26
CA SER G 890 -16.38 -13.80 -38.59
C SER G 890 -17.10 -14.38 -37.38
N ASP G 891 -16.97 -15.70 -37.20
CA ASP G 891 -17.69 -16.38 -36.14
C ASP G 891 -17.26 -15.87 -34.77
N PHE G 892 -15.96 -15.68 -34.56
CA PHE G 892 -15.45 -15.14 -33.32
C PHE G 892 -14.45 -14.05 -33.65
N GLY G 893 -14.58 -12.90 -32.99
CA GLY G 893 -13.71 -11.78 -33.29
C GLY G 893 -14.06 -11.12 -34.61
N CYS G 894 -13.07 -10.42 -35.16
CA CYS G 894 -13.22 -9.72 -36.43
C CYS G 894 -12.02 -10.04 -37.32
N CYS G 895 -12.06 -9.54 -38.54
CA CYS G 895 -10.98 -9.74 -39.50
C CYS G 895 -10.22 -8.44 -39.72
N ALA G 896 -9.09 -8.57 -40.42
CA ALA G 896 -8.19 -7.42 -40.57
C ALA G 896 -8.80 -6.34 -41.45
N GLN G 897 -9.49 -6.73 -42.51
CA GLN G 897 -10.01 -5.74 -43.45
C GLN G 897 -11.14 -4.91 -42.85
N CYS G 898 -12.03 -5.56 -42.10
CA CYS G 898 -13.15 -4.83 -41.51
C CYS G 898 -12.71 -3.83 -40.46
N TYR G 899 -11.51 -4.00 -39.89
CA TYR G 899 -10.98 -3.04 -38.94
C TYR G 899 -10.13 -1.99 -39.63
N GLY G 900 -9.21 -2.42 -40.49
CA GLY G 900 -8.40 -1.49 -41.25
C GLY G 900 -7.06 -1.19 -40.60
N ARG G 901 -6.59 0.05 -40.76
CA ARG G 901 -5.34 0.46 -40.16
C ARG G 901 -5.46 0.49 -38.64
N ASP G 902 -4.42 0.01 -37.96
CA ASP G 902 -4.31 0.20 -36.53
C ASP G 902 -3.56 1.51 -36.28
N LEU G 903 -4.20 2.41 -35.53
CA LEU G 903 -3.74 3.79 -35.47
C LEU G 903 -2.37 3.92 -34.83
N ALA G 904 -2.04 3.02 -33.89
CA ALA G 904 -0.79 3.13 -33.16
C ALA G 904 0.43 2.71 -33.98
N ARG G 905 0.23 2.05 -35.11
CA ARG G 905 1.36 1.55 -35.90
C ARG G 905 1.40 2.10 -37.32
N GLY G 906 0.26 2.43 -37.92
CA GLY G 906 0.24 3.04 -39.23
C GLY G 906 0.04 2.09 -40.38
N HIS G 907 0.01 0.79 -40.15
CA HIS G 907 -0.19 -0.19 -41.22
C HIS G 907 -1.49 -0.95 -40.95
N LEU G 908 -1.72 -1.99 -41.75
CA LEU G 908 -2.88 -2.83 -41.52
C LEU G 908 -2.77 -3.54 -40.18
N VAL G 909 -3.92 -3.76 -39.54
CA VAL G 909 -3.94 -4.42 -38.24
C VAL G 909 -3.49 -5.86 -38.41
N ASN G 910 -2.62 -6.30 -37.50
CA ASN G 910 -2.09 -7.65 -37.55
C ASN G 910 -3.08 -8.63 -36.93
N GLN G 911 -2.90 -9.90 -37.27
CA GLN G 911 -3.67 -10.96 -36.62
C GLN G 911 -3.32 -11.04 -35.15
N GLY G 912 -4.33 -11.09 -34.30
CA GLY G 912 -4.11 -11.27 -32.88
C GLY G 912 -4.12 -10.02 -32.04
N GLU G 913 -4.42 -8.87 -32.62
CA GLU G 913 -4.47 -7.63 -31.84
C GLU G 913 -5.77 -7.56 -31.06
N ALA G 914 -5.66 -7.29 -29.76
CA ALA G 914 -6.83 -7.15 -28.90
C ALA G 914 -7.45 -5.78 -29.17
N VAL G 915 -8.23 -5.72 -30.25
CA VAL G 915 -8.84 -4.45 -30.65
C VAL G 915 -9.88 -4.01 -29.64
N GLY G 916 -10.52 -4.96 -28.95
CA GLY G 916 -11.53 -4.58 -27.98
C GLY G 916 -10.96 -3.84 -26.78
N VAL G 917 -9.84 -4.32 -26.24
CA VAL G 917 -9.22 -3.64 -25.11
C VAL G 917 -8.71 -2.27 -25.52
N ILE G 918 -8.16 -2.17 -26.73
CA ILE G 918 -7.72 -0.87 -27.24
C ILE G 918 -8.89 0.08 -27.36
N ALA G 919 -10.03 -0.41 -27.86
CA ALA G 919 -11.22 0.42 -27.98
C ALA G 919 -11.71 0.90 -26.63
N ALA G 920 -11.77 -0.02 -25.66
CA ALA G 920 -12.25 0.35 -24.34
C ALA G 920 -11.34 1.37 -23.68
N GLN G 921 -10.03 1.16 -23.76
CA GLN G 921 -9.09 2.11 -23.18
C GLN G 921 -9.16 3.46 -23.88
N SER G 922 -9.30 3.45 -25.21
CA SER G 922 -9.37 4.69 -25.97
C SER G 922 -10.59 5.50 -25.58
N ILE G 923 -11.74 4.84 -25.43
CA ILE G 923 -12.95 5.55 -25.04
C ILE G 923 -12.87 6.02 -23.59
N GLY G 924 -12.34 5.19 -22.70
CA GLY G 924 -12.39 5.51 -21.29
C GLY G 924 -11.33 6.48 -20.81
N GLU G 925 -10.20 6.58 -21.50
CA GLU G 925 -9.13 7.46 -21.04
C GLU G 925 -9.54 8.92 -20.94
N PRO G 926 -10.24 9.52 -21.94
CA PRO G 926 -10.56 10.95 -21.83
C PRO G 926 -11.74 11.25 -20.91
N GLY G 927 -12.15 10.29 -20.09
CA GLY G 927 -13.33 10.47 -19.28
C GLY G 927 -13.19 11.57 -18.24
N THR G 928 -11.98 11.81 -17.75
CA THR G 928 -11.77 12.84 -16.75
C THR G 928 -11.96 14.23 -17.34
N GLN G 929 -11.57 14.43 -18.60
CA GLN G 929 -11.77 15.73 -19.24
C GLN G 929 -13.24 16.02 -19.53
N LEU G 930 -14.07 14.99 -19.59
CA LEU G 930 -15.50 15.21 -19.80
C LEU G 930 -16.12 15.87 -18.58
N THR G 931 -17.22 16.59 -18.79
CA THR G 931 -17.94 17.23 -17.70
C THR G 931 -18.94 16.27 -17.07
N ILE G 950 -34.38 30.18 -41.99
CA ILE G 950 -33.20 29.49 -42.48
C ILE G 950 -32.57 30.25 -43.63
N GLN G 951 -31.41 30.85 -43.40
CA GLN G 951 -30.70 31.63 -44.40
C GLN G 951 -29.47 30.85 -44.87
N ALA G 952 -29.34 30.71 -46.19
CA ALA G 952 -28.21 29.98 -46.75
C ALA G 952 -26.91 30.75 -46.54
N LYS G 953 -25.85 30.01 -46.19
CA LYS G 953 -24.53 30.59 -46.03
C LYS G 953 -23.56 30.12 -47.11
N ASN G 954 -24.06 29.48 -48.17
CA ASN G 954 -23.21 28.98 -49.24
C ASN G 954 -24.00 29.03 -50.55
N ASN G 955 -23.27 28.96 -51.65
CA ASN G 955 -23.85 29.03 -52.98
C ASN G 955 -23.97 27.63 -53.57
N GLY G 956 -25.13 27.31 -54.13
CA GLY G 956 -25.34 26.00 -54.70
C GLY G 956 -26.81 25.77 -55.03
N SER G 957 -27.18 24.50 -55.13
CA SER G 957 -28.54 24.09 -55.43
C SER G 957 -29.20 23.52 -54.18
N VAL G 958 -30.53 23.42 -54.26
CA VAL G 958 -31.37 23.00 -53.14
C VAL G 958 -32.03 21.68 -53.49
N LYS G 959 -31.92 20.71 -52.58
CA LYS G 959 -32.52 19.39 -52.76
C LYS G 959 -33.36 19.05 -51.54
N LEU G 960 -34.50 18.40 -51.77
CA LEU G 960 -35.43 18.02 -50.71
C LEU G 960 -35.50 16.51 -50.62
N HIS G 961 -35.40 15.99 -49.40
CA HIS G 961 -35.46 14.55 -49.16
C HIS G 961 -36.76 14.18 -48.46
N GLU G 981 -35.85 16.31 -45.86
CA GLU G 981 -35.12 17.42 -45.26
C GLU G 981 -34.58 18.35 -46.34
N LEU G 982 -33.91 19.42 -45.90
CA LEU G 982 -33.37 20.43 -46.80
C LEU G 982 -31.85 20.24 -46.92
N THR G 983 -31.35 20.24 -48.14
CA THR G 983 -29.92 20.12 -48.39
C THR G 983 -29.49 21.18 -49.39
N ILE G 984 -28.39 21.86 -49.07
CA ILE G 984 -27.78 22.85 -49.96
C ILE G 984 -26.43 22.29 -50.39
N ILE G 985 -26.26 22.14 -51.70
CA ILE G 985 -25.10 21.46 -52.28
C ILE G 985 -24.33 22.45 -53.13
N ASP G 986 -23.01 22.46 -52.97
CA ASP G 986 -22.17 23.33 -53.78
C ASP G 986 -22.14 22.85 -55.23
N GLU G 987 -21.55 23.68 -56.09
CA GLU G 987 -21.46 23.34 -57.52
C GLU G 987 -20.60 22.11 -57.77
N PHE G 988 -19.65 21.84 -56.88
CA PHE G 988 -18.79 20.67 -57.04
C PHE G 988 -19.51 19.36 -56.78
N GLY G 989 -20.71 19.40 -56.18
CA GLY G 989 -21.47 18.21 -55.89
C GLY G 989 -21.42 17.73 -54.45
N ARG G 990 -20.75 18.48 -53.57
CA ARG G 990 -20.66 18.10 -52.16
C ARG G 990 -21.80 18.75 -51.38
N THR G 991 -22.49 17.95 -50.57
CA THR G 991 -23.55 18.48 -49.71
C THR G 991 -22.91 19.22 -48.56
N LYS G 992 -23.12 20.54 -48.50
CA LYS G 992 -22.47 21.38 -47.51
C LYS G 992 -23.42 22.00 -46.49
N GLU G 993 -24.73 21.96 -46.70
CA GLU G 993 -25.66 22.42 -45.68
C GLU G 993 -26.78 21.40 -45.54
N LYS G 994 -27.06 21.01 -44.30
CA LYS G 994 -28.18 20.12 -43.98
C LYS G 994 -29.06 20.81 -42.96
N HIS G 995 -30.33 21.00 -43.30
CA HIS G 995 -31.26 21.74 -42.44
C HIS G 995 -32.58 20.98 -42.34
N LYS G 996 -33.23 21.12 -41.19
CA LYS G 996 -34.51 20.47 -40.97
C LYS G 996 -35.61 21.13 -41.79
N LEU G 997 -36.71 20.40 -41.95
CA LEU G 997 -37.88 20.87 -42.71
C LEU G 997 -39.11 20.73 -41.83
N PRO G 998 -39.39 21.71 -40.97
CA PRO G 998 -40.59 21.63 -40.14
C PRO G 998 -41.86 21.59 -41.00
N TYR G 999 -42.84 20.82 -40.53
CA TYR G 999 -44.09 20.65 -41.27
C TYR G 999 -44.97 21.89 -41.13
N LEU G 1003 -40.78 28.36 -48.22
CA LEU G 1003 -39.49 28.16 -48.86
C LEU G 1003 -39.30 29.12 -50.03
N SER G 1004 -38.10 29.71 -50.11
CA SER G 1004 -37.82 30.67 -51.17
C SER G 1004 -37.60 29.96 -52.50
N LYS G 1005 -36.92 28.81 -52.48
CA LYS G 1005 -36.58 28.08 -53.70
C LYS G 1005 -37.11 26.65 -53.61
N ALA G 1006 -37.59 26.14 -54.75
CA ALA G 1006 -38.11 24.78 -54.82
C ALA G 1006 -36.97 23.79 -55.03
N ASP G 1007 -37.32 22.55 -55.36
CA ASP G 1007 -36.31 21.52 -55.57
C ASP G 1007 -35.52 21.80 -56.84
N GLY G 1008 -34.19 21.73 -56.75
CA GLY G 1008 -33.33 21.95 -57.88
C GLY G 1008 -33.03 23.40 -58.20
N ASP G 1009 -33.58 24.35 -57.45
CA ASP G 1009 -33.36 25.76 -57.73
C ASP G 1009 -32.06 26.23 -57.09
N ALA G 1010 -31.23 26.91 -57.87
CA ALA G 1010 -29.97 27.44 -57.36
C ALA G 1010 -30.23 28.59 -56.40
N VAL G 1011 -29.40 28.67 -55.36
CA VAL G 1011 -29.52 29.69 -54.33
C VAL G 1011 -28.17 30.35 -54.14
N ALA G 1012 -28.17 31.69 -54.09
CA ALA G 1012 -26.95 32.45 -53.89
C ALA G 1012 -26.69 32.65 -52.40
N ALA G 1013 -25.47 33.09 -52.10
CA ALA G 1013 -25.08 33.31 -50.71
C ALA G 1013 -25.87 34.45 -50.09
N GLY G 1014 -26.31 34.25 -48.85
CA GLY G 1014 -27.08 35.25 -48.12
C GLY G 1014 -28.58 35.18 -48.31
N GLU G 1015 -29.06 34.37 -49.25
CA GLU G 1015 -30.50 34.26 -49.47
C GLU G 1015 -31.15 33.48 -48.34
N THR G 1016 -32.28 34.00 -47.84
CA THR G 1016 -33.02 33.35 -46.76
C THR G 1016 -34.05 32.42 -47.39
N VAL G 1017 -33.68 31.14 -47.50
CA VAL G 1017 -34.62 30.15 -48.06
C VAL G 1017 -35.82 29.99 -47.15
N ALA G 1018 -35.60 29.90 -45.84
CA ALA G 1018 -36.66 29.76 -44.85
C ALA G 1018 -37.56 28.56 -45.14
N GLY G 1136 -22.68 16.41 -17.57
CA GLY G 1136 -23.57 16.13 -18.67
C GLY G 1136 -22.88 15.48 -19.86
N GLY G 1137 -21.57 15.26 -19.72
CA GLY G 1137 -20.80 14.61 -20.77
C GLY G 1137 -20.50 13.16 -20.47
N LEU G 1138 -20.05 12.88 -19.26
CA LEU G 1138 -19.75 11.51 -18.86
C LEU G 1138 -21.02 10.73 -18.55
N PRO G 1139 -21.97 11.28 -17.78
CA PRO G 1139 -23.24 10.56 -17.59
C PRO G 1139 -23.96 10.27 -18.89
N ARG G 1140 -23.88 11.15 -19.88
CA ARG G 1140 -24.54 10.89 -21.16
C ARG G 1140 -23.92 9.68 -21.85
N VAL G 1141 -22.58 9.62 -21.88
CA VAL G 1141 -21.91 8.49 -22.51
C VAL G 1141 -22.23 7.20 -21.77
N ALA G 1142 -22.22 7.26 -20.43
CA ALA G 1142 -22.54 6.07 -19.64
C ALA G 1142 -23.97 5.61 -19.89
N ASP G 1143 -24.91 6.54 -19.96
CA ASP G 1143 -26.30 6.19 -20.24
C ASP G 1143 -26.45 5.63 -21.65
N LEU G 1144 -25.63 6.09 -22.58
CA LEU G 1144 -25.73 5.64 -23.96
C LEU G 1144 -25.19 4.22 -24.13
N PHE G 1145 -24.07 3.92 -23.46
CA PHE G 1145 -23.47 2.59 -23.63
C PHE G 1145 -24.27 1.49 -22.93
N GLU G 1146 -25.07 1.83 -21.92
CA GLU G 1146 -25.98 0.86 -21.33
C GLU G 1146 -27.33 0.82 -22.00
N ALA G 1147 -27.53 1.59 -23.07
CA ALA G 1147 -28.76 1.57 -23.85
C ALA G 1147 -29.98 1.84 -22.96
N ARG G 1148 -29.89 2.89 -22.16
CA ARG G 1148 -30.98 3.27 -21.29
C ARG G 1148 -32.21 3.71 -22.08
N LYS G 1149 -33.38 3.50 -21.48
CA LYS G 1149 -34.63 4.05 -21.97
C LYS G 1149 -34.79 5.48 -21.48
N PRO G 1150 -35.08 6.44 -22.36
CA PRO G 1150 -35.36 7.80 -21.89
C PRO G 1150 -36.61 7.84 -21.02
N LYS G 1151 -36.63 8.82 -20.11
CA LYS G 1151 -37.77 8.95 -19.20
C LYS G 1151 -39.07 9.19 -19.95
N GLU G 1152 -39.05 10.06 -20.96
CA GLU G 1152 -40.20 10.31 -21.81
C GLU G 1152 -39.76 10.07 -23.25
N PRO G 1153 -39.89 8.84 -23.74
CA PRO G 1153 -39.34 8.51 -25.06
C PRO G 1153 -40.27 8.92 -26.19
N ALA G 1154 -39.72 8.90 -27.40
CA ALA G 1154 -40.49 9.21 -28.59
C ALA G 1154 -41.33 8.03 -29.02
N ILE G 1155 -42.59 8.29 -29.36
CA ILE G 1155 -43.50 7.26 -29.85
C ILE G 1155 -43.29 7.15 -31.35
N LEU G 1156 -43.00 5.93 -31.82
CA LEU G 1156 -42.56 5.69 -33.17
C LEU G 1156 -43.53 4.74 -33.86
N ALA G 1157 -43.68 4.91 -35.17
CA ALA G 1157 -44.65 4.15 -35.95
C ALA G 1157 -44.22 2.69 -36.02
N GLU G 1158 -44.98 1.82 -35.36
CA GLU G 1158 -44.62 0.40 -35.32
C GLU G 1158 -44.65 -0.23 -36.71
N HIS G 1159 -45.66 0.10 -37.51
CA HIS G 1159 -45.83 -0.50 -38.82
C HIS G 1159 -46.18 0.59 -39.81
N SER G 1160 -45.90 0.32 -41.09
CA SER G 1160 -46.24 1.24 -42.17
C SER G 1160 -47.70 1.07 -42.54
N GLY G 1161 -48.47 2.15 -42.50
CA GLY G 1161 -49.88 2.07 -42.83
C GLY G 1161 -50.55 3.41 -42.63
N THR G 1162 -51.86 3.41 -42.83
CA THR G 1162 -52.68 4.61 -42.71
C THR G 1162 -53.15 4.78 -41.27
N VAL G 1163 -52.99 5.99 -40.75
CA VAL G 1163 -53.34 6.29 -39.36
C VAL G 1163 -54.85 6.43 -39.24
N SER G 1164 -55.37 6.19 -38.03
CA SER G 1164 -56.78 6.39 -37.75
C SER G 1164 -56.98 6.57 -36.25
N PHE G 1165 -57.92 7.44 -35.90
CA PHE G 1165 -58.24 7.68 -34.51
C PHE G 1165 -58.99 6.50 -33.91
N GLY G 1166 -59.11 6.50 -32.59
CA GLY G 1166 -59.77 5.42 -31.88
C GLY G 1166 -60.59 5.87 -30.70
N LYS G 1167 -61.11 4.92 -29.93
CA LYS G 1167 -61.93 5.24 -28.78
C LYS G 1167 -61.06 5.80 -27.66
N GLU G 1168 -61.33 7.03 -27.25
CA GLU G 1168 -60.57 7.68 -26.19
C GLU G 1168 -60.99 7.07 -24.85
N THR G 1169 -60.37 5.93 -24.54
CA THR G 1169 -60.63 5.25 -23.27
C THR G 1169 -60.21 6.14 -22.11
N LYS G 1170 -60.98 6.07 -21.03
CA LYS G 1170 -60.68 6.86 -19.85
C LYS G 1170 -59.28 6.51 -19.33
N GLY G 1171 -58.59 7.52 -18.81
CA GLY G 1171 -57.21 7.37 -18.41
C GLY G 1171 -56.23 7.77 -19.50
N LYS G 1172 -56.13 6.98 -20.58
CA LYS G 1172 -55.22 7.29 -21.66
C LYS G 1172 -55.83 6.82 -22.98
N ARG G 1173 -55.29 7.36 -24.07
CA ARG G 1173 -55.90 7.29 -25.40
C ARG G 1173 -55.36 6.11 -26.21
N ARG G 1174 -56.14 5.69 -27.21
CA ARG G 1174 -55.72 4.65 -28.14
C ARG G 1174 -55.81 5.16 -29.57
N LEU G 1175 -54.98 4.58 -30.44
CA LEU G 1175 -54.97 4.92 -31.85
C LEU G 1175 -54.86 3.61 -32.64
N ILE G 1176 -55.24 3.65 -33.91
CA ILE G 1176 -55.16 2.45 -34.74
C ILE G 1176 -54.46 2.79 -36.05
N ILE G 1177 -53.88 1.77 -36.67
CA ILE G 1177 -53.24 1.90 -37.97
C ILE G 1177 -53.67 0.73 -38.85
N THR G 1178 -53.99 1.01 -40.10
CA THR G 1178 -54.40 0.00 -41.07
C THR G 1178 -53.24 -0.25 -42.01
N ARG G 1179 -52.79 -1.51 -42.06
CA ARG G 1179 -51.62 -1.87 -42.85
C ARG G 1179 -52.02 -2.10 -44.30
N ASP G 1180 -51.03 -2.44 -45.13
CA ASP G 1180 -51.29 -2.72 -46.54
C ASP G 1180 -52.13 -3.97 -46.73
N SER G 1181 -52.14 -4.88 -45.76
CA SER G 1181 -52.95 -6.09 -45.83
C SER G 1181 -54.33 -5.90 -45.21
N GLY G 1182 -54.63 -4.72 -44.71
CA GLY G 1182 -55.92 -4.44 -44.09
C GLY G 1182 -55.99 -4.75 -42.62
N ASP G 1183 -54.95 -5.33 -42.03
CA ASP G 1183 -54.95 -5.62 -40.61
C ASP G 1183 -54.84 -4.33 -39.80
N THR G 1184 -55.51 -4.33 -38.65
CA THR G 1184 -55.53 -3.17 -37.76
C THR G 1184 -54.62 -3.41 -36.57
N TYR G 1185 -53.69 -2.49 -36.35
CA TYR G 1185 -52.77 -2.55 -35.21
C TYR G 1185 -53.07 -1.40 -34.27
N GLU G 1186 -53.23 -1.71 -32.99
CA GLU G 1186 -53.62 -0.73 -31.99
C GLU G 1186 -52.41 -0.25 -31.20
N GLU G 1187 -52.40 1.03 -30.87
CA GLU G 1187 -51.32 1.67 -30.13
C GLU G 1187 -51.87 2.40 -28.92
N MET G 1188 -51.12 2.36 -27.83
CA MET G 1188 -51.54 2.82 -26.50
C MET G 1188 -50.77 4.10 -26.21
N ILE G 1189 -51.43 5.25 -26.37
CA ILE G 1189 -50.78 6.56 -26.31
C ILE G 1189 -51.27 7.28 -25.06
N PRO G 1190 -50.39 7.88 -24.27
CA PRO G 1190 -50.84 8.67 -23.12
C PRO G 1190 -51.53 9.95 -23.56
N LYS G 1191 -52.28 10.53 -22.62
CA LYS G 1191 -53.05 11.74 -22.91
C LYS G 1191 -52.14 12.90 -23.29
N HIS G 1192 -51.14 13.20 -22.46
CA HIS G 1192 -50.28 14.36 -22.67
C HIS G 1192 -49.22 14.02 -23.69
N ARG G 1193 -49.64 13.99 -24.96
CA ARG G 1193 -48.76 13.67 -26.07
C ARG G 1193 -49.18 14.50 -27.27
N GLN G 1194 -48.28 15.35 -27.76
CA GLN G 1194 -48.55 16.21 -28.91
C GLN G 1194 -48.37 15.39 -30.18
N LEU G 1195 -49.43 14.68 -30.56
CA LEU G 1195 -49.37 13.82 -31.74
C LEU G 1195 -49.10 14.63 -32.99
N ASN G 1196 -48.26 14.06 -33.87
CA ASN G 1196 -47.90 14.69 -35.13
C ASN G 1196 -48.66 14.07 -36.29
N VAL G 1197 -49.01 12.79 -36.19
CA VAL G 1197 -49.70 12.10 -37.28
C VAL G 1197 -51.09 12.69 -37.47
N PHE G 1198 -51.59 12.58 -38.70
CA PHE G 1198 -52.96 12.99 -39.04
C PHE G 1198 -53.64 11.85 -39.76
N GLU G 1199 -54.95 11.73 -39.53
CA GLU G 1199 -55.71 10.63 -40.11
C GLU G 1199 -55.73 10.73 -41.62
N GLY G 1200 -55.70 9.57 -42.27
CA GLY G 1200 -55.62 9.51 -43.73
C GLY G 1200 -54.23 9.60 -44.29
N GLU G 1201 -53.20 9.57 -43.45
CA GLU G 1201 -51.81 9.66 -43.88
C GLU G 1201 -51.15 8.30 -43.73
N ARG G 1202 -50.43 7.86 -44.77
CA ARG G 1202 -49.68 6.62 -44.74
C ARG G 1202 -48.29 6.91 -44.20
N ILE G 1203 -48.11 6.72 -42.89
CA ILE G 1203 -46.82 6.97 -42.25
C ILE G 1203 -45.93 5.76 -42.44
N GLU G 1204 -44.68 6.00 -42.82
CA GLU G 1204 -43.72 4.93 -43.03
C GLU G 1204 -43.19 4.40 -41.71
N ARG G 1205 -42.61 3.20 -41.76
CA ARG G 1205 -41.96 2.64 -40.58
C ARG G 1205 -40.67 3.39 -40.32
N GLY G 1206 -40.46 3.83 -39.09
CA GLY G 1206 -39.39 4.73 -38.76
C GLY G 1206 -39.80 6.18 -38.63
N ASP G 1207 -41.08 6.50 -38.80
CA ASP G 1207 -41.56 7.86 -38.66
C ASP G 1207 -41.87 8.18 -37.19
N VAL G 1208 -41.75 9.44 -36.84
CA VAL G 1208 -41.98 9.89 -35.47
C VAL G 1208 -43.45 10.28 -35.32
N ILE G 1209 -44.10 9.75 -34.29
CA ILE G 1209 -45.47 10.10 -33.96
C ILE G 1209 -45.51 11.14 -32.85
N ALA G 1210 -44.79 10.91 -31.77
CA ALA G 1210 -44.65 11.87 -30.69
C ALA G 1210 -43.20 12.28 -30.59
N ASP G 1211 -42.96 13.59 -30.55
CA ASP G 1211 -41.59 14.11 -30.47
C ASP G 1211 -40.99 13.80 -29.10
N GLY G 1212 -39.67 13.57 -29.09
CA GLY G 1212 -38.96 13.30 -27.88
C GLY G 1212 -37.66 12.55 -28.14
N PRO G 1213 -36.91 12.26 -27.09
CA PRO G 1213 -35.69 11.47 -27.25
C PRO G 1213 -35.99 10.08 -27.77
N GLU G 1214 -35.08 9.56 -28.59
CA GLU G 1214 -35.27 8.29 -29.27
C GLU G 1214 -34.56 7.18 -28.51
N SER G 1215 -35.29 6.10 -28.24
CA SER G 1215 -34.72 4.94 -27.57
C SER G 1215 -33.94 4.10 -28.59
N PRO G 1216 -32.68 3.77 -28.30
CA PRO G 1216 -31.90 2.96 -29.26
C PRO G 1216 -32.53 1.61 -29.56
N HIS G 1217 -33.24 1.02 -28.61
CA HIS G 1217 -33.92 -0.25 -28.87
C HIS G 1217 -34.95 -0.11 -29.96
N ASP G 1218 -35.75 0.96 -29.91
CA ASP G 1218 -36.74 1.21 -30.96
C ASP G 1218 -36.07 1.43 -32.30
N ILE G 1219 -34.95 2.16 -32.30
CA ILE G 1219 -34.23 2.43 -33.54
C ILE G 1219 -33.76 1.12 -34.17
N LEU G 1220 -33.19 0.24 -33.36
CA LEU G 1220 -32.74 -1.04 -33.88
C LEU G 1220 -33.91 -1.88 -34.37
N ARG G 1221 -35.01 -1.90 -33.63
CA ARG G 1221 -36.13 -2.75 -34.01
C ARG G 1221 -36.78 -2.30 -35.30
N LEU G 1222 -36.94 -0.99 -35.48
CA LEU G 1222 -37.75 -0.47 -36.58
C LEU G 1222 -36.95 0.08 -37.75
N ARG G 1223 -35.66 0.35 -37.57
CA ARG G 1223 -34.85 0.91 -38.65
C ARG G 1223 -33.74 -0.02 -39.11
N GLY G 1224 -32.93 -0.55 -38.18
CA GLY G 1224 -31.91 -1.51 -38.56
C GLY G 1224 -30.60 -1.38 -37.79
N ILE G 1225 -29.63 -2.22 -38.15
CA ILE G 1225 -28.34 -2.22 -37.47
C ILE G 1225 -27.58 -0.91 -37.75
N HIS G 1226 -27.57 -0.49 -39.02
CA HIS G 1226 -26.82 0.69 -39.39
C HIS G 1226 -27.35 1.93 -38.68
N ALA G 1227 -28.68 2.01 -38.51
CA ALA G 1227 -29.26 3.18 -37.88
C ALA G 1227 -28.81 3.32 -36.43
N VAL G 1228 -28.84 2.22 -35.67
CA VAL G 1228 -28.47 2.30 -34.27
C VAL G 1228 -26.97 2.52 -34.13
N THR G 1229 -26.17 1.91 -35.01
CA THR G 1229 -24.73 2.16 -34.99
C THR G 1229 -24.45 3.64 -35.21
N THR G 1230 -25.09 4.23 -36.21
CA THR G 1230 -24.91 5.65 -36.51
C THR G 1230 -25.36 6.52 -35.34
N TYR G 1231 -26.51 6.18 -34.73
CA TYR G 1231 -27.01 6.97 -33.63
C TYR G 1231 -26.02 6.99 -32.47
N ILE G 1232 -25.57 5.80 -32.04
CA ILE G 1232 -24.66 5.73 -30.91
C ILE G 1232 -23.36 6.47 -31.22
N ALA G 1233 -22.80 6.23 -32.41
CA ALA G 1233 -21.54 6.87 -32.77
C ALA G 1233 -21.69 8.38 -32.78
N ASN G 1234 -22.77 8.89 -33.39
CA ASN G 1234 -22.94 10.33 -33.50
C ASN G 1234 -23.10 10.99 -32.14
N GLU G 1235 -23.90 10.40 -31.24
CA GLU G 1235 -24.08 11.06 -29.95
C GLU G 1235 -22.82 11.02 -29.09
N VAL G 1236 -22.15 9.86 -29.01
CA VAL G 1236 -20.95 9.80 -28.20
C VAL G 1236 -19.85 10.69 -28.78
N GLN G 1237 -19.77 10.79 -30.12
CA GLN G 1237 -18.77 11.69 -30.68
C GLN G 1237 -19.16 13.15 -30.54
N GLU G 1238 -20.45 13.46 -30.50
CA GLU G 1238 -20.85 14.83 -30.17
C GLU G 1238 -20.37 15.19 -28.77
N VAL G 1239 -20.56 14.29 -27.81
CA VAL G 1239 -20.11 14.56 -26.45
C VAL G 1239 -18.59 14.71 -26.41
N TYR G 1240 -17.87 13.86 -27.13
CA TYR G 1240 -16.42 13.90 -27.08
C TYR G 1240 -15.85 15.12 -27.79
N ARG G 1241 -16.42 15.48 -28.95
CA ARG G 1241 -15.94 16.61 -29.73
C ARG G 1241 -16.32 17.94 -29.09
N LEU G 1242 -17.34 17.97 -28.24
CA LEU G 1242 -17.64 19.19 -27.51
C LEU G 1242 -16.46 19.62 -26.65
N GLN G 1243 -15.76 18.66 -26.04
CA GLN G 1243 -14.64 18.94 -25.15
C GLN G 1243 -13.29 18.88 -25.86
N GLY G 1244 -13.27 18.69 -27.17
CA GLY G 1244 -12.01 18.67 -27.90
C GLY G 1244 -11.22 17.39 -27.76
N VAL G 1245 -11.89 16.25 -27.69
CA VAL G 1245 -11.24 14.95 -27.62
C VAL G 1245 -11.48 14.21 -28.92
N LYS G 1246 -10.42 13.73 -29.54
CA LYS G 1246 -10.51 13.06 -30.83
C LYS G 1246 -10.33 11.56 -30.63
N ILE G 1247 -11.38 10.79 -30.93
CA ILE G 1247 -11.37 9.34 -30.86
C ILE G 1247 -11.96 8.79 -32.14
N ASN G 1248 -11.29 7.82 -32.76
CA ASN G 1248 -11.77 7.22 -33.98
C ASN G 1248 -13.05 6.44 -33.72
N ASP G 1249 -13.85 6.29 -34.79
CA ASP G 1249 -15.15 5.65 -34.69
C ASP G 1249 -15.08 4.13 -34.73
N LYS G 1250 -13.95 3.55 -35.14
CA LYS G 1250 -13.86 2.10 -35.18
C LYS G 1250 -13.90 1.50 -33.77
N HIS G 1251 -13.40 2.22 -32.77
CA HIS G 1251 -13.51 1.75 -31.39
C HIS G 1251 -14.96 1.69 -30.94
N ILE G 1252 -15.71 2.75 -31.23
CA ILE G 1252 -17.11 2.82 -30.87
C ILE G 1252 -17.88 1.73 -31.61
N GLU G 1253 -17.51 1.45 -32.86
CA GLU G 1253 -18.17 0.40 -33.62
C GLU G 1253 -17.85 -0.98 -33.08
N THR G 1254 -16.64 -1.18 -32.55
CA THR G 1254 -16.34 -2.43 -31.86
C THR G 1254 -17.24 -2.61 -30.64
N ILE G 1255 -17.41 -1.55 -29.86
CA ILE G 1255 -18.30 -1.62 -28.70
C ILE G 1255 -19.73 -1.92 -29.15
N VAL G 1256 -20.19 -1.26 -30.21
CA VAL G 1256 -21.56 -1.47 -30.68
C VAL G 1256 -21.74 -2.90 -31.18
N ARG G 1257 -20.72 -3.45 -31.85
CA ARG G 1257 -20.80 -4.84 -32.26
C ARG G 1257 -20.94 -5.75 -31.05
N GLN G 1258 -20.23 -5.44 -29.97
CA GLN G 1258 -20.43 -6.21 -28.75
C GLN G 1258 -21.80 -5.99 -28.14
N MET G 1259 -22.46 -4.87 -28.42
CA MET G 1259 -23.84 -4.71 -27.97
C MET G 1259 -24.78 -5.62 -28.75
N LEU G 1260 -24.49 -5.88 -30.03
CA LEU G 1260 -25.33 -6.71 -30.89
C LEU G 1260 -24.73 -8.13 -30.91
N ARG G 1261 -25.14 -8.95 -29.94
CA ARG G 1261 -24.65 -10.31 -29.85
C ARG G 1261 -25.74 -11.33 -29.57
N LYS G 1262 -26.96 -10.91 -29.25
CA LYS G 1262 -28.03 -11.81 -28.88
C LYS G 1262 -29.24 -11.60 -29.79
N CYS G 1263 -29.97 -12.68 -30.03
CA CYS G 1263 -31.18 -12.67 -30.82
C CYS G 1263 -32.27 -13.47 -30.12
N THR G 1264 -33.49 -12.98 -30.22
CA THR G 1264 -34.67 -13.70 -29.77
C THR G 1264 -35.30 -14.40 -30.97
N ILE G 1265 -35.57 -15.69 -30.82
CA ILE G 1265 -36.17 -16.48 -31.90
C ILE G 1265 -37.67 -16.24 -31.90
N THR G 1266 -38.20 -15.80 -33.04
CA THR G 1266 -39.63 -15.62 -33.22
C THR G 1266 -40.30 -16.82 -33.88
N PHE G 1267 -39.64 -17.42 -34.86
CA PHE G 1267 -40.09 -18.66 -35.50
C PHE G 1267 -39.16 -19.77 -35.05
N ALA G 1268 -39.71 -20.75 -34.34
CA ALA G 1268 -38.88 -21.82 -33.79
C ALA G 1268 -38.21 -22.63 -34.89
N GLY G 1269 -38.93 -22.88 -35.98
CA GLY G 1269 -38.37 -23.71 -37.04
C GLY G 1269 -38.20 -25.15 -36.57
N ASP G 1270 -37.15 -25.79 -37.09
CA ASP G 1270 -36.81 -27.15 -36.70
C ASP G 1270 -35.55 -27.22 -35.86
N SER G 1271 -34.76 -26.15 -35.79
CA SER G 1271 -33.58 -26.14 -34.95
C SER G 1271 -33.97 -26.13 -33.47
N GLU G 1272 -33.02 -26.53 -32.62
CA GLU G 1272 -33.27 -26.70 -31.19
C GLU G 1272 -33.35 -25.35 -30.49
N PHE G 1273 -34.33 -24.55 -30.91
CA PHE G 1273 -34.57 -23.23 -30.33
C PHE G 1273 -36.05 -23.05 -30.08
N LEU G 1274 -36.39 -22.57 -28.88
CA LEU G 1274 -37.75 -22.28 -28.44
C LEU G 1274 -38.11 -20.85 -28.80
N PRO G 1275 -39.38 -20.60 -29.14
CA PRO G 1275 -39.81 -19.23 -29.42
C PRO G 1275 -39.63 -18.34 -28.19
N GLY G 1276 -39.24 -17.08 -28.44
CA GLY G 1276 -39.05 -16.15 -27.36
C GLY G 1276 -37.85 -16.42 -26.48
N GLU G 1277 -36.84 -17.10 -27.01
CA GLU G 1277 -35.63 -17.42 -26.26
C GLU G 1277 -34.49 -16.54 -26.73
N THR G 1278 -33.83 -15.87 -25.79
CA THR G 1278 -32.70 -14.99 -26.09
C THR G 1278 -31.44 -15.84 -26.11
N VAL G 1279 -30.88 -16.05 -27.30
CA VAL G 1279 -29.71 -16.88 -27.50
C VAL G 1279 -28.64 -16.06 -28.22
N GLU G 1280 -27.46 -16.67 -28.39
CA GLU G 1280 -26.34 -15.98 -29.01
C GLU G 1280 -26.48 -15.98 -30.53
N TYR G 1281 -26.12 -14.85 -31.14
CA TYR G 1281 -26.34 -14.69 -32.57
C TYR G 1281 -25.38 -15.53 -33.40
N SER G 1282 -24.14 -15.69 -32.94
CA SER G 1282 -23.19 -16.51 -33.69
C SER G 1282 -23.62 -17.97 -33.71
N GLN G 1283 -24.12 -18.48 -32.59
CA GLN G 1283 -24.63 -19.84 -32.56
C GLN G 1283 -25.78 -20.02 -33.54
N VAL G 1284 -26.70 -19.05 -33.58
CA VAL G 1284 -27.82 -19.13 -34.51
C VAL G 1284 -27.33 -19.06 -35.95
N LYS G 1285 -26.33 -18.22 -36.22
CA LYS G 1285 -25.80 -18.12 -37.58
C LYS G 1285 -25.18 -19.44 -38.01
N ILE G 1286 -24.41 -20.07 -37.12
CA ILE G 1286 -23.80 -21.37 -37.45
C ILE G 1286 -24.88 -22.42 -37.66
N ALA G 1287 -25.88 -22.46 -36.79
CA ALA G 1287 -26.96 -23.43 -36.93
C ALA G 1287 -27.74 -23.22 -38.21
N ASN G 1288 -27.99 -21.96 -38.58
CA ASN G 1288 -28.71 -21.67 -39.82
C ASN G 1288 -27.88 -22.05 -41.04
N ARG G 1289 -26.57 -21.82 -40.99
CA ARG G 1289 -25.72 -22.26 -42.09
C ARG G 1289 -25.77 -23.79 -42.23
N LYS G 1290 -25.71 -24.50 -41.10
CA LYS G 1290 -25.81 -25.96 -41.14
C LYS G 1290 -27.15 -26.40 -41.71
N LEU G 1291 -28.24 -25.76 -41.29
CA LEU G 1291 -29.57 -26.15 -41.74
C LEU G 1291 -29.77 -25.84 -43.22
N VAL G 1292 -29.22 -24.73 -43.69
CA VAL G 1292 -29.27 -24.42 -45.12
C VAL G 1292 -28.46 -25.44 -45.90
N GLU G 1293 -27.32 -25.87 -45.37
CA GLU G 1293 -26.60 -26.97 -45.98
C GLU G 1293 -27.44 -28.24 -46.01
N GLU G 1294 -28.30 -28.44 -45.00
CA GLU G 1294 -29.20 -29.57 -44.95
C GLU G 1294 -30.54 -29.30 -45.63
N GLY G 1295 -30.78 -28.08 -46.11
CA GLY G 1295 -32.02 -27.75 -46.76
C GLY G 1295 -33.23 -27.85 -45.86
N LYS G 1296 -33.13 -27.30 -44.66
CA LYS G 1296 -34.20 -27.34 -43.67
C LYS G 1296 -34.53 -25.92 -43.25
N GLU G 1297 -35.77 -25.73 -42.78
CA GLU G 1297 -36.28 -24.41 -42.45
C GLU G 1297 -35.39 -23.73 -41.41
N PRO G 1298 -34.81 -22.57 -41.72
CA PRO G 1298 -33.98 -21.87 -40.75
C PRO G 1298 -34.83 -21.05 -39.79
N ALA G 1299 -34.17 -20.57 -38.74
CA ALA G 1299 -34.87 -19.80 -37.71
C ALA G 1299 -35.04 -18.35 -38.12
N ARG G 1300 -36.07 -17.72 -37.58
CA ARG G 1300 -36.30 -16.30 -37.74
C ARG G 1300 -36.03 -15.61 -36.42
N PHE G 1301 -35.25 -14.53 -36.45
CA PHE G 1301 -34.75 -13.91 -35.23
C PHE G 1301 -34.91 -12.41 -35.29
N GLU G 1302 -34.96 -11.80 -34.10
CA GLU G 1302 -34.81 -10.37 -33.94
C GLU G 1302 -33.57 -10.13 -33.09
N ARG G 1303 -32.76 -9.15 -33.48
CA ARG G 1303 -31.53 -8.87 -32.75
C ARG G 1303 -31.82 -7.89 -31.62
N GLU G 1304 -31.14 -8.06 -30.49
CA GLU G 1304 -31.32 -7.18 -29.35
C GLU G 1304 -30.11 -6.28 -29.14
N LEU G 1305 -30.38 -5.03 -28.78
CA LEU G 1305 -29.40 -4.16 -28.19
C LEU G 1305 -29.34 -4.44 -26.70
N LEU G 1306 -28.15 -4.73 -26.19
CA LEU G 1306 -27.95 -4.93 -24.77
C LEU G 1306 -26.93 -3.92 -24.26
N GLY G 1307 -27.14 -3.45 -23.04
CA GLY G 1307 -26.17 -2.59 -22.42
C GLY G 1307 -24.86 -3.31 -22.18
N ILE G 1308 -23.81 -2.53 -21.99
CA ILE G 1308 -22.49 -3.11 -21.80
C ILE G 1308 -22.49 -4.02 -20.58
N THR G 1309 -23.17 -3.61 -19.51
CA THR G 1309 -23.26 -4.44 -18.31
C THR G 1309 -24.03 -5.72 -18.59
N LYS G 1310 -25.20 -5.62 -19.21
CA LYS G 1310 -26.03 -6.78 -19.44
C LYS G 1310 -25.42 -7.71 -20.48
N ALA G 1311 -24.78 -7.14 -21.50
CA ALA G 1311 -24.06 -7.96 -22.47
C ALA G 1311 -22.89 -8.67 -21.82
N SER G 1312 -22.17 -7.99 -20.92
CA SER G 1312 -21.06 -8.62 -20.23
C SER G 1312 -21.53 -9.77 -19.34
N LEU G 1313 -22.63 -9.56 -18.61
CA LEU G 1313 -23.13 -10.59 -17.70
C LEU G 1313 -23.73 -11.79 -18.42
N ALA G 1314 -24.02 -11.67 -19.71
CA ALA G 1314 -24.67 -12.74 -20.47
C ALA G 1314 -23.70 -13.42 -21.43
N THR G 1315 -22.41 -13.39 -21.12
CA THR G 1315 -21.42 -14.06 -21.96
C THR G 1315 -21.57 -15.56 -21.87
N GLU G 1316 -21.02 -16.26 -22.87
CA GLU G 1316 -21.04 -17.71 -22.86
C GLU G 1316 -20.18 -18.28 -21.75
N SER G 1317 -19.08 -17.61 -21.42
CA SER G 1317 -18.20 -18.06 -20.35
C SER G 1317 -18.74 -17.58 -19.02
N PHE G 1318 -18.89 -18.50 -18.06
CA PHE G 1318 -19.33 -18.11 -16.73
C PHE G 1318 -18.18 -17.66 -15.85
N ILE G 1319 -16.94 -18.01 -16.21
CA ILE G 1319 -15.78 -17.52 -15.46
C ILE G 1319 -15.65 -16.00 -15.61
N SER G 1320 -15.74 -15.52 -16.85
CA SER G 1320 -15.65 -14.08 -17.09
C SER G 1320 -16.82 -13.34 -16.45
N ALA G 1321 -18.03 -13.89 -16.57
CA ALA G 1321 -19.20 -13.25 -15.97
C ALA G 1321 -19.08 -13.20 -14.45
N ALA G 1322 -18.60 -14.29 -13.85
CA ALA G 1322 -18.44 -14.33 -12.40
C ALA G 1322 -17.36 -13.36 -11.93
N SER G 1323 -16.30 -13.20 -12.72
CA SER G 1323 -15.25 -12.27 -12.37
C SER G 1323 -15.64 -10.81 -12.63
N PHE G 1324 -16.64 -10.56 -13.47
CA PHE G 1324 -17.07 -9.20 -13.73
C PHE G 1324 -17.83 -8.62 -12.54
N GLN G 1325 -18.98 -9.20 -12.23
CA GLN G 1325 -19.80 -8.80 -11.09
C GLN G 1325 -20.99 -9.73 -11.02
N GLU G 1326 -21.78 -9.59 -9.95
CA GLU G 1326 -22.92 -10.45 -9.67
C GLU G 1326 -22.51 -11.92 -9.69
N THR G 1327 -21.53 -12.23 -8.84
CA THR G 1327 -20.94 -13.57 -8.82
C THR G 1327 -21.95 -14.62 -8.37
N THR G 1328 -22.78 -14.28 -7.38
CA THR G 1328 -23.73 -15.25 -6.85
C THR G 1328 -24.71 -15.72 -7.93
N ARG G 1329 -25.29 -14.78 -8.66
CA ARG G 1329 -26.28 -15.14 -9.67
C ARG G 1329 -25.64 -15.95 -10.80
N VAL G 1330 -24.47 -15.54 -11.27
CA VAL G 1330 -23.80 -16.24 -12.35
C VAL G 1330 -23.45 -17.66 -11.92
N LEU G 1331 -22.90 -17.80 -10.72
CA LEU G 1331 -22.51 -19.13 -10.24
C LEU G 1331 -23.73 -20.02 -10.05
N THR G 1332 -24.81 -19.47 -9.49
CA THR G 1332 -26.02 -20.28 -9.28
C THR G 1332 -26.60 -20.75 -10.59
N GLU G 1333 -26.72 -19.85 -11.56
CA GLU G 1333 -27.27 -20.23 -12.86
C GLU G 1333 -26.40 -21.25 -13.57
N ALA G 1334 -25.08 -21.04 -13.54
CA ALA G 1334 -24.17 -21.97 -14.18
C ALA G 1334 -24.21 -23.34 -13.52
N ALA G 1335 -24.28 -23.37 -12.19
CA ALA G 1335 -24.34 -24.64 -11.49
C ALA G 1335 -25.63 -25.39 -11.79
N VAL G 1336 -26.75 -24.68 -11.83
CA VAL G 1336 -28.03 -25.34 -12.14
C VAL G 1336 -28.02 -25.87 -13.57
N SER G 1337 -27.54 -25.06 -14.52
CA SER G 1337 -27.60 -25.44 -15.92
C SER G 1337 -26.51 -26.41 -16.33
N GLY G 1338 -25.54 -26.70 -15.47
CA GLY G 1338 -24.44 -27.57 -15.84
C GLY G 1338 -23.55 -27.02 -16.94
N LYS G 1339 -23.19 -25.74 -16.84
CA LYS G 1339 -22.47 -25.07 -17.90
C LYS G 1339 -21.03 -25.58 -18.00
N ARG G 1340 -20.46 -25.41 -19.19
CA ARG G 1340 -19.08 -25.79 -19.47
C ARG G 1340 -18.38 -24.61 -20.12
N ASP G 1341 -17.22 -24.25 -19.59
CA ASP G 1341 -16.45 -23.10 -20.07
C ASP G 1341 -15.24 -23.60 -20.85
N ASP G 1342 -15.05 -23.08 -22.06
CA ASP G 1342 -14.02 -23.55 -22.97
C ASP G 1342 -12.74 -22.73 -22.92
N LEU G 1343 -12.68 -21.69 -22.10
CA LEU G 1343 -11.50 -20.83 -21.97
C LEU G 1343 -11.06 -20.29 -23.34
N ARG G 1344 -11.96 -19.49 -23.91
CA ARG G 1344 -11.73 -18.92 -25.23
C ARG G 1344 -11.28 -17.48 -25.21
N GLY G 1345 -11.55 -16.73 -24.15
CA GLY G 1345 -11.25 -15.32 -24.08
C GLY G 1345 -10.04 -15.01 -23.21
N LEU G 1346 -9.78 -13.71 -23.05
CA LEU G 1346 -8.58 -13.25 -22.39
C LEU G 1346 -8.66 -13.45 -20.88
N LYS G 1347 -9.79 -13.10 -20.27
CA LYS G 1347 -9.89 -13.13 -18.81
C LYS G 1347 -9.78 -14.54 -18.27
N GLU G 1348 -10.40 -15.51 -18.95
CA GLU G 1348 -10.33 -16.89 -18.48
C GLU G 1348 -8.90 -17.40 -18.46
N ASN G 1349 -8.13 -17.08 -19.51
CA ASN G 1349 -6.74 -17.53 -19.56
C ASN G 1349 -5.87 -16.73 -18.61
N VAL G 1350 -6.26 -15.50 -18.28
CA VAL G 1350 -5.55 -14.76 -17.24
C VAL G 1350 -5.76 -15.42 -15.89
N ILE G 1351 -6.96 -15.90 -15.61
CA ILE G 1351 -7.25 -16.48 -14.31
C ILE G 1351 -6.52 -17.82 -14.13
N VAL G 1352 -6.46 -18.63 -15.19
CA VAL G 1352 -5.84 -19.95 -15.09
C VAL G 1352 -4.36 -19.88 -15.43
N GLY G 1353 -3.83 -18.67 -15.60
CA GLY G 1353 -2.41 -18.49 -15.81
C GLY G 1353 -1.90 -18.86 -17.18
N ARG G 1354 -2.79 -19.07 -18.14
CA ARG G 1354 -2.41 -19.48 -19.48
C ARG G 1354 -2.10 -18.27 -20.35
N LEU G 1355 -1.50 -18.54 -21.51
CA LEU G 1355 -1.26 -17.48 -22.49
C LEU G 1355 -2.59 -16.98 -23.04
N ILE G 1356 -2.71 -15.66 -23.11
CA ILE G 1356 -3.94 -15.08 -23.66
C ILE G 1356 -3.97 -15.32 -25.16
N PRO G 1357 -5.13 -15.63 -25.75
CA PRO G 1357 -5.23 -15.90 -27.19
C PRO G 1357 -5.20 -14.63 -28.04
N ALA G 1358 -4.26 -13.73 -27.72
CA ALA G 1358 -4.13 -12.47 -28.44
C ALA G 1358 -2.65 -12.09 -28.45
N GLY G 1359 -2.22 -11.54 -29.58
CA GLY G 1359 -0.84 -11.12 -29.68
C GLY G 1359 0.09 -12.31 -29.81
N THR G 1360 1.18 -12.28 -29.04
CA THR G 1360 2.22 -13.29 -29.19
C THR G 1360 1.69 -14.69 -28.89
N GLY G 1361 0.75 -14.81 -27.96
CA GLY G 1361 0.17 -16.11 -27.67
C GLY G 1361 -0.84 -16.61 -28.66
N PHE G 1362 -1.32 -15.73 -29.55
CA PHE G 1362 -2.38 -16.08 -30.49
C PHE G 1362 -2.06 -17.36 -31.23
N ALA G 1363 -0.91 -17.39 -31.91
CA ALA G 1363 -0.52 -18.57 -32.68
C ALA G 1363 -0.60 -19.83 -31.83
N TYR G 1364 -0.09 -19.75 -30.60
CA TYR G 1364 -0.11 -20.91 -29.72
C TYR G 1364 -1.52 -21.48 -29.61
N HIS G 1365 -2.50 -20.63 -29.31
CA HIS G 1365 -3.86 -21.11 -29.16
C HIS G 1365 -4.37 -21.70 -30.46
N GLN G 1366 -4.04 -21.08 -31.58
CA GLN G 1366 -4.45 -21.63 -32.87
C GLN G 1366 -3.96 -23.05 -33.03
N ASP G 1367 -2.72 -23.32 -32.62
CA ASP G 1367 -2.19 -24.67 -32.70
C ASP G 1367 -3.06 -25.64 -31.92
N ARG G 1368 -3.47 -25.25 -30.71
CA ARG G 1368 -4.35 -26.12 -29.94
C ARG G 1368 -5.67 -26.34 -30.66
N GLN G 1369 -6.20 -25.29 -31.30
CA GLN G 1369 -7.43 -25.45 -32.05
C GLN G 1369 -7.26 -26.40 -33.22
N ALA G 1370 -6.03 -26.57 -33.72
CA ALA G 1370 -5.77 -27.63 -34.68
C ALA G 1370 -5.77 -28.99 -34.00
N LYS G 1371 -5.11 -29.10 -32.84
CA LYS G 1371 -4.98 -30.39 -32.18
C LYS G 1371 -6.32 -30.92 -31.73
N ARG G 1372 -7.20 -30.06 -31.21
CA ARG G 1372 -8.53 -30.50 -30.86
C ARG G 1372 -9.34 -30.84 -32.10
N ALA G 1373 -9.00 -30.25 -33.25
CA ALA G 1373 -9.69 -30.59 -34.49
C ALA G 1373 -9.33 -32.00 -34.95
N GLN G 1374 -8.07 -32.40 -34.78
CA GLN G 1374 -7.60 -33.71 -35.20
C GLN G 1374 -7.88 -34.76 -34.13
N VAL H 6 13.11 -1.25 -34.36
CA VAL H 6 12.89 -2.62 -34.83
C VAL H 6 12.01 -2.60 -36.07
N GLN H 7 11.98 -1.47 -36.77
CA GLN H 7 11.15 -1.35 -37.96
C GLN H 7 11.62 -2.29 -39.07
N ASP H 8 12.93 -2.44 -39.22
CA ASP H 8 13.46 -3.34 -40.25
C ASP H 8 13.04 -4.78 -39.97
N ALA H 9 13.07 -5.20 -38.71
CA ALA H 9 12.69 -6.57 -38.37
C ALA H 9 11.22 -6.83 -38.65
N VAL H 10 10.34 -5.89 -38.27
CA VAL H 10 8.92 -6.08 -38.53
C VAL H 10 8.61 -6.00 -40.02
N GLU H 11 9.41 -5.23 -40.77
CA GLU H 11 9.25 -5.22 -42.23
C GLU H 11 9.65 -6.57 -42.82
N LYS H 12 10.74 -7.16 -42.32
CA LYS H 12 11.19 -8.45 -42.84
C LYS H 12 10.23 -9.57 -42.46
N ILE H 13 9.61 -9.49 -41.29
CA ILE H 13 8.70 -10.56 -40.84
C ILE H 13 7.27 -10.25 -41.25
N GLY H 14 6.77 -9.05 -40.94
CA GLY H 14 5.41 -8.69 -41.28
C GLY H 14 4.53 -8.50 -40.07
N ASN H 15 4.70 -9.37 -39.06
CA ASN H 15 3.93 -9.32 -37.83
C ASN H 15 4.89 -9.21 -36.66
N ARG H 16 4.59 -8.30 -35.74
CA ARG H 16 5.46 -8.10 -34.58
C ARG H 16 5.49 -9.35 -33.70
N PHE H 17 4.34 -10.01 -33.53
CA PHE H 17 4.26 -11.17 -32.65
C PHE H 17 5.06 -12.35 -33.21
N ASP H 18 4.93 -12.60 -34.50
CA ASP H 18 5.71 -13.67 -35.12
C ASP H 18 7.20 -13.35 -35.05
N LEU H 19 7.56 -12.08 -35.21
CA LEU H 19 8.95 -11.67 -35.06
C LEU H 19 9.45 -11.96 -33.65
N VAL H 20 8.63 -11.66 -32.64
CA VAL H 20 9.03 -11.93 -31.25
C VAL H 20 9.24 -13.42 -31.05
N LEU H 21 8.33 -14.24 -31.59
CA LEU H 21 8.48 -15.69 -31.44
C LEU H 21 9.75 -16.19 -32.11
N VAL H 22 10.02 -15.74 -33.33
CA VAL H 22 11.21 -16.20 -34.05
C VAL H 22 12.48 -15.78 -33.33
N ALA H 23 12.52 -14.52 -32.88
CA ALA H 23 13.70 -14.03 -32.16
C ALA H 23 13.88 -14.77 -30.85
N ALA H 24 12.78 -15.11 -30.18
CA ALA H 24 12.88 -15.88 -28.94
C ALA H 24 13.45 -17.27 -29.21
N ARG H 25 13.01 -17.91 -30.29
CA ARG H 25 13.57 -19.22 -30.62
C ARG H 25 15.06 -19.13 -30.92
N ARG H 26 15.47 -18.11 -31.69
CA ARG H 26 16.88 -17.95 -31.99
C ARG H 26 17.70 -17.66 -30.73
N ALA H 27 17.18 -16.81 -29.85
CA ALA H 27 17.89 -16.47 -28.62
C ALA H 27 18.02 -17.67 -27.71
N ARG H 28 16.97 -18.50 -27.62
CA ARG H 28 17.06 -19.72 -26.82
C ARG H 28 18.05 -20.70 -27.43
N GLN H 29 18.10 -20.76 -28.76
CA GLN H 29 19.09 -21.61 -29.41
C GLN H 29 20.50 -21.15 -29.09
N MET H 30 20.73 -19.85 -29.06
CA MET H 30 22.07 -19.34 -28.77
C MET H 30 22.43 -19.42 -27.30
N GLN H 31 21.47 -19.27 -26.40
CA GLN H 31 21.74 -19.24 -24.96
C GLN H 31 21.71 -20.64 -24.36
N SER H 32 20.56 -21.32 -24.47
CA SER H 32 20.45 -22.66 -23.90
C SER H 32 21.24 -23.67 -24.73
N GLY H 33 21.13 -23.60 -26.06
CA GLY H 33 21.86 -24.48 -26.93
C GLY H 33 23.26 -23.96 -27.24
N GLY H 34 24.00 -24.76 -27.99
CA GLY H 34 25.35 -24.43 -28.38
C GLY H 34 25.49 -23.72 -29.72
N LYS H 35 24.38 -23.27 -30.31
CA LYS H 35 24.45 -22.62 -31.61
C LYS H 35 25.19 -21.29 -31.51
N ASP H 36 25.97 -20.97 -32.54
CA ASP H 36 26.76 -19.76 -32.59
C ASP H 36 26.08 -18.72 -33.47
N ALA H 37 26.38 -17.45 -33.20
CA ALA H 37 25.76 -16.35 -33.93
C ALA H 37 26.31 -16.27 -35.35
N LEU H 38 25.43 -15.94 -36.30
CA LEU H 38 25.81 -15.77 -37.70
C LEU H 38 26.29 -14.35 -38.01
N VAL H 39 26.23 -13.45 -37.03
CA VAL H 39 26.68 -12.07 -37.21
C VAL H 39 27.62 -11.74 -36.07
N PRO H 40 28.49 -10.73 -36.24
CA PRO H 40 29.38 -10.34 -35.14
C PRO H 40 28.59 -9.97 -33.90
N GLU H 41 29.04 -10.49 -32.76
CA GLU H 41 28.29 -10.30 -31.51
C GLU H 41 28.32 -8.84 -31.06
N GLU H 42 29.48 -8.20 -31.15
CA GLU H 42 29.64 -6.79 -30.78
C GLU H 42 29.19 -6.54 -29.34
N ASN H 43 29.44 -7.51 -28.46
CA ASN H 43 29.09 -7.42 -27.04
C ASN H 43 27.60 -7.12 -26.86
N ASP H 44 26.76 -7.96 -27.45
CA ASP H 44 25.32 -7.80 -27.39
C ASP H 44 24.66 -9.05 -26.83
N LYS H 45 23.48 -8.87 -26.24
CA LYS H 45 22.74 -9.97 -25.66
C LYS H 45 22.14 -10.84 -26.77
N PRO H 46 21.82 -12.11 -26.46
CA PRO H 46 21.30 -13.00 -27.52
C PRO H 46 20.04 -12.49 -28.19
N THR H 47 19.14 -11.83 -27.47
CA THR H 47 17.91 -11.33 -28.08
C THR H 47 18.20 -10.30 -29.15
N VAL H 48 19.10 -9.35 -28.85
CA VAL H 48 19.42 -8.30 -29.80
C VAL H 48 20.19 -8.86 -30.99
N ILE H 49 21.04 -9.85 -30.76
CA ILE H 49 21.76 -10.47 -31.86
C ILE H 49 20.79 -11.24 -32.76
N ALA H 50 19.80 -11.90 -32.16
CA ALA H 50 18.76 -12.56 -32.96
C ALA H 50 17.98 -11.55 -33.78
N LEU H 51 17.65 -10.40 -33.19
CA LEU H 51 16.98 -9.34 -33.94
C LEU H 51 17.84 -8.87 -35.11
N ARG H 52 19.14 -8.71 -34.88
CA ARG H 52 20.04 -8.27 -35.94
C ARG H 52 20.13 -9.32 -37.05
N GLU H 53 20.17 -10.60 -36.68
CA GLU H 53 20.18 -11.66 -37.69
C GLU H 53 18.89 -11.66 -38.50
N ILE H 54 17.76 -11.45 -37.84
CA ILE H 54 16.48 -11.39 -38.56
C ILE H 54 16.47 -10.21 -39.52
N GLU H 55 16.98 -9.06 -39.06
CA GLU H 55 17.01 -7.87 -39.92
C GLU H 55 17.89 -8.11 -41.14
N GLU H 56 18.98 -8.86 -40.99
CA GLU H 56 19.86 -9.15 -42.10
C GLU H 56 19.30 -10.22 -43.04
N GLY H 57 18.19 -10.84 -42.69
CA GLY H 57 17.57 -11.84 -43.54
C GLY H 57 18.11 -13.24 -43.40
N LEU H 58 19.03 -13.48 -42.48
CA LEU H 58 19.59 -14.82 -42.31
C LEU H 58 18.64 -15.76 -41.57
N ILE H 59 17.82 -15.23 -40.67
CA ILE H 59 16.98 -16.05 -39.80
C ILE H 59 15.52 -15.73 -40.10
N THR H 60 14.76 -16.77 -40.47
CA THR H 60 13.32 -16.71 -40.60
C THR H 60 12.71 -17.94 -39.94
N LYS H 61 11.38 -17.97 -39.86
CA LYS H 61 10.71 -19.13 -39.30
C LYS H 61 10.96 -20.37 -40.16
N ASP H 62 10.89 -20.20 -41.48
CA ASP H 62 11.14 -21.33 -42.38
C ASP H 62 12.57 -21.83 -42.26
N VAL H 63 13.53 -20.91 -42.11
CA VAL H 63 14.92 -21.32 -41.96
C VAL H 63 15.11 -22.11 -40.67
N LEU H 64 14.49 -21.65 -39.57
CA LEU H 64 14.58 -22.38 -38.31
C LEU H 64 13.94 -23.76 -38.42
N ASP H 65 12.78 -23.86 -39.06
CA ASP H 65 12.14 -25.15 -39.23
C ASP H 65 12.99 -26.09 -40.08
N ALA H 66 13.59 -25.57 -41.15
CA ALA H 66 14.45 -26.39 -42.00
C ALA H 66 15.66 -26.88 -41.23
N ARG H 67 16.28 -26.01 -40.42
CA ARG H 67 17.42 -26.44 -39.63
C ARG H 67 17.02 -27.48 -38.59
N GLU H 68 15.85 -27.31 -37.97
CA GLU H 68 15.38 -28.32 -37.02
C GLU H 68 15.14 -29.66 -37.72
N ARG H 69 14.56 -29.64 -38.91
CA ARG H 69 14.36 -30.88 -39.67
C ARG H 69 15.68 -31.53 -40.02
N GLN H 70 16.67 -30.72 -40.42
CA GLN H 70 17.99 -31.27 -40.73
C GLN H 70 18.64 -31.89 -39.50
N GLU H 71 18.51 -31.24 -38.34
CA GLU H 71 19.04 -31.80 -37.10
C GLU H 71 18.34 -33.11 -36.76
N GLN H 72 17.02 -33.17 -36.94
CA GLN H 72 16.30 -34.40 -36.67
C GLN H 72 16.74 -35.52 -37.60
N GLN H 73 16.98 -35.19 -38.87
CA GLN H 73 17.45 -36.21 -39.81
C GLN H 73 18.81 -36.77 -39.41
N GLU H 74 19.71 -35.89 -38.97
CA GLU H 74 21.04 -36.31 -38.55
C GLU H 74 20.98 -36.95 -37.16
N SER I 4 51.49 42.09 -34.48
CA SER I 4 50.90 41.73 -35.76
C SER I 4 49.59 40.97 -35.56
N VAL I 5 49.21 40.18 -36.57
CA VAL I 5 47.98 39.41 -36.51
C VAL I 5 48.22 38.05 -35.85
N THR I 6 49.30 37.36 -36.22
CA THR I 6 49.54 36.02 -35.71
C THR I 6 50.02 36.02 -34.26
N GLU I 7 50.53 37.14 -33.77
CA GLU I 7 51.11 37.22 -32.42
C GLU I 7 50.24 38.09 -31.53
N PHE I 8 49.91 37.57 -30.35
CA PHE I 8 49.10 38.27 -29.37
C PHE I 8 49.98 38.85 -28.27
N LEU I 9 49.40 39.72 -27.46
CA LEU I 9 50.07 40.28 -26.29
C LEU I 9 49.63 39.50 -25.06
N LYS I 10 50.58 38.89 -24.38
CA LYS I 10 50.27 38.05 -23.23
C LYS I 10 49.92 38.91 -22.02
N PRO I 11 48.82 38.61 -21.32
CA PRO I 11 48.47 39.40 -20.14
C PRO I 11 49.46 39.17 -19.00
N ARG I 12 49.61 40.20 -18.17
CA ARG I 12 50.46 40.16 -17.00
C ARG I 12 49.67 40.63 -15.79
N LEU I 13 50.11 40.15 -14.63
CA LEU I 13 49.54 40.57 -13.36
C LEU I 13 50.06 41.96 -13.01
N VAL I 14 49.17 42.95 -12.96
CA VAL I 14 49.61 44.33 -12.77
C VAL I 14 49.26 44.90 -11.40
N ASP I 15 48.25 44.38 -10.71
CA ASP I 15 47.84 44.99 -9.45
C ASP I 15 47.11 43.99 -8.56
N ILE I 16 47.41 44.02 -7.27
CA ILE I 16 46.62 43.39 -6.22
C ILE I 16 46.17 44.47 -5.25
N GLU I 17 44.87 44.52 -4.98
CA GLU I 17 44.30 45.45 -4.02
C GLU I 17 43.58 44.63 -2.95
N GLN I 18 44.03 44.79 -1.71
CA GLN I 18 43.49 44.03 -0.59
C GLN I 18 42.49 44.89 0.14
N ILE I 19 41.20 44.71 -0.19
CA ILE I 19 40.15 45.49 0.46
C ILE I 19 40.04 45.11 1.94
N SER I 20 40.17 43.81 2.24
CA SER I 20 40.09 43.32 3.61
C SER I 20 40.78 41.96 3.63
N THR I 21 40.73 41.32 4.80
CA THR I 21 41.35 40.00 4.94
C THR I 21 40.68 38.98 4.02
N THR I 22 39.39 39.14 3.76
CA THR I 22 38.61 38.17 3.00
C THR I 22 38.17 38.68 1.64
N HIS I 23 38.67 39.84 1.20
CA HIS I 23 38.23 40.44 -0.05
C HIS I 23 39.43 41.04 -0.76
N ALA I 24 39.55 40.78 -2.07
CA ALA I 24 40.69 41.26 -2.82
C ALA I 24 40.30 41.45 -4.28
N LYS I 25 41.13 42.22 -4.99
CA LYS I 25 40.97 42.45 -6.42
C LYS I 25 42.31 42.22 -7.12
N VAL I 26 42.26 41.51 -8.25
CA VAL I 26 43.45 41.18 -9.02
C VAL I 26 43.25 41.68 -10.44
N THR I 27 44.25 42.38 -10.97
CA THR I 27 44.15 43.00 -12.29
C THR I 27 45.12 42.34 -13.27
N LEU I 28 44.58 41.90 -14.40
CA LEU I 28 45.34 41.32 -15.49
C LEU I 28 45.27 42.26 -16.69
N GLU I 29 46.44 42.59 -17.26
CA GLU I 29 46.54 43.55 -18.34
C GLU I 29 47.83 43.28 -19.10
N PRO I 30 47.85 43.38 -20.42
CA PRO I 30 46.74 43.69 -21.33
C PRO I 30 46.11 42.45 -21.94
N LEU I 31 44.89 42.56 -22.45
CA LEU I 31 44.20 41.45 -23.10
C LEU I 31 43.64 41.91 -24.43
N GLU I 32 43.61 40.98 -25.39
CA GLU I 32 43.08 41.28 -26.70
C GLU I 32 41.55 41.33 -26.66
N ARG I 33 40.95 41.51 -27.83
CA ARG I 33 39.49 41.46 -27.93
C ARG I 33 39.00 40.05 -27.68
N GLY I 34 37.99 39.92 -26.81
CA GLY I 34 37.38 38.64 -26.52
C GLY I 34 38.11 37.78 -25.53
N PHE I 35 39.40 37.98 -25.34
CA PHE I 35 40.16 37.13 -24.42
C PHE I 35 39.86 37.44 -22.97
N GLY I 36 39.42 38.66 -22.66
CA GLY I 36 39.06 38.98 -21.30
C GLY I 36 37.93 38.12 -20.78
N HIS I 37 36.86 37.98 -21.58
CA HIS I 37 35.73 37.15 -21.17
C HIS I 37 36.13 35.68 -21.07
N THR I 38 36.90 35.19 -22.04
CA THR I 38 37.32 33.79 -22.03
C THR I 38 38.13 33.48 -20.78
N LEU I 39 39.17 34.28 -20.52
CA LEU I 39 40.01 34.04 -19.35
C LEU I 39 39.23 34.23 -18.06
N GLY I 40 38.36 35.24 -18.01
CA GLY I 40 37.60 35.47 -16.80
C GLY I 40 36.68 34.31 -16.46
N ASN I 41 35.96 33.80 -17.45
CA ASN I 41 35.06 32.68 -17.19
C ASN I 41 35.85 31.42 -16.81
N ALA I 42 36.95 31.15 -17.52
CA ALA I 42 37.74 29.97 -17.18
C ALA I 42 38.29 30.07 -15.76
N LEU I 43 38.81 31.24 -15.39
CA LEU I 43 39.38 31.42 -14.06
C LEU I 43 38.28 31.35 -12.99
N ARG I 44 37.10 31.89 -13.28
CA ARG I 44 36.02 31.81 -12.31
C ARG I 44 35.59 30.36 -12.07
N ARG I 45 35.49 29.57 -13.15
CA ARG I 45 35.06 28.19 -12.98
C ARG I 45 36.12 27.36 -12.29
N ILE I 46 37.40 27.60 -12.58
CA ILE I 46 38.46 26.84 -11.91
C ILE I 46 38.58 27.25 -10.44
N LEU I 47 38.51 28.56 -10.15
CA LEU I 47 38.66 29.03 -8.78
C LEU I 47 37.54 28.55 -7.89
N LEU I 48 36.32 28.48 -8.43
CA LEU I 48 35.16 28.12 -7.64
C LEU I 48 35.01 26.62 -7.45
N SER I 49 35.84 25.79 -8.09
CA SER I 49 35.61 24.36 -8.06
C SER I 49 36.82 23.55 -7.60
N SER I 50 38.03 24.00 -7.92
CA SER I 50 39.22 23.18 -7.78
C SER I 50 40.32 23.94 -7.03
N MET I 51 39.99 24.48 -5.86
CA MET I 51 40.95 25.27 -5.11
C MET I 51 41.28 24.60 -3.79
N PRO I 52 42.53 24.23 -3.54
CA PRO I 52 42.85 23.48 -2.32
C PRO I 52 42.79 24.36 -1.08
N GLY I 53 42.54 23.70 0.05
CA GLY I 53 42.44 24.40 1.31
C GLY I 53 42.58 23.45 2.48
N CYS I 54 42.31 23.98 3.67
CA CYS I 54 42.36 23.22 4.90
C CYS I 54 41.03 23.33 5.63
N ALA I 55 40.61 22.23 6.26
CA ALA I 55 39.33 22.21 6.93
C ALA I 55 39.37 21.29 8.14
N VAL I 56 38.45 21.55 9.07
CA VAL I 56 38.25 20.70 10.24
C VAL I 56 37.54 19.43 9.82
N THR I 57 38.08 18.29 10.24
CA THR I 57 37.52 16.99 9.85
C THR I 57 37.02 16.17 11.03
N GLU I 58 37.76 16.14 12.14
CA GLU I 58 37.37 15.37 13.31
C GLU I 58 37.54 16.22 14.56
N VAL I 59 36.64 16.03 15.52
CA VAL I 59 36.70 16.72 16.80
C VAL I 59 36.54 15.70 17.92
N GLU I 60 37.28 15.91 19.02
CA GLU I 60 37.15 15.08 20.22
C GLU I 60 36.97 16.01 21.40
N ILE I 61 35.79 15.96 22.01
CA ILE I 61 35.47 16.78 23.17
C ILE I 61 35.35 15.86 24.39
N GLU I 62 36.05 16.22 25.46
CA GLU I 62 36.05 15.39 26.67
C GLU I 62 34.66 15.31 27.26
N GLY I 63 34.23 14.10 27.61
CA GLY I 63 32.93 13.88 28.17
C GLY I 63 31.79 13.83 27.17
N VAL I 64 32.09 13.81 25.87
CA VAL I 64 31.09 13.83 24.82
C VAL I 64 31.19 12.53 24.03
N LEU I 65 30.06 11.84 23.89
CA LEU I 65 30.01 10.58 23.17
C LEU I 65 29.48 10.74 21.75
N HIS I 66 28.47 11.57 21.54
CA HIS I 66 27.93 11.81 20.21
C HIS I 66 27.55 13.27 20.10
N GLU I 67 27.13 13.65 18.89
CA GLU I 67 26.82 15.05 18.60
C GLU I 67 25.48 15.47 19.17
N TYR I 68 24.54 14.54 19.32
CA TYR I 68 23.20 14.85 19.82
C TYR I 68 23.18 14.80 21.34
N SER I 69 23.95 15.68 21.95
CA SER I 69 24.12 15.69 23.40
C SER I 69 24.37 17.12 23.86
N THR I 70 24.50 17.27 25.17
CA THR I 70 24.70 18.56 25.81
C THR I 70 25.80 18.43 26.85
N LYS I 71 26.53 19.52 27.06
CA LYS I 71 27.56 19.60 28.07
C LYS I 71 27.19 20.70 29.07
N GLU I 72 27.36 20.40 30.35
CA GLU I 72 27.01 21.35 31.39
C GLU I 72 27.85 22.62 31.26
N GLY I 73 27.18 23.77 31.42
CA GLY I 73 27.83 25.06 31.33
C GLY I 73 28.01 25.58 29.93
N VAL I 74 27.61 24.83 28.92
CA VAL I 74 27.75 25.24 27.52
C VAL I 74 26.36 25.43 26.95
N GLN I 75 26.09 26.63 26.44
CA GLN I 75 24.75 26.95 25.97
C GLN I 75 24.43 26.30 24.63
N GLU I 76 25.44 25.94 23.84
CA GLU I 76 25.24 25.39 22.51
C GLU I 76 25.42 23.88 22.54
N ASP I 77 24.54 23.18 21.82
CA ASP I 77 24.68 21.74 21.67
C ASP I 77 25.94 21.42 20.88
N ILE I 78 26.36 20.15 20.96
CA ILE I 78 27.57 19.73 20.25
C ILE I 78 27.40 19.86 18.75
N LEU I 79 26.17 19.65 18.25
CA LEU I 79 25.88 19.92 16.85
C LEU I 79 26.19 21.37 16.50
N GLU I 80 25.74 22.30 17.34
CA GLU I 80 26.00 23.71 17.08
C GLU I 80 27.50 24.02 17.15
N ILE I 81 28.21 23.39 18.10
CA ILE I 81 29.65 23.63 18.20
C ILE I 81 30.37 23.13 16.96
N LEU I 82 29.99 21.96 16.44
CA LEU I 82 30.59 21.46 15.22
C LEU I 82 30.27 22.36 14.03
N LEU I 83 29.04 22.86 13.95
CA LEU I 83 28.69 23.78 12.88
C LEU I 83 29.51 25.07 12.97
N ASN I 84 29.77 25.54 14.19
CA ASN I 84 30.62 26.70 14.36
C ASN I 84 32.06 26.40 13.94
N LEU I 85 32.55 25.21 14.28
CA LEU I 85 33.91 24.84 13.91
C LEU I 85 34.07 24.69 12.41
N LYS I 86 32.98 24.37 11.70
CA LYS I 86 33.02 24.32 10.25
C LYS I 86 33.43 25.66 9.63
N GLY I 87 33.23 26.76 10.35
CA GLY I 87 33.55 28.07 9.84
C GLY I 87 34.93 28.56 10.26
N LEU I 88 35.79 27.64 10.68
CA LEU I 88 37.14 28.00 11.09
C LEU I 88 38.03 28.17 9.87
N ALA I 89 38.78 29.28 9.85
CA ALA I 89 39.72 29.56 8.77
C ALA I 89 41.12 29.28 9.27
N VAL I 90 41.75 28.22 8.76
CA VAL I 90 43.05 27.76 9.21
C VAL I 90 43.99 27.65 8.02
N ARG I 91 45.18 28.20 8.15
CA ARG I 91 46.23 28.06 7.14
C ARG I 91 47.34 27.20 7.73
N VAL I 92 47.63 26.08 7.07
CA VAL I 92 48.60 25.10 7.55
C VAL I 92 49.83 25.19 6.66
N ALA I 93 51.00 25.22 7.29
CA ALA I 93 52.26 25.39 6.56
C ALA I 93 52.45 24.25 5.57
N GLU I 94 53.11 24.56 4.46
CA GLU I 94 53.26 23.62 3.37
C GLU I 94 54.05 22.39 3.81
N GLY I 95 53.70 21.25 3.21
CA GLY I 95 54.32 19.98 3.52
C GLY I 95 53.55 19.14 4.52
N LYS I 96 52.55 19.71 5.18
CA LYS I 96 51.73 18.98 6.15
C LYS I 96 50.30 18.94 5.64
N ASP I 97 49.76 17.73 5.48
CA ASP I 97 48.37 17.53 5.10
C ASP I 97 47.49 17.16 6.29
N GLU I 98 48.03 17.26 7.50
CA GLU I 98 47.32 16.86 8.70
C GLU I 98 47.92 17.59 9.90
N VAL I 99 47.06 18.05 10.81
CA VAL I 99 47.53 18.72 12.01
C VAL I 99 46.47 18.58 13.08
N PHE I 100 46.89 18.66 14.33
CA PHE I 100 46.01 18.62 15.48
C PHE I 100 46.20 19.88 16.31
N ILE I 101 45.10 20.52 16.68
CA ILE I 101 45.12 21.68 17.56
C ILE I 101 44.23 21.38 18.76
N THR I 102 44.38 22.19 19.80
CA THR I 102 43.67 21.97 21.05
C THR I 102 43.00 23.26 21.50
N LEU I 103 41.86 23.10 22.17
CA LEU I 103 41.09 24.25 22.67
C LEU I 103 40.63 23.93 24.08
N ASN I 104 41.25 24.57 25.06
CA ASN I 104 40.87 24.41 26.46
C ASN I 104 40.49 25.77 27.02
N LYS I 105 39.29 25.84 27.62
CA LYS I 105 38.86 27.10 28.21
C LYS I 105 37.92 26.86 29.37
N SER I 106 38.13 27.62 30.44
CA SER I 106 37.28 27.57 31.63
C SER I 106 36.82 28.97 31.99
N GLY I 107 35.62 29.05 32.56
CA GLY I 107 35.08 30.31 33.00
C GLY I 107 34.06 30.87 32.01
N SER I 108 33.19 31.73 32.54
CA SER I 108 32.12 32.29 31.74
C SER I 108 32.67 33.20 30.64
N GLY I 109 32.05 33.14 29.47
CA GLY I 109 32.44 33.97 28.36
C GLY I 109 32.34 33.25 27.03
N PRO I 110 32.46 34.00 25.93
CA PRO I 110 32.46 33.39 24.60
C PRO I 110 33.80 32.74 24.30
N VAL I 111 33.79 31.44 24.04
CA VAL I 111 34.97 30.72 23.57
C VAL I 111 35.09 30.95 22.08
N VAL I 112 36.20 31.57 21.66
CA VAL I 112 36.43 32.00 20.29
C VAL I 112 37.62 31.26 19.70
N ALA I 113 37.92 31.53 18.43
CA ALA I 113 39.01 30.84 17.75
C ALA I 113 40.38 31.30 18.21
N GLY I 114 40.47 32.48 18.82
CA GLY I 114 41.74 32.95 19.33
C GLY I 114 42.22 32.26 20.58
N ASP I 115 41.43 31.33 21.11
CA ASP I 115 41.81 30.54 22.27
C ASP I 115 42.34 29.16 21.91
N ILE I 116 42.54 28.90 20.63
CA ILE I 116 43.09 27.62 20.16
C ILE I 116 44.60 27.68 20.23
N THR I 117 45.21 26.64 20.80
CA THR I 117 46.66 26.54 20.89
C THR I 117 47.19 25.77 19.68
N HIS I 118 48.00 26.44 18.86
CA HIS I 118 48.59 25.83 17.68
C HIS I 118 50.09 25.67 17.86
N ASP I 119 50.70 24.93 16.94
CA ASP I 119 52.11 24.54 17.03
C ASP I 119 53.01 25.35 16.11
N GLY I 120 52.64 26.60 15.80
CA GLY I 120 53.45 27.45 14.98
C GLY I 120 53.34 27.21 13.49
N ASP I 121 52.96 26.02 13.07
CA ASP I 121 52.71 25.73 11.66
C ASP I 121 51.26 25.96 11.27
N VAL I 122 50.43 26.41 12.20
CA VAL I 122 49.02 26.65 11.96
C VAL I 122 48.72 28.12 12.29
N GLU I 123 48.08 28.82 11.36
CA GLU I 123 47.66 30.20 11.56
C GLU I 123 46.14 30.27 11.51
N ILE I 124 45.55 30.86 12.53
CA ILE I 124 44.12 31.12 12.57
C ILE I 124 43.88 32.47 11.93
N VAL I 125 43.00 32.52 10.94
CA VAL I 125 42.77 33.74 10.19
C VAL I 125 41.65 34.60 10.81
N ASN I 126 40.75 33.98 11.57
CA ASN I 126 39.64 34.69 12.19
C ASN I 126 39.60 34.39 13.69
N PRO I 127 40.46 35.02 14.47
CA PRO I 127 40.46 34.78 15.93
C PRO I 127 39.16 35.18 16.60
N GLU I 128 38.38 36.09 16.01
CA GLU I 128 37.15 36.57 16.61
C GLU I 128 35.97 35.66 16.38
N HIS I 129 36.15 34.58 15.62
CA HIS I 129 35.08 33.64 15.33
C HIS I 129 34.66 32.92 16.60
N VAL I 130 33.39 33.07 16.97
CA VAL I 130 32.88 32.49 18.21
C VAL I 130 32.59 31.02 17.99
N ILE I 131 33.22 30.17 18.81
CA ILE I 131 32.99 28.73 18.74
C ILE I 131 31.85 28.30 19.65
N CYS I 132 31.86 28.77 20.89
CA CYS I 132 30.80 28.39 21.82
C CYS I 132 30.68 29.45 22.91
N HIS I 133 29.83 29.19 23.89
CA HIS I 133 29.62 30.07 25.03
C HIS I 133 29.64 29.26 26.31
N LEU I 134 30.37 29.75 27.31
CA LEU I 134 30.37 29.14 28.64
C LEU I 134 29.56 30.03 29.56
N THR I 135 28.49 29.49 30.13
CA THR I 135 27.53 30.26 30.89
C THR I 135 27.71 30.12 32.40
N SER I 136 28.76 29.43 32.84
CA SER I 136 29.00 29.26 34.26
C SER I 136 30.48 29.41 34.54
N ASP I 137 30.80 29.91 35.74
CA ASP I 137 32.19 30.06 36.13
C ASP I 137 32.87 28.72 36.36
N ASN I 138 32.11 27.68 36.67
CA ASN I 138 32.64 26.35 36.86
C ASN I 138 32.69 25.53 35.57
N ALA I 139 32.20 26.08 34.46
CA ALA I 139 32.18 25.37 33.20
C ALA I 139 33.59 25.27 32.62
N ALA I 140 33.87 24.15 31.97
CA ALA I 140 35.15 23.93 31.32
C ALA I 140 34.93 23.15 30.03
N ILE I 141 35.74 23.47 29.02
CA ILE I 141 35.66 22.83 27.71
C ILE I 141 37.09 22.44 27.29
N ALA I 142 37.22 21.24 26.73
CA ALA I 142 38.51 20.71 26.31
C ALA I 142 38.30 19.90 25.04
N MET I 143 38.78 20.42 23.91
CA MET I 143 38.54 19.83 22.61
C MET I 143 39.85 19.62 21.88
N ARG I 144 39.90 18.57 21.06
CA ARG I 144 41.03 18.27 20.20
C ARG I 144 40.52 18.23 18.76
N ILE I 145 41.02 19.15 17.93
CA ILE I 145 40.51 19.38 16.59
C ILE I 145 41.53 18.92 15.57
N LYS I 146 41.05 18.27 14.51
CA LYS I 146 41.90 17.77 13.44
C LYS I 146 41.66 18.58 12.18
N VAL I 147 42.73 19.10 11.59
CA VAL I 147 42.67 19.93 10.39
C VAL I 147 43.44 19.22 9.29
N GLU I 148 42.80 19.04 8.14
CA GLU I 148 43.42 18.37 7.01
C GLU I 148 43.34 19.23 5.76
N ARG I 149 44.32 19.04 4.88
CA ARG I 149 44.33 19.67 3.58
C ARG I 149 43.55 18.82 2.59
N GLY I 150 42.81 19.48 1.71
CA GLY I 150 42.01 18.78 0.73
C GLY I 150 41.51 19.72 -0.33
N ARG I 151 40.59 19.20 -1.14
CA ARG I 151 40.02 19.97 -2.25
C ARG I 151 38.57 19.56 -2.44
N GLY I 152 37.69 20.55 -2.54
CA GLY I 152 36.29 20.29 -2.77
C GLY I 152 35.50 20.10 -1.49
N TYR I 153 34.36 19.45 -1.62
CA TYR I 153 33.47 19.17 -0.51
C TYR I 153 33.44 17.66 -0.28
N VAL I 154 33.94 17.23 0.86
CA VAL I 154 34.00 15.82 1.22
C VAL I 154 33.10 15.60 2.43
N PRO I 155 31.89 15.09 2.23
CA PRO I 155 31.02 14.79 3.38
C PRO I 155 31.56 13.63 4.20
N ALA I 156 31.15 13.61 5.47
CA ALA I 156 31.61 12.56 6.37
C ALA I 156 31.13 11.19 5.93
N SER I 157 29.95 11.12 5.30
CA SER I 157 29.44 9.84 4.83
C SER I 157 30.27 9.28 3.69
N ALA I 158 30.86 10.15 2.87
CA ALA I 158 31.65 9.71 1.72
C ALA I 158 33.05 9.25 2.09
N ARG I 159 33.51 9.53 3.31
CA ARG I 159 34.84 9.06 3.71
C ARG I 159 34.86 7.55 3.85
N ILE I 160 35.95 6.94 3.36
CA ILE I 160 36.07 5.49 3.38
C ILE I 160 36.32 5.02 4.81
N HIS I 161 35.66 3.93 5.19
CA HIS I 161 35.80 3.36 6.53
C HIS I 161 37.12 2.60 6.67
N GLU I 166 39.53 1.26 12.93
CA GLU I 166 38.50 1.42 13.95
C GLU I 166 38.39 2.88 14.38
N ARG I 167 37.22 3.27 14.87
CA ARG I 167 36.98 4.63 15.33
C ARG I 167 36.41 4.59 16.75
N PRO I 168 37.13 5.06 17.75
CA PRO I 168 36.61 5.05 19.11
C PRO I 168 35.40 5.96 19.26
N ILE I 169 34.51 5.58 20.17
CA ILE I 169 33.34 6.39 20.44
C ILE I 169 33.77 7.68 21.12
N GLY I 170 33.41 8.81 20.53
CA GLY I 170 33.82 10.10 21.03
C GLY I 170 34.43 10.95 19.94
N ARG I 171 34.96 10.30 18.91
CA ARG I 171 35.49 11.01 17.75
C ARG I 171 34.33 11.37 16.84
N LEU I 172 34.12 12.67 16.63
CA LEU I 172 32.98 13.19 15.90
C LEU I 172 33.45 13.71 14.56
N LEU I 173 32.89 13.17 13.48
CA LEU I 173 33.24 13.60 12.14
C LEU I 173 32.54 14.90 11.79
N VAL I 174 33.24 15.75 11.05
CA VAL I 174 32.72 17.05 10.63
C VAL I 174 32.80 17.12 9.11
N ASP I 175 31.71 17.54 8.48
CA ASP I 175 31.70 17.72 7.04
C ASP I 175 32.69 18.82 6.65
N ALA I 176 33.51 18.53 5.63
CA ALA I 176 34.63 19.39 5.28
C ALA I 176 34.39 20.03 3.93
N THR I 177 34.42 21.36 3.90
CA THR I 177 34.41 22.15 2.68
C THR I 177 35.79 22.78 2.56
N PHE I 178 36.66 22.15 1.77
CA PHE I 178 38.06 22.55 1.73
C PHE I 178 38.29 23.82 0.93
N SER I 179 37.45 24.08 -0.07
CA SER I 179 37.67 25.20 -0.97
C SER I 179 37.62 26.53 -0.22
N PRO I 180 38.68 27.35 -0.28
CA PRO I 180 38.65 28.64 0.43
C PRO I 180 37.91 29.73 -0.31
N VAL I 181 37.60 29.54 -1.58
CA VAL I 181 36.98 30.58 -2.39
C VAL I 181 35.48 30.56 -2.16
N ASP I 182 34.91 31.72 -1.82
CA ASP I 182 33.48 31.86 -1.61
C ASP I 182 32.78 32.50 -2.79
N LYS I 183 33.28 33.65 -3.26
CA LYS I 183 32.64 34.37 -4.36
C LYS I 183 33.69 34.89 -5.33
N ILE I 184 33.39 34.78 -6.62
CA ILE I 184 34.28 35.26 -7.68
C ILE I 184 33.46 36.09 -8.65
N ALA I 185 33.92 37.30 -8.93
CA ALA I 185 33.35 38.15 -9.97
C ALA I 185 34.46 38.64 -10.88
N TYR I 186 34.10 38.97 -12.12
CA TYR I 186 35.10 39.47 -13.06
C TYR I 186 34.47 40.49 -13.99
N SER I 187 35.22 41.56 -14.25
CA SER I 187 34.79 42.63 -15.12
C SER I 187 35.89 42.93 -16.14
N VAL I 188 35.47 43.19 -17.38
CA VAL I 188 36.38 43.48 -18.47
C VAL I 188 36.18 44.94 -18.86
N GLU I 189 37.22 45.75 -18.66
CA GLU I 189 37.16 47.18 -18.92
C GLU I 189 38.20 47.55 -19.98
N ALA I 190 38.10 48.79 -20.46
CA ALA I 190 39.04 49.27 -21.47
C ALA I 190 40.42 49.47 -20.87
N ALA I 191 41.44 49.29 -21.70
CA ALA I 191 42.83 49.44 -21.28
C ALA I 191 43.52 50.48 -22.15
N ARG I 192 44.31 51.34 -21.52
CA ARG I 192 45.08 52.36 -22.21
C ARG I 192 46.53 51.88 -22.30
N VAL I 193 46.89 51.28 -23.43
CA VAL I 193 48.24 50.77 -23.65
C VAL I 193 48.77 51.39 -24.94
N GLU I 194 49.91 52.09 -24.84
CA GLU I 194 50.58 52.70 -25.97
C GLU I 194 49.62 53.56 -26.80
N GLN I 195 49.32 53.11 -28.02
CA GLN I 195 48.43 53.84 -28.91
C GLN I 195 47.20 53.04 -29.32
N ARG I 196 47.22 51.72 -29.21
CA ARG I 196 46.09 50.91 -29.62
C ARG I 196 44.93 51.05 -28.64
N THR I 197 43.72 50.84 -29.14
CA THR I 197 42.51 50.91 -28.33
C THR I 197 41.78 49.57 -28.24
N ASP I 198 42.27 48.52 -28.90
CA ASP I 198 41.62 47.23 -28.86
C ASP I 198 41.95 46.42 -27.61
N LEU I 199 42.86 46.90 -26.77
CA LEU I 199 43.30 46.15 -25.61
C LEU I 199 42.32 46.31 -24.46
N ASP I 200 42.32 45.32 -23.58
CA ASP I 200 41.35 45.23 -22.49
C ASP I 200 42.07 44.97 -21.17
N LYS I 201 41.30 44.97 -20.09
CA LYS I 201 41.79 44.75 -18.74
C LYS I 201 40.78 43.92 -17.98
N LEU I 202 41.27 42.92 -17.24
CA LEU I 202 40.39 42.02 -16.49
C LEU I 202 40.59 42.25 -15.00
N VAL I 203 39.51 42.52 -14.28
CA VAL I 203 39.54 42.71 -12.84
C VAL I 203 38.75 41.58 -12.21
N ILE I 204 39.40 40.82 -11.34
CA ILE I 204 38.79 39.68 -10.65
C ILE I 204 38.64 40.05 -9.19
N ASP I 205 37.40 40.08 -8.72
CA ASP I 205 37.05 40.34 -7.34
C ASP I 205 36.86 38.98 -6.67
N MET I 206 37.66 38.71 -5.64
CA MET I 206 37.64 37.44 -4.95
C MET I 206 37.29 37.66 -3.49
N GLU I 207 36.25 36.95 -3.02
CA GLU I 207 35.90 36.90 -1.61
C GLU I 207 36.15 35.49 -1.13
N THR I 208 37.11 35.35 -0.21
CA THR I 208 37.52 34.05 0.31
C THR I 208 37.45 34.04 1.82
N ASN I 209 38.01 33.00 2.45
CA ASN I 209 38.09 32.94 3.91
C ASN I 209 39.42 33.47 4.43
N GLY I 210 40.27 34.00 3.57
CA GLY I 210 41.54 34.58 3.98
C GLY I 210 42.71 33.63 4.01
N THR I 211 42.48 32.33 3.78
CA THR I 211 43.56 31.36 3.86
C THR I 211 44.44 31.37 2.61
N LEU I 212 43.87 31.66 1.45
CA LEU I 212 44.59 31.60 0.19
C LEU I 212 44.86 33.00 -0.33
N GLU I 213 46.11 33.26 -0.69
CA GLU I 213 46.49 34.54 -1.24
C GLU I 213 45.90 34.71 -2.64
N PRO I 214 45.60 35.95 -3.06
CA PRO I 214 45.02 36.14 -4.39
C PRO I 214 45.93 35.74 -5.53
N GLU I 215 47.18 36.21 -5.50
CA GLU I 215 48.11 35.89 -6.58
C GLU I 215 48.34 34.39 -6.68
N GLU I 216 48.53 33.72 -5.54
CA GLU I 216 48.74 32.28 -5.54
C GLU I 216 47.54 31.56 -6.13
N ALA I 217 46.33 32.02 -5.80
CA ALA I 217 45.14 31.43 -6.38
C ALA I 217 45.11 31.58 -7.89
N ILE I 218 45.48 32.77 -8.39
CA ILE I 218 45.48 32.99 -9.84
C ILE I 218 46.48 32.05 -10.51
N ARG I 219 47.68 31.92 -9.95
CA ARG I 219 48.67 31.05 -10.59
C ARG I 219 48.26 29.58 -10.53
N ARG I 220 47.64 29.14 -9.44
CA ARG I 220 47.17 27.75 -9.40
C ARG I 220 46.08 27.51 -10.43
N ALA I 221 45.16 28.46 -10.58
CA ALA I 221 44.11 28.30 -11.60
C ALA I 221 44.71 28.25 -13.00
N ALA I 222 45.67 29.13 -13.27
CA ALA I 222 46.33 29.13 -14.58
C ALA I 222 47.08 27.83 -14.82
N THR I 223 47.74 27.29 -13.79
CA THR I 223 48.45 26.03 -13.93
C THR I 223 47.49 24.89 -14.24
N ILE I 224 46.35 24.85 -13.56
CA ILE I 224 45.36 23.81 -13.85
C ILE I 224 44.88 23.92 -15.29
N LEU I 225 44.58 25.14 -15.73
CA LEU I 225 44.09 25.33 -17.09
C LEU I 225 45.13 24.91 -18.12
N ALA I 226 46.40 25.29 -17.90
CA ALA I 226 47.45 24.92 -18.84
C ALA I 226 47.64 23.40 -18.89
N GLU I 227 47.62 22.76 -17.72
CA GLU I 227 47.79 21.31 -17.70
C GLU I 227 46.65 20.62 -18.44
N GLN I 228 45.42 21.11 -18.28
CA GLN I 228 44.30 20.49 -18.99
C GLN I 228 44.37 20.76 -20.49
N LEU I 229 44.87 21.93 -20.89
CA LEU I 229 45.02 22.23 -22.31
C LEU I 229 46.14 21.43 -22.95
N ASP I 230 47.10 20.96 -22.16
CA ASP I 230 48.20 20.18 -22.70
C ASP I 230 47.71 18.97 -23.49
N ALA I 231 46.56 18.42 -23.11
CA ALA I 231 45.98 17.31 -23.87
C ALA I 231 45.59 17.75 -25.28
N PHE I 232 45.03 18.94 -25.41
CA PHE I 232 44.63 19.44 -26.71
C PHE I 232 45.83 19.85 -27.55
N VAL I 233 46.87 20.39 -26.92
CA VAL I 233 48.05 20.81 -27.68
C VAL I 233 48.74 19.63 -28.36
N ASP I 234 48.49 18.40 -27.88
CA ASP I 234 49.14 17.22 -28.42
C ASP I 234 48.11 16.19 -28.84
N LEU I 235 47.10 16.62 -29.61
CA LEU I 235 45.97 15.78 -29.93
C LEU I 235 46.41 14.53 -30.70
N ARG I 236 46.19 13.37 -30.09
CA ARG I 236 46.50 12.10 -30.72
C ARG I 236 45.59 11.03 -30.13
N ASP I 237 45.46 9.92 -30.85
CA ASP I 237 44.62 8.82 -30.38
C ASP I 237 45.32 8.10 -29.23
N VAL I 238 44.65 8.06 -28.07
CA VAL I 238 45.20 7.40 -26.90
C VAL I 238 44.34 6.20 -26.51
N SER J 4 46.61 13.70 -3.81
CA SER J 4 47.23 15.01 -3.68
C SER J 4 46.23 16.11 -4.02
N VAL J 5 46.52 17.33 -3.56
CA VAL J 5 45.64 18.46 -3.83
C VAL J 5 45.88 19.08 -5.20
N THR J 6 47.06 18.87 -5.78
CA THR J 6 47.40 19.41 -7.09
C THR J 6 47.26 18.39 -8.21
N GLU J 7 46.74 17.21 -7.90
CA GLU J 7 46.59 16.14 -8.89
C GLU J 7 45.18 16.18 -9.46
N PHE J 8 45.09 16.24 -10.79
CA PHE J 8 43.81 16.31 -11.48
C PHE J 8 43.77 15.24 -12.57
N LEU J 9 42.56 14.87 -12.94
CA LEU J 9 42.38 13.85 -13.96
C LEU J 9 42.71 14.42 -15.35
N LYS J 10 43.52 13.71 -16.09
CA LYS J 10 43.83 14.02 -17.47
C LYS J 10 43.12 13.05 -18.40
N PRO J 11 42.79 13.46 -19.62
CA PRO J 11 42.11 12.54 -20.54
C PRO J 11 42.95 11.30 -20.82
N ARG J 12 42.29 10.15 -20.83
CA ARG J 12 42.93 8.86 -21.08
C ARG J 12 42.49 8.24 -22.39
N LEU J 13 41.22 8.37 -22.73
CA LEU J 13 40.69 7.95 -24.03
C LEU J 13 40.47 9.21 -24.87
N VAL J 14 41.25 9.34 -25.94
CA VAL J 14 41.10 10.40 -26.94
C VAL J 14 40.81 9.71 -28.27
N ASP J 15 39.66 10.02 -28.87
CA ASP J 15 39.24 9.38 -30.10
C ASP J 15 38.95 10.47 -31.11
N ILE J 16 39.66 10.43 -32.24
CA ILE J 16 39.46 11.37 -33.33
C ILE J 16 38.89 10.60 -34.52
N GLU J 17 37.65 10.91 -34.88
CA GLU J 17 36.98 10.28 -36.00
C GLU J 17 36.86 11.31 -37.12
N GLN J 18 37.43 10.99 -38.28
CA GLN J 18 37.46 11.90 -39.41
C GLN J 18 36.32 11.55 -40.36
N ILE J 19 35.23 12.32 -40.28
CA ILE J 19 34.11 12.10 -41.19
C ILE J 19 34.54 12.38 -42.62
N SER J 20 35.26 13.49 -42.83
CA SER J 20 35.75 13.87 -44.14
C SER J 20 37.09 14.57 -43.95
N THR J 21 37.62 15.11 -45.03
CA THR J 21 38.88 15.85 -44.95
C THR J 21 38.71 17.20 -44.26
N THR J 22 37.49 17.68 -44.10
CA THR J 22 37.23 18.95 -43.44
C THR J 22 36.31 18.84 -42.23
N HIS J 23 35.87 17.63 -41.88
CA HIS J 23 34.99 17.42 -40.75
C HIS J 23 35.61 16.39 -39.81
N ALA J 24 35.50 16.64 -38.51
CA ALA J 24 36.08 15.75 -37.52
C ALA J 24 35.26 15.77 -36.24
N LYS J 25 35.43 14.72 -35.44
CA LYS J 25 34.80 14.61 -34.13
C LYS J 25 35.85 14.10 -33.15
N VAL J 26 36.13 14.90 -32.12
CA VAL J 26 37.14 14.58 -31.13
C VAL J 26 36.46 14.35 -29.79
N THR J 27 36.68 13.18 -29.20
CA THR J 27 36.09 12.81 -27.92
C THR J 27 37.21 12.61 -26.91
N LEU J 28 37.13 13.34 -25.79
CA LEU J 28 38.06 13.21 -24.69
C LEU J 28 37.33 12.74 -23.45
N GLU J 29 37.89 11.72 -22.80
CA GLU J 29 37.30 11.20 -21.57
C GLU J 29 38.43 10.57 -20.75
N PRO J 30 38.42 10.71 -19.43
CA PRO J 30 37.48 11.47 -18.60
C PRO J 30 38.04 12.83 -18.22
N LEU J 31 37.15 13.74 -17.82
CA LEU J 31 37.55 15.07 -17.37
C LEU J 31 36.91 15.33 -16.01
N GLU J 32 37.51 16.23 -15.25
CA GLU J 32 36.94 16.58 -13.97
C GLU J 32 35.60 17.28 -14.15
N ARG J 33 34.82 17.28 -13.07
CA ARG J 33 33.47 17.84 -13.11
C ARG J 33 33.52 19.34 -13.44
N GLY J 34 32.86 19.72 -14.52
CA GLY J 34 32.79 21.10 -14.93
C GLY J 34 33.85 21.55 -15.91
N PHE J 35 34.89 20.75 -16.13
CA PHE J 35 35.96 21.14 -17.02
C PHE J 35 35.60 20.99 -18.49
N GLY J 36 34.64 20.12 -18.81
CA GLY J 36 34.22 19.98 -20.19
C GLY J 36 33.67 21.28 -20.75
N HIS J 37 32.78 21.93 -19.99
CA HIS J 37 32.23 23.20 -20.44
C HIS J 37 33.29 24.28 -20.50
N THR J 38 34.18 24.33 -19.53
CA THR J 38 35.25 25.33 -19.54
C THR J 38 36.10 25.21 -20.80
N LEU J 39 36.62 24.00 -21.05
CA LEU J 39 37.47 23.80 -22.23
C LEU J 39 36.70 24.03 -23.51
N GLY J 40 35.48 23.50 -23.61
CA GLY J 40 34.73 23.62 -24.85
C GLY J 40 34.40 25.06 -25.18
N ASN J 41 33.91 25.82 -24.19
CA ASN J 41 33.58 27.21 -24.43
C ASN J 41 34.81 28.02 -24.78
N ALA J 42 35.92 27.81 -24.06
CA ALA J 42 37.13 28.57 -24.36
C ALA J 42 37.63 28.29 -25.77
N LEU J 43 37.67 27.01 -26.14
CA LEU J 43 38.13 26.66 -27.48
C LEU J 43 37.19 27.20 -28.55
N ARG J 44 35.88 27.16 -28.30
CA ARG J 44 34.93 27.67 -29.28
C ARG J 44 35.09 29.17 -29.49
N ARG J 45 35.24 29.93 -28.41
CA ARG J 45 35.43 31.37 -28.56
C ARG J 45 36.72 31.67 -29.30
N ILE J 46 37.80 30.96 -28.97
CA ILE J 46 39.07 31.20 -29.66
C ILE J 46 38.95 30.85 -31.14
N LEU J 47 38.30 29.72 -31.46
CA LEU J 47 38.25 29.25 -32.84
C LEU J 47 37.30 30.10 -33.69
N LEU J 48 36.30 30.72 -33.08
CA LEU J 48 35.36 31.51 -33.85
C LEU J 48 35.73 32.99 -33.93
N SER J 49 36.39 33.53 -32.92
CA SER J 49 36.60 34.98 -32.85
C SER J 49 38.06 35.41 -32.74
N SER J 50 39.01 34.48 -32.63
CA SER J 50 40.39 34.88 -32.42
C SER J 50 41.40 34.08 -33.24
N MET J 51 40.96 33.16 -34.10
CA MET J 51 41.90 32.35 -34.86
C MET J 51 42.42 33.13 -36.07
N PRO J 52 43.73 33.28 -36.23
CA PRO J 52 44.25 33.98 -37.40
C PRO J 52 43.94 33.22 -38.68
N GLY J 53 43.79 33.97 -39.76
CA GLY J 53 43.52 33.37 -41.06
C GLY J 53 43.46 34.44 -42.13
N CYS J 54 43.19 33.99 -43.35
CA CYS J 54 43.15 34.85 -44.52
C CYS J 54 41.78 34.76 -45.18
N ALA J 55 41.24 35.90 -45.59
CA ALA J 55 39.92 35.93 -46.18
C ALA J 55 39.79 37.12 -47.13
N VAL J 56 38.79 37.04 -48.00
CA VAL J 56 38.48 38.13 -48.92
C VAL J 56 37.80 39.26 -48.15
N THR J 57 38.25 40.49 -48.40
CA THR J 57 37.75 41.65 -47.66
C THR J 57 37.04 42.66 -48.56
N GLU J 58 37.63 43.01 -49.69
CA GLU J 58 37.11 44.07 -50.54
C GLU J 58 37.13 43.63 -52.00
N VAL J 59 36.28 44.27 -52.80
CA VAL J 59 36.09 43.86 -54.19
C VAL J 59 35.88 45.09 -55.08
N GLU J 60 36.33 44.96 -56.33
CA GLU J 60 36.02 45.89 -57.41
C GLU J 60 35.46 45.10 -58.57
N ILE J 61 34.29 45.51 -59.07
CA ILE J 61 33.74 44.96 -60.31
C ILE J 61 33.49 46.11 -61.27
N GLU J 62 34.01 45.97 -62.49
CA GLU J 62 33.91 47.03 -63.48
C GLU J 62 32.46 47.36 -63.78
N GLY J 63 32.14 48.65 -63.76
CA GLY J 63 30.78 49.10 -64.04
C GLY J 63 29.83 49.00 -62.87
N VAL J 64 30.31 48.61 -61.69
CA VAL J 64 29.48 48.47 -60.50
C VAL J 64 29.98 49.45 -59.46
N LEU J 65 29.10 50.34 -59.01
CA LEU J 65 29.45 51.37 -58.04
C LEU J 65 28.89 51.09 -56.65
N HIS J 66 27.63 50.66 -56.57
CA HIS J 66 26.98 50.37 -55.31
C HIS J 66 26.63 48.89 -55.23
N GLU J 67 26.52 48.39 -54.00
CA GLU J 67 26.13 47.00 -53.79
C GLU J 67 24.69 46.74 -54.18
N TYR J 68 23.89 47.80 -54.38
CA TYR J 68 22.52 47.65 -54.83
C TYR J 68 22.35 47.94 -56.32
N SER J 69 23.43 48.18 -57.05
CA SER J 69 23.35 48.37 -58.48
C SER J 69 23.21 47.03 -59.20
N THR J 70 22.85 47.09 -60.48
CA THR J 70 22.59 45.92 -61.30
C THR J 70 23.57 45.85 -62.44
N LYS J 71 23.99 44.62 -62.78
CA LYS J 71 24.91 44.38 -63.88
C LYS J 71 24.28 43.37 -64.83
N GLU J 72 24.31 43.68 -66.12
CA GLU J 72 23.67 42.83 -67.13
C GLU J 72 24.55 41.66 -67.50
N GLY J 73 23.93 40.51 -67.74
CA GLY J 73 24.61 39.31 -68.17
C GLY J 73 24.89 38.32 -67.07
N VAL J 74 24.80 38.74 -65.80
CA VAL J 74 25.05 37.88 -64.66
C VAL J 74 23.71 37.49 -64.03
N GLN J 75 23.53 36.20 -63.76
CA GLN J 75 22.29 35.73 -63.18
C GLN J 75 22.15 36.17 -61.73
N GLU J 76 23.22 36.06 -60.95
CA GLU J 76 23.19 36.42 -59.55
C GLU J 76 23.25 37.93 -59.38
N ASP J 77 22.57 38.42 -58.35
CA ASP J 77 22.67 39.82 -58.01
C ASP J 77 24.00 40.10 -57.32
N ILE J 78 24.33 41.38 -57.16
CA ILE J 78 25.65 41.77 -56.68
C ILE J 78 25.87 41.29 -55.25
N LEU J 79 24.84 41.39 -54.41
CA LEU J 79 24.98 40.92 -53.03
C LEU J 79 25.20 39.41 -52.99
N GLU J 80 24.55 38.67 -53.89
CA GLU J 80 24.81 37.24 -53.99
C GLU J 80 26.25 36.98 -54.43
N ILE J 81 26.77 37.80 -55.33
CA ILE J 81 28.16 37.64 -55.75
C ILE J 81 29.10 37.85 -54.57
N LEU J 82 28.81 38.87 -53.75
CA LEU J 82 29.61 39.08 -52.54
C LEU J 82 29.50 37.89 -51.60
N LEU J 83 28.30 37.32 -51.49
CA LEU J 83 28.12 36.14 -50.64
C LEU J 83 28.97 34.97 -51.13
N ASN J 84 29.01 34.74 -52.44
CA ASN J 84 29.88 33.69 -52.97
C ASN J 84 31.35 34.01 -52.73
N LEU J 85 31.73 35.28 -52.86
CA LEU J 85 33.11 35.66 -52.59
C LEU J 85 33.48 35.44 -51.13
N LYS J 86 32.50 35.51 -50.23
CA LYS J 86 32.77 35.29 -48.82
C LYS J 86 33.31 33.89 -48.55
N GLY J 87 32.69 32.88 -49.16
CA GLY J 87 33.07 31.51 -48.92
C GLY J 87 34.10 30.97 -49.89
N LEU J 88 35.19 31.70 -50.07
CA LEU J 88 36.28 31.29 -50.97
C LEU J 88 37.52 31.08 -50.12
N ALA J 89 37.90 29.82 -49.94
CA ALA J 89 39.03 29.49 -49.08
C ALA J 89 40.34 29.83 -49.76
N VAL J 90 41.19 30.57 -49.07
CA VAL J 90 42.48 30.99 -49.60
C VAL J 90 43.57 30.75 -48.58
N ARG J 91 44.77 30.44 -49.08
CA ARG J 91 45.99 30.42 -48.30
C ARG J 91 46.96 31.44 -48.86
N VAL J 92 47.52 32.27 -48.00
CA VAL J 92 48.49 33.29 -48.40
C VAL J 92 49.82 32.95 -47.76
N ALA J 93 50.89 33.00 -48.56
CA ALA J 93 52.21 32.65 -48.07
C ALA J 93 52.62 33.55 -46.91
N GLU J 94 53.31 32.96 -45.95
CA GLU J 94 53.62 33.66 -44.70
C GLU J 94 54.45 34.92 -44.97
N GLY J 95 54.16 35.96 -44.21
CA GLY J 95 54.82 37.25 -44.38
C GLY J 95 54.10 38.21 -45.28
N LYS J 96 53.04 37.78 -45.96
CA LYS J 96 52.24 38.64 -46.83
C LYS J 96 50.90 38.91 -46.15
N ASP J 97 50.60 40.18 -45.89
CA ASP J 97 49.40 40.56 -45.19
C ASP J 97 48.34 41.20 -46.09
N GLU J 98 48.63 41.32 -47.39
CA GLU J 98 47.67 41.89 -48.34
C GLU J 98 48.04 41.41 -49.73
N VAL J 99 47.11 40.77 -50.42
CA VAL J 99 47.31 40.35 -51.80
C VAL J 99 46.11 40.77 -52.62
N PHE J 100 46.33 40.89 -53.93
CA PHE J 100 45.28 41.23 -54.88
C PHE J 100 45.23 40.15 -55.95
N ILE J 101 44.03 39.61 -56.18
CA ILE J 101 43.82 38.63 -57.24
C ILE J 101 42.85 39.23 -58.24
N THR J 102 42.86 38.68 -59.45
CA THR J 102 42.03 39.16 -60.54
C THR J 102 41.27 38.00 -61.17
N LEU J 103 40.05 38.28 -61.61
CA LEU J 103 39.20 37.29 -62.26
C LEU J 103 38.55 37.92 -63.47
N ASN J 104 38.88 37.44 -64.66
CA ASN J 104 38.33 37.96 -65.90
C ASN J 104 37.76 36.81 -66.71
N LYS J 105 36.50 36.91 -67.10
CA LYS J 105 35.89 35.83 -67.86
C LYS J 105 34.78 36.35 -68.76
N SER J 106 34.79 35.91 -70.02
CA SER J 106 33.73 36.23 -70.97
C SER J 106 33.16 34.95 -71.54
N GLY J 107 31.84 34.93 -71.72
CA GLY J 107 31.17 33.80 -72.31
C GLY J 107 29.89 33.51 -71.58
N SER J 108 29.42 32.27 -71.71
CA SER J 108 28.20 31.82 -71.05
C SER J 108 28.54 30.59 -70.22
N GLY J 109 28.11 30.59 -68.96
CA GLY J 109 28.37 29.47 -68.08
C GLY J 109 28.72 29.91 -66.68
N PRO J 110 28.99 28.96 -65.80
CA PRO J 110 29.36 29.30 -64.41
C PRO J 110 30.82 29.70 -64.32
N VAL J 111 31.06 30.94 -63.90
CA VAL J 111 32.41 31.40 -63.60
C VAL J 111 32.73 31.06 -62.15
N VAL J 112 33.86 30.38 -61.96
CA VAL J 112 34.18 29.71 -60.69
C VAL J 112 35.46 30.29 -60.11
N ALA J 113 35.86 29.77 -58.94
CA ALA J 113 37.07 30.25 -58.29
C ALA J 113 38.33 29.80 -58.98
N GLY J 114 38.28 28.70 -59.74
CA GLY J 114 39.45 28.24 -60.46
C GLY J 114 39.86 29.10 -61.63
N ASP J 115 39.03 30.09 -61.99
CA ASP J 115 39.33 31.02 -63.07
C ASP J 115 39.96 32.31 -62.57
N ILE J 116 40.65 32.25 -61.44
CA ILE J 116 41.30 33.41 -60.83
C ILE J 116 42.80 33.24 -60.97
N THR J 117 43.48 34.28 -61.44
CA THR J 117 44.91 34.25 -61.66
C THR J 117 45.63 34.92 -60.49
N HIS J 118 46.56 34.19 -59.88
CA HIS J 118 47.31 34.67 -58.72
C HIS J 118 48.80 34.68 -59.04
N ASP J 119 49.60 35.10 -58.06
CA ASP J 119 51.03 35.29 -58.23
C ASP J 119 51.85 34.18 -57.61
N GLY J 120 51.23 33.04 -57.29
CA GLY J 120 51.93 31.91 -56.72
C GLY J 120 52.02 31.90 -55.21
N ASP J 121 51.76 33.02 -54.55
CA ASP J 121 51.71 33.06 -53.10
C ASP J 121 50.30 32.90 -52.56
N VAL J 122 49.32 32.68 -53.44
CA VAL J 122 47.93 32.48 -53.06
C VAL J 122 47.49 31.12 -53.59
N GLU J 123 46.95 30.30 -52.71
CA GLU J 123 46.46 28.97 -53.06
C GLU J 123 44.95 28.92 -52.81
N ILE J 124 44.20 28.48 -53.80
CA ILE J 124 42.76 28.35 -53.67
C ILE J 124 42.44 26.91 -53.28
N VAL J 125 41.85 26.73 -52.10
CA VAL J 125 41.56 25.38 -51.62
C VAL J 125 40.41 24.76 -52.42
N ASN J 126 39.45 25.57 -52.87
CA ASN J 126 38.25 25.08 -53.56
C ASN J 126 38.16 25.74 -54.93
N PRO J 127 38.92 25.26 -55.91
CA PRO J 127 38.79 25.80 -57.27
C PRO J 127 37.45 25.54 -57.93
N GLU J 128 36.66 24.58 -57.46
CA GLU J 128 35.36 24.33 -58.07
C GLU J 128 34.25 25.20 -57.50
N HIS J 129 34.58 26.10 -56.57
CA HIS J 129 33.57 26.99 -56.00
C HIS J 129 33.05 27.95 -57.04
N VAL J 130 31.73 28.05 -57.15
CA VAL J 130 31.11 28.89 -58.18
C VAL J 130 31.06 30.32 -57.67
N ILE J 131 31.62 31.24 -58.45
CA ILE J 131 31.58 32.66 -58.09
C ILE J 131 30.29 33.31 -58.58
N CYS J 132 29.96 33.16 -59.85
CA CYS J 132 28.66 33.59 -60.36
C CYS J 132 28.40 32.91 -61.70
N HIS J 133 27.36 33.35 -62.40
CA HIS J 133 26.95 32.73 -63.65
C HIS J 133 26.77 33.82 -64.70
N LEU J 134 27.44 33.65 -65.84
CA LEU J 134 27.28 34.55 -66.98
C LEU J 134 26.24 33.96 -67.92
N THR J 135 25.24 34.77 -68.27
CA THR J 135 24.09 34.28 -69.02
C THR J 135 24.19 34.51 -70.51
N SER J 136 24.86 35.58 -70.95
CA SER J 136 24.93 35.93 -72.37
C SER J 136 26.36 35.77 -72.86
N ASP J 137 26.49 35.36 -74.13
CA ASP J 137 27.82 35.21 -74.73
C ASP J 137 28.52 36.54 -74.95
N ASN J 138 27.78 37.64 -74.92
CA ASN J 138 28.35 38.98 -75.05
C ASN J 138 28.64 39.63 -73.70
N ALA J 139 28.45 38.90 -72.60
CA ALA J 139 28.64 39.44 -71.26
C ALA J 139 29.99 39.00 -70.72
N ALA J 140 30.71 39.94 -70.11
CA ALA J 140 32.03 39.67 -69.55
C ALA J 140 32.09 40.23 -68.13
N ILE J 141 32.87 39.56 -67.28
CA ILE J 141 33.00 39.91 -65.87
C ILE J 141 34.47 40.19 -65.59
N ALA J 142 34.73 41.33 -64.95
CA ALA J 142 36.07 41.74 -64.55
C ALA J 142 36.04 42.03 -63.06
N MET J 143 36.94 41.41 -62.30
CA MET J 143 36.86 41.37 -60.85
C MET J 143 38.25 41.56 -60.27
N ARG J 144 38.38 42.44 -59.29
CA ARG J 144 39.63 42.65 -58.58
C ARG J 144 39.35 42.44 -57.09
N ILE J 145 39.92 41.39 -56.51
CA ILE J 145 39.61 40.92 -55.17
C ILE J 145 40.80 41.18 -54.26
N LYS J 146 40.54 41.71 -53.08
CA LYS J 146 41.57 41.92 -52.07
C LYS J 146 41.46 40.84 -51.01
N VAL J 147 42.60 40.25 -50.65
CA VAL J 147 42.67 39.23 -49.61
C VAL J 147 43.61 39.73 -48.53
N GLU J 148 43.13 39.79 -47.29
CA GLU J 148 43.89 40.22 -46.14
C GLU J 148 44.09 39.07 -45.18
N ARG J 149 44.88 39.33 -44.15
CA ARG J 149 45.06 38.40 -43.04
C ARG J 149 44.53 39.06 -41.77
N GLY J 150 43.64 38.36 -41.08
CA GLY J 150 43.03 38.89 -39.87
C GLY J 150 42.65 37.80 -38.89
N ARG J 151 41.86 38.16 -37.87
CA ARG J 151 41.46 37.23 -36.83
C ARG J 151 39.94 37.26 -36.67
N GLY J 152 39.34 36.08 -36.64
CA GLY J 152 37.94 35.96 -36.29
C GLY J 152 36.96 36.13 -37.42
N TYR J 153 35.83 36.77 -37.14
CA TYR J 153 34.73 36.94 -38.09
C TYR J 153 34.32 38.41 -38.02
N VAL J 154 34.87 39.22 -38.90
CA VAL J 154 34.62 40.66 -38.91
C VAL J 154 33.62 40.95 -40.04
N PRO J 155 32.39 41.33 -39.73
CA PRO J 155 31.41 41.56 -40.79
C PRO J 155 31.63 42.91 -41.47
N ALA J 156 30.92 43.08 -42.59
CA ALA J 156 31.06 44.30 -43.37
C ALA J 156 30.57 45.52 -42.59
N SER J 157 29.48 45.35 -41.83
CA SER J 157 28.90 46.47 -41.10
C SER J 157 29.86 47.04 -40.07
N ALA J 158 30.70 46.18 -39.47
CA ALA J 158 31.64 46.65 -38.46
C ALA J 158 32.79 47.45 -39.05
N ARG J 159 33.10 47.26 -40.33
CA ARG J 159 34.17 47.99 -40.98
C ARG J 159 33.71 49.28 -41.65
N ILE J 160 32.42 49.59 -41.59
CA ILE J 160 31.90 50.79 -42.22
C ILE J 160 32.39 52.04 -41.49
N ILE J 169 33.94 55.53 -54.05
CA ILE J 169 35.16 54.95 -54.58
C ILE J 169 34.83 53.70 -55.40
N GLY J 170 33.70 53.07 -55.10
CA GLY J 170 33.34 51.83 -55.73
C GLY J 170 33.87 50.58 -55.07
N ARG J 171 34.41 50.69 -53.86
CA ARG J 171 34.97 49.55 -53.13
C ARG J 171 33.85 48.94 -52.28
N LEU J 172 33.44 47.73 -52.62
CA LEU J 172 32.37 47.04 -51.91
C LEU J 172 32.96 46.05 -50.92
N LEU J 173 32.45 46.09 -49.69
CA LEU J 173 32.99 45.30 -48.60
C LEU J 173 32.36 43.91 -48.56
N VAL J 174 33.20 42.91 -48.29
CA VAL J 174 32.77 41.52 -48.14
C VAL J 174 33.03 41.10 -46.71
N ASP J 175 32.10 40.33 -46.15
CA ASP J 175 32.25 39.83 -44.79
C ASP J 175 33.52 39.00 -44.67
N ALA J 176 34.31 39.27 -43.64
CA ALA J 176 35.65 38.70 -43.51
C ALA J 176 35.57 37.43 -42.67
N THR J 177 35.70 36.29 -43.33
CA THR J 177 35.74 34.99 -42.66
C THR J 177 37.19 34.56 -42.50
N PHE J 178 37.91 35.28 -41.64
CA PHE J 178 39.34 35.01 -41.45
C PHE J 178 39.55 33.62 -40.86
N SER J 179 38.79 33.26 -39.84
CA SER J 179 38.99 31.99 -39.18
C SER J 179 38.65 30.84 -40.12
N PRO J 180 39.52 29.83 -40.25
CA PRO J 180 39.18 28.66 -41.07
C PRO J 180 38.02 27.86 -40.51
N VAL J 181 37.63 28.08 -39.25
CA VAL J 181 36.57 27.31 -38.63
C VAL J 181 35.24 27.75 -39.21
N ASP J 182 34.51 26.82 -39.82
CA ASP J 182 33.17 27.07 -40.30
C ASP J 182 32.09 26.68 -39.32
N LYS J 183 32.31 25.62 -38.55
CA LYS J 183 31.38 25.19 -37.52
C LYS J 183 32.12 24.50 -36.40
N ILE J 184 31.79 24.85 -35.16
CA ILE J 184 32.25 24.12 -33.99
C ILE J 184 31.08 23.95 -33.04
N ALA J 185 30.84 22.71 -32.62
CA ALA J 185 29.86 22.41 -31.59
C ALA J 185 30.48 21.46 -30.59
N TYR J 186 30.07 21.57 -29.34
CA TYR J 186 30.57 20.65 -28.33
C TYR J 186 29.44 20.23 -27.40
N SER J 187 29.49 18.97 -27.01
CA SER J 187 28.55 18.39 -26.05
C SER J 187 29.33 17.78 -24.91
N VAL J 188 28.79 17.90 -23.70
CA VAL J 188 29.41 17.38 -22.49
C VAL J 188 28.48 16.31 -21.93
N GLU J 189 28.98 15.09 -21.87
CA GLU J 189 28.21 13.96 -21.38
C GLU J 189 28.89 13.37 -20.14
N ALA J 190 28.26 12.37 -19.55
CA ALA J 190 28.77 11.77 -18.33
C ALA J 190 29.84 10.72 -18.65
N ALA J 191 30.76 10.55 -17.69
CA ALA J 191 31.81 9.57 -17.80
C ALA J 191 32.23 9.16 -16.39
N ARG J 192 32.59 7.90 -16.23
CA ARG J 192 32.91 7.34 -14.93
C ARG J 192 34.20 6.54 -14.99
N VAL J 193 35.02 6.72 -13.96
CA VAL J 193 36.13 5.81 -13.66
C VAL J 193 35.90 5.27 -12.25
N GLU J 194 36.11 3.97 -12.08
CA GLU J 194 35.76 3.27 -10.85
C GLU J 194 34.31 3.55 -10.47
N GLN J 195 34.09 4.13 -9.30
CA GLN J 195 32.75 4.47 -8.84
C GLN J 195 32.47 5.96 -8.90
N ARG J 196 33.37 6.75 -9.48
CA ARG J 196 33.16 8.19 -9.62
C ARG J 196 32.37 8.43 -10.89
N THR J 197 31.06 8.61 -10.75
CA THR J 197 30.16 8.74 -11.89
C THR J 197 29.88 10.20 -12.26
N ASP J 198 30.61 11.14 -11.68
CA ASP J 198 30.41 12.56 -11.93
C ASP J 198 31.43 13.13 -12.91
N LEU J 199 32.17 12.28 -13.61
CA LEU J 199 33.21 12.79 -14.50
C LEU J 199 32.60 13.22 -15.82
N ASP J 200 33.37 13.97 -16.59
CA ASP J 200 32.87 14.65 -17.78
C ASP J 200 33.58 14.13 -19.03
N LYS J 201 32.82 13.96 -20.10
CA LYS J 201 33.35 13.57 -21.41
C LYS J 201 32.98 14.64 -22.42
N LEU J 202 33.96 15.09 -23.18
CA LEU J 202 33.79 16.21 -24.11
C LEU J 202 33.82 15.71 -25.54
N VAL J 203 32.80 16.05 -26.32
CA VAL J 203 32.71 15.69 -27.73
C VAL J 203 32.65 16.98 -28.54
N ILE J 204 33.61 17.16 -29.44
CA ILE J 204 33.71 18.35 -30.27
C ILE J 204 33.54 17.94 -31.72
N ASP J 205 32.50 18.46 -32.37
CA ASP J 205 32.27 18.26 -33.79
C ASP J 205 32.72 19.54 -34.48
N MET J 206 33.64 19.42 -35.43
CA MET J 206 34.29 20.56 -36.03
C MET J 206 34.30 20.42 -37.54
N GLU J 207 34.12 21.54 -38.24
CA GLU J 207 34.17 21.58 -39.69
C GLU J 207 34.86 22.85 -40.12
N THR J 208 35.92 22.73 -40.90
CA THR J 208 36.71 23.85 -41.40
C THR J 208 36.55 23.99 -42.90
N ASN J 209 37.02 25.12 -43.43
CA ASN J 209 36.83 25.43 -44.83
C ASN J 209 37.76 24.65 -45.76
N GLY J 210 38.86 24.11 -45.24
CA GLY J 210 39.78 23.35 -46.05
C GLY J 210 41.21 23.85 -45.95
N THR J 211 41.38 25.03 -45.37
CA THR J 211 42.72 25.57 -45.14
C THR J 211 43.51 24.68 -44.19
N LEU J 212 42.88 24.24 -43.10
CA LEU J 212 43.52 23.38 -42.11
C LEU J 212 42.62 22.19 -41.81
N GLU J 213 43.24 21.12 -41.35
CA GLU J 213 42.49 20.01 -40.78
C GLU J 213 41.94 20.42 -39.41
N PRO J 214 40.79 19.89 -39.00
CA PRO J 214 40.23 20.29 -37.71
C PRO J 214 41.15 20.03 -36.53
N GLU J 215 41.91 18.93 -36.57
CA GLU J 215 42.83 18.62 -35.47
C GLU J 215 43.90 19.70 -35.34
N GLU J 216 44.44 20.16 -36.46
CA GLU J 216 45.46 21.21 -36.41
C GLU J 216 44.86 22.51 -35.87
N ALA J 217 43.62 22.81 -36.25
CA ALA J 217 42.96 24.00 -35.73
C ALA J 217 42.77 23.93 -34.23
N ILE J 218 42.34 22.77 -33.72
CA ILE J 218 42.22 22.60 -32.27
C ILE J 218 43.58 22.77 -31.60
N ARG J 219 44.63 22.24 -32.23
CA ARG J 219 45.98 22.38 -31.68
C ARG J 219 46.37 23.85 -31.57
N ARG J 220 46.10 24.63 -32.62
CA ARG J 220 46.49 26.03 -32.59
C ARG J 220 45.66 26.82 -31.60
N ALA J 221 44.37 26.52 -31.47
CA ALA J 221 43.54 27.20 -30.48
C ALA J 221 44.04 26.91 -29.06
N ALA J 222 44.34 25.64 -28.78
CA ALA J 222 44.89 25.29 -27.48
C ALA J 222 46.23 25.96 -27.25
N THR J 223 47.05 26.09 -28.28
CA THR J 223 48.34 26.75 -28.14
C THR J 223 48.16 28.22 -27.80
N ILE J 224 47.21 28.90 -28.45
CA ILE J 224 46.95 30.31 -28.15
C ILE J 224 46.50 30.46 -26.70
N LEU J 225 45.57 29.60 -26.28
CA LEU J 225 45.11 29.65 -24.89
C LEU J 225 46.24 29.40 -23.90
N ALA J 226 47.08 28.40 -24.17
CA ALA J 226 48.16 28.07 -23.26
C ALA J 226 49.19 29.19 -23.17
N GLU J 227 49.51 29.80 -24.31
CA GLU J 227 50.49 30.88 -24.30
C GLU J 227 49.93 32.15 -23.69
N GLN J 228 48.60 32.31 -23.67
CA GLN J 228 48.04 33.45 -22.98
C GLN J 228 48.20 33.38 -21.47
N LEU J 229 48.51 32.20 -20.94
CA LEU J 229 48.67 32.01 -19.50
C LEU J 229 50.12 31.87 -19.07
N ASP J 230 51.07 32.10 -19.98
CA ASP J 230 52.47 31.79 -19.69
C ASP J 230 53.01 32.61 -18.53
N ALA J 231 52.52 33.84 -18.36
CA ALA J 231 53.01 34.70 -17.29
C ALA J 231 52.60 34.25 -15.90
N PHE J 232 51.68 33.27 -15.79
CA PHE J 232 51.18 32.83 -14.49
C PHE J 232 51.58 31.42 -14.11
N VAL J 233 51.79 30.53 -15.08
CA VAL J 233 52.18 29.16 -14.77
C VAL J 233 53.61 29.11 -14.24
N ARG K 95 -44.30 -13.81 8.72
CA ARG K 95 -44.26 -12.39 9.01
C ARG K 95 -42.92 -11.97 9.60
N THR K 96 -42.20 -12.95 10.16
CA THR K 96 -40.90 -12.71 10.76
C THR K 96 -39.93 -13.81 10.32
N THR K 97 -38.64 -13.49 10.36
CA THR K 97 -37.60 -14.42 9.98
C THR K 97 -36.68 -14.81 11.13
N ASP K 98 -36.66 -14.05 12.21
CA ASP K 98 -35.81 -14.39 13.35
C ASP K 98 -36.36 -15.63 14.05
N PRO K 99 -35.56 -16.69 14.22
CA PRO K 99 -36.05 -17.85 14.96
C PRO K 99 -36.39 -17.53 16.41
N VAL K 100 -35.85 -16.44 16.96
CA VAL K 100 -36.15 -16.09 18.34
C VAL K 100 -37.64 -15.86 18.53
N ARG K 101 -38.22 -15.01 17.66
CA ARG K 101 -39.60 -14.62 17.83
C ARG K 101 -40.55 -15.78 17.54
N MET K 102 -40.22 -16.60 16.53
CA MET K 102 -41.04 -17.77 16.26
C MET K 102 -40.99 -18.75 17.41
N TYR K 103 -39.83 -18.89 18.05
CA TYR K 103 -39.72 -19.79 19.18
C TYR K 103 -40.55 -19.29 20.36
N MET K 104 -40.53 -17.98 20.60
CA MET K 104 -41.41 -17.44 21.65
C MET K 104 -42.88 -17.64 21.31
N ARG K 105 -43.25 -17.45 20.04
CA ARG K 105 -44.61 -17.76 19.63
C ARG K 105 -44.95 -19.22 19.96
N GLU K 106 -44.00 -20.12 19.75
CA GLU K 106 -44.28 -21.53 19.98
C GLU K 106 -44.45 -21.83 21.46
N MET K 107 -43.59 -21.28 22.32
CA MET K 107 -43.71 -21.67 23.73
C MET K 107 -44.74 -20.84 24.48
N GLY K 108 -45.21 -19.72 23.91
CA GLY K 108 -46.24 -18.94 24.58
C GLY K 108 -47.63 -19.53 24.51
N THR K 109 -47.84 -20.53 23.67
CA THR K 109 -49.14 -21.17 23.54
C THR K 109 -49.39 -22.22 24.62
N VAL K 110 -48.43 -22.49 25.50
CA VAL K 110 -48.59 -23.43 26.58
C VAL K 110 -48.89 -22.67 27.86
N GLU K 111 -49.98 -23.06 28.53
CA GLU K 111 -50.40 -22.36 29.74
C GLU K 111 -49.45 -22.66 30.90
N LEU K 112 -49.37 -21.71 31.82
CA LEU K 112 -48.54 -21.87 33.01
C LEU K 112 -49.25 -22.71 34.05
N LEU K 113 -48.48 -23.54 34.75
CA LEU K 113 -49.04 -24.49 35.72
C LEU K 113 -48.98 -23.94 37.14
N THR K 114 -49.76 -24.57 38.01
CA THR K 114 -49.83 -24.26 39.43
C THR K 114 -49.21 -25.40 40.23
N ARG K 115 -49.30 -25.31 41.56
CA ARG K 115 -48.81 -26.39 42.41
C ARG K 115 -49.49 -27.71 42.06
N GLU K 116 -50.83 -27.71 42.06
CA GLU K 116 -51.59 -28.93 41.81
C GLU K 116 -51.30 -29.52 40.44
N GLY K 117 -51.02 -28.67 39.46
CA GLY K 117 -50.60 -29.18 38.16
C GLY K 117 -49.33 -29.99 38.25
N GLU K 118 -48.35 -29.48 39.01
CA GLU K 118 -47.11 -30.22 39.21
C GLU K 118 -47.36 -31.53 39.94
N ILE K 119 -48.20 -31.52 40.97
CA ILE K 119 -48.52 -32.75 41.69
C ILE K 119 -49.16 -33.76 40.73
N ASP K 120 -50.11 -33.32 39.92
CA ASP K 120 -50.81 -34.22 39.01
C ASP K 120 -49.85 -34.80 37.99
N ILE K 121 -48.98 -33.97 37.43
CA ILE K 121 -48.04 -34.45 36.43
C ILE K 121 -47.05 -35.44 37.04
N ALA K 122 -46.57 -35.16 38.24
CA ALA K 122 -45.68 -36.11 38.91
C ALA K 122 -46.39 -37.43 39.17
N LYS K 123 -47.67 -37.37 39.54
CA LYS K 123 -48.43 -38.61 39.76
C LYS K 123 -48.57 -39.40 38.48
N ARG K 124 -48.82 -38.72 37.35
CA ARG K 124 -48.87 -39.42 36.08
C ARG K 124 -47.53 -40.06 35.74
N ILE K 125 -46.44 -39.34 35.99
CA ILE K 125 -45.11 -39.88 35.71
C ILE K 125 -44.86 -41.15 36.52
N GLU K 126 -45.15 -41.12 37.83
CA GLU K 126 -44.88 -42.31 38.62
C GLU K 126 -45.82 -43.44 38.24
N ASP K 127 -47.06 -43.12 37.83
CA ASP K 127 -47.99 -44.16 37.43
C ASP K 127 -47.43 -44.89 36.22
N GLY K 128 -46.92 -44.14 35.24
CA GLY K 128 -46.27 -44.78 34.11
C GLY K 128 -45.05 -45.57 34.51
N ILE K 129 -44.24 -45.02 35.44
CA ILE K 129 -43.01 -45.69 35.86
C ILE K 129 -43.34 -47.04 36.50
N ASN K 130 -44.32 -47.07 37.39
CA ASN K 130 -44.64 -48.33 38.06
C ASN K 130 -45.42 -49.28 37.16
N GLN K 131 -46.14 -48.78 36.16
CA GLN K 131 -46.66 -49.69 35.14
C GLN K 131 -45.51 -50.38 34.42
N VAL K 132 -44.48 -49.63 34.05
CA VAL K 132 -43.32 -50.22 33.39
C VAL K 132 -42.64 -51.23 34.32
N GLN K 133 -42.50 -50.88 35.60
CA GLN K 133 -41.83 -51.77 36.55
C GLN K 133 -42.61 -53.06 36.74
N SER K 134 -43.95 -52.96 36.84
CA SER K 134 -44.77 -54.16 36.95
C SER K 134 -44.66 -55.01 35.70
N ALA K 135 -44.58 -54.37 34.53
CA ALA K 135 -44.39 -55.14 33.31
C ALA K 135 -43.06 -55.88 33.32
N ILE K 136 -42.00 -55.23 33.81
CA ILE K 136 -40.70 -55.90 33.89
C ILE K 136 -40.75 -57.06 34.87
N ALA K 137 -41.42 -56.86 36.02
CA ALA K 137 -41.42 -57.88 37.06
C ALA K 137 -42.04 -59.19 36.59
N GLU K 138 -42.99 -59.12 35.66
CA GLU K 138 -43.62 -60.32 35.12
C GLU K 138 -42.75 -60.94 34.01
N TYR K 139 -41.56 -61.38 34.41
CA TYR K 139 -40.64 -61.98 33.46
C TYR K 139 -39.77 -62.96 34.23
N PRO K 140 -39.71 -64.23 33.81
CA PRO K 140 -39.08 -65.26 34.65
C PRO K 140 -37.60 -65.01 34.95
N GLY K 141 -36.88 -64.31 34.08
CA GLY K 141 -35.48 -64.04 34.30
C GLY K 141 -35.16 -62.73 34.99
N THR K 142 -36.15 -61.84 35.12
CA THR K 142 -35.91 -60.55 35.75
C THR K 142 -35.56 -60.69 37.23
N ILE K 143 -36.38 -61.42 37.97
CA ILE K 143 -36.14 -61.57 39.41
C ILE K 143 -34.82 -62.26 39.70
N PRO K 144 -34.42 -63.33 39.01
CA PRO K 144 -33.10 -63.92 39.31
C PRO K 144 -31.94 -62.95 39.14
N TYR K 145 -32.03 -62.01 38.19
CA TYR K 145 -30.97 -61.03 38.02
C TYR K 145 -30.83 -60.15 39.25
N ILE K 146 -31.96 -59.64 39.76
CA ILE K 146 -31.93 -58.83 40.98
C ILE K 146 -31.43 -59.65 42.15
N LEU K 147 -31.84 -60.92 42.22
CA LEU K 147 -31.42 -61.78 43.32
C LEU K 147 -29.91 -62.02 43.31
N GLU K 148 -29.34 -62.28 42.13
CA GLU K 148 -27.90 -62.49 42.07
C GLU K 148 -27.12 -61.20 42.30
N GLN K 149 -27.68 -60.06 41.86
CA GLN K 149 -27.05 -58.79 42.19
C GLN K 149 -27.02 -58.56 43.70
N PHE K 150 -28.12 -58.88 44.38
CA PHE K 150 -28.13 -58.78 45.84
C PHE K 150 -27.15 -59.77 46.47
N ASP K 151 -27.05 -60.97 45.91
CA ASP K 151 -26.12 -61.96 46.43
C ASP K 151 -24.68 -61.45 46.34
N ARG K 152 -24.33 -60.80 45.23
CA ARG K 152 -22.98 -60.26 45.10
C ARG K 152 -22.76 -59.06 46.03
N VAL K 153 -23.72 -58.14 46.11
CA VAL K 153 -23.49 -56.93 46.90
C VAL K 153 -23.46 -57.25 48.39
N GLN K 154 -24.31 -58.18 48.85
CA GLN K 154 -24.33 -58.56 50.26
C GLN K 154 -23.03 -59.21 50.70
N ALA K 155 -22.29 -59.82 49.78
CA ALA K 155 -20.96 -60.33 50.07
C ALA K 155 -19.90 -59.23 50.13
N GLU K 156 -20.33 -57.97 50.14
CA GLU K 156 -19.42 -56.82 50.21
C GLU K 156 -18.44 -56.83 49.03
N GLU K 157 -18.93 -57.20 47.85
CA GLU K 157 -18.12 -57.21 46.64
C GLU K 157 -18.59 -56.25 45.57
N LEU K 158 -19.83 -55.77 45.63
CA LEU K 158 -20.38 -54.84 44.66
C LEU K 158 -20.94 -53.61 45.35
N ARG K 159 -21.07 -52.53 44.60
CA ARG K 159 -21.60 -51.29 45.14
C ARG K 159 -23.07 -51.43 45.48
N LEU K 160 -23.47 -50.84 46.61
CA LEU K 160 -24.87 -50.88 47.02
C LEU K 160 -25.72 -49.89 46.22
N THR K 161 -25.17 -48.74 45.84
CA THR K 161 -25.92 -47.76 45.09
C THR K 161 -26.29 -48.28 43.71
N ASP K 162 -25.41 -49.05 43.08
CA ASP K 162 -25.68 -49.57 41.75
C ASP K 162 -26.86 -50.55 41.74
N LEU K 163 -27.12 -51.20 42.87
CA LEU K 163 -28.23 -52.15 42.94
C LEU K 163 -29.57 -51.42 43.04
N ILE K 164 -29.76 -50.63 44.10
CA ILE K 164 -31.00 -49.92 44.34
C ILE K 164 -30.70 -48.47 44.63
N SER K 165 -31.71 -47.62 44.43
CA SER K 165 -31.59 -46.19 44.67
C SER K 165 -32.50 -45.66 45.77
N GLY K 166 -33.53 -46.41 46.15
CA GLY K 166 -34.43 -45.96 47.20
C GLY K 166 -35.46 -47.02 47.52
N PHE K 167 -36.27 -46.72 48.52
CA PHE K 167 -37.31 -47.63 48.98
C PHE K 167 -38.63 -46.88 49.06
N VAL K 168 -39.69 -47.47 48.52
CA VAL K 168 -41.00 -46.86 48.52
C VAL K 168 -41.68 -47.15 49.85
N ASP K 169 -42.08 -46.09 50.56
CA ASP K 169 -42.74 -46.21 51.85
C ASP K 169 -44.08 -45.49 51.80
N PRO K 170 -45.20 -46.18 52.05
CA PRO K 170 -46.53 -45.55 52.03
C PRO K 170 -46.85 -44.78 53.30
N PRO K 222 -26.60 -52.05 55.15
CA PRO K 222 -27.86 -52.68 54.71
C PRO K 222 -28.73 -53.10 55.88
N GLU K 223 -29.09 -52.14 56.74
CA GLU K 223 -29.94 -52.46 57.89
C GLU K 223 -31.32 -52.93 57.45
N LEU K 224 -31.91 -52.24 56.48
CA LEU K 224 -33.22 -52.60 55.95
C LEU K 224 -33.15 -53.29 54.60
N ALA K 225 -32.13 -53.01 53.79
CA ALA K 225 -32.01 -53.63 52.49
C ALA K 225 -31.87 -55.14 52.60
N ARG K 226 -31.08 -55.61 53.59
CA ARG K 226 -30.89 -57.04 53.75
C ARG K 226 -32.21 -57.74 54.09
N GLU K 227 -32.98 -57.18 55.02
CA GLU K 227 -34.25 -57.80 55.39
C GLU K 227 -35.22 -57.80 54.23
N LYS K 228 -35.32 -56.67 53.53
CA LYS K 228 -36.23 -56.57 52.39
C LYS K 228 -35.84 -57.52 51.28
N PHE K 229 -34.54 -57.66 51.01
CA PHE K 229 -34.13 -58.59 49.96
C PHE K 229 -34.27 -60.04 50.37
N ASN K 230 -34.12 -60.38 51.66
CA ASN K 230 -34.43 -61.76 52.04
C ASN K 230 -35.92 -62.03 51.96
N GLU K 231 -36.75 -61.05 52.32
CA GLU K 231 -38.19 -61.20 52.18
C GLU K 231 -38.58 -61.34 50.71
N LEU K 232 -37.95 -60.55 49.84
CA LEU K 232 -38.20 -60.66 48.40
C LEU K 232 -37.75 -62.02 47.88
N ARG K 233 -36.63 -62.53 48.37
CA ARG K 233 -36.19 -63.87 48.00
C ARG K 233 -37.23 -64.92 48.41
N GLY K 234 -37.77 -64.79 49.62
CA GLY K 234 -38.77 -65.75 50.07
C GLY K 234 -40.06 -65.66 49.27
N LYS K 235 -40.51 -64.44 48.98
CA LYS K 235 -41.72 -64.25 48.19
C LYS K 235 -41.53 -64.78 46.77
N PHE K 236 -40.35 -64.55 46.20
CA PHE K 236 -40.01 -65.13 44.90
C PHE K 236 -40.01 -66.64 44.97
N GLN K 237 -39.51 -67.22 46.06
CA GLN K 237 -39.52 -68.68 46.19
C GLN K 237 -40.93 -69.22 46.29
N ASN K 238 -41.83 -68.50 46.97
CA ASN K 238 -43.23 -68.92 47.00
C ASN K 238 -43.81 -68.88 45.58
N LEU K 239 -43.49 -67.83 44.81
CA LEU K 239 -43.89 -67.79 43.41
C LEU K 239 -43.30 -68.96 42.63
N GLN K 240 -42.02 -69.27 42.87
CA GLN K 240 -41.34 -70.33 42.12
C GLN K 240 -41.98 -71.68 42.39
N LEU K 241 -42.32 -71.93 43.65
CA LEU K 241 -43.06 -73.13 44.00
C LEU K 241 -44.41 -73.16 43.32
N ALA K 242 -45.07 -72.00 43.24
CA ALA K 242 -46.40 -71.93 42.64
C ALA K 242 -46.37 -72.13 41.13
N VAL K 243 -45.24 -71.82 40.49
CA VAL K 243 -45.18 -71.69 39.03
C VAL K 243 -45.86 -72.81 38.25
N ASN K 244 -45.46 -74.06 38.47
CA ASN K 244 -45.93 -75.10 37.56
C ASN K 244 -46.36 -76.39 38.26
N GLU K 245 -45.97 -76.59 39.51
CA GLU K 245 -46.35 -77.83 40.19
C GLU K 245 -47.83 -77.87 40.50
N PHE K 246 -48.38 -76.78 41.02
CA PHE K 246 -49.80 -76.71 41.31
C PHE K 246 -50.63 -76.24 40.12
N GLY K 247 -49.99 -75.77 39.06
CA GLY K 247 -50.73 -75.35 37.87
C GLY K 247 -50.52 -73.89 37.55
N ARG K 248 -50.32 -73.57 36.26
CA ARG K 248 -50.17 -72.17 35.86
C ARG K 248 -51.45 -71.40 36.10
N ASP K 249 -52.59 -71.99 35.78
CA ASP K 249 -53.89 -71.35 35.99
C ASP K 249 -54.36 -71.44 37.44
N SER K 250 -53.66 -72.20 38.27
CA SER K 250 -54.07 -72.35 39.66
C SER K 250 -53.96 -71.02 40.40
N HIS K 251 -54.76 -70.88 41.46
CA HIS K 251 -54.82 -69.63 42.19
C HIS K 251 -53.50 -69.29 42.90
N GLN K 252 -52.70 -70.29 43.24
CA GLN K 252 -51.42 -70.01 43.89
C GLN K 252 -50.50 -69.21 42.97
N ALA K 253 -50.38 -69.66 41.71
CA ALA K 253 -49.46 -69.03 40.77
C ALA K 253 -49.85 -67.58 40.46
N SER K 254 -51.12 -67.23 40.61
CA SER K 254 -51.57 -65.87 40.35
C SER K 254 -51.52 -65.01 41.61
N GLU K 255 -51.93 -65.57 42.75
CA GLU K 255 -51.90 -64.84 44.02
C GLU K 255 -50.47 -64.47 44.40
N ALA K 256 -49.57 -65.46 44.37
CA ALA K 256 -48.17 -65.16 44.62
C ALA K 256 -47.63 -64.19 43.58
N SER K 257 -48.15 -64.23 42.36
CA SER K 257 -47.69 -63.32 41.32
C SER K 257 -48.01 -61.88 41.66
N ASP K 258 -49.27 -61.60 42.03
CA ASP K 258 -49.60 -60.20 42.33
C ASP K 258 -48.97 -59.76 43.64
N LEU K 259 -48.76 -60.68 44.58
CA LEU K 259 -48.04 -60.29 45.79
C LEU K 259 -46.57 -59.97 45.50
N VAL K 260 -45.94 -60.72 44.60
CA VAL K 260 -44.59 -60.37 44.16
C VAL K 260 -44.59 -59.02 43.46
N LEU K 261 -45.65 -58.75 42.68
CA LEU K 261 -45.78 -57.44 42.04
C LEU K 261 -45.85 -56.33 43.08
N ASP K 262 -46.65 -56.52 44.13
CA ASP K 262 -46.75 -55.53 45.20
C ASP K 262 -45.41 -55.34 45.90
N ILE K 263 -44.70 -56.43 46.16
CA ILE K 263 -43.40 -56.32 46.83
C ILE K 263 -42.41 -55.55 45.97
N PHE K 264 -42.36 -55.87 44.67
CA PHE K 264 -41.44 -55.21 43.76
C PHE K 264 -41.82 -53.76 43.51
N ARG K 265 -43.10 -53.40 43.68
CA ARG K 265 -43.50 -52.00 43.55
C ARG K 265 -42.87 -51.12 44.61
N GLU K 266 -42.45 -51.70 45.72
CA GLU K 266 -41.77 -50.96 46.79
C GLU K 266 -40.26 -50.97 46.60
N PHE K 267 -39.81 -50.60 45.41
CA PHE K 267 -38.39 -50.59 45.08
C PHE K 267 -38.12 -49.45 44.10
N ARG K 268 -36.96 -48.82 44.26
CA ARG K 268 -36.50 -47.76 43.36
C ARG K 268 -35.13 -48.16 42.81
N LEU K 269 -35.12 -48.76 41.63
CA LEU K 269 -33.89 -49.24 41.03
C LEU K 269 -33.17 -48.12 40.28
N THR K 270 -31.87 -48.30 40.12
CA THR K 270 -31.08 -47.40 39.30
C THR K 270 -31.55 -47.49 37.85
N PRO K 271 -31.63 -46.38 37.12
CA PRO K 271 -32.11 -46.44 35.73
C PRO K 271 -31.25 -47.28 34.80
N LYS K 272 -30.00 -47.57 35.16
CA LYS K 272 -29.11 -48.25 34.22
C LYS K 272 -29.55 -49.69 33.97
N GLN K 273 -29.55 -50.52 35.01
CA GLN K 273 -30.04 -51.89 34.83
C GLN K 273 -31.53 -51.93 34.54
N PHE K 274 -32.29 -50.92 34.98
CA PHE K 274 -33.66 -50.75 34.55
C PHE K 274 -33.76 -50.78 33.03
N ASP K 275 -33.09 -49.82 32.38
CA ASP K 275 -33.07 -49.77 30.92
C ASP K 275 -32.45 -51.02 30.33
N HIS K 276 -31.55 -51.68 31.06
CA HIS K 276 -30.99 -52.95 30.56
C HIS K 276 -32.08 -54.01 30.42
N LEU K 277 -32.90 -54.19 31.46
CA LEU K 277 -33.99 -55.15 31.38
C LEU K 277 -35.01 -54.76 30.32
N VAL K 278 -35.36 -53.47 30.25
CA VAL K 278 -36.29 -53.03 29.23
C VAL K 278 -35.72 -53.27 27.84
N GLU K 279 -34.42 -53.08 27.66
CA GLU K 279 -33.79 -53.31 26.37
C GLU K 279 -33.82 -54.79 26.00
N THR K 280 -33.58 -55.68 26.96
CA THR K 280 -33.65 -57.11 26.68
C THR K 280 -35.05 -57.50 26.21
N LEU K 281 -36.08 -57.07 26.96
CA LEU K 281 -37.44 -57.40 26.57
C LEU K 281 -37.79 -56.77 25.23
N ARG K 282 -37.35 -55.53 24.99
CA ARG K 282 -37.60 -54.85 23.73
C ARG K 282 -36.99 -55.60 22.56
N THR K 283 -35.76 -56.08 22.74
CA THR K 283 -35.09 -56.82 21.66
C THR K 283 -35.83 -58.12 21.36
N SER K 284 -36.22 -58.85 22.40
CA SER K 284 -36.98 -60.08 22.16
C SER K 284 -38.28 -59.80 21.43
N MET K 285 -39.01 -58.77 21.88
CA MET K 285 -40.31 -58.46 21.29
C MET K 285 -40.15 -57.97 19.85
N ASP K 286 -39.12 -57.17 19.57
CA ASP K 286 -38.86 -56.76 18.20
C ASP K 286 -38.51 -57.95 17.32
N ARG K 287 -37.76 -58.92 17.85
CA ARG K 287 -37.43 -60.10 17.06
C ARG K 287 -38.69 -60.90 16.73
N VAL K 288 -39.61 -61.02 17.69
CA VAL K 288 -40.85 -61.75 17.39
C VAL K 288 -41.68 -60.99 16.35
N ARG K 289 -41.67 -59.64 16.40
CA ARG K 289 -42.35 -58.88 15.36
C ARG K 289 -41.71 -59.15 13.99
N THR K 290 -40.38 -59.16 13.92
CA THR K 290 -39.72 -59.40 12.64
C THR K 290 -40.06 -60.77 12.09
N GLN K 291 -40.05 -61.79 12.95
CA GLN K 291 -40.40 -63.13 12.49
C GLN K 291 -41.85 -63.20 12.01
N GLU K 292 -42.76 -62.56 12.75
CA GLU K 292 -44.16 -62.57 12.34
C GLU K 292 -44.36 -61.86 11.01
N ARG K 293 -43.69 -60.71 10.81
CA ARG K 293 -43.84 -60.00 9.55
C ARG K 293 -43.22 -60.76 8.39
N LEU K 294 -42.11 -61.47 8.63
CA LEU K 294 -41.54 -62.32 7.58
C LEU K 294 -42.50 -63.44 7.22
N VAL K 295 -43.14 -64.05 8.23
CA VAL K 295 -44.11 -65.11 7.95
C VAL K 295 -45.28 -64.57 7.14
N MET K 296 -45.79 -63.39 7.53
CA MET K 296 -46.92 -62.81 6.82
C MET K 296 -46.56 -62.44 5.38
N LYS K 297 -45.36 -61.91 5.17
CA LYS K 297 -44.90 -61.62 3.82
C LYS K 297 -44.79 -62.89 2.99
N ALA K 298 -44.28 -63.97 3.60
CA ALA K 298 -44.16 -65.23 2.88
C ALA K 298 -45.51 -65.78 2.48
N VAL K 299 -46.45 -65.85 3.43
CA VAL K 299 -47.75 -66.46 3.13
C VAL K 299 -48.56 -65.60 2.16
N VAL K 300 -48.40 -64.28 2.22
CA VAL K 300 -49.13 -63.38 1.33
C VAL K 300 -48.27 -63.05 0.11
N LYS K 307 -53.52 -65.67 5.72
CA LYS K 307 -54.48 -64.56 5.71
C LYS K 307 -55.55 -64.76 6.77
N LYS K 308 -56.75 -65.12 6.33
CA LYS K 308 -57.87 -65.31 7.25
C LYS K 308 -57.61 -66.48 8.19
N SER K 309 -57.03 -67.56 7.68
CA SER K 309 -56.75 -68.74 8.52
C SER K 309 -55.75 -68.40 9.62
N PHE K 310 -54.69 -67.65 9.27
CA PHE K 310 -53.74 -67.23 10.29
C PHE K 310 -54.40 -66.34 11.33
N ILE K 311 -55.26 -65.42 10.88
CA ILE K 311 -56.00 -64.56 11.81
C ILE K 311 -56.83 -65.41 12.76
N ALA K 312 -57.47 -66.46 12.25
CA ALA K 312 -58.26 -67.34 13.10
C ALA K 312 -57.38 -68.06 14.11
N LEU K 313 -56.20 -68.53 13.69
CA LEU K 313 -55.32 -69.29 14.56
C LEU K 313 -54.16 -68.47 15.12
N PHE K 314 -54.21 -67.14 15.01
CA PHE K 314 -53.14 -66.32 15.57
C PHE K 314 -53.20 -66.25 17.09
N THR K 315 -54.39 -66.39 17.67
CA THR K 315 -54.55 -66.18 19.11
C THR K 315 -53.74 -67.19 19.91
N GLY K 316 -53.82 -68.47 19.55
CA GLY K 316 -53.15 -69.50 20.33
C GLY K 316 -52.14 -70.32 19.57
N ASN K 317 -52.31 -70.43 18.25
CA ASN K 317 -51.46 -71.29 17.43
C ASN K 317 -50.56 -70.49 16.50
N GLU K 318 -50.15 -69.29 16.91
CA GLU K 318 -49.24 -68.51 16.08
C GLU K 318 -47.90 -69.21 15.94
N SER K 319 -47.37 -69.78 17.02
CA SER K 319 -46.09 -70.46 17.01
C SER K 319 -46.20 -71.96 17.21
N ASN K 320 -47.42 -72.48 17.43
CA ASN K 320 -47.59 -73.91 17.64
C ASN K 320 -47.46 -74.66 16.32
N GLU K 321 -47.02 -75.92 16.41
CA GLU K 321 -46.89 -76.77 15.23
C GLU K 321 -48.23 -77.20 14.66
N GLU K 322 -49.32 -77.00 15.40
CA GLU K 322 -50.64 -77.31 14.87
C GLU K 322 -50.96 -76.44 13.66
N TRP K 323 -50.55 -75.17 13.70
CA TRP K 323 -50.72 -74.31 12.53
C TRP K 323 -49.96 -74.84 11.32
N LEU K 324 -48.73 -75.30 11.53
CA LEU K 324 -47.96 -75.87 10.43
C LEU K 324 -48.62 -77.12 9.88
N ASP K 325 -49.11 -78.00 10.76
CA ASP K 325 -49.78 -79.21 10.31
C ASP K 325 -51.05 -78.89 9.52
N LYS K 326 -51.83 -77.91 9.99
CA LYS K 326 -53.05 -77.55 9.29
C LYS K 326 -52.78 -76.87 7.95
N VAL K 327 -51.70 -76.07 7.87
CA VAL K 327 -51.30 -75.51 6.59
C VAL K 327 -50.90 -76.62 5.62
N LEU K 328 -50.13 -77.60 6.11
CA LEU K 328 -49.75 -78.73 5.27
C LEU K 328 -50.98 -79.52 4.82
N ALA K 329 -51.99 -79.62 5.68
CA ALA K 329 -53.21 -80.34 5.31
C ALA K 329 -54.06 -79.54 4.34
N SER K 330 -53.97 -78.21 4.37
CA SER K 330 -54.77 -77.38 3.48
C SER K 330 -54.37 -77.60 2.03
N ASP K 331 -55.36 -77.55 1.14
CA ASP K 331 -55.17 -77.85 -0.28
C ASP K 331 -55.82 -76.79 -1.15
N LYS K 332 -55.77 -75.52 -0.73
CA LYS K 332 -56.21 -74.43 -1.58
C LYS K 332 -55.22 -74.25 -2.73
N PRO K 333 -55.65 -73.61 -3.82
CA PRO K 333 -54.76 -73.51 -5.00
C PRO K 333 -53.44 -72.80 -4.73
N TYR K 334 -53.40 -71.88 -3.76
CA TYR K 334 -52.18 -71.14 -3.46
C TYR K 334 -51.31 -71.80 -2.40
N VAL K 335 -51.76 -72.91 -1.82
CA VAL K 335 -50.99 -73.56 -0.75
C VAL K 335 -49.76 -74.29 -1.27
N ALA K 336 -49.71 -74.58 -2.57
CA ALA K 336 -48.54 -75.26 -3.12
C ALA K 336 -47.27 -74.46 -2.87
N LYS K 337 -47.22 -73.23 -3.39
CA LYS K 337 -46.07 -72.37 -3.12
C LYS K 337 -45.89 -72.16 -1.63
N VAL K 338 -46.99 -71.94 -0.91
CA VAL K 338 -46.93 -71.80 0.54
C VAL K 338 -46.26 -73.02 1.16
N ARG K 339 -46.62 -74.22 0.70
CA ARG K 339 -45.99 -75.42 1.23
C ARG K 339 -44.48 -75.37 1.03
N GLU K 340 -44.04 -74.92 -0.15
CA GLU K 340 -42.62 -74.70 -0.38
C GLU K 340 -42.06 -73.72 0.65
N GLN K 341 -42.72 -72.57 0.80
CA GLN K 341 -42.28 -71.59 1.78
C GLN K 341 -42.31 -72.15 3.18
N GLU K 342 -43.09 -73.22 3.41
CA GLU K 342 -43.13 -73.85 4.72
C GLU K 342 -41.73 -74.22 5.18
N GLU K 343 -40.85 -74.63 4.25
CA GLU K 343 -39.49 -74.96 4.66
C GLU K 343 -38.83 -73.77 5.35
N GLU K 344 -38.86 -72.60 4.71
CA GLU K 344 -38.34 -71.41 5.36
C GLU K 344 -39.06 -71.17 6.68
N ILE K 345 -40.39 -71.29 6.67
CA ILE K 345 -41.16 -71.05 7.88
C ILE K 345 -40.72 -72.02 8.96
N ARG K 346 -40.41 -73.26 8.58
CA ARG K 346 -39.94 -74.22 9.57
C ARG K 346 -38.74 -73.65 10.32
N ARG K 347 -37.73 -73.19 9.57
CA ARG K 347 -36.57 -72.60 10.22
C ARG K 347 -37.00 -71.43 11.08
N SER K 348 -37.90 -70.59 10.56
CA SER K 348 -38.38 -69.44 11.31
C SER K 348 -39.02 -69.90 12.61
N ILE K 349 -39.90 -70.90 12.54
CA ILE K 349 -40.54 -71.32 13.79
C ILE K 349 -39.51 -71.98 14.68
N GLN K 350 -38.52 -72.66 14.09
CA GLN K 350 -37.42 -73.17 14.90
C GLN K 350 -36.71 -72.04 15.61
N LYS K 351 -36.45 -70.93 14.90
CA LYS K 351 -35.81 -69.79 15.53
C LYS K 351 -36.70 -69.17 16.59
N LEU K 352 -38.00 -69.48 16.60
CA LEU K 352 -38.85 -69.06 17.69
C LEU K 352 -38.66 -69.91 18.94
N GLN K 353 -38.40 -71.22 18.76
CA GLN K 353 -38.57 -72.17 19.85
C GLN K 353 -37.74 -71.81 21.07
N MET K 354 -36.42 -71.63 20.92
CA MET K 354 -35.63 -71.34 22.11
C MET K 354 -36.11 -70.07 22.78
N ILE K 355 -36.48 -69.07 21.98
CA ILE K 355 -36.96 -67.82 22.54
C ILE K 355 -38.13 -68.09 23.48
N GLU K 356 -39.08 -68.91 23.04
CA GLU K 356 -40.22 -69.19 23.91
C GLU K 356 -39.78 -69.91 25.17
N GLN K 357 -38.87 -70.89 25.04
CA GLN K 357 -38.45 -71.57 26.26
C GLN K 357 -37.50 -70.70 27.06
N GLU K 358 -36.95 -69.65 26.45
CA GLU K 358 -36.23 -68.65 27.23
C GLU K 358 -37.20 -67.83 28.06
N THR K 359 -38.42 -67.64 27.56
CA THR K 359 -39.44 -66.86 28.25
C THR K 359 -40.46 -67.73 28.98
N SER K 360 -40.77 -68.91 28.45
CA SER K 360 -41.80 -69.79 29.01
C SER K 360 -43.14 -69.07 29.12
N LEU K 361 -43.42 -68.20 28.15
CA LEU K 361 -44.64 -67.42 28.14
C LEU K 361 -45.44 -67.54 26.85
N SER K 362 -44.98 -68.36 25.90
CA SER K 362 -45.65 -68.56 24.60
C SER K 362 -45.73 -67.20 23.90
N VAL K 363 -46.90 -66.81 23.38
CA VAL K 363 -47.03 -65.57 22.61
C VAL K 363 -47.97 -64.58 23.28
N GLU K 364 -49.07 -65.06 23.86
CA GLU K 364 -50.06 -64.17 24.45
C GLU K 364 -49.47 -63.36 25.60
N ARG K 365 -48.71 -64.02 26.47
CA ARG K 365 -48.18 -63.36 27.66
C ARG K 365 -47.20 -62.26 27.29
N ILE K 366 -46.28 -62.55 26.35
CA ILE K 366 -45.31 -61.55 25.95
C ILE K 366 -45.99 -60.38 25.25
N LYS K 367 -47.05 -60.65 24.48
CA LYS K 367 -47.79 -59.57 23.83
C LYS K 367 -48.45 -58.67 24.86
N ASP K 368 -49.06 -59.26 25.89
CA ASP K 368 -49.68 -58.47 26.95
C ASP K 368 -48.65 -57.63 27.69
N ILE K 369 -47.49 -58.23 28.00
CA ILE K 369 -46.44 -57.49 28.68
C ILE K 369 -45.96 -56.32 27.82
N SER K 370 -45.79 -56.57 26.52
CA SER K 370 -45.35 -55.52 25.61
C SER K 370 -46.36 -54.38 25.54
N HIS K 371 -47.65 -54.72 25.47
CA HIS K 371 -48.68 -53.68 25.41
C HIS K 371 -48.69 -52.85 26.69
N ARG K 372 -48.59 -53.50 27.85
CA ARG K 372 -48.55 -52.76 29.11
C ARG K 372 -47.32 -51.87 29.18
N MET K 373 -46.17 -52.38 28.77
CA MET K 373 -44.96 -51.57 28.73
C MET K 373 -45.14 -50.35 27.85
N SER K 374 -45.69 -50.55 26.64
CA SER K 374 -45.84 -49.46 25.69
C SER K 374 -46.77 -48.38 26.24
N ILE K 375 -47.91 -48.79 26.81
CA ILE K 375 -48.85 -47.79 27.30
C ILE K 375 -48.25 -47.03 28.49
N GLY K 376 -47.52 -47.73 29.37
CA GLY K 376 -46.90 -47.03 30.50
C GLY K 376 -45.86 -46.02 30.05
N GLU K 377 -44.98 -46.43 29.13
CA GLU K 377 -43.96 -45.52 28.63
C GLU K 377 -44.58 -44.33 27.90
N ALA K 378 -45.63 -44.58 27.12
CA ALA K 378 -46.29 -43.47 26.42
C ALA K 378 -46.88 -42.48 27.40
N LYS K 379 -47.54 -42.97 28.45
CA LYS K 379 -48.13 -42.07 29.45
C LYS K 379 -47.04 -41.24 30.12
N ALA K 380 -45.95 -41.90 30.53
CA ALA K 380 -44.87 -41.17 31.20
C ALA K 380 -44.27 -40.11 30.27
N ARG K 381 -44.03 -40.47 29.00
CA ARG K 381 -43.44 -39.53 28.06
C ARG K 381 -44.35 -38.33 27.85
N ARG K 382 -45.66 -38.58 27.72
CA ARG K 382 -46.60 -37.47 27.56
C ARG K 382 -46.56 -36.53 28.75
N ALA K 383 -46.54 -37.09 29.96
CA ALA K 383 -46.50 -36.25 31.15
C ALA K 383 -45.23 -35.40 31.20
N LYS K 384 -44.08 -36.02 30.93
CA LYS K 384 -42.83 -35.25 30.95
C LYS K 384 -42.82 -34.17 29.89
N LYS K 385 -43.34 -34.48 28.70
CA LYS K 385 -43.39 -33.48 27.63
C LYS K 385 -44.26 -32.30 28.03
N GLU K 386 -45.40 -32.56 28.67
CA GLU K 386 -46.25 -31.48 29.15
C GLU K 386 -45.48 -30.62 30.16
N MET K 387 -44.75 -31.28 31.07
CA MET K 387 -44.06 -30.54 32.12
C MET K 387 -43.00 -29.61 31.53
N VAL K 388 -42.20 -30.12 30.59
CA VAL K 388 -41.12 -29.30 30.02
C VAL K 388 -41.69 -28.20 29.15
N GLU K 389 -42.76 -28.49 28.40
CA GLU K 389 -43.41 -27.43 27.63
C GLU K 389 -43.96 -26.35 28.53
N ALA K 390 -44.31 -26.70 29.76
CA ALA K 390 -44.70 -25.68 30.73
C ALA K 390 -43.49 -24.85 31.17
N ASN K 391 -42.37 -25.50 31.47
CA ASN K 391 -41.23 -24.80 32.08
C ASN K 391 -40.30 -24.13 31.06
N LEU K 392 -40.65 -24.18 29.78
CA LEU K 392 -39.89 -23.49 28.75
C LEU K 392 -39.65 -22.01 29.10
N ARG K 393 -40.66 -21.36 29.67
CA ARG K 393 -40.53 -19.94 30.01
C ARG K 393 -39.49 -19.72 31.10
N LEU K 394 -39.45 -20.63 32.09
CA LEU K 394 -38.42 -20.51 33.12
C LEU K 394 -37.05 -20.72 32.49
N VAL K 395 -36.95 -21.62 31.50
CA VAL K 395 -35.69 -21.79 30.78
C VAL K 395 -35.23 -20.47 30.17
N ILE K 396 -36.10 -19.81 29.41
CA ILE K 396 -35.65 -18.59 28.75
C ILE K 396 -35.33 -17.52 29.79
N SER K 397 -36.12 -17.46 30.86
CA SER K 397 -35.86 -16.48 31.92
C SER K 397 -34.46 -16.64 32.49
N ILE K 398 -34.08 -17.86 32.88
CA ILE K 398 -32.78 -18.05 33.50
C ILE K 398 -31.66 -17.89 32.47
N ALA K 399 -31.87 -18.38 31.26
CA ALA K 399 -30.83 -18.29 30.23
C ALA K 399 -30.64 -16.87 29.71
N LYS K 400 -31.55 -15.95 30.03
CA LYS K 400 -31.38 -14.56 29.64
C LYS K 400 -30.10 -13.95 30.24
N LYS K 401 -29.65 -14.46 31.38
CA LYS K 401 -28.62 -13.81 32.17
C LYS K 401 -27.19 -14.11 31.71
N TYR K 402 -26.99 -14.97 30.72
CA TYR K 402 -25.66 -15.40 30.30
C TYR K 402 -25.45 -15.17 28.82
N THR K 403 -25.80 -13.99 28.34
CA THR K 403 -25.62 -13.65 26.92
C THR K 403 -24.31 -12.91 26.70
N ASN K 404 -23.93 -12.79 25.43
CA ASN K 404 -22.74 -12.07 25.00
C ASN K 404 -21.48 -12.61 25.67
N ARG K 405 -21.41 -13.93 25.81
CA ARG K 405 -20.25 -14.60 26.39
C ARG K 405 -19.65 -15.59 25.40
N GLY K 406 -19.88 -15.38 24.11
CA GLY K 406 -19.40 -16.26 23.07
C GLY K 406 -20.46 -17.18 22.48
N LEU K 407 -21.55 -17.42 23.19
CA LEU K 407 -22.65 -18.23 22.70
C LEU K 407 -23.87 -17.35 22.48
N GLN K 408 -24.62 -17.64 21.43
CA GLN K 408 -25.82 -16.87 21.14
C GLN K 408 -26.95 -17.26 22.07
N PHE K 409 -28.03 -16.47 22.02
CA PHE K 409 -29.13 -16.65 22.95
C PHE K 409 -29.81 -18.00 22.77
N LEU K 410 -30.00 -18.42 21.52
CA LEU K 410 -30.77 -19.63 21.26
C LEU K 410 -30.01 -20.90 21.63
N ASP K 411 -28.69 -20.89 21.49
CA ASP K 411 -27.91 -22.02 21.99
C ASP K 411 -28.05 -22.16 23.49
N LEU K 412 -28.03 -21.04 24.21
CA LEU K 412 -28.27 -21.06 25.65
C LEU K 412 -29.67 -21.61 25.96
N ILE K 413 -30.67 -21.18 25.18
CA ILE K 413 -32.03 -21.67 25.41
C ILE K 413 -32.09 -23.19 25.22
N GLN K 414 -31.44 -23.71 24.19
CA GLN K 414 -31.49 -25.15 23.94
C GLN K 414 -30.76 -25.93 25.04
N GLU K 415 -29.62 -25.40 25.51
CA GLU K 415 -28.92 -26.07 26.60
C GLU K 415 -29.78 -26.08 27.87
N GLY K 416 -30.44 -24.96 28.17
CA GLY K 416 -31.37 -24.95 29.29
C GLY K 416 -32.53 -25.90 29.10
N ASN K 417 -32.94 -26.12 27.85
CA ASN K 417 -34.00 -27.08 27.58
C ASN K 417 -33.55 -28.50 27.93
N ILE K 418 -32.33 -28.84 27.55
CA ILE K 418 -31.77 -30.13 27.95
C ILE K 418 -31.71 -30.22 29.48
N GLY K 419 -31.37 -29.09 30.13
CA GLY K 419 -31.41 -29.05 31.58
C GLY K 419 -32.77 -29.36 32.15
N LEU K 420 -33.83 -28.83 31.54
CA LEU K 420 -35.18 -29.18 31.98
C LEU K 420 -35.46 -30.66 31.81
N MET K 421 -35.10 -31.22 30.66
CA MET K 421 -35.40 -32.64 30.47
C MET K 421 -34.72 -33.49 31.53
N LYS K 422 -33.44 -33.18 31.82
CA LYS K 422 -32.74 -33.95 32.84
C LYS K 422 -33.32 -33.70 34.23
N ALA K 423 -33.79 -32.49 34.51
CA ALA K 423 -34.39 -32.20 35.81
C ALA K 423 -35.72 -32.95 35.99
N VAL K 424 -36.55 -32.97 34.95
CA VAL K 424 -37.81 -33.69 35.01
C VAL K 424 -37.56 -35.18 35.17
N ASP K 425 -36.52 -35.70 34.50
CA ASP K 425 -36.24 -37.13 34.61
C ASP K 425 -35.96 -37.58 36.04
N LYS K 426 -35.58 -36.65 36.93
CA LYS K 426 -35.26 -36.99 38.32
C LYS K 426 -35.89 -35.98 39.27
N PHE K 427 -37.18 -35.72 39.10
CA PHE K 427 -37.92 -34.88 40.02
C PHE K 427 -38.66 -35.72 41.04
N GLU K 428 -38.79 -35.18 42.26
CA GLU K 428 -39.42 -35.86 43.37
C GLU K 428 -40.38 -34.90 44.07
N TYR K 429 -41.67 -35.23 44.06
CA TYR K 429 -42.68 -34.40 44.69
C TYR K 429 -43.09 -34.86 46.08
N ARG K 430 -42.55 -35.99 46.58
CA ARG K 430 -42.64 -36.28 48.00
C ARG K 430 -41.95 -35.21 48.83
N ARG K 431 -40.89 -34.61 48.30
CA ARG K 431 -40.08 -33.68 49.09
C ARG K 431 -40.79 -32.35 49.32
N GLY K 432 -41.86 -32.06 48.57
CA GLY K 432 -42.72 -30.95 48.87
C GLY K 432 -42.29 -29.61 48.32
N TYR K 433 -41.09 -29.53 47.74
CA TYR K 433 -40.64 -28.29 47.14
C TYR K 433 -41.22 -28.14 45.74
N LYS K 434 -41.24 -26.91 45.24
CA LYS K 434 -41.77 -26.70 43.91
C LYS K 434 -40.77 -27.13 42.85
N PHE K 435 -41.26 -27.24 41.61
CA PHE K 435 -40.40 -27.69 40.53
C PHE K 435 -39.39 -26.63 40.11
N SER K 436 -39.74 -25.35 40.21
CA SER K 436 -38.86 -24.30 39.71
C SER K 436 -37.53 -24.31 40.45
N THR K 437 -37.56 -24.52 41.76
CA THR K 437 -36.33 -24.50 42.55
C THR K 437 -35.35 -25.58 42.10
N TYR K 438 -35.84 -26.79 41.85
CA TYR K 438 -34.96 -27.85 41.40
C TYR K 438 -34.53 -27.66 39.95
N ALA K 439 -35.44 -27.17 39.10
CA ALA K 439 -35.12 -27.02 37.69
C ALA K 439 -34.10 -25.91 37.44
N THR K 440 -34.14 -24.85 38.25
CA THR K 440 -33.23 -23.74 38.06
C THR K 440 -31.78 -24.20 38.18
N TRP K 441 -31.50 -25.07 39.14
CA TRP K 441 -30.13 -25.53 39.35
C TRP K 441 -29.62 -26.31 38.15
N TRP K 442 -30.45 -27.21 37.62
CA TRP K 442 -30.01 -28.02 36.49
C TRP K 442 -29.85 -27.17 35.23
N ILE K 443 -30.72 -26.18 35.04
CA ILE K 443 -30.58 -25.32 33.87
C ILE K 443 -29.33 -24.44 34.01
N ARG K 444 -29.05 -23.98 35.23
CA ARG K 444 -27.79 -23.30 35.52
C ARG K 444 -26.60 -24.15 35.11
N GLN K 445 -26.61 -25.43 35.52
CA GLN K 445 -25.52 -26.32 35.16
C GLN K 445 -25.41 -26.46 33.65
N ALA K 446 -26.54 -26.61 32.96
CA ALA K 446 -26.51 -26.75 31.51
C ALA K 446 -25.87 -25.54 30.85
N ILE K 447 -26.31 -24.34 31.24
CA ILE K 447 -25.79 -23.13 30.63
C ILE K 447 -24.29 -23.01 30.90
N THR K 448 -23.88 -23.24 32.15
CA THR K 448 -22.49 -23.05 32.51
C THR K 448 -21.59 -24.08 31.84
N ARG K 449 -21.98 -25.35 31.85
CA ARG K 449 -21.16 -26.39 31.22
C ARG K 449 -21.05 -26.16 29.72
N SER K 450 -22.16 -25.81 29.06
CA SER K 450 -22.11 -25.57 27.62
C SER K 450 -21.25 -24.36 27.30
N ILE K 451 -21.35 -23.29 28.10
CA ILE K 451 -20.59 -22.10 27.80
C ILE K 451 -19.12 -22.29 28.12
N ALA K 452 -18.80 -23.22 29.03
CA ALA K 452 -17.41 -23.56 29.28
C ALA K 452 -16.84 -24.46 28.18
N ASP K 453 -17.68 -25.31 27.59
CA ASP K 453 -17.19 -26.28 26.62
C ASP K 453 -17.21 -25.79 25.18
N GLN K 454 -18.03 -24.78 24.84
CA GLN K 454 -18.25 -24.44 23.44
C GLN K 454 -18.16 -22.95 23.12
N ALA K 455 -17.66 -22.12 24.02
CA ALA K 455 -17.64 -20.68 23.78
C ALA K 455 -16.26 -20.17 23.36
N ARG K 456 -15.30 -21.06 23.13
CA ARG K 456 -13.96 -20.66 22.73
C ARG K 456 -13.49 -21.48 21.55
N THR K 457 -12.75 -20.83 20.65
CA THR K 457 -12.14 -21.54 19.53
C THR K 457 -11.14 -22.57 20.02
N ILE K 458 -10.31 -22.20 20.99
CA ILE K 458 -9.42 -23.12 21.67
C ILE K 458 -10.08 -23.51 22.98
N ARG K 459 -10.41 -24.79 23.13
CA ARG K 459 -11.10 -25.20 24.36
C ARG K 459 -10.19 -25.05 25.56
N ILE K 460 -10.76 -24.55 26.64
CA ILE K 460 -10.10 -24.49 27.95
C ILE K 460 -10.85 -25.45 28.86
N PRO K 461 -10.17 -26.39 29.50
CA PRO K 461 -10.86 -27.38 30.33
C PRO K 461 -11.65 -26.71 31.44
N VAL K 462 -12.64 -27.44 31.95
CA VAL K 462 -13.59 -26.85 32.89
C VAL K 462 -12.88 -26.33 34.13
N HIS K 463 -11.95 -27.12 34.68
CA HIS K 463 -11.24 -26.70 35.88
C HIS K 463 -10.46 -25.42 35.63
N MET K 464 -9.81 -25.31 34.46
CA MET K 464 -9.13 -24.07 34.14
C MET K 464 -10.12 -22.94 33.91
N ILE K 465 -11.35 -23.26 33.49
CA ILE K 465 -12.37 -22.22 33.34
C ILE K 465 -12.73 -21.64 34.71
N GLU K 466 -12.97 -22.50 35.71
CA GLU K 466 -13.24 -21.96 37.04
C GLU K 466 -12.03 -21.25 37.62
N THR K 467 -10.83 -21.74 37.31
CA THR K 467 -9.63 -21.04 37.77
C THR K 467 -9.56 -19.64 37.20
N ILE K 468 -9.82 -19.49 35.90
CA ILE K 468 -9.79 -18.17 35.27
C ILE K 468 -10.88 -17.27 35.86
N ASN K 469 -12.08 -17.82 36.03
CA ASN K 469 -13.18 -17.01 36.55
C ASN K 469 -12.90 -16.54 37.98
N LYS K 470 -12.36 -17.43 38.81
CA LYS K 470 -12.14 -17.06 40.21
C LYS K 470 -10.91 -16.17 40.35
N LEU K 471 -9.92 -16.32 39.47
CA LEU K 471 -8.87 -15.32 39.38
C LEU K 471 -9.43 -13.96 39.01
N ASN K 472 -10.35 -13.92 38.04
CA ASN K 472 -10.97 -12.66 37.66
C ASN K 472 -11.70 -12.03 38.85
N ARG K 473 -12.42 -12.85 39.61
CA ARG K 473 -13.17 -12.32 40.74
C ARG K 473 -12.25 -11.82 41.86
N ILE K 474 -11.18 -12.56 42.15
CA ILE K 474 -10.27 -12.12 43.20
C ILE K 474 -9.53 -10.85 42.78
N SER K 475 -9.12 -10.76 41.50
CA SER K 475 -8.47 -9.56 41.02
C SER K 475 -9.43 -8.37 41.01
N ARG K 476 -10.69 -8.63 40.65
CA ARG K 476 -11.81 -7.72 40.89
C ARG K 476 -11.80 -7.15 42.30
N GLN K 477 -11.92 -8.02 43.31
CA GLN K 477 -12.06 -7.54 44.68
C GLN K 477 -10.81 -6.79 45.13
N MET K 478 -9.63 -7.29 44.76
CA MET K 478 -8.41 -6.60 45.12
C MET K 478 -8.34 -5.22 44.48
N LEU K 479 -8.70 -5.13 43.20
CA LEU K 479 -8.69 -3.84 42.51
C LEU K 479 -9.63 -2.86 43.19
N GLN K 480 -10.82 -3.32 43.57
CA GLN K 480 -11.79 -2.44 44.21
C GLN K 480 -11.41 -2.09 45.64
N GLU K 481 -10.59 -2.92 46.28
CA GLU K 481 -10.21 -2.67 47.66
C GLU K 481 -8.97 -1.79 47.79
N MET K 482 -8.02 -1.91 46.87
CA MET K 482 -6.84 -1.06 46.90
C MET K 482 -6.90 0.12 45.94
N GLY K 483 -7.55 -0.04 44.79
CA GLY K 483 -7.72 1.05 43.85
C GLY K 483 -6.87 0.98 42.61
N ARG K 484 -6.08 -0.06 42.42
CA ARG K 484 -5.29 -0.22 41.20
C ARG K 484 -5.23 -1.69 40.82
N GLU K 485 -4.74 -1.95 39.62
CA GLU K 485 -4.64 -3.31 39.11
C GLU K 485 -3.69 -4.09 40.02
N PRO K 486 -4.12 -5.23 40.58
CA PRO K 486 -3.25 -5.96 41.51
C PRO K 486 -2.18 -6.74 40.77
N LEU K 487 -0.94 -6.62 41.26
CA LEU K 487 0.19 -7.29 40.62
C LEU K 487 0.08 -8.80 40.85
N PRO K 488 0.68 -9.60 39.97
CA PRO K 488 0.52 -11.07 40.09
C PRO K 488 1.01 -11.64 41.41
N GLU K 489 1.97 -11.00 42.08
CA GLU K 489 2.44 -11.52 43.36
C GLU K 489 1.33 -11.46 44.41
N GLU K 490 0.65 -10.32 44.52
CA GLU K 490 -0.43 -10.20 45.48
C GLU K 490 -1.60 -11.11 45.12
N LEU K 491 -1.87 -11.27 43.83
CA LEU K 491 -2.91 -12.20 43.40
C LEU K 491 -2.57 -13.62 43.80
N ALA K 492 -1.31 -14.03 43.63
CA ALA K 492 -0.89 -15.36 44.03
C ALA K 492 -1.00 -15.53 45.54
N GLU K 493 -0.67 -14.47 46.29
CA GLU K 493 -0.82 -14.54 47.75
C GLU K 493 -2.27 -14.73 48.14
N ARG K 494 -3.20 -14.03 47.47
CA ARG K 494 -4.62 -14.19 47.81
C ARG K 494 -5.16 -15.54 47.35
N MET K 495 -4.64 -16.10 46.26
CA MET K 495 -5.10 -17.40 45.77
C MET K 495 -4.46 -18.58 46.50
N GLN K 496 -3.42 -18.36 47.30
CA GLN K 496 -2.64 -19.43 47.93
C GLN K 496 -2.14 -20.42 46.88
N MET K 497 -1.71 -19.89 45.74
CA MET K 497 -1.16 -20.65 44.63
C MET K 497 0.16 -20.04 44.20
N PRO K 498 1.05 -20.83 43.59
CA PRO K 498 2.34 -20.28 43.15
C PRO K 498 2.15 -19.21 42.08
N GLU K 499 3.09 -18.25 42.07
CA GLU K 499 3.02 -17.15 41.11
C GLU K 499 3.18 -17.66 39.68
N ASP K 500 3.95 -18.73 39.48
CA ASP K 500 4.10 -19.29 38.15
C ASP K 500 2.77 -19.81 37.61
N LYS K 501 1.97 -20.44 38.47
CA LYS K 501 0.65 -20.89 38.04
C LYS K 501 -0.24 -19.71 37.69
N ILE K 502 -0.14 -18.61 38.46
CA ILE K 502 -0.92 -17.42 38.15
C ILE K 502 -0.54 -16.88 36.78
N ARG K 503 0.76 -16.82 36.50
CA ARG K 503 1.19 -16.33 35.18
C ARG K 503 0.76 -17.28 34.06
N LYS K 504 0.78 -18.59 34.32
CA LYS K 504 0.30 -19.53 33.31
C LYS K 504 -1.18 -19.31 33.01
N VAL K 505 -1.99 -19.11 34.07
CA VAL K 505 -3.41 -18.88 33.87
C VAL K 505 -3.65 -17.56 33.13
N LEU K 506 -2.87 -16.53 33.47
CA LEU K 506 -3.09 -15.21 32.88
C LEU K 506 -2.78 -15.20 31.40
N LYS K 507 -1.79 -15.99 30.98
CA LYS K 507 -1.36 -16.05 29.59
C LYS K 507 -2.03 -17.16 28.80
N ILE K 508 -2.97 -17.89 29.38
CA ILE K 508 -3.37 -19.19 28.87
C ILE K 508 -3.88 -19.13 27.43
N ALA K 509 -5.00 -18.45 27.17
CA ALA K 509 -5.51 -18.30 25.80
C ALA K 509 -6.53 -17.17 25.77
N LYS K 510 -6.11 -16.00 25.29
CA LYS K 510 -7.10 -15.01 24.91
C LYS K 510 -7.67 -15.36 23.54
N GLU K 511 -8.93 -15.02 23.34
CA GLU K 511 -9.66 -15.52 22.17
C GLU K 511 -8.96 -15.06 20.89
N PRO K 512 -8.79 -15.94 19.91
CA PRO K 512 -8.04 -15.56 18.69
C PRO K 512 -8.67 -14.37 18.00
N ILE K 513 -7.81 -13.45 17.54
CA ILE K 513 -8.29 -12.31 16.78
C ILE K 513 -8.66 -12.75 15.37
N SER K 514 -9.56 -12.00 14.74
CA SER K 514 -10.02 -12.32 13.41
C SER K 514 -9.00 -11.83 12.37
N MET K 515 -8.92 -12.57 11.27
CA MET K 515 -8.04 -12.20 10.17
C MET K 515 -8.68 -11.16 9.25
N GLU K 516 -9.74 -10.51 9.70
CA GLU K 516 -10.40 -9.46 8.93
C GLU K 516 -10.51 -8.17 9.74
N THR K 517 -9.75 -8.03 10.82
CA THR K 517 -9.79 -6.82 11.62
C THR K 517 -9.22 -5.65 10.82
N PRO K 518 -9.99 -4.59 10.58
CA PRO K 518 -9.46 -3.47 9.79
C PRO K 518 -8.34 -2.78 10.53
N ILE K 519 -7.19 -2.68 9.89
CA ILE K 519 -6.05 -1.94 10.42
C ILE K 519 -5.91 -0.66 9.59
N GLY K 520 -5.82 0.47 10.28
CA GLY K 520 -5.82 1.75 9.60
C GLY K 520 -7.20 2.17 9.14
N ASP K 521 -7.32 3.40 8.68
CA ASP K 521 -8.62 3.93 8.21
C ASP K 521 -8.83 3.53 6.75
N ASP K 522 -8.98 2.23 6.55
CA ASP K 522 -9.19 1.68 5.21
C ASP K 522 -10.11 0.47 5.33
N GLU K 523 -11.13 0.44 4.49
CA GLU K 523 -11.97 -0.76 4.35
C GLU K 523 -11.31 -1.81 3.47
N ASP K 524 -10.15 -1.51 2.88
CA ASP K 524 -9.42 -2.43 2.04
C ASP K 524 -8.17 -2.98 2.73
N SER K 525 -8.13 -2.90 4.05
CA SER K 525 -6.99 -3.37 4.84
C SER K 525 -7.48 -4.36 5.88
N HIS K 526 -6.81 -5.51 5.96
CA HIS K 526 -7.12 -6.51 6.96
C HIS K 526 -5.83 -7.07 7.53
N LEU K 527 -5.93 -7.62 8.74
CA LEU K 527 -4.75 -8.17 9.42
C LEU K 527 -4.26 -9.43 8.71
N GLY K 528 -5.16 -10.14 8.03
CA GLY K 528 -4.77 -11.37 7.36
C GLY K 528 -3.96 -11.19 6.10
N ASP K 529 -3.78 -9.95 5.65
CA ASP K 529 -2.95 -9.67 4.48
C ASP K 529 -1.50 -9.40 4.86
N PHE K 530 -1.15 -9.48 6.14
CA PHE K 530 0.21 -9.23 6.61
C PHE K 530 0.81 -10.46 7.28
N ILE K 531 0.22 -11.63 7.10
CA ILE K 531 0.67 -12.86 7.75
C ILE K 531 1.52 -13.65 6.77
N GLU K 532 2.75 -13.94 7.17
CA GLU K 532 3.74 -14.59 6.32
C GLU K 532 3.46 -16.09 6.22
N ASP K 533 4.27 -16.78 5.44
CA ASP K 533 4.28 -18.24 5.38
C ASP K 533 5.67 -18.67 5.85
N THR K 534 5.83 -18.87 7.15
CA THR K 534 7.13 -19.16 7.73
C THR K 534 7.64 -20.55 7.39
N THR K 535 6.79 -21.42 6.83
CA THR K 535 7.20 -22.77 6.50
C THR K 535 7.95 -22.86 5.19
N LEU K 536 7.96 -21.80 4.38
CA LEU K 536 8.56 -21.86 3.06
C LEU K 536 10.09 -21.88 3.15
N GLU K 537 10.70 -22.40 2.10
CA GLU K 537 12.15 -22.46 1.98
C GLU K 537 12.61 -21.41 0.97
N LEU K 538 13.59 -20.61 1.36
CA LEU K 538 14.08 -19.57 0.48
C LEU K 538 14.69 -20.18 -0.77
N PRO K 539 14.51 -19.56 -1.94
CA PRO K 539 15.12 -20.13 -3.16
C PRO K 539 16.63 -20.20 -3.10
N LEU K 540 17.27 -19.31 -2.34
CA LEU K 540 18.71 -19.38 -2.17
C LEU K 540 19.12 -20.68 -1.50
N ASP K 541 18.38 -21.11 -0.47
CA ASP K 541 18.68 -22.36 0.19
C ASP K 541 18.44 -23.56 -0.72
N SER K 542 17.40 -23.48 -1.57
CA SER K 542 17.18 -24.56 -2.53
C SER K 542 18.33 -24.67 -3.53
N ALA K 543 18.81 -23.53 -4.02
CA ALA K 543 19.96 -23.53 -4.91
C ALA K 543 21.19 -24.07 -4.20
N THR K 544 21.36 -23.73 -2.93
CA THR K 544 22.47 -24.27 -2.15
C THR K 544 22.37 -25.78 -2.01
N ALA K 545 21.16 -26.30 -1.78
CA ALA K 545 20.99 -27.74 -1.66
C ALA K 545 21.37 -28.43 -2.96
N THR K 546 20.91 -27.89 -4.10
CA THR K 546 21.26 -28.48 -5.38
C THR K 546 22.77 -28.41 -5.64
N SER K 547 23.38 -27.27 -5.33
CA SER K 547 24.81 -27.11 -5.55
C SER K 547 25.61 -28.07 -4.67
N LEU K 548 25.19 -28.25 -3.41
CA LEU K 548 25.85 -29.20 -2.53
C LEU K 548 25.69 -30.62 -3.04
N LYS K 549 24.51 -30.95 -3.58
CA LYS K 549 24.32 -32.27 -4.18
C LYS K 549 25.32 -32.50 -5.30
N ALA K 550 25.45 -31.52 -6.20
CA ALA K 550 26.40 -31.66 -7.31
C ALA K 550 27.83 -31.77 -6.80
N ALA K 551 28.20 -30.95 -5.80
CA ALA K 551 29.57 -30.94 -5.30
C ALA K 551 29.93 -32.26 -4.63
N THR K 552 29.02 -32.79 -3.80
CA THR K 552 29.31 -34.06 -3.15
C THR K 552 29.29 -35.21 -4.16
N ARG K 553 28.47 -35.10 -5.22
CA ARG K 553 28.54 -36.10 -6.28
C ARG K 553 29.90 -36.10 -6.93
N ASP K 554 30.45 -34.92 -7.22
CA ASP K 554 31.78 -34.84 -7.82
C ASP K 554 32.84 -35.38 -6.87
N VAL K 555 32.77 -35.03 -5.59
CA VAL K 555 33.79 -35.48 -4.64
C VAL K 555 33.74 -36.98 -4.48
N LEU K 556 32.53 -37.56 -4.39
CA LEU K 556 32.41 -39.01 -4.29
C LEU K 556 32.84 -39.71 -5.57
N ALA K 557 32.60 -39.08 -6.73
CA ALA K 557 33.14 -39.62 -7.97
C ALA K 557 34.65 -39.46 -8.07
N GLY K 558 35.25 -38.66 -7.18
CA GLY K 558 36.69 -38.56 -7.11
C GLY K 558 37.28 -39.59 -6.18
N LEU K 559 36.52 -40.65 -5.91
CA LEU K 559 36.90 -41.72 -5.00
C LEU K 559 36.92 -43.07 -5.71
N THR K 560 37.53 -44.04 -5.04
CA THR K 560 37.42 -45.43 -5.46
C THR K 560 35.99 -45.92 -5.22
N PRO K 561 35.43 -46.71 -6.14
CA PRO K 561 33.99 -47.01 -6.05
C PRO K 561 33.54 -47.63 -4.74
N ARG K 562 34.34 -48.51 -4.14
CA ARG K 562 33.86 -49.25 -2.98
C ARG K 562 33.59 -48.34 -1.79
N GLU K 563 34.56 -47.49 -1.43
CA GLU K 563 34.35 -46.58 -0.32
C GLU K 563 33.28 -45.54 -0.63
N ALA K 564 33.19 -45.11 -1.89
CA ALA K 564 32.12 -44.19 -2.27
C ALA K 564 30.76 -44.80 -2.04
N LYS K 565 30.57 -46.05 -2.46
CA LYS K 565 29.28 -46.71 -2.27
C LYS K 565 29.04 -46.98 -0.78
N VAL K 566 30.09 -47.30 -0.03
CA VAL K 566 29.95 -47.50 1.40
C VAL K 566 29.47 -46.23 2.07
N LEU K 567 30.05 -45.09 1.71
CA LEU K 567 29.63 -43.81 2.28
C LEU K 567 28.21 -43.45 1.86
N ARG K 568 27.85 -43.73 0.61
CA ARG K 568 26.49 -43.49 0.16
C ARG K 568 25.49 -44.30 0.96
N MET K 569 25.81 -45.57 1.22
CA MET K 569 24.92 -46.42 2.00
C MET K 569 24.86 -45.97 3.46
N ARG K 570 26.00 -45.55 4.01
CA ARG K 570 26.05 -45.17 5.42
C ARG K 570 25.36 -43.84 5.68
N PHE K 571 25.35 -42.94 4.70
CA PHE K 571 24.73 -41.64 4.89
C PHE K 571 23.42 -41.47 4.13
N GLY K 572 23.09 -42.35 3.20
CA GLY K 572 21.83 -42.28 2.51
C GLY K 572 21.78 -41.39 1.29
N ILE K 573 22.92 -41.09 0.68
CA ILE K 573 22.94 -40.23 -0.49
C ILE K 573 22.30 -40.94 -1.67
N ASP K 574 21.42 -40.24 -2.38
CA ASP K 574 20.72 -40.81 -3.54
C ASP K 574 19.98 -42.09 -3.17
N MET K 575 19.45 -42.15 -1.95
CA MET K 575 18.88 -43.37 -1.43
C MET K 575 17.74 -43.02 -0.48
N ASN K 576 16.74 -43.91 -0.42
CA ASN K 576 15.55 -43.61 0.36
C ASN K 576 15.80 -43.67 1.87
N THR K 577 16.64 -44.60 2.32
CA THR K 577 16.84 -44.82 3.74
C THR K 577 18.33 -44.80 4.07
N ASP K 578 18.61 -44.47 5.34
CA ASP K 578 19.95 -44.57 5.87
C ASP K 578 20.19 -45.96 6.43
N HIS K 579 21.45 -46.41 6.37
CA HIS K 579 21.82 -47.74 6.80
C HIS K 579 22.96 -47.70 7.80
N THR K 580 22.91 -48.63 8.76
CA THR K 580 23.94 -48.80 9.77
C THR K 580 24.99 -49.80 9.26
N LEU K 581 25.95 -50.15 10.12
CA LEU K 581 27.06 -50.99 9.70
C LEU K 581 26.61 -52.37 9.25
N GLU K 582 25.51 -52.87 9.81
CA GLU K 582 25.06 -54.23 9.51
C GLU K 582 24.77 -54.42 8.04
N GLU K 583 23.77 -53.71 7.52
CA GLU K 583 23.37 -53.91 6.14
C GLU K 583 24.37 -53.32 5.14
N VAL K 584 25.23 -52.41 5.59
CA VAL K 584 26.35 -52.00 4.74
C VAL K 584 27.34 -53.15 4.57
N GLY K 585 27.59 -53.89 5.64
CA GLY K 585 28.36 -55.13 5.50
C GLY K 585 27.66 -56.14 4.62
N LYS K 586 26.33 -56.25 4.78
CA LYS K 586 25.55 -57.20 3.99
C LYS K 586 25.72 -57.01 2.48
N GLN K 587 26.37 -55.94 2.04
CA GLN K 587 26.61 -55.71 0.62
C GLN K 587 27.47 -56.81 0.02
N PHE K 588 28.72 -56.92 0.47
CA PHE K 588 29.61 -57.99 0.01
C PHE K 588 30.07 -58.90 1.13
N ASP K 589 30.67 -58.36 2.20
CA ASP K 589 31.10 -59.17 3.33
C ASP K 589 30.53 -58.58 4.61
N VAL K 590 29.96 -59.43 5.46
CA VAL K 590 29.22 -58.97 6.64
C VAL K 590 30.24 -58.91 7.78
N THR K 591 30.98 -57.80 7.81
CA THR K 591 31.99 -57.54 8.83
C THR K 591 31.93 -56.07 9.21
N ARG K 592 31.88 -55.82 10.52
CA ARG K 592 31.61 -54.48 11.04
C ARG K 592 32.85 -53.60 11.03
N GLU K 593 33.94 -54.06 11.65
CA GLU K 593 35.10 -53.21 11.84
C GLU K 593 35.76 -52.86 10.50
N ARG K 594 35.69 -53.75 9.52
CA ARG K 594 36.17 -53.38 8.19
C ARG K 594 35.36 -52.26 7.58
N ILE K 595 34.04 -52.26 7.76
CA ILE K 595 33.23 -51.17 7.24
C ILE K 595 33.60 -49.86 7.94
N ARG K 596 33.76 -49.91 9.26
CA ARG K 596 34.15 -48.71 9.98
C ARG K 596 35.50 -48.18 9.50
N GLN K 597 36.48 -49.05 9.38
CA GLN K 597 37.81 -48.59 8.99
C GLN K 597 37.82 -48.07 7.56
N ILE K 598 37.03 -48.68 6.68
CA ILE K 598 36.92 -48.17 5.31
C ILE K 598 36.29 -46.78 5.32
N GLU K 599 35.23 -46.59 6.12
CA GLU K 599 34.60 -45.27 6.15
C GLU K 599 35.52 -44.22 6.73
N ALA K 600 36.26 -44.57 7.79
CA ALA K 600 37.22 -43.63 8.37
C ALA K 600 38.34 -43.30 7.40
N LYS K 601 38.84 -44.30 6.66
CA LYS K 601 39.87 -44.02 5.67
C LYS K 601 39.34 -43.08 4.60
N ALA K 602 38.11 -43.32 4.13
CA ALA K 602 37.50 -42.41 3.16
C ALA K 602 37.35 -41.01 3.74
N LEU K 603 37.03 -40.92 5.03
CA LEU K 603 36.83 -39.62 5.65
C LEU K 603 38.12 -38.82 5.75
N ARG K 604 39.22 -39.45 6.19
CA ARG K 604 40.46 -38.67 6.25
C ARG K 604 41.00 -38.42 4.85
N LYS K 605 40.70 -39.29 3.89
CA LYS K 605 41.10 -39.03 2.52
C LYS K 605 40.36 -37.83 1.95
N LEU K 606 39.07 -37.69 2.23
CA LEU K 606 38.35 -36.50 1.78
C LEU K 606 38.78 -35.25 2.55
N ARG K 607 39.17 -35.38 3.81
CA ARG K 607 39.58 -34.20 4.56
C ARG K 607 40.84 -33.56 3.97
N HIS K 608 41.64 -34.31 3.23
CA HIS K 608 42.83 -33.82 2.53
C HIS K 608 42.55 -32.51 1.80
N PRO K 609 43.33 -31.44 2.10
CA PRO K 609 43.02 -30.11 1.55
C PRO K 609 42.97 -30.03 0.03
N SER K 610 43.40 -31.08 -0.66
CA SER K 610 43.45 -31.04 -2.12
C SER K 610 42.09 -31.31 -2.75
N ARG K 611 41.20 -32.02 -2.06
CA ARG K 611 39.90 -32.36 -2.63
C ARG K 611 38.75 -31.93 -1.73
N SER K 612 38.93 -30.85 -0.97
CA SER K 612 37.91 -30.42 -0.03
C SER K 612 37.62 -28.93 -0.09
N GLU K 613 38.29 -28.17 -0.96
CA GLU K 613 38.02 -26.75 -1.05
C GLU K 613 36.61 -26.49 -1.60
N VAL K 614 36.14 -27.36 -2.49
CA VAL K 614 34.79 -27.18 -3.03
C VAL K 614 33.73 -27.46 -1.99
N LEU K 615 34.04 -28.31 -0.99
CA LEU K 615 33.11 -28.55 0.10
C LEU K 615 33.25 -27.58 1.26
N ARG K 616 34.44 -27.04 1.48
CA ARG K 616 34.61 -26.09 2.58
C ARG K 616 33.82 -24.81 2.36
N SER K 617 33.47 -24.49 1.12
CA SER K 617 32.75 -23.25 0.81
C SER K 617 31.31 -23.27 1.31
N PHE K 618 30.82 -24.42 1.76
CA PHE K 618 29.44 -24.57 2.20
C PHE K 618 29.25 -24.35 3.69
N LEU K 619 30.30 -23.97 4.42
CA LEU K 619 30.18 -23.70 5.84
C LEU K 619 29.42 -22.40 6.07
#